data_5YYS
#
_entry.id   5YYS
#
_cell.length_a   1
_cell.length_b   1
_cell.length_c   1
_cell.angle_alpha   90.00
_cell.angle_beta   90.00
_cell.angle_gamma   90.00
#
_symmetry.space_group_name_H-M   'P 1'
#
_entity_poly.entity_id   1
_entity_poly.type   'polypeptide(L)'
_entity_poly.pdbx_seq_one_letter_code
;MQKLLSLPSNLVQSFHELERVNRTDWFCTSDPVGKKLGSGGGTSWLLEECYNEYSDGATFGEWLEKEKRILLHAGGQSRR
LPGYAPSGKILTPVPVFRWERGQHLGQNLLSLQLPLYEKIMSLAPDKLHTLIASGDVYIRSEKPLQSIPEADVVCYGLWV
DPSLATHHGVFASDRKHPEQLDFMLQKPSLAELESLSKTHLFLMDIGIWLLSDRAVEILMKRSHKESSEELKYYDLYSDF
GLALGTHPRIEDEEVNTLSVAILPLPGGEFYHYGTSKELISSTLSVQNKVYDQRRIMHRKVKPNPAMFVQNAVVRIPLCA
ENADLWIENSHIGPKWKIASRHIITGVPENDWSLAVPAGVCVDVVPMGDKGFVARPYGLDDVFKGDLRDSKTTLTGIPFG
EWMSKRGLSYTDLKGRTDDLQAVSVFPMVNSVEELGLVLRWMLSEPELEEGKNIWLRSEHFSADEISAGANLKRLYAQRE
EFRKGNWKALAVNHEKSVFYQLDLADAAEDFVRLGLDMPELLPEDALQMSRIHNRMLRARILKLDGKDYRPEEQAAFDLL
RDGLLDGISNRKSTPKLDVYSDQIVWGRSPVRIDMAGGWTDTPPYSLYSGGNVVNLAIELNGQPPLQVYVKPCKDFHIVL
RSIDMGAMEIVSTFDELQDYKKIGSPFSIPKAALSLAGFAPAFSAVSYASLEEQLKDFGAGIEVTLLAAIPAGSGLGTSS
ILASTVLGAINDFCGLAWDKNEICQRTLVLEQLLTTGGGWQDQYGGVLQGVKLLQTEAGFAQSPLVRWLPDHLFTHPEYK
DCHLLYYTGITRTAKGILAEIVSSMFLNSSLHLNLLSEMKAHALDMNEAIQRGSFVEFGRLVGKTWEQNKALDSGTNPPA
VEAIIDLIKDYTLGYKLPGAGGGGYLYMVAKDPQAAVRIRKILTENAPNPRARFVEMTLSDKGFQVSRS
;
_entity_poly.pdbx_strand_id   A,B,C,D
#
# COMPACT_ATOMS: atom_id res chain seq x y z
N LEU A 71 31.80 -9.29 60.36
CA LEU A 71 32.91 -10.22 60.12
C LEU A 71 32.69 -11.00 58.84
N LEU A 72 33.77 -11.18 58.09
CA LEU A 72 33.77 -11.90 56.82
C LEU A 72 35.04 -12.74 56.75
N HIS A 73 35.41 -13.09 55.51
CA HIS A 73 36.49 -14.03 55.19
C HIS A 73 37.82 -13.61 55.81
N ALA A 74 38.24 -14.33 56.86
CA ALA A 74 39.44 -13.98 57.59
C ALA A 74 40.70 -14.44 56.86
N GLY A 75 40.67 -15.64 56.30
CA GLY A 75 41.72 -16.09 55.42
C GLY A 75 42.23 -17.45 55.80
N GLY A 76 43.23 -17.91 55.04
CA GLY A 76 43.96 -19.12 55.35
C GLY A 76 45.38 -18.81 55.82
N GLN A 77 46.16 -19.88 55.99
CA GLN A 77 47.54 -19.75 56.43
C GLN A 77 48.37 -19.03 55.38
N SER A 78 48.50 -19.65 54.21
CA SER A 78 49.02 -19.06 52.98
C SER A 78 50.43 -18.52 53.18
N ARG A 79 51.33 -19.43 53.52
CA ARG A 79 52.66 -19.01 53.96
C ARG A 79 53.66 -18.96 52.82
N ARG A 80 53.25 -18.41 51.66
CA ARG A 80 54.11 -18.24 50.50
C ARG A 80 54.35 -16.79 50.14
N LEU A 81 53.29 -16.01 50.03
CA LEU A 81 53.38 -14.66 49.51
C LEU A 81 53.98 -13.72 50.55
N PRO A 82 54.98 -12.92 50.19
CA PRO A 82 55.51 -11.91 51.12
C PRO A 82 54.61 -10.70 51.34
N GLY A 83 53.46 -10.61 50.66
CA GLY A 83 52.56 -9.49 50.87
C GLY A 83 51.62 -9.70 52.03
N TYR A 84 52.08 -10.42 53.05
CA TYR A 84 51.27 -10.88 54.17
C TYR A 84 51.78 -10.33 55.48
N ALA A 85 51.97 -9.01 55.53
CA ALA A 85 52.06 -8.29 56.78
C ALA A 85 50.89 -8.65 57.68
N PRO A 86 51.09 -8.71 59.03
CA PRO A 86 50.09 -9.35 59.91
C PRO A 86 48.76 -8.64 59.99
N SER A 87 48.05 -8.70 58.88
CA SER A 87 46.73 -8.14 58.71
C SER A 87 45.86 -9.21 58.09
N GLY A 88 44.72 -8.79 57.61
CA GLY A 88 43.88 -9.70 56.86
C GLY A 88 44.31 -9.65 55.40
N LYS A 89 43.55 -8.94 54.58
CA LYS A 89 43.71 -9.03 53.14
C LYS A 89 43.41 -7.70 52.46
N ILE A 90 43.55 -6.59 53.20
CA ILE A 90 42.96 -5.31 52.84
C ILE A 90 44.02 -4.22 52.82
N LEU A 91 45.24 -4.56 53.22
CA LEU A 91 46.29 -3.57 53.45
C LEU A 91 47.58 -3.92 52.71
N THR A 92 47.50 -4.18 51.41
CA THR A 92 48.68 -4.24 50.56
C THR A 92 48.37 -3.43 49.31
N PRO A 93 48.46 -2.10 49.41
CA PRO A 93 47.80 -1.23 48.42
C PRO A 93 48.41 -1.29 47.03
N VAL A 94 47.53 -1.39 46.04
CA VAL A 94 47.97 -1.62 44.66
C VAL A 94 47.23 -0.65 43.73
N PRO A 95 47.94 -0.11 42.75
CA PRO A 95 47.31 0.88 41.88
C PRO A 95 46.31 0.29 40.88
N VAL A 96 45.52 1.19 40.28
CA VAL A 96 44.46 0.77 39.37
C VAL A 96 45.00 0.72 37.95
N PHE A 97 44.25 0.06 37.06
CA PHE A 97 44.64 -0.02 35.65
C PHE A 97 44.47 1.32 34.95
N ARG A 98 43.54 2.15 35.41
CA ARG A 98 43.37 3.51 34.93
C ARG A 98 44.19 4.53 35.72
N TRP A 99 45.40 4.15 36.17
CA TRP A 99 46.49 5.05 36.58
C TRP A 99 46.18 5.89 37.84
N GLU A 100 45.59 5.27 38.87
CA GLU A 100 45.51 5.80 40.24
C GLU A 100 45.98 4.72 41.23
N ARG A 101 46.57 5.16 42.35
CA ARG A 101 47.20 4.27 43.33
C ARG A 101 46.34 4.05 44.58
N GLY A 102 45.08 4.48 44.57
CA GLY A 102 44.19 4.38 45.72
C GLY A 102 43.28 3.16 45.76
N GLN A 103 43.84 1.99 46.03
CA GLN A 103 43.16 0.72 45.81
C GLN A 103 43.94 -0.40 46.48
N HIS A 104 43.22 -1.46 46.86
CA HIS A 104 43.75 -2.80 47.10
C HIS A 104 42.54 -3.71 47.02
N LEU A 105 42.75 -5.01 47.14
CA LEU A 105 41.69 -5.91 47.54
C LEU A 105 41.14 -5.39 48.86
N GLY A 106 39.96 -4.80 48.80
CA GLY A 106 39.37 -4.06 49.90
C GLY A 106 38.68 -2.90 49.23
N GLN A 107 39.35 -2.37 48.22
CA GLN A 107 38.76 -1.60 47.14
C GLN A 107 38.47 -2.52 45.96
N ASN A 108 39.38 -3.45 45.68
CA ASN A 108 39.10 -4.48 44.68
C ASN A 108 38.11 -5.50 45.21
N LEU A 109 38.18 -5.81 46.50
CA LEU A 109 37.12 -6.58 47.14
C LEU A 109 35.79 -5.90 47.02
N LEU A 110 35.74 -4.57 47.08
CA LEU A 110 34.51 -3.86 46.79
C LEU A 110 34.12 -4.02 45.32
N SER A 111 35.12 -3.99 44.43
CA SER A 111 34.87 -4.13 43.00
C SER A 111 34.32 -5.49 42.64
N LEU A 112 34.61 -6.51 43.44
CA LEU A 112 34.05 -7.84 43.28
C LEU A 112 32.82 -8.04 44.13
N GLN A 113 32.71 -7.28 45.21
CA GLN A 113 31.55 -7.28 46.09
C GLN A 113 30.34 -6.75 45.39
N LEU A 114 30.54 -5.84 44.45
CA LEU A 114 29.42 -5.29 43.70
C LEU A 114 28.76 -6.34 42.79
N PRO A 115 29.47 -7.20 42.04
CA PRO A 115 28.79 -8.38 41.50
C PRO A 115 28.38 -9.38 42.56
N LEU A 116 29.05 -9.39 43.70
CA LEU A 116 28.70 -10.32 44.76
C LEU A 116 27.45 -9.88 45.50
N TYR A 117 27.28 -8.58 45.74
CA TYR A 117 26.00 -8.14 46.27
C TYR A 117 24.94 -8.10 45.17
N GLU A 118 25.36 -8.10 43.91
CA GLU A 118 24.43 -8.35 42.80
C GLU A 118 23.94 -9.79 42.79
N LYS A 119 24.72 -10.72 43.32
CA LYS A 119 24.44 -12.14 43.24
C LYS A 119 23.16 -12.57 43.97
N ILE A 120 22.72 -11.81 44.98
CA ILE A 120 21.61 -12.25 45.84
C ILE A 120 20.29 -12.17 45.07
N MET A 121 19.59 -13.30 45.01
CA MET A 121 18.23 -13.38 44.47
C MET A 121 17.52 -14.62 44.99
N SER A 122 16.49 -14.39 45.80
CA SER A 122 15.45 -15.37 46.20
C SER A 122 16.07 -16.62 46.86
N LEU A 123 16.67 -16.39 48.02
CA LEU A 123 17.24 -17.49 48.76
C LEU A 123 16.50 -17.71 50.07
N ALA A 124 16.36 -16.66 50.90
CA ALA A 124 15.86 -16.80 52.25
C ALA A 124 15.47 -15.43 52.82
N PRO A 125 14.88 -15.35 54.03
CA PRO A 125 14.93 -14.10 54.79
C PRO A 125 16.30 -13.88 55.41
N ASP A 126 16.38 -12.95 56.37
CA ASP A 126 17.59 -12.43 57.03
C ASP A 126 18.72 -13.43 57.32
N LYS A 127 18.37 -14.70 57.52
CA LYS A 127 19.33 -15.79 57.49
C LYS A 127 19.74 -16.20 56.06
N LEU A 128 19.63 -15.31 55.06
CA LEU A 128 20.02 -15.61 53.69
C LEU A 128 21.52 -15.86 53.55
N HIS A 129 22.34 -14.80 53.60
CA HIS A 129 23.80 -14.75 53.74
C HIS A 129 24.26 -13.30 53.61
N THR A 130 25.51 -13.06 54.02
CA THR A 130 26.36 -11.97 53.53
C THR A 130 27.71 -12.66 53.30
N LEU A 131 28.02 -12.93 52.04
CA LEU A 131 28.78 -14.13 51.68
C LEU A 131 30.28 -14.00 51.97
N ILE A 132 30.88 -15.12 52.42
CA ILE A 132 32.31 -15.22 52.65
C ILE A 132 33.06 -15.03 51.34
N ALA A 133 34.12 -14.23 51.39
CA ALA A 133 34.93 -13.99 50.20
C ALA A 133 35.83 -15.19 49.91
N SER A 134 36.54 -15.11 48.79
CA SER A 134 37.12 -16.26 48.11
C SER A 134 38.54 -16.56 48.60
N GLY A 135 39.22 -17.44 47.88
CA GLY A 135 40.63 -17.72 48.05
C GLY A 135 41.55 -16.99 47.11
N ASP A 136 40.99 -16.18 46.20
CA ASP A 136 41.69 -15.17 45.41
C ASP A 136 42.72 -15.77 44.45
N VAL A 137 42.21 -16.63 43.58
CA VAL A 137 42.74 -16.68 42.22
C VAL A 137 42.42 -15.32 41.63
N TYR A 138 43.40 -14.65 41.02
CA TYR A 138 43.04 -13.29 40.72
C TYR A 138 42.14 -13.21 39.50
N ILE A 139 41.67 -11.99 39.28
CA ILE A 139 40.24 -11.79 39.35
C ILE A 139 39.81 -10.72 38.36
N ARG A 140 38.53 -10.30 38.47
CA ARG A 140 37.89 -9.20 37.73
C ARG A 140 37.90 -9.43 36.23
N SER A 141 37.67 -10.67 35.82
CA SER A 141 37.19 -10.92 34.48
C SER A 141 35.68 -10.71 34.46
N GLU A 142 34.99 -11.23 33.44
CA GLU A 142 33.62 -10.84 33.14
C GLU A 142 32.62 -11.36 34.18
N LYS A 143 31.34 -11.15 33.89
CA LYS A 143 30.28 -11.09 34.88
C LYS A 143 29.95 -12.47 35.45
N PRO A 144 29.62 -12.57 36.77
CA PRO A 144 28.96 -13.78 37.32
C PRO A 144 27.49 -13.92 36.94
N LEU A 145 26.76 -14.71 37.74
CA LEU A 145 25.46 -15.35 37.48
C LEU A 145 25.57 -16.34 36.32
N GLN A 146 26.25 -17.52 36.43
CA GLN A 146 26.77 -18.30 37.61
C GLN A 146 25.68 -18.53 38.70
N SER A 147 24.42 -18.56 38.26
CA SER A 147 23.30 -18.76 39.19
C SER A 147 22.07 -19.26 38.47
N ILE A 148 21.37 -20.19 39.11
CA ILE A 148 19.93 -20.33 38.97
C ILE A 148 19.36 -20.29 40.40
N PRO A 149 18.20 -19.68 40.64
CA PRO A 149 17.76 -19.44 42.02
C PRO A 149 17.31 -20.66 42.79
N GLU A 150 17.46 -21.86 42.22
CA GLU A 150 17.15 -23.11 42.90
C GLU A 150 18.39 -23.97 43.10
N ALA A 151 19.57 -23.40 42.95
CA ALA A 151 20.79 -24.14 43.18
C ALA A 151 21.27 -23.91 44.60
N ASP A 152 21.76 -24.98 45.20
CA ASP A 152 22.57 -24.82 46.39
C ASP A 152 23.80 -24.09 45.93
N VAL A 153 24.61 -24.77 45.14
CA VAL A 153 25.97 -24.39 44.83
C VAL A 153 26.12 -24.31 43.32
N VAL A 154 26.71 -23.23 42.82
CA VAL A 154 27.14 -23.17 41.43
C VAL A 154 28.65 -22.98 41.40
N CYS A 155 29.34 -23.90 40.73
CA CYS A 155 30.78 -23.84 40.66
C CYS A 155 31.21 -23.06 39.41
N TYR A 156 32.50 -22.80 39.33
CA TYR A 156 33.10 -22.05 38.25
C TYR A 156 33.85 -23.00 37.35
N GLY A 157 33.81 -22.75 36.05
CA GLY A 157 34.58 -23.52 35.11
C GLY A 157 35.58 -22.61 34.41
N LEU A 158 36.70 -23.20 34.03
CA LEU A 158 37.70 -22.43 33.30
C LEU A 158 38.44 -23.39 32.37
N TRP A 159 38.55 -22.99 31.11
CA TRP A 159 39.31 -23.76 30.14
C TRP A 159 40.47 -22.91 29.68
N VAL A 160 41.67 -23.28 30.12
CA VAL A 160 42.90 -22.63 29.66
C VAL A 160 43.86 -23.71 29.23
N ASP A 161 45.09 -23.31 28.89
CA ASP A 161 46.17 -24.26 28.73
C ASP A 161 46.41 -25.03 30.03
N PRO A 162 46.82 -26.31 29.94
CA PRO A 162 46.97 -27.11 31.17
C PRO A 162 48.16 -26.73 32.05
N SER A 163 48.86 -25.63 31.75
CA SER A 163 49.81 -25.09 32.70
C SER A 163 49.13 -24.73 34.01
N LEU A 164 48.00 -24.02 33.92
CA LEU A 164 47.22 -23.71 35.12
C LEU A 164 46.46 -24.92 35.63
N ALA A 165 46.35 -25.99 34.84
CA ALA A 165 45.97 -27.26 35.42
C ALA A 165 47.08 -27.77 36.33
N THR A 166 48.33 -27.70 35.86
CA THR A 166 49.46 -28.10 36.69
C THR A 166 49.68 -27.18 37.88
N HIS A 167 49.21 -25.94 37.81
CA HIS A 167 49.26 -25.05 38.96
C HIS A 167 48.25 -25.44 40.02
N HIS A 168 46.97 -25.56 39.65
CA HIS A 168 45.91 -25.77 40.63
C HIS A 168 44.81 -26.67 40.07
N GLY A 169 43.94 -27.09 40.98
CA GLY A 169 43.14 -28.26 40.75
C GLY A 169 41.96 -28.03 39.82
N VAL A 170 41.74 -29.04 38.98
CA VAL A 170 40.72 -29.00 37.95
C VAL A 170 39.71 -30.09 38.26
N PHE A 171 38.44 -29.76 38.15
CA PHE A 171 37.40 -30.75 38.32
C PHE A 171 37.00 -31.26 36.95
N ALA A 172 36.59 -32.53 36.89
CA ALA A 172 36.19 -33.09 35.60
C ALA A 172 35.16 -34.19 35.85
N SER A 173 34.22 -34.33 34.94
CA SER A 173 33.20 -35.34 35.16
C SER A 173 32.74 -35.89 33.81
N ASP A 174 31.56 -36.50 33.82
CA ASP A 174 30.91 -37.03 32.63
C ASP A 174 30.61 -35.93 31.63
N ARG A 175 30.15 -36.32 30.45
CA ARG A 175 29.63 -35.33 29.53
C ARG A 175 28.10 -35.38 29.60
N LYS A 176 27.47 -34.24 29.88
CA LYS A 176 28.12 -32.93 30.05
C LYS A 176 28.52 -32.63 31.48
N HIS A 177 29.68 -31.98 31.60
CA HIS A 177 30.26 -31.75 32.92
C HIS A 177 29.53 -30.71 33.78
N PRO A 178 29.03 -29.45 33.24
CA PRO A 178 28.61 -28.41 34.18
C PRO A 178 27.22 -28.62 34.80
N GLU A 179 26.94 -29.85 35.23
CA GLU A 179 25.70 -30.16 35.91
C GLU A 179 25.91 -30.72 37.31
N GLN A 180 26.65 -31.81 37.44
CA GLN A 180 26.78 -32.53 38.70
C GLN A 180 28.06 -33.33 38.66
N LEU A 181 29.01 -32.94 39.50
CA LEU A 181 30.39 -33.38 39.35
C LEU A 181 30.57 -34.82 39.81
N ASP A 182 31.46 -35.53 39.12
CA ASP A 182 31.69 -36.93 39.37
C ASP A 182 33.11 -37.23 39.83
N PHE A 183 34.12 -36.51 39.35
CA PHE A 183 35.48 -36.71 39.84
C PHE A 183 36.23 -35.39 39.69
N MET A 184 37.56 -35.48 39.72
CA MET A 184 38.42 -34.31 39.54
C MET A 184 39.83 -34.82 39.29
N LEU A 185 40.77 -33.88 39.22
CA LEU A 185 42.18 -34.17 39.48
C LEU A 185 42.84 -32.87 39.91
N GLN A 186 43.33 -32.84 41.15
CA GLN A 186 44.07 -31.68 41.59
C GLN A 186 45.48 -31.75 41.02
N LYS A 187 45.88 -30.69 40.35
CA LYS A 187 47.12 -30.55 39.60
C LYS A 187 47.37 -31.72 38.64
N PRO A 188 46.62 -31.83 37.55
CA PRO A 188 46.84 -32.94 36.63
C PRO A 188 48.09 -32.79 35.77
N SER A 189 48.67 -33.95 35.48
CA SER A 189 49.75 -34.13 34.51
C SER A 189 49.18 -35.18 33.56
N LEU A 190 50.01 -35.81 32.73
CA LEU A 190 49.79 -36.24 31.35
C LEU A 190 48.56 -37.13 31.14
N ALA A 191 48.71 -38.29 30.50
CA ALA A 191 47.61 -39.26 30.34
C ALA A 191 46.68 -39.47 31.53
N GLU A 192 47.13 -39.19 32.76
CA GLU A 192 46.23 -38.85 33.88
C GLU A 192 45.23 -37.75 33.50
N LEU A 193 45.71 -36.58 33.05
CA LEU A 193 44.82 -35.51 32.61
C LEU A 193 44.00 -35.92 31.41
N GLU A 194 44.56 -36.77 30.55
CA GLU A 194 43.77 -37.30 29.45
C GLU A 194 42.66 -38.22 29.94
N SER A 195 42.88 -38.88 31.07
CA SER A 195 41.89 -39.75 31.71
C SER A 195 40.95 -38.98 32.62
N LEU A 196 40.71 -37.71 32.31
CA LEU A 196 39.67 -36.91 32.94
C LEU A 196 38.40 -36.92 32.11
N SER A 197 38.06 -38.14 31.64
CA SER A 197 37.10 -38.40 30.57
C SER A 197 35.75 -37.71 30.78
N LYS A 198 35.30 -36.96 29.76
CA LYS A 198 35.97 -36.76 28.47
C LYS A 198 37.05 -35.67 28.59
N THR A 199 38.15 -35.89 27.85
CA THR A 199 39.43 -35.20 27.95
C THR A 199 39.34 -33.68 28.08
N HIS A 200 38.37 -33.08 27.40
CA HIS A 200 38.22 -31.63 27.38
C HIS A 200 36.96 -31.15 28.09
N LEU A 201 36.67 -31.71 29.26
CA LEU A 201 35.56 -31.29 30.10
C LEU A 201 36.06 -30.62 31.38
N PHE A 202 37.05 -29.73 31.22
CA PHE A 202 37.72 -29.10 32.35
C PHE A 202 36.80 -28.15 33.11
N LEU A 203 37.14 -27.92 34.37
CA LEU A 203 36.37 -27.05 35.26
C LEU A 203 37.28 -26.60 36.38
N MET A 204 37.62 -25.33 36.41
CA MET A 204 38.43 -24.75 37.48
C MET A 204 37.61 -23.72 38.22
N ASP A 205 37.36 -23.99 39.49
CA ASP A 205 36.57 -23.14 40.35
C ASP A 205 37.45 -22.00 40.82
N ILE A 206 36.83 -20.90 41.27
CA ILE A 206 37.61 -19.86 41.94
C ILE A 206 37.11 -19.53 43.33
N GLY A 207 35.97 -20.07 43.75
CA GLY A 207 35.70 -20.10 45.18
C GLY A 207 34.74 -19.11 45.80
N ILE A 208 33.61 -18.85 45.16
CA ILE A 208 32.46 -18.18 45.78
C ILE A 208 31.20 -18.88 45.29
N TRP A 209 30.53 -19.59 46.19
CA TRP A 209 29.38 -20.40 45.87
C TRP A 209 28.20 -19.88 46.67
N LEU A 210 26.99 -20.13 46.18
CA LEU A 210 25.83 -19.98 47.05
C LEU A 210 25.62 -21.22 47.91
N LEU A 211 24.54 -21.19 48.68
CA LEU A 211 24.11 -22.35 49.44
C LEU A 211 22.63 -22.19 49.72
N SER A 212 21.97 -23.29 50.07
CA SER A 212 20.57 -23.26 50.45
C SER A 212 20.44 -22.70 51.88
N ASP A 213 19.21 -22.70 52.41
CA ASP A 213 19.00 -22.28 53.79
C ASP A 213 19.35 -23.41 54.75
N ARG A 214 19.62 -24.60 54.22
CA ARG A 214 19.88 -25.81 55.00
C ARG A 214 21.36 -26.15 55.13
N ALA A 215 22.10 -26.18 54.02
CA ALA A 215 23.30 -27.02 53.93
C ALA A 215 24.51 -26.45 54.66
N VAL A 216 24.35 -25.35 55.39
CA VAL A 216 25.39 -24.82 56.27
C VAL A 216 25.75 -25.85 57.33
N GLU A 217 24.75 -26.57 57.82
CA GLU A 217 24.93 -27.44 58.97
C GLU A 217 25.59 -28.77 58.60
N ILE A 218 25.73 -29.05 57.31
CA ILE A 218 26.45 -30.23 56.84
C ILE A 218 27.78 -29.84 56.21
N LEU A 219 27.75 -28.93 55.24
CA LEU A 219 28.87 -28.85 54.29
C LEU A 219 30.08 -28.16 54.89
N MET A 220 29.98 -26.87 55.24
CA MET A 220 31.10 -26.19 55.89
C MET A 220 31.32 -26.71 57.29
N LYS A 221 30.37 -26.42 58.18
CA LYS A 221 30.53 -26.50 59.61
C LYS A 221 29.59 -27.61 60.05
N ARG A 222 30.09 -28.84 59.94
CA ARG A 222 29.23 -30.02 60.02
C ARG A 222 28.78 -30.25 61.46
N SER A 223 27.50 -30.47 61.65
CA SER A 223 26.99 -30.63 63.01
C SER A 223 27.37 -31.99 63.54
N HIS A 224 28.11 -32.00 64.64
CA HIS A 224 28.46 -33.23 65.33
C HIS A 224 27.81 -33.21 66.71
N LYS A 225 28.02 -34.29 67.46
CA LYS A 225 27.48 -34.36 68.81
C LYS A 225 28.19 -33.41 69.75
N GLU A 226 29.47 -33.12 69.49
CA GLU A 226 30.21 -32.15 70.27
C GLU A 226 29.69 -30.75 70.00
N SER A 227 29.81 -30.29 68.76
CA SER A 227 29.27 -29.03 68.30
C SER A 227 29.16 -29.12 66.79
N SER A 228 28.81 -28.00 66.16
CA SER A 228 28.75 -27.93 64.71
C SER A 228 30.15 -27.61 64.20
N GLU A 229 31.00 -28.63 64.22
CA GLU A 229 32.40 -28.39 63.90
C GLU A 229 32.62 -28.30 62.42
N GLU A 230 33.63 -27.52 62.04
CA GLU A 230 33.99 -27.45 60.64
C GLU A 230 34.54 -28.79 60.19
N LEU A 231 34.48 -29.00 58.88
CA LEU A 231 35.37 -29.99 58.30
C LEU A 231 36.79 -29.52 58.56
N LYS A 232 37.67 -30.46 58.86
CA LYS A 232 38.99 -30.14 59.41
C LYS A 232 39.90 -29.50 58.38
N TYR A 233 39.45 -29.49 57.13
CA TYR A 233 39.96 -28.59 56.12
C TYR A 233 39.73 -27.15 56.54
N TYR A 234 40.82 -26.40 56.72
CA TYR A 234 40.69 -25.01 57.17
C TYR A 234 40.07 -24.14 56.10
N ASP A 235 40.53 -24.27 54.87
CA ASP A 235 39.77 -23.74 53.73
C ASP A 235 38.53 -24.61 53.55
N LEU A 236 37.35 -24.01 53.77
CA LEU A 236 36.10 -24.73 53.56
C LEU A 236 35.87 -24.99 52.08
N TYR A 237 35.98 -23.93 51.26
CA TYR A 237 35.61 -23.98 49.84
C TYR A 237 36.51 -24.91 49.04
N SER A 238 37.80 -24.59 48.98
CA SER A 238 38.72 -25.26 48.07
C SER A 238 38.95 -26.71 48.48
N ASP A 239 39.14 -26.94 49.77
CA ASP A 239 39.43 -28.29 50.22
C ASP A 239 38.17 -29.11 50.41
N PHE A 240 37.01 -28.46 50.48
CA PHE A 240 35.76 -29.20 50.35
C PHE A 240 35.51 -29.62 48.92
N GLY A 241 35.82 -28.76 47.94
CA GLY A 241 35.69 -29.15 46.55
C GLY A 241 36.74 -30.15 46.12
N LEU A 242 37.92 -30.09 46.71
CA LEU A 242 38.87 -31.18 46.63
C LEU A 242 38.32 -32.44 47.30
N ALA A 243 37.70 -32.26 48.46
CA ALA A 243 37.20 -33.39 49.22
C ALA A 243 35.95 -33.98 48.60
N LEU A 244 34.90 -33.17 48.46
CA LEU A 244 33.61 -33.71 48.08
C LEU A 244 33.41 -33.76 46.58
N GLY A 245 34.32 -33.18 45.79
CA GLY A 245 34.14 -33.10 44.35
C GLY A 245 34.29 -34.42 43.60
N THR A 246 34.66 -35.49 44.26
CA THR A 246 34.80 -36.76 43.55
C THR A 246 33.42 -37.45 43.59
N HIS A 247 33.34 -38.71 43.17
CA HIS A 247 32.19 -39.59 43.28
C HIS A 247 31.54 -39.70 44.66
N PRO A 248 32.22 -39.40 45.78
CA PRO A 248 31.45 -39.09 47.00
C PRO A 248 30.47 -37.91 46.90
N ARG A 249 30.50 -37.08 45.86
CA ARG A 249 29.38 -36.16 45.65
C ARG A 249 28.12 -36.90 45.24
N ILE A 250 28.28 -37.93 44.41
CA ILE A 250 27.16 -38.75 43.96
C ILE A 250 26.61 -39.61 45.09
N GLU A 251 27.35 -39.77 46.18
CA GLU A 251 26.82 -40.35 47.39
C GLU A 251 26.26 -39.31 48.35
N ASP A 252 26.85 -38.12 48.41
CA ASP A 252 26.67 -37.21 49.53
C ASP A 252 25.71 -36.06 49.26
N GLU A 253 25.77 -35.44 48.08
CA GLU A 253 25.00 -34.22 47.84
C GLU A 253 23.53 -34.50 47.57
N GLU A 254 23.12 -35.75 47.66
CA GLU A 254 21.74 -36.19 47.51
C GLU A 254 20.93 -36.04 48.79
N VAL A 255 21.54 -35.54 49.85
CA VAL A 255 20.84 -35.38 51.11
C VAL A 255 20.29 -33.96 51.24
N ASN A 256 20.95 -33.00 50.57
CA ASN A 256 20.74 -31.57 50.77
C ASN A 256 20.31 -30.85 49.49
N THR A 257 19.21 -31.30 48.86
CA THR A 257 18.56 -30.72 47.67
C THR A 257 19.46 -30.72 46.44
N LEU A 258 19.70 -31.92 45.91
CA LEU A 258 20.66 -32.30 44.87
C LEU A 258 20.74 -31.38 43.66
N SER A 259 19.69 -30.59 43.39
CA SER A 259 19.66 -29.66 42.26
C SER A 259 20.81 -28.66 42.29
N VAL A 260 21.74 -28.85 41.35
CA VAL A 260 22.95 -28.06 41.22
C VAL A 260 23.18 -27.86 39.73
N ALA A 261 23.50 -26.64 39.33
CA ALA A 261 23.98 -26.34 37.99
C ALA A 261 25.30 -25.60 38.10
N ILE A 262 26.07 -25.63 37.02
CA ILE A 262 27.39 -24.98 36.96
C ILE A 262 27.45 -24.12 35.72
N LEU A 263 27.96 -22.90 35.85
CA LEU A 263 28.29 -22.11 34.68
C LEU A 263 29.80 -21.98 34.67
N PRO A 264 30.44 -22.21 33.52
CA PRO A 264 31.86 -21.85 33.39
C PRO A 264 32.07 -20.36 33.17
N LEU A 265 33.31 -19.99 32.92
CA LEU A 265 33.71 -18.59 32.86
C LEU A 265 34.51 -18.30 31.61
N PRO A 266 34.63 -17.03 31.24
CA PRO A 266 35.66 -16.62 30.27
C PRO A 266 37.06 -16.60 30.89
N GLY A 267 38.05 -16.07 30.16
CA GLY A 267 39.44 -16.23 30.57
C GLY A 267 40.36 -15.01 30.61
N GLY A 268 39.87 -13.89 31.13
CA GLY A 268 40.66 -12.67 31.08
C GLY A 268 41.88 -12.60 31.97
N GLU A 269 41.67 -12.39 33.26
CA GLU A 269 42.72 -12.06 34.22
C GLU A 269 42.73 -13.08 35.34
N PHE A 270 42.89 -14.34 34.99
CA PHE A 270 42.82 -15.44 35.95
C PHE A 270 44.19 -16.07 36.12
N TYR A 271 44.94 -15.63 37.13
CA TYR A 271 46.08 -16.39 37.64
C TYR A 271 46.06 -16.24 39.16
N HIS A 272 47.16 -16.55 39.81
CA HIS A 272 47.15 -16.72 41.26
C HIS A 272 48.04 -15.67 41.91
N TYR A 273 48.19 -15.79 43.23
CA TYR A 273 48.92 -14.82 44.05
C TYR A 273 50.16 -15.41 44.72
N GLY A 274 50.94 -16.22 44.00
CA GLY A 274 52.06 -16.95 44.56
C GLY A 274 53.11 -16.07 45.21
N THR A 275 53.75 -15.25 44.42
CA THR A 275 54.68 -14.28 44.96
C THR A 275 54.26 -12.89 44.49
N SER A 276 55.12 -11.91 44.75
CA SER A 276 54.81 -10.53 44.40
C SER A 276 54.76 -10.32 42.90
N LYS A 277 55.53 -11.10 42.15
CA LYS A 277 55.56 -10.93 40.70
C LYS A 277 54.24 -11.31 40.06
N GLU A 278 53.42 -12.11 40.76
CA GLU A 278 52.09 -12.42 40.28
C GLU A 278 51.22 -11.18 40.20
N LEU A 279 51.12 -10.45 41.31
CA LEU A 279 50.36 -9.22 41.31
C LEU A 279 51.03 -8.13 40.50
N ILE A 280 52.36 -8.19 40.36
CA ILE A 280 53.06 -7.25 39.49
C ILE A 280 52.65 -7.47 38.04
N SER A 281 52.68 -8.73 37.58
CA SER A 281 52.25 -9.11 36.24
C SER A 281 50.77 -8.83 36.02
N SER A 282 49.97 -8.96 37.06
CA SER A 282 48.55 -8.63 36.98
C SER A 282 48.38 -7.15 36.72
N THR A 283 49.14 -6.34 37.43
CA THR A 283 49.06 -4.90 37.34
C THR A 283 50.03 -4.33 36.31
N LEU A 284 50.90 -5.18 35.75
CA LEU A 284 51.81 -4.92 34.63
C LEU A 284 52.97 -3.97 34.97
N SER A 285 52.92 -3.29 36.11
CA SER A 285 53.84 -2.20 36.43
C SER A 285 53.63 -1.80 37.88
N VAL A 286 54.60 -1.07 38.43
CA VAL A 286 54.69 -0.78 39.85
C VAL A 286 55.13 0.65 40.15
N GLN A 287 55.44 0.91 41.42
CA GLN A 287 56.12 2.12 41.93
C GLN A 287 55.26 3.40 41.83
N ASN A 288 54.29 3.53 42.76
CA ASN A 288 53.68 4.85 42.96
C ASN A 288 53.53 5.21 44.45
N LYS A 289 54.46 6.04 44.94
CA LYS A 289 54.04 7.14 45.81
C LYS A 289 54.44 8.54 45.31
N VAL A 290 55.71 8.90 44.98
CA VAL A 290 56.97 8.14 45.03
C VAL A 290 58.00 8.82 45.95
N TYR A 291 58.24 8.26 47.13
CA TYR A 291 59.25 8.82 48.02
C TYR A 291 60.63 8.41 47.56
N ASP A 292 61.41 9.40 47.16
CA ASP A 292 62.78 9.18 46.71
C ASP A 292 63.69 9.94 47.65
N GLN A 293 64.17 9.28 48.69
CA GLN A 293 65.20 9.88 49.52
C GLN A 293 66.54 9.56 48.87
N ARG A 294 67.62 9.68 49.62
CA ARG A 294 68.94 9.57 49.04
C ARG A 294 69.65 8.33 49.55
N ARG A 295 70.79 8.04 48.92
CA ARG A 295 71.53 6.78 49.04
C ARG A 295 70.63 5.58 48.73
N ILE A 296 69.79 5.76 47.72
CA ILE A 296 68.83 4.78 47.29
C ILE A 296 69.27 4.26 45.94
N MET A 297 68.47 3.36 45.36
CA MET A 297 68.80 2.81 44.05
C MET A 297 67.60 2.90 43.11
N HIS A 298 67.81 3.53 41.95
CA HIS A 298 66.78 3.65 40.93
C HIS A 298 66.50 2.31 40.28
N ARG A 299 65.25 1.89 40.35
CA ARG A 299 64.75 0.72 39.64
C ARG A 299 63.37 1.06 39.09
N LYS A 300 62.77 0.10 38.41
CA LYS A 300 61.36 0.18 38.07
C LYS A 300 60.56 -1.01 38.58
N VAL A 301 61.06 -2.23 38.38
CA VAL A 301 60.30 -3.47 38.51
C VAL A 301 59.86 -3.74 39.95
N LYS A 302 60.55 -3.15 40.90
CA LYS A 302 60.32 -3.30 42.32
C LYS A 302 58.94 -2.78 42.73
N PRO A 303 58.18 -3.47 43.54
CA PRO A 303 56.83 -2.99 43.89
C PRO A 303 56.73 -2.07 45.09
N ASN A 304 56.96 -0.78 44.94
CA ASN A 304 56.70 0.09 46.08
C ASN A 304 55.33 0.72 45.92
N PRO A 305 54.41 0.47 46.83
CA PRO A 305 53.14 1.20 46.84
C PRO A 305 53.26 2.60 47.41
N ALA A 306 52.11 3.16 47.77
CA ALA A 306 52.07 4.48 48.37
C ALA A 306 52.67 4.51 49.76
N MET A 307 53.24 5.67 50.09
CA MET A 307 53.50 6.17 51.44
C MET A 307 54.51 5.32 52.21
N PHE A 308 55.66 5.20 51.59
CA PHE A 308 56.81 4.53 52.18
C PHE A 308 58.05 5.39 51.94
N VAL A 309 58.53 6.06 53.00
CA VAL A 309 59.72 6.91 52.87
C VAL A 309 60.95 6.03 52.72
N GLN A 310 61.58 6.11 51.55
CA GLN A 310 62.58 5.13 51.17
C GLN A 310 63.95 5.77 51.18
N ASN A 311 64.73 5.50 52.23
CA ASN A 311 65.97 6.20 52.51
C ASN A 311 67.13 5.24 52.63
N ALA A 312 68.24 5.58 51.99
CA ALA A 312 69.58 5.13 52.38
C ALA A 312 69.84 3.64 52.19
N VAL A 313 68.98 2.91 51.48
CA VAL A 313 69.14 1.47 51.33
C VAL A 313 69.28 1.16 49.85
N VAL A 314 70.17 0.21 49.52
CA VAL A 314 70.45 -0.22 48.15
C VAL A 314 69.79 -1.58 47.90
N ARG A 315 69.04 -1.69 46.81
CA ARG A 315 68.38 -2.96 46.54
C ARG A 315 68.36 -3.38 45.07
N ILE A 316 67.92 -4.61 44.89
CA ILE A 316 67.50 -5.16 43.61
C ILE A 316 65.98 -5.19 43.67
N PRO A 317 65.25 -5.25 42.53
CA PRO A 317 63.78 -5.31 42.61
C PRO A 317 63.18 -6.54 43.26
N LEU A 318 61.85 -6.60 43.18
CA LEU A 318 60.86 -7.59 43.67
C LEU A 318 60.46 -7.39 45.13
N CYS A 319 60.84 -6.30 45.78
CA CYS A 319 60.54 -6.10 47.20
C CYS A 319 59.52 -4.98 47.41
N ALA A 320 58.62 -5.19 48.39
CA ALA A 320 57.42 -4.38 48.57
C ALA A 320 57.32 -3.85 49.99
N GLU A 321 56.99 -2.56 50.11
CA GLU A 321 57.16 -1.80 51.36
C GLU A 321 56.03 -0.80 51.52
N ASN A 322 55.27 -0.91 52.62
CA ASN A 322 54.00 -0.18 52.70
C ASN A 322 54.05 1.17 53.41
N ALA A 323 54.25 1.16 54.73
CA ALA A 323 53.98 2.29 55.62
C ALA A 323 54.30 1.86 57.05
N ASP A 324 54.48 2.85 57.95
CA ASP A 324 55.07 2.70 59.28
C ASP A 324 56.45 2.04 59.16
N LEU A 325 57.17 2.43 58.12
CA LEU A 325 58.42 1.82 57.70
C LEU A 325 59.28 2.96 57.14
N TRP A 326 60.23 3.46 57.92
CA TRP A 326 61.21 4.44 57.43
C TRP A 326 62.58 3.82 57.50
N ILE A 327 62.92 3.05 56.49
CA ILE A 327 64.12 2.23 56.49
C ILE A 327 65.28 3.13 56.10
N GLU A 328 66.41 2.95 56.77
CA GLU A 328 67.65 3.67 56.50
C GLU A 328 68.81 2.70 56.67
N ASN A 329 69.68 2.67 55.65
CA ASN A 329 71.01 2.07 55.72
C ASN A 329 70.95 0.56 55.99
N SER A 330 70.46 -0.14 54.98
CA SER A 330 70.48 -1.60 55.00
C SER A 330 71.02 -2.07 53.66
N HIS A 331 71.16 -3.39 53.51
CA HIS A 331 71.74 -3.97 52.30
C HIS A 331 70.89 -5.17 51.87
N ILE A 332 69.85 -4.88 51.10
CA ILE A 332 68.76 -5.83 50.90
C ILE A 332 68.70 -6.22 49.43
N GLY A 333 68.15 -7.42 49.17
CA GLY A 333 68.00 -7.96 47.82
C GLY A 333 66.56 -8.10 47.36
N PRO A 334 66.22 -9.25 46.78
CA PRO A 334 64.88 -9.43 46.21
C PRO A 334 63.87 -9.98 47.19
N LYS A 335 62.59 -9.69 46.89
CA LYS A 335 61.41 -10.36 47.46
C LYS A 335 61.32 -10.17 48.97
N TRP A 336 60.99 -8.95 49.38
CA TRP A 336 60.96 -8.62 50.80
C TRP A 336 59.58 -8.23 51.27
N LYS A 337 58.99 -9.12 52.06
CA LYS A 337 58.11 -8.70 53.14
C LYS A 337 58.90 -7.76 54.05
N ILE A 338 58.24 -6.69 54.49
CA ILE A 338 58.80 -5.74 55.46
C ILE A 338 57.70 -5.45 56.48
N ALA A 339 57.94 -5.84 57.73
CA ALA A 339 56.88 -5.87 58.72
C ALA A 339 56.73 -4.55 59.48
N SER A 340 55.48 -4.15 59.69
CA SER A 340 55.04 -2.91 60.32
C SER A 340 54.74 -3.12 61.81
N ARG A 341 53.87 -2.24 62.36
CA ARG A 341 53.27 -2.27 63.70
C ARG A 341 54.20 -1.78 64.78
N HIS A 342 55.22 -1.02 64.41
CA HIS A 342 56.27 -0.74 65.38
C HIS A 342 57.00 0.52 64.96
N ILE A 343 57.62 1.17 65.93
CA ILE A 343 58.50 2.28 65.65
C ILE A 343 59.79 1.70 65.09
N ILE A 344 59.88 1.59 63.78
CA ILE A 344 61.02 0.98 63.13
C ILE A 344 61.75 2.05 62.35
N THR A 345 62.94 2.38 62.85
CA THR A 345 63.90 3.19 62.13
C THR A 345 65.20 2.41 62.24
N GLY A 346 66.33 3.00 61.87
CA GLY A 346 67.54 2.50 62.47
C GLY A 346 67.73 2.96 63.89
N VAL A 347 66.82 3.81 64.38
CA VAL A 347 66.62 4.14 65.78
C VAL A 347 65.77 2.99 66.31
N PRO A 348 65.36 2.96 67.59
CA PRO A 348 65.87 1.95 68.54
C PRO A 348 66.12 0.50 68.09
N GLU A 349 65.65 0.06 66.92
CA GLU A 349 65.85 -1.32 66.47
C GLU A 349 67.32 -1.67 66.21
N ASN A 350 68.17 -0.67 65.98
CA ASN A 350 69.63 -0.81 65.90
C ASN A 350 70.05 -1.76 64.78
N ASP A 351 69.36 -1.69 63.67
CA ASP A 351 69.60 -2.62 62.57
C ASP A 351 70.29 -1.81 61.46
N TRP A 352 71.62 -1.78 61.51
CA TRP A 352 72.40 -1.00 60.56
C TRP A 352 73.33 -1.86 59.71
N SER A 353 74.28 -2.58 60.33
CA SER A 353 75.27 -3.38 59.60
C SER A 353 74.60 -4.67 59.18
N LEU A 354 73.79 -4.59 58.14
CA LEU A 354 72.80 -5.61 57.86
C LEU A 354 73.21 -6.34 56.60
N ALA A 355 73.88 -7.48 56.77
CA ALA A 355 74.28 -8.30 55.64
C ALA A 355 73.13 -9.22 55.24
N VAL A 356 72.05 -8.56 54.80
CA VAL A 356 70.74 -9.19 54.66
C VAL A 356 70.76 -10.16 53.49
N PRO A 357 70.30 -11.42 53.68
CA PRO A 357 70.29 -12.40 52.59
C PRO A 357 69.25 -12.13 51.51
N ALA A 358 69.04 -13.09 50.62
CA ALA A 358 68.11 -12.94 49.51
C ALA A 358 66.94 -13.92 49.67
N GLY A 359 65.75 -13.48 49.27
CA GLY A 359 64.61 -14.37 49.19
C GLY A 359 64.00 -14.74 50.52
N VAL A 360 64.10 -13.85 51.51
CA VAL A 360 63.60 -14.12 52.85
C VAL A 360 62.61 -12.99 53.15
N CYS A 361 62.08 -12.93 54.38
CA CYS A 361 61.03 -11.98 54.74
C CYS A 361 61.38 -11.29 56.05
N VAL A 362 61.70 -9.99 55.96
CA VAL A 362 61.67 -9.09 57.10
C VAL A 362 60.25 -9.06 57.65
N ASP A 363 60.08 -9.22 58.96
CA ASP A 363 61.07 -8.98 60.00
C ASP A 363 62.04 -10.06 60.45
N VAL A 364 62.61 -9.80 61.61
CA VAL A 364 64.05 -9.68 61.83
C VAL A 364 64.92 -10.77 61.21
N VAL A 365 65.84 -10.33 60.35
CA VAL A 365 66.93 -11.07 59.69
C VAL A 365 68.07 -10.13 59.29
N PRO A 366 68.98 -9.76 60.24
CA PRO A 366 70.11 -8.88 59.89
C PRO A 366 71.09 -9.48 58.89
N MET A 367 71.40 -10.76 59.08
CA MET A 367 72.24 -11.52 58.17
C MET A 367 71.84 -12.98 58.32
N GLY A 368 72.68 -13.88 57.80
CA GLY A 368 72.40 -15.29 57.91
C GLY A 368 71.86 -15.89 56.63
N ASP A 369 71.39 -17.13 56.75
CA ASP A 369 70.91 -17.89 55.59
C ASP A 369 69.58 -18.54 55.92
N LYS A 370 68.50 -17.99 55.35
CA LYS A 370 67.22 -18.66 55.13
C LYS A 370 66.57 -19.14 56.44
N GLY A 371 66.24 -18.15 57.26
CA GLY A 371 65.49 -18.39 58.48
C GLY A 371 63.99 -18.18 58.30
N PHE A 372 63.28 -18.08 59.42
CA PHE A 372 61.83 -17.85 59.44
C PHE A 372 61.51 -17.13 60.76
N VAL A 373 61.47 -15.79 60.71
CA VAL A 373 61.13 -14.96 61.86
C VAL A 373 59.91 -14.12 61.52
N ALA A 374 58.83 -14.34 62.26
CA ALA A 374 57.59 -13.59 62.11
C ALA A 374 57.67 -12.32 62.97
N ARG A 375 56.50 -11.75 63.29
CA ARG A 375 56.13 -10.45 63.87
C ARG A 375 57.07 -10.01 65.01
N PRO A 376 57.26 -8.65 65.25
CA PRO A 376 58.63 -8.13 65.49
C PRO A 376 59.36 -8.59 66.74
N TYR A 377 60.07 -9.71 66.61
CA TYR A 377 61.11 -10.11 67.54
C TYR A 377 62.12 -8.98 67.75
N GLY A 378 62.64 -8.85 68.97
CA GLY A 378 63.45 -7.70 69.35
C GLY A 378 64.94 -7.98 69.52
N LEU A 379 65.76 -6.97 69.20
CA LEU A 379 67.21 -7.12 69.19
C LEU A 379 67.86 -5.95 69.90
N ASP A 380 69.19 -5.97 69.94
CA ASP A 380 69.96 -4.76 69.64
C ASP A 380 70.88 -4.98 68.44
N ASP A 381 71.92 -5.79 68.61
CA ASP A 381 72.85 -6.17 67.55
C ASP A 381 73.22 -7.62 67.62
N VAL A 382 73.00 -8.26 68.77
CA VAL A 382 73.64 -9.52 69.14
C VAL A 382 73.17 -10.65 68.26
N PHE A 383 71.99 -10.51 67.67
CA PHE A 383 71.29 -11.55 66.95
C PHE A 383 71.95 -11.96 65.65
N LYS A 384 72.91 -11.17 65.13
CA LYS A 384 73.56 -11.33 63.83
C LYS A 384 74.41 -12.68 63.66
N GLY A 385 74.37 -13.67 64.55
CA GLY A 385 75.27 -14.81 64.44
C GLY A 385 74.74 -16.17 64.03
N ASP A 386 73.74 -16.70 64.73
CA ASP A 386 73.28 -18.08 64.51
C ASP A 386 72.21 -18.16 63.43
N LEU A 387 72.29 -17.28 62.43
CA LEU A 387 71.24 -17.15 61.45
C LEU A 387 71.56 -17.84 60.13
N ARG A 388 72.76 -18.40 60.01
CA ARG A 388 73.02 -19.27 58.88
C ARG A 388 72.51 -20.68 59.15
N ASP A 389 71.94 -20.90 60.33
CA ASP A 389 71.17 -22.09 60.67
C ASP A 389 69.91 -22.05 59.81
N SER A 390 69.99 -22.68 58.64
CA SER A 390 68.93 -22.59 57.64
C SER A 390 67.81 -23.59 57.91
N LYS A 391 66.63 -23.26 57.36
CA LYS A 391 65.41 -24.09 57.40
C LYS A 391 64.98 -24.39 58.85
N THR A 392 64.91 -23.33 59.63
CA THR A 392 64.39 -23.37 60.98
C THR A 392 63.16 -22.48 61.05
N THR A 393 62.26 -22.77 61.99
CA THR A 393 61.00 -22.05 62.14
C THR A 393 60.95 -21.37 63.49
N LEU A 394 60.85 -20.03 63.48
CA LEU A 394 60.77 -19.25 64.72
C LEU A 394 59.74 -18.15 64.49
N THR A 395 58.46 -18.48 64.70
CA THR A 395 57.41 -17.48 64.58
C THR A 395 57.61 -16.44 65.67
N GLY A 396 58.06 -15.26 65.26
CA GLY A 396 58.63 -14.27 66.17
C GLY A 396 57.63 -13.61 67.10
N ILE A 397 56.34 -13.89 66.93
CA ILE A 397 55.28 -13.45 67.83
C ILE A 397 54.79 -14.68 68.56
N PRO A 398 54.25 -14.55 69.76
CA PRO A 398 53.42 -15.63 70.29
C PRO A 398 52.02 -15.65 69.68
N SER A 467 47.07 -1.48 65.46
CA SER A 467 47.09 -0.12 66.01
C SER A 467 48.11 0.72 65.29
N ALA A 468 49.39 0.36 65.46
CA ALA A 468 50.42 1.01 64.66
C ALA A 468 50.34 0.56 63.20
N GLY A 469 49.68 -0.56 62.94
CA GLY A 469 49.26 -0.88 61.58
C GLY A 469 48.10 0.00 61.13
N ALA A 470 47.14 0.24 62.01
CA ALA A 470 46.11 1.23 61.70
C ALA A 470 46.71 2.62 61.62
N ASN A 471 47.77 2.87 62.40
CA ASN A 471 48.50 4.11 62.23
C ASN A 471 49.25 4.16 60.92
N LEU A 472 49.71 3.00 60.42
CA LEU A 472 50.31 2.95 59.09
C LEU A 472 49.30 3.30 58.04
N LYS A 473 48.09 2.77 58.18
CA LYS A 473 47.01 3.12 57.26
C LYS A 473 46.64 4.59 57.36
N ARG A 474 46.63 5.14 58.58
CA ARG A 474 46.27 6.54 58.77
C ARG A 474 47.34 7.47 58.21
N LEU A 475 48.61 7.13 58.43
CA LEU A 475 49.70 7.87 57.83
C LEU A 475 49.70 7.73 56.32
N TYR A 476 49.32 6.56 55.82
CA TYR A 476 49.29 6.33 54.39
C TYR A 476 48.19 7.13 53.72
N ALA A 477 47.05 7.25 54.37
CA ALA A 477 45.95 8.04 53.86
C ALA A 477 46.09 9.53 54.17
N GLN A 478 47.09 9.92 54.96
CA GLN A 478 47.31 11.34 55.22
C GLN A 478 47.72 12.09 53.96
N ARG A 479 48.87 11.75 53.40
CA ARG A 479 49.38 12.50 52.26
C ARG A 479 48.89 11.97 50.94
N GLU A 480 47.86 11.14 50.97
CA GLU A 480 47.33 10.59 49.73
C GLU A 480 46.73 11.68 48.86
N GLU A 481 45.88 12.52 49.44
CA GLU A 481 45.34 13.64 48.69
C GLU A 481 46.40 14.69 48.38
N PHE A 482 47.44 14.78 49.21
CA PHE A 482 48.56 15.66 48.91
C PHE A 482 49.27 15.23 47.65
N ARG A 483 49.63 13.96 47.56
CA ARG A 483 50.25 13.47 46.34
C ARG A 483 49.24 13.32 45.22
N LYS A 484 47.94 13.29 45.53
CA LYS A 484 46.94 13.40 44.48
C LYS A 484 46.94 14.78 43.88
N GLY A 485 47.14 15.81 44.71
CA GLY A 485 47.34 17.15 44.21
C GLY A 485 48.64 17.23 43.42
N ASN A 486 49.64 16.48 43.86
CA ASN A 486 50.89 16.40 43.11
C ASN A 486 50.67 15.75 41.75
N TRP A 487 49.80 14.75 41.68
CA TRP A 487 49.49 14.10 40.41
C TRP A 487 48.57 14.97 39.55
N LYS A 488 47.73 15.76 40.21
CA LYS A 488 46.94 16.82 39.62
C LYS A 488 47.79 18.00 39.19
N ALA A 489 49.05 17.99 39.60
CA ALA A 489 50.08 18.78 38.94
C ALA A 489 50.86 17.98 37.91
N LEU A 490 50.98 16.66 38.08
CA LEU A 490 52.00 15.90 37.38
C LEU A 490 51.59 15.62 35.94
N ALA A 491 50.56 14.81 35.76
CA ALA A 491 49.91 14.76 34.47
C ALA A 491 48.59 15.49 34.53
N VAL A 492 48.26 16.08 35.69
CA VAL A 492 47.23 17.08 35.90
C VAL A 492 45.80 16.54 35.76
N ASN A 493 45.66 15.30 35.36
CA ASN A 493 44.42 14.55 35.45
C ASN A 493 44.66 13.13 35.92
N HIS A 494 45.93 12.74 36.07
CA HIS A 494 46.33 11.41 36.49
C HIS A 494 45.74 11.04 37.83
N GLU A 495 45.49 12.02 38.68
CA GLU A 495 44.61 11.83 39.82
C GLU A 495 43.20 12.31 39.53
N LYS A 496 43.07 13.38 38.73
CA LYS A 496 41.76 13.99 38.59
C LYS A 496 40.89 13.18 37.65
N SER A 497 41.16 13.25 36.36
CA SER A 497 40.25 12.62 35.41
C SER A 497 40.69 11.21 35.11
N VAL A 498 40.96 10.48 36.17
CA VAL A 498 41.20 9.06 36.04
C VAL A 498 40.11 8.28 36.73
N PHE A 499 39.81 8.61 37.96
CA PHE A 499 38.50 8.28 38.48
C PHE A 499 37.82 9.45 39.13
N TYR A 500 38.58 10.28 39.85
CA TYR A 500 38.09 11.25 40.82
C TYR A 500 37.10 10.62 41.81
N GLN A 501 37.27 9.33 42.10
CA GLN A 501 36.19 8.49 42.60
C GLN A 501 35.72 8.88 44.00
N LEU A 502 36.61 9.48 44.79
CA LEU A 502 36.33 9.78 46.19
C LEU A 502 35.85 11.20 46.40
N ASP A 503 35.11 11.74 45.42
CA ASP A 503 34.76 13.14 45.21
C ASP A 503 34.50 13.96 46.46
N LEU A 504 33.52 13.54 47.24
CA LEU A 504 33.20 14.20 48.48
C LEU A 504 34.27 14.00 49.55
N ALA A 505 34.72 12.78 49.74
CA ALA A 505 35.77 12.54 50.71
C ALA A 505 37.10 13.10 50.21
N ASP A 506 37.30 13.18 48.89
CA ASP A 506 38.47 13.88 48.38
C ASP A 506 38.41 15.37 48.65
N ALA A 507 37.23 15.97 48.49
CA ALA A 507 37.05 17.39 48.67
C ALA A 507 37.20 17.76 50.13
N ALA A 508 36.39 17.12 50.98
CA ALA A 508 36.38 17.44 52.39
C ALA A 508 37.64 16.93 53.07
N GLU A 509 37.80 15.61 53.09
CA GLU A 509 38.98 15.09 53.74
C GLU A 509 40.20 15.27 52.83
N ASP A 510 41.29 15.76 53.40
CA ASP A 510 41.32 16.29 54.76
C ASP A 510 41.44 17.79 54.64
N PHE A 511 42.42 18.22 53.84
CA PHE A 511 42.62 19.64 53.57
C PHE A 511 42.90 19.86 52.10
N VAL A 512 42.27 19.07 51.25
CA VAL A 512 42.47 19.23 49.82
C VAL A 512 41.83 20.52 49.34
N ARG A 513 42.67 21.50 49.00
CA ARG A 513 42.20 22.79 48.53
C ARG A 513 42.03 22.74 47.02
N LEU A 514 40.79 22.68 46.56
CA LEU A 514 40.52 22.52 45.15
C LEU A 514 40.53 23.84 44.38
N GLY A 515 41.01 24.91 44.98
CA GLY A 515 41.37 26.05 44.17
C GLY A 515 42.56 25.74 43.28
N LEU A 516 43.42 24.82 43.72
CA LEU A 516 44.41 24.24 42.83
C LEU A 516 43.75 23.53 41.67
N ASP A 517 42.62 22.88 41.93
CA ASP A 517 41.86 22.31 40.83
C ASP A 517 41.27 23.38 39.94
N MET A 518 40.87 24.53 40.48
CA MET A 518 40.51 25.66 39.62
C MET A 518 41.69 26.18 38.82
N PRO A 519 42.87 26.17 39.41
CA PRO A 519 44.04 26.68 38.74
C PRO A 519 44.47 25.77 37.60
N GLU A 520 44.63 24.48 37.89
CA GLU A 520 44.97 23.50 36.86
C GLU A 520 43.82 23.25 35.90
N LEU A 521 42.60 23.59 36.30
CA LEU A 521 41.50 23.70 35.36
C LEU A 521 41.81 24.78 34.35
N LEU A 522 42.32 25.90 34.83
CA LEU A 522 42.68 26.98 33.91
C LEU A 522 44.16 26.93 33.60
N PRO A 523 44.70 25.71 33.42
CA PRO A 523 46.14 25.49 33.32
C PRO A 523 46.69 26.27 32.14
N GLU A 524 46.37 25.86 30.93
CA GLU A 524 46.19 26.84 29.88
C GLU A 524 44.82 26.57 29.30
N ASP A 525 44.71 25.34 28.85
CA ASP A 525 43.58 24.71 28.21
C ASP A 525 44.07 23.29 28.09
N ALA A 526 43.19 22.32 28.20
CA ALA A 526 43.62 20.97 28.47
C ALA A 526 42.73 20.07 27.66
N LEU A 527 42.64 18.82 28.07
CA LEU A 527 41.35 18.19 27.94
C LEU A 527 40.45 19.13 28.71
N GLN A 528 39.58 19.77 28.00
CA GLN A 528 38.57 20.56 28.67
C GLN A 528 37.64 19.71 29.37
N MET A 529 37.56 18.46 28.91
CA MET A 529 37.23 17.35 29.79
C MET A 529 37.96 17.47 31.12
N SER A 530 39.29 17.36 31.10
CA SER A 530 40.01 17.35 32.37
C SER A 530 40.04 18.73 32.98
N ARG A 531 40.06 19.77 32.13
CA ARG A 531 40.04 21.12 32.66
C ARG A 531 38.76 21.39 33.39
N ILE A 532 37.65 21.17 32.73
CA ILE A 532 36.34 21.31 33.35
C ILE A 532 36.13 20.30 34.44
N HIS A 533 36.83 19.17 34.36
CA HIS A 533 36.76 18.18 35.42
C HIS A 533 37.40 18.72 36.67
N ASN A 534 38.53 19.38 36.52
CA ASN A 534 39.18 20.00 37.66
C ASN A 534 38.37 21.18 38.15
N ARG A 535 37.79 21.93 37.24
CA ARG A 535 36.94 23.04 37.63
C ARG A 535 35.71 22.55 38.35
N MET A 536 35.23 21.39 37.96
CA MET A 536 34.08 20.83 38.63
C MET A 536 34.50 20.14 39.91
N LEU A 537 35.76 19.76 40.02
CA LEU A 537 36.25 19.26 41.29
C LEU A 537 36.29 20.41 42.27
N ARG A 538 36.72 21.57 41.79
CA ARG A 538 36.63 22.80 42.55
C ARG A 538 35.20 23.10 42.90
N ALA A 539 34.30 22.87 41.96
CA ALA A 539 32.89 23.09 42.20
C ALA A 539 32.37 22.10 43.21
N ARG A 540 32.85 20.87 43.13
CA ARG A 540 32.40 19.83 44.02
C ARG A 540 32.88 20.09 45.42
N ILE A 541 34.05 20.70 45.54
CA ILE A 541 34.53 21.08 46.85
C ILE A 541 33.72 22.23 47.41
N LEU A 542 33.61 23.31 46.62
CA LEU A 542 32.98 24.53 47.08
C LEU A 542 31.51 24.35 47.35
N LYS A 543 30.86 23.48 46.60
CA LYS A 543 29.52 23.07 46.94
C LYS A 543 29.55 22.11 48.11
N LEU A 544 30.49 21.19 48.10
CA LEU A 544 30.44 20.09 49.03
C LEU A 544 30.92 20.47 50.40
N ASP A 545 31.94 21.32 50.48
CA ASP A 545 32.40 21.74 51.79
C ASP A 545 31.32 22.57 52.47
N GLY A 546 31.20 23.79 52.10
CA GLY A 546 29.97 24.51 52.35
C GLY A 546 29.62 25.50 51.26
N LYS A 547 30.63 26.17 50.71
CA LYS A 547 30.62 27.63 50.67
C LYS A 547 29.77 28.22 49.57
N ASP A 548 30.12 28.02 48.31
CA ASP A 548 29.56 28.82 47.24
C ASP A 548 29.04 27.93 46.15
N TYR A 549 28.23 26.96 46.54
CA TYR A 549 27.61 25.95 45.70
C TYR A 549 26.99 26.54 44.45
N ARG A 550 26.24 27.62 44.61
CA ARG A 550 25.69 28.37 43.50
C ARG A 550 26.76 28.96 42.62
N PRO A 551 27.81 29.53 43.19
CA PRO A 551 28.94 29.93 42.36
C PRO A 551 29.72 28.73 41.90
N GLU A 552 29.75 27.67 42.71
CA GLU A 552 30.39 26.44 42.27
C GLU A 552 29.62 25.85 41.11
N GLU A 553 28.29 25.85 41.21
CA GLU A 553 27.46 25.48 40.08
C GLU A 553 27.62 26.42 38.91
N GLN A 554 27.83 27.70 39.17
CA GLN A 554 28.00 28.66 38.11
C GLN A 554 29.30 28.42 37.38
N ALA A 555 30.37 28.16 38.14
CA ALA A 555 31.66 27.87 37.58
C ALA A 555 31.63 26.59 36.78
N ALA A 556 30.94 25.58 37.31
CA ALA A 556 30.79 24.34 36.59
C ALA A 556 29.91 24.54 35.36
N PHE A 557 28.93 25.42 35.46
CA PHE A 557 28.03 25.65 34.35
C PHE A 557 28.73 26.35 33.21
N ASP A 558 29.48 27.38 33.55
CA ASP A 558 30.23 28.12 32.55
C ASP A 558 31.32 27.26 31.96
N LEU A 559 31.96 26.44 32.78
CA LEU A 559 32.97 25.53 32.27
C LEU A 559 32.32 24.45 31.43
N LEU A 560 31.10 24.09 31.78
CA LEU A 560 30.36 23.10 31.01
C LEU A 560 30.02 23.65 29.66
N ARG A 561 29.64 24.92 29.63
CA ARG A 561 29.36 25.59 28.38
C ARG A 561 30.63 25.70 27.56
N ASP A 562 31.70 26.16 28.20
CA ASP A 562 32.97 26.37 27.54
C ASP A 562 33.52 25.08 27.00
N GLY A 563 33.28 24.01 27.72
CA GLY A 563 33.54 22.68 27.27
C GLY A 563 32.76 22.35 26.01
N LEU A 564 31.51 22.73 25.94
CA LEU A 564 30.77 22.48 24.74
C LEU A 564 30.88 23.62 23.75
N LEU A 565 31.46 24.75 24.18
CA LEU A 565 31.64 25.88 23.28
C LEU A 565 32.54 25.51 22.12
N ASP A 566 33.55 24.71 22.40
CA ASP A 566 34.20 23.96 21.35
C ASP A 566 33.19 23.03 20.71
N GLY A 567 32.91 23.23 19.43
CA GLY A 567 33.54 24.24 18.60
C GLY A 567 33.34 23.76 17.20
N ILE A 568 32.97 24.63 16.27
CA ILE A 568 32.44 24.15 15.00
C ILE A 568 32.71 25.17 13.91
N SER A 569 32.79 24.67 12.67
CA SER A 569 32.63 25.49 11.48
C SER A 569 31.22 26.05 11.49
N ASN A 570 31.07 27.37 11.50
CA ASN A 570 32.19 28.27 11.29
C ASN A 570 32.50 29.18 12.53
N ARG A 571 31.63 30.03 13.13
CA ARG A 571 30.24 30.39 12.78
C ARG A 571 30.24 31.40 11.65
N LYS A 572 29.36 31.12 10.71
CA LYS A 572 29.48 31.66 9.38
C LYS A 572 28.98 33.08 9.22
N SER A 573 28.67 33.39 7.97
CA SER A 573 28.20 34.71 7.58
C SER A 573 27.10 34.72 6.52
N THR A 574 26.40 33.63 6.27
CA THR A 574 25.84 33.37 4.94
C THR A 574 24.59 34.18 4.62
N PRO A 575 24.54 34.84 3.47
CA PRO A 575 23.30 35.46 2.97
C PRO A 575 22.38 34.47 2.29
N LYS A 576 21.49 33.93 3.05
CA LYS A 576 20.45 33.03 2.59
C LYS A 576 19.60 33.76 1.54
N LEU A 577 19.03 33.06 0.57
CA LEU A 577 18.28 33.78 -0.47
C LEU A 577 16.93 33.14 -0.82
N ASP A 578 16.93 31.81 -0.86
CA ASP A 578 16.18 30.94 -1.76
C ASP A 578 14.75 31.32 -2.17
N VAL A 579 13.95 31.72 -1.19
CA VAL A 579 12.72 30.99 -0.79
C VAL A 579 11.91 30.35 -1.96
N TYR A 580 11.50 31.03 -3.05
CA TYR A 580 11.27 32.44 -3.27
C TYR A 580 9.86 32.76 -2.79
N SER A 581 9.40 33.98 -3.05
CA SER A 581 8.38 34.72 -2.30
C SER A 581 7.11 34.01 -1.93
N ASP A 582 6.38 33.66 -2.97
CA ASP A 582 5.11 32.96 -2.97
C ASP A 582 5.11 31.65 -2.22
N GLN A 583 6.27 31.07 -1.97
CA GLN A 583 6.33 29.73 -1.46
C GLN A 583 5.93 29.64 -0.02
N ILE A 584 5.70 28.42 0.39
CA ILE A 584 5.63 28.12 1.80
C ILE A 584 6.48 26.89 2.03
N VAL A 585 7.28 26.98 2.99
CA VAL A 585 8.14 25.88 3.35
C VAL A 585 7.57 25.25 4.57
N TRP A 586 7.29 23.98 4.44
CA TRP A 586 6.69 23.25 5.54
C TRP A 586 7.55 22.04 5.82
N GLY A 587 8.03 21.97 7.06
CA GLY A 587 8.79 20.83 7.53
C GLY A 587 7.98 20.00 8.50
N ARG A 588 8.54 18.87 8.92
CA ARG A 588 7.77 17.84 9.62
C ARG A 588 8.74 16.75 10.07
N SER A 589 8.36 16.03 11.11
CA SER A 589 9.30 15.08 11.66
C SER A 589 8.69 14.01 12.54
N PRO A 590 9.11 12.81 12.41
CA PRO A 590 8.66 11.78 13.32
C PRO A 590 9.32 11.88 14.67
N VAL A 591 8.96 11.00 15.60
CA VAL A 591 9.42 11.13 16.97
C VAL A 591 10.06 9.83 17.42
N ARG A 592 11.30 9.93 17.89
CA ARG A 592 12.03 8.80 18.42
C ARG A 592 11.33 8.23 19.62
N ILE A 593 11.64 6.98 19.90
CA ILE A 593 11.76 6.53 21.26
C ILE A 593 13.08 5.79 21.28
N ASP A 594 13.53 5.46 22.47
CA ASP A 594 14.77 4.74 22.64
C ASP A 594 14.44 3.41 23.25
N MET A 595 14.65 2.34 22.51
CA MET A 595 14.36 1.03 23.03
C MET A 595 15.34 0.72 24.14
N ALA A 596 16.58 0.76 23.83
CA ALA A 596 17.61 0.61 24.82
C ALA A 596 18.52 1.79 24.68
N GLY A 597 19.72 1.67 25.23
CA GLY A 597 20.82 2.57 24.97
C GLY A 597 20.50 3.92 25.52
N GLY A 598 20.34 3.97 26.82
CA GLY A 598 19.60 5.00 27.50
C GLY A 598 20.49 6.19 27.64
N TRP A 599 20.89 6.53 28.84
CA TRP A 599 21.59 7.79 28.98
C TRP A 599 23.07 7.69 28.72
N THR A 600 23.49 6.70 27.92
CA THR A 600 24.78 6.67 27.24
C THR A 600 24.98 7.82 26.29
N ASP A 601 23.93 8.57 26.03
CA ASP A 601 23.92 9.89 25.44
C ASP A 601 24.42 10.87 26.49
N THR A 602 24.17 12.16 26.30
CA THR A 602 24.12 13.16 27.35
C THR A 602 25.46 13.40 28.02
N PRO A 603 26.33 14.22 27.41
CA PRO A 603 27.55 14.66 28.08
C PRO A 603 27.27 15.16 29.49
N PRO A 604 27.91 14.57 30.50
CA PRO A 604 28.97 13.57 30.46
C PRO A 604 28.50 12.18 30.11
N TYR A 605 29.11 11.67 29.06
CA TYR A 605 28.87 10.35 28.52
C TYR A 605 29.51 9.35 29.44
N SER A 606 30.05 8.28 28.88
CA SER A 606 31.23 7.73 29.52
C SER A 606 32.14 8.88 29.96
N LEU A 607 32.69 9.63 29.02
CA LEU A 607 32.78 11.08 29.20
C LEU A 607 32.21 11.86 28.02
N TYR A 608 32.51 11.55 26.74
CA TYR A 608 33.75 11.06 26.09
C TYR A 608 34.37 9.70 26.48
N SER A 609 33.90 8.56 25.98
CA SER A 609 33.40 8.27 24.64
C SER A 609 32.69 6.95 24.75
N GLY A 610 31.69 6.64 23.95
CA GLY A 610 30.92 7.60 23.21
C GLY A 610 29.66 7.32 23.94
N GLY A 611 28.80 6.55 23.29
CA GLY A 611 27.69 5.93 23.94
C GLY A 611 27.34 4.76 23.06
N ASN A 612 26.06 4.42 23.00
CA ASN A 612 25.28 4.18 21.79
C ASN A 612 23.89 3.79 22.23
N VAL A 613 22.92 4.09 21.39
CA VAL A 613 21.57 4.29 21.85
C VAL A 613 20.60 3.31 21.28
N VAL A 614 20.95 2.69 20.18
CA VAL A 614 20.14 2.52 19.00
C VAL A 614 18.66 2.62 19.26
N ASN A 615 17.99 3.57 18.61
CA ASN A 615 16.72 3.86 19.22
C ASN A 615 15.49 3.48 18.39
N LEU A 616 15.05 4.31 17.44
CA LEU A 616 14.14 4.14 16.29
C LEU A 616 13.77 5.56 15.89
N ALA A 617 12.86 5.72 14.92
CA ALA A 617 12.36 7.05 14.64
C ALA A 617 10.95 6.96 14.09
N ILE A 618 9.94 7.09 14.94
CA ILE A 618 8.59 6.71 14.50
C ILE A 618 7.55 7.78 14.73
N GLU A 619 6.33 7.43 14.41
CA GLU A 619 5.37 8.40 13.92
C GLU A 619 4.08 8.21 14.70
N LEU A 620 3.46 9.30 15.09
CA LEU A 620 2.13 9.18 15.63
C LEU A 620 1.10 9.48 14.60
N ASN A 621 0.02 8.74 14.68
CA ASN A 621 -0.76 8.20 13.59
C ASN A 621 -0.64 8.93 12.25
N GLY A 622 -0.71 10.25 12.31
CA GLY A 622 -0.50 11.16 11.23
C GLY A 622 -1.01 12.33 11.98
N GLN A 623 -0.40 13.49 11.90
CA GLN A 623 0.74 13.87 11.11
C GLN A 623 2.07 13.50 11.87
N PRO A 624 3.30 13.77 11.36
CA PRO A 624 4.47 13.04 11.86
C PRO A 624 4.77 13.22 13.34
N PRO A 625 4.32 14.26 14.02
CA PRO A 625 3.86 15.63 14.02
C PRO A 625 5.08 16.46 13.99
N LEU A 626 5.09 17.53 14.77
CA LEU A 626 6.25 18.38 14.94
C LEU A 626 6.52 19.07 13.64
N GLN A 627 5.66 19.96 13.27
CA GLN A 627 5.75 20.43 11.92
C GLN A 627 5.74 21.92 11.87
N VAL A 628 6.54 22.43 10.94
CA VAL A 628 6.99 23.79 11.01
C VAL A 628 6.72 24.44 9.68
N TYR A 629 6.21 25.65 9.74
CA TYR A 629 5.87 26.42 8.56
C TYR A 629 6.64 27.69 8.71
N VAL A 630 7.06 28.26 7.61
CA VAL A 630 7.91 29.41 7.71
C VAL A 630 7.76 30.23 6.45
N LYS A 631 7.63 31.52 6.62
CA LYS A 631 7.30 32.23 5.40
C LYS A 631 7.87 33.63 5.38
N PRO A 632 8.11 34.11 4.19
CA PRO A 632 8.34 35.55 4.02
C PRO A 632 7.07 36.36 4.16
N CYS A 633 7.26 37.66 4.34
CA CYS A 633 6.22 38.61 4.63
C CYS A 633 6.70 39.98 4.19
N LYS A 634 6.16 41.01 4.81
CA LYS A 634 6.26 42.34 4.26
C LYS A 634 6.83 43.36 5.23
N ASP A 635 7.32 42.94 6.36
CA ASP A 635 7.17 43.78 7.54
C ASP A 635 8.24 43.43 8.54
N PHE A 636 9.29 44.24 8.60
CA PHE A 636 10.63 43.70 8.79
C PHE A 636 10.88 43.29 10.23
N HIS A 637 10.02 42.44 10.74
CA HIS A 637 10.04 42.07 12.14
C HIS A 637 9.79 40.59 12.24
N ILE A 638 10.79 39.86 12.66
CA ILE A 638 10.73 38.42 12.56
C ILE A 638 9.76 37.88 13.57
N VAL A 639 8.63 37.40 13.08
CA VAL A 639 7.57 36.97 13.96
C VAL A 639 7.77 35.51 14.20
N LEU A 640 7.88 35.15 15.44
CA LEU A 640 7.78 33.76 15.77
C LEU A 640 6.35 33.49 16.17
N ARG A 641 5.82 32.44 15.63
CA ARG A 641 4.41 32.20 15.85
C ARG A 641 4.21 30.76 16.24
N SER A 642 3.57 30.56 17.36
CA SER A 642 3.40 29.19 17.80
C SER A 642 1.93 28.87 17.92
N ILE A 643 1.70 27.59 18.13
CA ILE A 643 0.37 27.04 18.26
C ILE A 643 0.47 26.00 19.34
N ASP A 644 -0.61 25.93 20.13
CA ASP A 644 -0.95 25.37 21.43
C ASP A 644 -0.51 26.32 22.53
N MET A 645 0.24 27.34 22.16
CA MET A 645 0.55 28.38 23.12
C MET A 645 0.56 29.75 22.49
N GLY A 646 0.92 29.81 21.22
CA GLY A 646 1.59 30.96 20.69
C GLY A 646 0.61 32.05 20.36
N ALA A 647 0.80 33.19 20.98
CA ALA A 647 0.22 34.38 20.36
C ALA A 647 1.14 34.76 19.21
N MET A 648 2.33 35.21 19.53
CA MET A 648 3.30 35.69 18.57
C MET A 648 4.57 35.92 19.34
N GLU A 649 5.66 36.03 18.60
CA GLU A 649 6.82 36.74 19.09
C GLU A 649 7.30 37.67 18.01
N ILE A 650 6.99 38.93 18.19
CA ILE A 650 7.48 39.98 17.33
C ILE A 650 8.93 40.19 17.70
N VAL A 651 9.83 40.05 16.74
CA VAL A 651 11.25 40.16 17.04
C VAL A 651 11.90 40.91 15.90
N SER A 652 12.55 42.03 16.23
CA SER A 652 13.79 42.43 15.55
C SER A 652 14.56 43.33 16.52
N THR A 653 15.44 42.75 17.32
CA THR A 653 16.19 43.60 18.23
C THR A 653 17.70 43.39 18.43
N PHE A 654 18.37 42.31 18.05
CA PHE A 654 17.99 40.91 18.09
C PHE A 654 17.24 40.43 19.35
N ASP A 655 17.73 40.56 20.59
CA ASP A 655 18.77 41.49 21.06
C ASP A 655 20.18 40.98 21.06
N GLU A 656 20.45 39.68 20.97
CA GLU A 656 21.85 39.38 21.25
C GLU A 656 22.73 38.67 20.21
N LEU A 657 22.38 37.58 19.53
CA LEU A 657 21.07 37.03 19.27
C LEU A 657 20.79 35.71 19.98
N GLN A 658 19.60 35.60 20.57
CA GLN A 658 18.74 34.46 20.27
C GLN A 658 19.32 33.04 20.28
N ASP A 659 19.59 32.35 21.40
CA ASP A 659 19.80 32.75 22.79
C ASP A 659 18.74 33.49 23.55
N TYR A 660 17.70 32.80 23.94
CA TYR A 660 17.04 33.20 25.16
C TYR A 660 16.70 31.94 25.92
N LYS A 661 17.37 31.76 27.04
CA LYS A 661 16.77 31.07 28.14
C LYS A 661 15.82 32.01 28.86
N LYS A 662 15.90 33.31 28.56
CA LYS A 662 14.88 34.29 28.83
C LYS A 662 13.59 33.82 28.20
N ILE A 663 12.47 34.43 28.61
CA ILE A 663 11.26 33.76 29.06
C ILE A 663 10.98 32.50 28.28
N GLY A 664 10.80 31.40 28.99
CA GLY A 664 10.74 30.07 28.41
C GLY A 664 9.49 29.77 27.61
N SER A 665 8.85 30.81 27.06
CA SER A 665 8.05 30.72 25.86
C SER A 665 8.93 29.99 24.87
N PRO A 666 8.49 28.80 24.43
CA PRO A 666 9.35 27.92 23.64
C PRO A 666 9.71 28.45 22.28
N PHE A 667 9.15 29.61 21.95
CA PHE A 667 9.78 30.63 21.14
C PHE A 667 11.26 30.80 21.37
N SER A 668 11.72 30.59 22.60
CA SER A 668 13.10 30.28 22.93
C SER A 668 13.78 29.37 21.92
N ILE A 669 13.12 28.32 21.47
CA ILE A 669 13.77 27.41 20.55
C ILE A 669 13.99 28.07 19.18
N PRO A 670 13.00 28.76 18.59
CA PRO A 670 13.31 29.49 17.36
C PRO A 670 14.31 30.59 17.47
N LYS A 671 14.54 31.11 18.68
CA LYS A 671 15.62 32.07 18.85
C LYS A 671 16.92 31.47 18.38
N ALA A 672 17.26 30.34 18.98
CA ALA A 672 18.39 29.54 18.58
C ALA A 672 18.29 29.10 17.16
N ALA A 673 17.08 28.97 16.62
CA ALA A 673 17.01 28.69 15.21
C ALA A 673 17.46 29.87 14.38
N LEU A 674 17.39 31.07 14.93
CA LEU A 674 18.06 32.10 14.16
C LEU A 674 19.56 32.07 14.38
N SER A 675 20.05 31.35 15.37
CA SER A 675 21.49 31.19 15.47
C SER A 675 21.98 30.24 14.39
N LEU A 676 22.03 30.77 13.19
CA LEU A 676 22.52 30.07 12.03
C LEU A 676 24.02 30.04 12.15
N ALA A 677 24.57 31.23 12.19
CA ALA A 677 25.73 31.66 12.96
C ALA A 677 25.38 32.36 14.26
N GLY A 678 24.43 33.33 14.34
CA GLY A 678 23.61 33.99 13.32
C GLY A 678 24.15 35.34 12.93
N PHE A 679 25.47 35.50 13.00
CA PHE A 679 26.10 36.74 12.58
C PHE A 679 26.83 36.54 11.27
N ALA A 680 27.51 37.60 10.90
CA ALA A 680 27.99 37.91 9.57
C ALA A 680 28.59 39.31 9.58
N PRO A 681 29.35 39.63 8.57
CA PRO A 681 29.42 41.00 8.05
C PRO A 681 28.14 41.39 7.33
N ALA A 682 27.89 42.68 7.27
CA ALA A 682 28.56 43.71 8.04
C ALA A 682 27.40 44.42 8.63
N PHE A 683 26.41 43.61 8.92
CA PHE A 683 25.09 44.10 9.27
C PHE A 683 25.10 44.65 10.67
N SER A 684 23.96 45.15 11.11
CA SER A 684 23.83 45.68 12.45
C SER A 684 22.41 45.46 12.96
N ALA A 685 22.15 46.09 14.11
CA ALA A 685 20.92 45.86 14.85
C ALA A 685 19.72 46.41 14.11
N VAL A 686 19.81 47.64 13.66
CA VAL A 686 18.77 48.15 12.80
C VAL A 686 18.79 47.39 11.48
N SER A 687 19.97 46.98 11.06
CA SER A 687 20.15 46.48 9.71
C SER A 687 19.94 44.98 9.74
N TYR A 688 19.00 44.55 10.54
CA TYR A 688 18.32 43.33 10.19
C TYR A 688 17.53 43.62 8.93
N ALA A 689 17.10 44.88 8.80
CA ALA A 689 16.84 45.50 7.51
C ALA A 689 17.84 45.05 6.45
N SER A 690 19.12 45.17 6.72
CA SER A 690 20.09 44.65 5.77
C SER A 690 20.08 43.14 5.75
N LEU A 691 19.94 42.52 6.91
CA LEU A 691 20.00 41.07 7.01
C LEU A 691 18.98 40.42 6.12
N GLU A 692 17.71 40.66 6.42
CA GLU A 692 16.59 40.28 5.58
C GLU A 692 16.74 40.91 4.22
N GLU A 693 16.71 42.19 4.17
CA GLU A 693 16.58 42.87 2.96
C GLU A 693 17.85 43.13 2.27
N GLN A 694 18.80 42.21 2.38
CA GLN A 694 19.56 41.71 1.25
C GLN A 694 19.52 40.20 1.19
N LEU A 695 19.33 39.55 2.34
CA LEU A 695 19.26 38.11 2.39
C LEU A 695 18.09 37.59 1.60
N LYS A 696 16.89 37.77 2.12
CA LYS A 696 15.78 36.99 1.60
C LYS A 696 15.30 37.34 0.18
N ASP A 697 15.36 38.60 -0.30
CA ASP A 697 15.56 39.94 0.25
C ASP A 697 14.17 40.35 0.69
N PHE A 698 13.18 40.13 -0.19
CA PHE A 698 11.86 39.56 0.11
C PHE A 698 11.26 39.98 1.45
N GLY A 699 10.86 41.24 1.54
CA GLY A 699 11.04 42.05 2.72
C GLY A 699 10.34 41.59 3.97
N ALA A 700 10.70 40.40 4.44
CA ALA A 700 9.88 39.74 5.40
C ALA A 700 9.97 40.30 6.78
N GLY A 701 11.14 40.19 7.40
CA GLY A 701 11.10 40.09 8.84
C GLY A 701 10.37 38.81 9.12
N ILE A 702 11.01 37.70 8.82
CA ILE A 702 10.44 36.41 8.47
C ILE A 702 9.43 35.92 9.49
N GLU A 703 8.39 35.27 9.07
CA GLU A 703 7.47 34.84 10.09
C GLU A 703 7.32 33.34 10.02
N VAL A 704 7.64 32.72 11.13
CA VAL A 704 7.99 31.33 11.20
C VAL A 704 7.04 30.69 12.16
N THR A 705 6.44 29.60 11.75
CA THR A 705 5.29 29.16 12.49
C THR A 705 5.35 27.66 12.65
N LEU A 706 5.65 27.25 13.84
CA LEU A 706 5.88 25.86 14.16
C LEU A 706 4.56 25.20 14.46
N LEU A 707 4.65 23.94 14.87
CA LEU A 707 3.58 23.25 15.56
C LEU A 707 4.12 21.99 16.21
N ALA A 708 3.97 21.89 17.52
CA ALA A 708 4.11 20.61 18.17
C ALA A 708 2.74 20.08 18.55
N ALA A 709 2.59 18.78 18.52
CA ALA A 709 1.35 18.15 18.94
C ALA A 709 1.42 17.76 20.41
N ILE A 710 2.61 17.44 20.91
CA ILE A 710 2.73 16.85 22.23
C ILE A 710 3.46 17.85 23.11
N PRO A 711 3.09 17.99 24.37
CA PRO A 711 3.88 18.79 25.29
C PRO A 711 5.28 18.23 25.46
N ALA A 712 6.18 19.09 25.94
CA ALA A 712 7.56 18.71 26.22
C ALA A 712 7.69 17.74 27.37
N GLY A 713 6.62 17.53 28.13
CA GLY A 713 6.53 16.45 29.09
C GLY A 713 6.24 15.12 28.43
N SER A 714 7.01 14.80 27.40
CA SER A 714 6.82 13.57 26.67
C SER A 714 7.83 12.55 27.09
N GLY A 715 9.05 12.99 27.32
CA GLY A 715 10.16 12.07 27.38
C GLY A 715 10.36 11.51 26.00
N LEU A 716 10.18 12.38 25.01
CA LEU A 716 10.39 12.00 23.63
C LEU A 716 11.31 12.98 22.93
N GLY A 717 11.99 13.82 23.68
CA GLY A 717 12.97 14.74 23.13
C GLY A 717 12.41 15.78 22.20
N THR A 718 11.13 16.09 22.35
CA THR A 718 10.39 16.77 21.31
C THR A 718 10.90 18.16 21.06
N SER A 719 11.40 18.79 22.12
CA SER A 719 12.04 20.08 22.00
C SER A 719 13.21 20.02 21.06
N SER A 720 14.08 19.04 21.28
CA SER A 720 15.32 18.96 20.52
C SER A 720 15.03 18.68 19.08
N ILE A 721 14.13 17.73 18.86
CA ILE A 721 13.74 17.33 17.53
C ILE A 721 13.14 18.51 16.80
N LEU A 722 12.34 19.26 17.53
CA LEU A 722 11.64 20.38 16.95
C LEU A 722 12.59 21.42 16.46
N ALA A 723 13.55 21.77 17.31
CA ALA A 723 14.58 22.72 16.96
C ALA A 723 15.32 22.29 15.72
N SER A 724 15.70 21.01 15.69
CA SER A 724 16.43 20.47 14.58
C SER A 724 15.63 20.57 13.31
N THR A 725 14.34 20.37 13.43
CA THR A 725 13.52 20.36 12.25
C THR A 725 13.42 21.76 11.71
N VAL A 726 13.40 22.73 12.60
CA VAL A 726 13.38 24.11 12.18
C VAL A 726 14.64 24.42 11.43
N LEU A 727 15.73 23.88 11.90
CA LEU A 727 16.99 24.18 11.25
C LEU A 727 17.04 23.55 9.89
N GLY A 728 16.45 22.37 9.74
CA GLY A 728 16.29 21.81 8.43
C GLY A 728 15.44 22.66 7.54
N ALA A 729 14.44 23.28 8.10
CA ALA A 729 13.64 24.19 7.31
C ALA A 729 14.40 25.43 6.94
N ILE A 730 15.36 25.84 7.75
CA ILE A 730 16.11 27.02 7.40
C ILE A 730 17.06 26.70 6.28
N ASN A 731 17.71 25.57 6.46
CA ASN A 731 18.57 24.98 5.47
C ASN A 731 17.88 24.85 4.13
N ASP A 732 16.61 24.53 4.14
CA ASP A 732 15.92 24.66 2.88
C ASP A 732 15.70 26.11 2.60
N PHE A 733 15.41 26.86 3.65
CA PHE A 733 14.41 27.90 3.54
C PHE A 733 14.90 29.02 2.72
N CYS A 734 15.90 29.68 3.21
CA CYS A 734 16.41 30.75 2.44
C CYS A 734 17.79 30.41 1.96
N GLY A 735 18.42 29.40 2.53
CA GLY A 735 19.60 28.91 1.87
C GLY A 735 20.51 28.06 2.72
N LEU A 736 21.82 28.25 2.51
CA LEU A 736 22.97 27.75 3.26
C LEU A 736 23.26 26.25 3.11
N ALA A 737 22.38 25.47 2.49
CA ALA A 737 22.71 24.16 1.92
C ALA A 737 23.41 23.14 2.81
N TRP A 738 22.74 22.58 3.81
CA TRP A 738 23.43 21.69 4.74
C TRP A 738 23.04 20.23 4.65
N ASP A 739 23.58 19.47 5.58
CA ASP A 739 23.40 18.05 5.72
C ASP A 739 22.71 17.73 7.03
N LYS A 740 21.78 16.77 6.93
CA LYS A 740 21.14 16.04 8.02
C LYS A 740 22.01 15.90 9.24
N ASN A 741 23.19 15.37 8.99
CA ASN A 741 24.15 15.20 10.04
C ASN A 741 24.65 16.52 10.54
N GLU A 742 25.10 17.39 9.64
CA GLU A 742 25.60 18.64 10.16
C GLU A 742 24.50 19.54 10.62
N ILE A 743 23.30 19.34 10.11
CA ILE A 743 22.12 19.90 10.74
C ILE A 743 22.11 19.53 12.20
N CYS A 744 22.23 18.23 12.49
CA CYS A 744 22.16 17.80 13.86
C CYS A 744 23.37 18.24 14.64
N GLN A 745 24.49 18.41 13.96
CA GLN A 745 25.70 18.89 14.60
C GLN A 745 25.48 20.28 15.14
N ARG A 746 25.11 21.19 14.24
CA ARG A 746 24.85 22.56 14.60
C ARG A 746 23.70 22.66 15.57
N THR A 747 22.81 21.69 15.52
CA THR A 747 21.71 21.64 16.46
C THR A 747 22.20 21.40 17.85
N LEU A 748 23.07 20.42 17.97
CA LEU A 748 23.64 20.10 19.25
C LEU A 748 24.48 21.24 19.74
N VAL A 749 25.15 21.90 18.81
CA VAL A 749 25.95 23.07 19.10
C VAL A 749 25.10 24.13 19.76
N LEU A 750 23.95 24.40 19.18
CA LEU A 750 23.14 25.39 19.85
C LEU A 750 22.42 24.83 21.04
N GLU A 751 22.27 23.52 21.11
CA GLU A 751 21.64 22.91 22.25
C GLU A 751 22.47 23.11 23.51
N GLN A 752 23.79 23.21 23.33
CA GLN A 752 24.64 23.78 24.37
C GLN A 752 24.06 25.06 24.94
N LEU A 753 23.88 26.08 24.11
CA LEU A 753 23.46 27.35 24.63
C LEU A 753 21.99 27.37 24.94
N LEU A 754 21.28 26.35 24.51
CA LEU A 754 19.94 26.14 24.98
C LEU A 754 19.92 25.72 26.41
N THR A 755 21.04 25.23 26.92
CA THR A 755 21.33 24.94 28.31
C THR A 755 20.50 23.82 28.89
N THR A 756 19.67 23.16 28.11
CA THR A 756 19.18 21.88 28.54
C THR A 756 20.31 20.88 28.41
N GLY A 757 20.35 19.90 29.31
CA GLY A 757 21.23 18.75 29.15
C GLY A 757 20.99 18.08 27.82
N GLY A 758 22.05 17.82 27.07
CA GLY A 758 21.80 17.47 25.69
C GLY A 758 21.43 16.02 25.57
N GLY A 759 20.14 15.78 25.70
CA GLY A 759 19.54 14.54 25.29
C GLY A 759 19.63 14.61 23.79
N TRP A 760 20.50 13.79 23.23
CA TRP A 760 21.05 14.07 21.93
C TRP A 760 20.84 12.93 20.93
N GLN A 761 20.84 11.70 21.41
CA GLN A 761 20.23 10.53 20.79
C GLN A 761 19.00 10.78 19.94
N ASP A 762 18.10 11.58 20.48
CA ASP A 762 16.84 11.85 19.84
C ASP A 762 17.03 12.63 18.56
N GLN A 763 17.92 13.62 18.57
CA GLN A 763 17.98 14.52 17.45
C GLN A 763 18.59 13.85 16.25
N TYR A 764 19.32 12.78 16.46
CA TYR A 764 19.57 11.92 15.32
C TYR A 764 18.47 10.94 15.14
N GLY A 765 17.75 10.64 16.20
CA GLY A 765 16.85 9.54 16.11
C GLY A 765 15.68 9.93 15.27
N GLY A 766 14.82 10.75 15.85
CA GLY A 766 13.53 11.06 15.28
C GLY A 766 13.57 11.82 13.98
N VAL A 767 14.75 12.11 13.45
CA VAL A 767 14.77 12.76 12.18
C VAL A 767 15.01 11.79 11.05
N LEU A 768 15.42 10.56 11.33
CA LEU A 768 16.18 9.89 10.29
C LEU A 768 15.51 8.64 9.75
N GLN A 769 15.44 7.54 10.54
CA GLN A 769 14.63 6.32 10.45
C GLN A 769 15.06 5.37 11.57
N GLY A 770 14.54 4.14 11.55
CA GLY A 770 14.54 3.25 12.71
C GLY A 770 15.79 2.57 13.25
N VAL A 771 16.78 3.36 13.64
CA VAL A 771 18.05 2.91 14.18
C VAL A 771 18.72 4.17 14.73
N LYS A 772 19.87 4.09 15.42
CA LYS A 772 20.66 5.30 15.27
C LYS A 772 22.11 5.24 14.68
N LEU A 773 23.02 4.29 14.92
CA LEU A 773 23.36 3.54 16.10
C LEU A 773 24.79 4.13 16.36
N LEU A 774 25.60 3.59 17.27
CA LEU A 774 27.00 3.97 17.51
C LEU A 774 27.49 5.34 17.97
N GLN A 775 27.10 5.85 19.14
CA GLN A 775 27.73 7.06 19.66
C GLN A 775 29.14 6.73 20.09
N THR A 776 30.11 7.46 19.61
CA THR A 776 31.38 6.78 19.57
C THR A 776 32.54 7.54 20.19
N GLU A 777 32.54 8.83 20.00
CA GLU A 777 33.75 9.63 20.08
C GLU A 777 33.63 10.64 21.22
N ALA A 778 32.55 11.43 21.18
CA ALA A 778 31.96 12.13 22.31
C ALA A 778 32.91 13.13 22.98
N GLY A 779 33.91 13.55 22.23
CA GLY A 779 34.87 14.55 22.62
C GLY A 779 35.41 15.05 21.31
N PHE A 780 35.44 16.36 21.09
CA PHE A 780 34.93 17.33 22.07
C PHE A 780 33.88 18.33 21.52
N ALA A 781 32.65 17.88 21.29
CA ALA A 781 32.22 16.48 21.33
C ALA A 781 32.10 15.98 19.91
N GLN A 782 32.85 14.94 19.57
CA GLN A 782 32.71 14.50 18.20
C GLN A 782 31.49 13.58 18.07
N SER A 783 30.84 13.68 16.91
CA SER A 783 29.55 13.06 16.75
C SER A 783 29.18 12.57 15.34
N PRO A 784 29.90 11.61 14.80
CA PRO A 784 29.26 10.46 14.15
C PRO A 784 28.87 9.47 15.24
N LEU A 785 28.51 8.23 14.96
CA LEU A 785 27.15 7.75 15.13
C LEU A 785 26.46 7.86 13.80
N VAL A 786 26.60 6.79 13.03
CA VAL A 786 25.53 6.28 12.18
C VAL A 786 25.85 4.84 11.87
N ARG A 787 24.80 4.00 11.88
CA ARG A 787 24.46 2.99 10.87
C ARG A 787 23.18 2.31 11.29
N TRP A 788 22.75 1.29 10.55
CA TRP A 788 21.35 1.01 10.41
C TRP A 788 21.00 -0.41 10.78
N LEU A 789 19.77 -0.79 10.50
CA LEU A 789 19.16 -1.97 11.07
C LEU A 789 17.78 -2.19 10.49
N PRO A 790 17.28 -3.41 10.42
CA PRO A 790 15.96 -3.66 9.83
C PRO A 790 14.81 -3.70 10.81
N ASP A 791 13.69 -3.10 10.41
CA ASP A 791 12.47 -3.09 11.21
C ASP A 791 11.26 -3.06 10.28
N HIS A 792 10.66 -4.18 9.85
CA HIS A 792 11.04 -5.59 9.95
C HIS A 792 11.12 -6.16 11.34
N LEU A 793 9.94 -6.54 11.81
CA LEU A 793 9.46 -6.97 13.12
C LEU A 793 9.05 -5.73 13.85
N PHE A 794 9.24 -4.58 13.27
CA PHE A 794 8.30 -3.55 13.63
C PHE A 794 7.32 -3.41 12.51
N THR A 795 7.67 -3.97 11.38
CA THR A 795 6.84 -4.02 10.19
C THR A 795 7.07 -5.38 9.59
N HIS A 796 6.56 -5.57 8.39
CA HIS A 796 6.07 -6.80 7.79
C HIS A 796 5.25 -7.55 8.84
N PRO A 797 4.40 -6.83 9.57
CA PRO A 797 4.44 -6.83 11.04
C PRO A 797 4.28 -8.17 11.70
N GLU A 798 4.57 -8.22 12.99
CA GLU A 798 5.28 -9.38 13.53
C GLU A 798 4.65 -10.76 13.32
N TYR A 799 3.34 -10.97 13.51
CA TYR A 799 2.26 -10.13 14.08
C TYR A 799 2.10 -10.48 15.51
N LYS A 800 3.01 -11.32 16.01
CA LYS A 800 3.08 -11.55 17.44
C LYS A 800 3.41 -10.23 18.08
N ASP A 801 2.37 -9.60 18.66
CA ASP A 801 2.07 -8.17 18.54
C ASP A 801 3.27 -7.25 18.37
N CYS A 802 3.52 -6.55 17.23
CA CYS A 802 2.67 -5.84 16.24
C CYS A 802 1.97 -4.83 17.11
N HIS A 803 2.81 -3.87 17.45
CA HIS A 803 3.42 -3.45 18.70
C HIS A 803 2.60 -2.57 19.65
N LEU A 804 3.35 -1.73 20.36
CA LEU A 804 3.40 -1.51 21.80
C LEU A 804 2.69 -0.41 22.60
N LEU A 805 2.85 0.89 22.28
CA LEU A 805 1.77 1.87 22.44
C LEU A 805 1.25 2.45 23.78
N TYR A 806 1.92 3.45 24.37
CA TYR A 806 1.18 4.51 25.11
C TYR A 806 0.38 4.30 26.38
N TYR A 807 0.85 4.71 27.52
CA TYR A 807 -0.13 5.24 28.46
C TYR A 807 0.39 6.50 29.13
N THR A 808 -0.17 7.66 28.80
CA THR A 808 -0.14 8.66 29.85
C THR A 808 -1.40 8.47 30.64
N GLY A 809 -1.25 8.68 31.91
CA GLY A 809 -2.33 9.10 32.76
C GLY A 809 -1.62 10.04 33.68
N ILE A 810 -0.34 10.25 33.36
CA ILE A 810 0.63 10.79 34.28
C ILE A 810 1.31 11.94 33.57
N THR A 811 1.34 13.10 34.21
CA THR A 811 2.17 14.17 33.72
C THR A 811 3.59 14.01 34.21
N ARG A 812 4.48 14.79 33.64
CA ARG A 812 5.82 14.75 34.15
C ARG A 812 5.97 15.66 35.35
N THR A 813 7.07 15.44 36.06
CA THR A 813 7.42 16.26 37.20
C THR A 813 7.88 17.70 36.85
N ALA A 814 8.87 17.93 35.95
CA ALA A 814 9.25 17.22 34.73
C ALA A 814 10.59 16.53 34.73
N LYS A 815 11.65 17.27 34.99
CA LYS A 815 12.99 16.72 34.79
C LYS A 815 14.07 17.37 35.62
N GLY A 816 13.73 18.24 36.56
CA GLY A 816 14.69 19.17 37.13
C GLY A 816 15.78 18.55 37.97
N ILE A 817 15.61 17.28 38.32
CA ILE A 817 16.64 16.55 39.05
C ILE A 817 17.41 15.59 38.17
N LEU A 818 16.88 15.24 37.01
CA LEU A 818 17.36 14.10 36.26
C LEU A 818 18.68 14.43 35.59
N ALA A 819 18.67 15.48 34.78
CA ALA A 819 19.87 15.96 34.12
C ALA A 819 20.92 16.45 35.09
N GLU A 820 20.51 16.80 36.32
CA GLU A 820 21.48 17.01 37.37
C GLU A 820 22.25 15.73 37.64
N ILE A 821 21.55 14.65 37.97
CA ILE A 821 22.16 13.35 38.27
C ILE A 821 22.97 12.86 37.09
N VAL A 822 22.57 13.24 35.88
CA VAL A 822 23.43 13.05 34.72
C VAL A 822 24.73 13.81 34.89
N SER A 823 24.63 15.12 34.97
CA SER A 823 25.84 15.90 34.97
C SER A 823 26.42 16.02 36.36
N SER A 824 25.77 15.41 37.34
CA SER A 824 26.42 15.05 38.58
C SER A 824 26.50 13.51 38.63
N MET A 825 27.53 12.94 37.99
CA MET A 825 28.64 13.73 37.50
C MET A 825 29.18 13.17 36.23
N PHE A 826 30.35 13.68 35.91
CA PHE A 826 31.29 13.16 34.93
C PHE A 826 32.02 12.00 35.55
N LEU A 827 33.16 11.62 34.98
CA LEU A 827 34.04 10.62 35.56
C LEU A 827 34.62 11.17 36.86
N ASN A 828 33.72 11.26 37.82
CA ASN A 828 33.93 11.70 39.18
C ASN A 828 33.39 10.62 40.08
N SER A 829 32.24 10.10 39.70
CA SER A 829 31.34 9.30 40.50
C SER A 829 30.25 8.89 39.54
N SER A 830 29.80 7.65 39.58
CA SER A 830 30.05 6.66 40.62
C SER A 830 29.99 5.38 39.88
N LEU A 831 29.53 4.34 40.55
CA LEU A 831 28.91 3.19 39.91
C LEU A 831 27.85 3.51 38.84
N HIS A 832 27.32 4.72 38.84
CA HIS A 832 26.80 5.34 37.64
C HIS A 832 27.63 5.04 36.41
N LEU A 833 28.92 5.34 36.48
CA LEU A 833 29.81 5.20 35.34
C LEU A 833 29.89 3.76 34.92
N ASN A 834 29.95 2.91 35.94
CA ASN A 834 29.78 1.48 35.76
C ASN A 834 28.52 1.18 34.99
N LEU A 835 27.36 1.60 35.52
CA LEU A 835 26.11 1.09 34.99
C LEU A 835 25.88 1.63 33.60
N LEU A 836 26.26 2.87 33.40
CA LEU A 836 26.41 3.52 32.12
C LEU A 836 27.15 2.67 31.13
N SER A 837 28.25 2.08 31.55
CA SER A 837 29.02 1.29 30.61
C SER A 837 28.25 0.07 30.15
N GLU A 838 27.54 -0.61 31.05
CA GLU A 838 26.84 -1.74 30.47
C GLU A 838 25.51 -1.36 29.87
N MET A 839 25.08 -0.11 30.03
CA MET A 839 24.00 0.33 29.18
C MET A 839 24.45 0.30 27.75
N LYS A 840 25.67 0.77 27.51
CA LYS A 840 26.27 0.70 26.20
C LYS A 840 26.39 -0.74 25.74
N ALA A 841 26.83 -1.59 26.65
CA ALA A 841 26.93 -3.00 26.31
C ALA A 841 25.57 -3.57 25.99
N HIS A 842 24.56 -3.16 26.73
CA HIS A 842 23.24 -3.67 26.51
C HIS A 842 22.65 -3.11 25.24
N ALA A 843 23.16 -1.98 24.80
CA ALA A 843 22.73 -1.49 23.52
C ALA A 843 23.28 -2.35 22.41
N LEU A 844 24.53 -2.77 22.54
CA LEU A 844 25.02 -3.66 21.50
C LEU A 844 24.34 -5.00 21.56
N ASP A 845 24.00 -5.41 22.76
CA ASP A 845 23.11 -6.52 22.96
C ASP A 845 21.83 -6.34 22.19
N MET A 846 21.24 -5.16 22.28
CA MET A 846 19.97 -4.89 21.63
C MET A 846 20.07 -5.06 20.14
N ASN A 847 21.09 -4.44 19.56
CA ASN A 847 21.07 -4.35 18.13
C ASN A 847 21.43 -5.66 17.52
N GLU A 848 22.28 -6.41 18.21
CA GLU A 848 22.54 -7.73 17.71
C GLU A 848 21.29 -8.58 17.82
N ALA A 849 20.53 -8.40 18.90
CA ALA A 849 19.38 -9.24 19.13
C ALA A 849 18.39 -9.09 18.01
N ILE A 850 18.00 -7.86 17.72
CA ILE A 850 16.96 -7.69 16.73
C ILE A 850 17.56 -7.66 15.35
N GLN A 851 18.86 -7.58 15.28
CA GLN A 851 19.57 -7.82 14.06
C GLN A 851 19.51 -9.26 13.70
N ARG A 852 19.22 -10.10 14.67
CA ARG A 852 18.87 -11.44 14.29
C ARG A 852 17.38 -11.65 14.24
N GLY A 853 16.62 -10.83 14.94
CA GLY A 853 15.18 -10.99 14.90
C GLY A 853 14.59 -11.68 16.10
N SER A 854 15.35 -11.83 17.19
CA SER A 854 14.85 -12.47 18.39
C SER A 854 13.91 -11.51 19.09
N PHE A 855 12.70 -11.47 18.54
CA PHE A 855 11.65 -10.58 19.02
C PHE A 855 11.30 -10.83 20.45
N VAL A 856 11.24 -12.11 20.81
CA VAL A 856 11.00 -12.46 22.19
C VAL A 856 12.11 -11.95 23.07
N GLU A 857 13.32 -11.94 22.54
CA GLU A 857 14.43 -11.47 23.33
C GLU A 857 14.62 -10.01 23.22
N PHE A 858 14.22 -9.43 22.10
CA PHE A 858 13.98 -8.00 22.02
C PHE A 858 13.14 -7.52 23.19
N GLY A 859 12.05 -8.23 23.47
CA GLY A 859 11.20 -7.86 24.58
C GLY A 859 11.89 -7.99 25.93
N ARG A 860 12.74 -9.01 26.06
CA ARG A 860 13.51 -9.17 27.26
C ARG A 860 14.41 -7.99 27.47
N LEU A 861 15.06 -7.57 26.41
CA LEU A 861 16.05 -6.53 26.57
C LEU A 861 15.40 -5.19 26.80
N VAL A 862 14.19 -5.03 26.29
CA VAL A 862 13.40 -3.85 26.62
C VAL A 862 13.12 -3.79 28.11
N GLY A 863 12.58 -4.88 28.65
CA GLY A 863 12.30 -4.92 30.08
C GLY A 863 13.56 -4.79 30.90
N LYS A 864 14.67 -5.27 30.36
CA LYS A 864 15.92 -5.11 31.02
C LYS A 864 16.31 -3.66 31.09
N THR A 865 16.17 -2.93 29.99
CA THR A 865 16.48 -1.51 29.99
C THR A 865 15.62 -0.77 30.97
N TRP A 866 14.37 -1.19 31.08
CA TRP A 866 13.49 -0.62 32.09
C TRP A 866 14.04 -0.82 33.47
N GLU A 867 14.42 -2.04 33.75
CA GLU A 867 15.06 -2.36 35.01
C GLU A 867 16.32 -1.56 35.19
N GLN A 868 17.09 -1.48 34.14
CA GLN A 868 18.36 -0.81 34.02
C GLN A 868 18.25 0.68 34.15
N ASN A 869 17.06 1.21 34.23
CA ASN A 869 16.97 2.62 34.56
C ASN A 869 16.06 2.88 35.72
N LYS A 870 15.03 2.06 35.88
CA LYS A 870 14.07 2.29 36.92
C LYS A 870 14.72 2.06 38.26
N ALA A 871 15.13 0.81 38.44
CA ALA A 871 15.90 0.46 39.62
C ALA A 871 17.24 1.17 39.64
N LEU A 872 17.75 1.52 38.48
CA LEU A 872 19.00 2.23 38.44
C LEU A 872 18.72 3.70 38.46
N ASP A 873 19.73 4.47 38.11
CA ASP A 873 19.49 5.81 37.68
C ASP A 873 18.52 5.82 36.52
N SER A 874 17.36 6.44 36.69
CA SER A 874 17.02 7.18 37.91
C SER A 874 15.78 6.63 38.55
N GLY A 875 15.84 6.43 39.87
CA GLY A 875 14.71 5.91 40.62
C GLY A 875 13.69 6.97 40.91
N THR A 876 13.05 7.47 39.87
CA THR A 876 12.08 8.54 40.00
C THR A 876 10.72 8.18 39.49
N ASN A 877 10.46 6.95 39.23
CA ASN A 877 9.29 6.68 38.45
C ASN A 877 8.17 6.54 39.44
N PRO A 878 7.17 7.39 39.30
CA PRO A 878 6.32 7.70 40.41
C PRO A 878 5.18 6.71 40.52
N PRO A 879 4.88 6.25 41.73
CA PRO A 879 4.23 4.95 41.93
C PRO A 879 2.90 4.75 41.25
N ALA A 880 2.30 5.83 40.77
CA ALA A 880 1.17 5.71 39.89
C ALA A 880 1.56 5.02 38.60
N VAL A 881 2.73 5.38 38.07
CA VAL A 881 3.33 4.63 36.96
C VAL A 881 3.43 3.17 37.32
N GLU A 882 3.85 2.89 38.53
CA GLU A 882 4.00 1.53 38.98
C GLU A 882 2.66 0.85 39.20
N ALA A 883 1.60 1.62 39.37
CA ALA A 883 0.28 1.03 39.40
C ALA A 883 -0.16 0.65 38.00
N ILE A 884 0.27 1.41 37.01
CA ILE A 884 0.00 1.05 35.63
C ILE A 884 0.90 -0.09 35.20
N ILE A 885 2.01 -0.24 35.89
CA ILE A 885 2.83 -1.40 35.68
C ILE A 885 2.21 -2.59 36.35
N ASP A 886 1.54 -2.34 37.46
CA ASP A 886 1.27 -3.31 38.50
C ASP A 886 0.42 -4.45 37.98
N LEU A 887 -0.87 -4.20 37.84
CA LEU A 887 -1.49 -4.56 36.60
C LEU A 887 -0.81 -3.57 35.67
N ILE A 888 -0.12 -4.06 34.65
CA ILE A 888 -0.30 -5.44 34.23
C ILE A 888 0.82 -6.30 34.66
N LYS A 889 2.01 -6.01 34.13
CA LYS A 889 3.22 -6.83 34.22
C LYS A 889 3.07 -8.21 33.62
N ASP A 890 1.96 -8.51 33.01
CA ASP A 890 1.51 -9.87 33.02
C ASP A 890 1.37 -10.39 31.62
N TYR A 891 1.02 -9.52 30.71
CA TYR A 891 0.19 -10.16 29.75
C TYR A 891 0.54 -9.76 28.31
N THR A 892 1.66 -10.28 27.76
CA THR A 892 2.69 -11.02 28.46
C THR A 892 3.82 -10.18 29.01
N LEU A 893 4.58 -9.57 28.14
CA LEU A 893 5.94 -9.25 28.53
C LEU A 893 6.13 -7.77 28.74
N GLY A 894 7.40 -7.36 28.83
CA GLY A 894 7.85 -6.11 29.39
C GLY A 894 7.58 -4.84 28.64
N TYR A 895 8.41 -3.82 28.90
CA TYR A 895 8.06 -2.43 28.64
C TYR A 895 9.25 -1.53 28.91
N LYS A 896 8.99 -0.23 28.76
CA LYS A 896 9.75 0.82 29.41
C LYS A 896 9.02 2.14 29.25
N LEU A 897 9.43 3.10 30.06
CA LEU A 897 9.32 4.49 29.72
C LEU A 897 10.44 4.91 28.81
N PRO A 898 10.12 5.46 27.72
CA PRO A 898 11.15 6.03 26.86
C PRO A 898 11.66 7.30 27.46
N GLY A 899 12.92 7.57 27.18
CA GLY A 899 13.48 8.88 27.39
C GLY A 899 13.61 9.31 28.83
N ALA A 900 12.71 10.21 29.22
CA ALA A 900 12.82 10.79 30.55
C ALA A 900 12.42 9.79 31.61
N GLY A 901 11.13 9.48 31.70
CA GLY A 901 10.62 8.80 32.87
C GLY A 901 10.23 9.76 33.97
N GLY A 902 9.28 9.34 34.78
CA GLY A 902 8.69 10.27 35.72
C GLY A 902 7.63 11.10 35.03
N GLY A 903 6.65 10.43 34.44
CA GLY A 903 5.62 11.04 33.63
C GLY A 903 5.70 10.59 32.18
N GLY A 904 4.95 11.29 31.33
CA GLY A 904 4.94 10.94 29.92
C GLY A 904 4.25 9.62 29.72
N TYR A 905 4.74 8.81 28.79
CA TYR A 905 4.02 7.57 28.57
C TYR A 905 4.89 6.43 28.12
N LEU A 906 4.48 5.23 28.50
CA LEU A 906 5.20 4.02 28.17
C LEU A 906 4.86 3.50 26.80
N TYR A 907 5.26 2.26 26.63
CA TYR A 907 4.77 1.33 25.63
C TYR A 907 5.17 -0.03 26.14
N MET A 908 4.53 -1.05 25.63
CA MET A 908 4.91 -2.35 26.11
C MET A 908 4.48 -3.41 25.15
N VAL A 909 5.21 -4.50 25.19
CA VAL A 909 4.98 -5.55 24.22
C VAL A 909 4.38 -6.74 24.95
N ALA A 910 3.57 -7.52 24.27
CA ALA A 910 2.92 -8.67 24.85
C ALA A 910 3.26 -9.85 23.97
N LYS A 911 2.50 -10.91 24.10
CA LYS A 911 2.58 -11.99 23.10
C LYS A 911 2.07 -11.45 21.78
N ASP A 912 0.79 -11.26 21.71
CA ASP A 912 -0.04 -11.19 20.54
C ASP A 912 -1.37 -11.13 21.25
N PRO A 913 -2.58 -11.30 20.63
CA PRO A 913 -3.74 -10.42 20.87
C PRO A 913 -4.18 -10.18 22.30
N GLN A 914 -3.56 -10.89 23.21
CA GLN A 914 -3.58 -10.68 24.64
C GLN A 914 -3.17 -9.25 24.89
N ALA A 915 -2.25 -8.78 24.08
CA ALA A 915 -2.03 -7.37 23.81
C ALA A 915 -3.30 -6.56 23.62
N ALA A 916 -4.20 -7.00 22.74
CA ALA A 916 -5.43 -6.24 22.57
C ALA A 916 -6.27 -6.37 23.83
N VAL A 917 -6.13 -7.48 24.52
CA VAL A 917 -6.83 -7.58 25.77
C VAL A 917 -6.18 -6.70 26.82
N ARG A 918 -4.90 -6.41 26.70
CA ARG A 918 -4.32 -5.39 27.56
C ARG A 918 -4.90 -4.05 27.23
N ILE A 919 -5.19 -3.81 25.94
CA ILE A 919 -5.85 -2.57 25.59
C ILE A 919 -7.20 -2.54 26.24
N ARG A 920 -7.83 -3.71 26.33
CA ARG A 920 -9.06 -3.82 27.11
C ARG A 920 -8.81 -3.58 28.60
N LYS A 921 -7.61 -3.89 29.07
CA LYS A 921 -7.33 -3.73 30.49
C LYS A 921 -7.20 -2.27 30.85
N ILE A 922 -6.37 -1.55 30.11
CA ILE A 922 -6.27 -0.12 30.33
C ILE A 922 -7.55 0.57 29.91
N LEU A 923 -8.28 -0.04 28.99
CA LEU A 923 -9.62 0.41 28.70
C LEU A 923 -10.52 0.26 29.92
N THR A 924 -10.26 -0.74 30.73
CA THR A 924 -11.16 -1.03 31.82
C THR A 924 -10.99 0.00 32.92
N GLU A 925 -9.77 0.20 33.37
CA GLU A 925 -9.55 1.03 34.55
C GLU A 925 -8.40 1.98 34.29
N ASN A 926 -7.98 2.62 35.38
CA ASN A 926 -6.74 3.39 35.47
C ASN A 926 -6.76 4.55 34.52
N ALA A 927 -7.91 5.17 34.40
CA ALA A 927 -8.15 6.12 33.33
C ALA A 927 -8.43 7.48 33.95
N PRO A 928 -7.40 8.23 34.29
CA PRO A 928 -7.57 9.67 34.29
C PRO A 928 -7.65 10.20 32.89
N ASN A 929 -8.18 11.37 32.82
CA ASN A 929 -8.31 12.30 31.72
C ASN A 929 -7.05 12.63 30.92
N PRO A 930 -5.86 12.46 31.45
CA PRO A 930 -4.77 12.13 30.55
C PRO A 930 -5.00 10.72 30.08
N ARG A 931 -5.47 10.62 28.86
CA ARG A 931 -6.22 9.45 28.51
C ARG A 931 -5.37 8.43 27.80
N ALA A 932 -4.89 7.48 28.56
CA ALA A 932 -5.35 6.09 28.48
C ALA A 932 -5.71 5.64 27.07
N ARG A 933 -4.71 5.57 26.22
CA ARG A 933 -5.04 5.25 24.85
C ARG A 933 -4.13 4.17 24.29
N PHE A 934 -4.58 3.69 23.15
CA PHE A 934 -3.73 3.21 22.10
C PHE A 934 -3.41 4.44 21.29
N VAL A 935 -2.17 4.60 20.84
CA VAL A 935 -1.81 5.87 20.23
C VAL A 935 -1.06 5.68 18.90
N GLU A 936 -0.73 4.43 18.57
CA GLU A 936 0.44 4.00 17.78
C GLU A 936 1.12 4.95 16.77
N MET A 937 2.46 5.03 16.69
CA MET A 937 3.57 4.02 16.83
C MET A 937 3.32 2.69 16.10
N THR A 938 3.15 2.50 14.78
CA THR A 938 3.33 3.33 13.57
C THR A 938 4.76 3.80 13.40
N LEU A 939 5.62 2.85 13.05
CA LEU A 939 6.85 3.23 12.39
C LEU A 939 6.48 3.73 11.02
N SER A 940 6.88 4.94 10.74
CA SER A 940 6.71 5.50 9.42
C SER A 940 7.60 6.70 9.33
N ASP A 941 8.44 6.73 8.31
CA ASP A 941 9.61 7.54 8.47
C ASP A 941 10.34 7.76 7.16
N LYS A 942 10.44 9.03 6.78
CA LYS A 942 11.72 9.66 6.50
C LYS A 942 11.89 10.95 7.29
N GLY A 943 11.05 11.95 7.07
CA GLY A 943 10.77 13.06 7.96
C GLY A 943 11.55 14.32 7.73
N PHE A 944 11.06 15.17 6.83
CA PHE A 944 11.89 16.30 6.52
C PHE A 944 11.26 17.68 6.25
N GLN A 945 10.63 17.92 5.10
CA GLN A 945 10.16 19.24 4.64
C GLN A 945 9.48 19.22 3.29
N VAL A 946 8.89 20.33 2.84
CA VAL A 946 8.46 20.39 1.44
C VAL A 946 8.92 21.56 0.57
N SER A 947 8.83 22.81 1.04
CA SER A 947 8.97 24.03 0.22
C SER A 947 8.03 24.03 -0.97
N ARG A 948 6.83 23.53 -0.75
CA ARG A 948 5.92 23.41 -1.87
C ARG A 948 5.11 24.68 -2.05
N SER A 949 4.94 25.10 -3.31
CA SER A 949 5.35 24.32 -4.48
C SER A 949 6.60 24.81 -5.18
N LEU B 71 -66.48 -17.74 1.28
CA LEU B 71 -67.25 -16.54 0.91
C LEU B 71 -66.42 -15.28 1.11
N LEU B 72 -66.55 -14.36 0.16
CA LEU B 72 -65.84 -13.09 0.17
C LEU B 72 -66.79 -12.01 -0.32
N HIS B 73 -66.21 -10.91 -0.80
CA HIS B 73 -66.90 -9.68 -1.17
C HIS B 73 -67.99 -9.91 -2.19
N ALA B 74 -69.25 -9.84 -1.74
CA ALA B 74 -70.39 -10.13 -2.61
C ALA B 74 -70.72 -8.96 -3.51
N GLY B 75 -70.69 -7.76 -2.98
CA GLY B 75 -70.78 -6.56 -3.80
C GLY B 75 -71.81 -5.60 -3.26
N GLY B 76 -71.96 -4.48 -3.98
CA GLY B 76 -73.02 -3.53 -3.74
C GLY B 76 -74.08 -3.57 -4.81
N GLN B 77 -75.02 -2.62 -4.72
CA GLN B 77 -76.11 -2.52 -5.68
C GLN B 77 -75.57 -2.17 -7.06
N SER B 78 -74.98 -0.99 -7.17
CA SER B 78 -74.17 -0.55 -8.31
C SER B 78 -74.96 -0.61 -9.61
N ARG B 79 -76.04 0.16 -9.65
CA ARG B 79 -77.00 0.04 -10.73
C ARG B 79 -76.71 0.98 -11.88
N ARG B 80 -75.44 1.11 -12.27
CA ARG B 80 -75.02 1.94 -13.39
C ARG B 80 -74.41 1.14 -14.53
N LEU B 81 -73.46 0.28 -14.23
CA LEU B 81 -72.68 -0.40 -15.26
C LEU B 81 -73.50 -1.51 -15.91
N PRO B 82 -73.56 -1.57 -17.23
CA PRO B 82 -74.22 -2.69 -17.91
C PRO B 82 -73.47 -4.00 -17.86
N GLY B 83 -72.27 -4.07 -17.28
CA GLY B 83 -71.53 -5.31 -17.20
C GLY B 83 -71.92 -6.14 -15.99
N TYR B 84 -73.18 -6.05 -15.59
CA TYR B 84 -73.69 -6.61 -14.35
C TYR B 84 -74.79 -7.63 -14.61
N ALA B 85 -74.52 -8.57 -15.51
CA ALA B 85 -75.27 -9.80 -15.59
C ALA B 85 -75.37 -10.43 -14.21
N PRO B 86 -76.51 -11.11 -13.88
CA PRO B 86 -76.80 -11.48 -12.47
C PRO B 86 -75.85 -12.48 -11.86
N SER B 87 -74.63 -12.03 -11.67
CA SER B 87 -73.55 -12.77 -11.07
C SER B 87 -72.94 -11.89 -9.99
N GLY B 88 -71.77 -12.30 -9.54
CA GLY B 88 -71.03 -11.46 -8.64
C GLY B 88 -70.18 -10.52 -9.46
N LYS B 89 -68.89 -10.81 -9.58
CA LYS B 89 -67.94 -9.85 -10.11
C LYS B 89 -66.81 -10.55 -10.89
N ILE B 90 -67.10 -11.76 -11.39
CA ILE B 90 -66.06 -12.70 -11.82
C ILE B 90 -66.30 -13.16 -13.25
N LEU B 91 -67.43 -12.74 -13.83
CA LEU B 91 -67.88 -13.27 -15.11
C LEU B 91 -68.20 -12.16 -16.10
N THR B 92 -67.26 -11.25 -16.33
CA THR B 92 -67.34 -10.31 -17.45
C THR B 92 -65.96 -10.29 -18.10
N PRO B 93 -65.65 -11.32 -18.89
CA PRO B 93 -64.25 -11.61 -19.24
C PRO B 93 -63.58 -10.56 -20.11
N VAL B 94 -62.36 -10.20 -19.73
CA VAL B 94 -61.67 -9.09 -20.37
C VAL B 94 -60.23 -9.50 -20.68
N PRO B 95 -59.74 -9.11 -21.85
CA PRO B 95 -58.40 -9.55 -22.25
C PRO B 95 -57.27 -8.85 -21.48
N VAL B 96 -56.07 -9.44 -21.60
CA VAL B 96 -54.91 -8.93 -20.87
C VAL B 96 -54.18 -7.90 -21.71
N PHE B 97 -53.30 -7.14 -21.06
CA PHE B 97 -52.49 -6.13 -21.76
C PHE B 97 -51.44 -6.77 -22.65
N ARG B 98 -50.97 -7.97 -22.27
CA ARG B 98 -50.07 -8.76 -23.10
C ARG B 98 -50.80 -9.72 -24.05
N TRP B 99 -51.97 -9.31 -24.57
CA TRP B 99 -52.62 -9.86 -25.79
C TRP B 99 -53.10 -11.32 -25.63
N GLU B 100 -53.73 -11.63 -24.49
CA GLU B 100 -54.53 -12.85 -24.29
C GLU B 100 -55.88 -12.47 -23.68
N ARG B 101 -56.93 -13.25 -24.02
CA ARG B 101 -58.31 -12.96 -23.65
C ARG B 101 -58.82 -13.79 -22.48
N GLY B 102 -57.94 -14.52 -21.78
CA GLY B 102 -58.32 -15.40 -20.69
C GLY B 102 -58.21 -14.81 -19.29
N GLN B 103 -59.12 -13.91 -18.94
CA GLN B 103 -58.97 -13.06 -17.76
C GLN B 103 -60.30 -12.36 -17.48
N HIS B 104 -60.51 -12.03 -16.21
CA HIS B 104 -61.42 -10.99 -15.75
C HIS B 104 -60.96 -10.67 -14.33
N LEU B 105 -61.59 -9.68 -13.69
CA LEU B 105 -61.58 -9.59 -12.25
C LEU B 105 -62.06 -10.93 -11.72
N GLY B 106 -61.15 -11.71 -11.19
CA GLY B 106 -61.38 -13.10 -10.83
C GLY B 106 -60.10 -13.81 -11.19
N GLN B 107 -59.56 -13.40 -12.34
CA GLN B 107 -58.17 -13.53 -12.69
C GLN B 107 -57.41 -12.26 -12.33
N ASN B 108 -58.04 -11.10 -12.57
CA ASN B 108 -57.47 -9.85 -12.09
C ASN B 108 -57.62 -9.72 -10.58
N LEU B 109 -58.73 -10.21 -10.03
CA LEU B 109 -58.84 -10.35 -8.60
C LEU B 109 -57.74 -11.23 -8.03
N LEU B 110 -57.33 -12.26 -8.75
CA LEU B 110 -56.17 -13.03 -8.34
C LEU B 110 -54.91 -12.18 -8.44
N SER B 111 -54.81 -11.36 -9.48
CA SER B 111 -53.65 -10.51 -9.68
C SER B 111 -53.50 -9.46 -8.60
N LEU B 112 -54.60 -9.08 -7.98
CA LEU B 112 -54.58 -8.18 -6.83
C LEU B 112 -54.56 -8.92 -5.52
N GLN B 113 -55.06 -10.15 -5.51
CA GLN B 113 -55.05 -11.04 -4.37
C GLN B 113 -53.63 -11.42 -4.01
N LEU B 114 -52.76 -11.49 -5.00
CA LEU B 114 -51.38 -11.83 -4.72
C LEU B 114 -50.65 -10.73 -3.92
N PRO B 115 -50.79 -9.42 -4.20
CA PRO B 115 -50.37 -8.45 -3.18
C PRO B 115 -51.24 -8.45 -1.94
N LEU B 116 -52.50 -8.89 -2.07
CA LEU B 116 -53.38 -8.92 -0.91
C LEU B 116 -53.07 -10.09 0.00
N TYR B 117 -52.73 -11.26 -0.55
CA TYR B 117 -52.23 -12.32 0.32
C TYR B 117 -50.78 -12.05 0.73
N GLU B 118 -50.08 -11.19 0.01
CA GLU B 118 -48.81 -10.65 0.48
C GLU B 118 -48.96 -9.73 1.68
N LYS B 119 -50.12 -9.10 1.81
CA LYS B 119 -50.37 -8.07 2.82
C LYS B 119 -50.31 -8.59 4.25
N ILE B 120 -50.57 -9.88 4.48
CA ILE B 120 -50.69 -10.42 5.83
C ILE B 120 -49.33 -10.47 6.53
N MET B 121 -49.25 -9.81 7.69
CA MET B 121 -48.09 -9.88 8.57
C MET B 121 -48.47 -9.49 9.99
N SER B 122 -48.38 -10.47 10.90
CA SER B 122 -48.40 -10.30 12.36
C SER B 122 -49.66 -9.56 12.84
N LEU B 123 -50.80 -10.20 12.64
CA LEU B 123 -52.04 -9.63 13.10
C LEU B 123 -52.66 -10.47 14.21
N ALA B 124 -52.86 -11.77 13.96
CA ALA B 124 -53.63 -12.62 14.86
C ALA B 124 -53.37 -14.10 14.54
N PRO B 125 -53.91 -15.05 15.35
CA PRO B 125 -54.10 -16.42 14.83
C PRO B 125 -55.28 -16.49 13.88
N ASP B 126 -55.74 -17.72 13.59
CA ASP B 126 -56.76 -18.09 12.61
C ASP B 126 -57.95 -17.15 12.44
N LYS B 127 -58.32 -16.42 13.50
CA LYS B 127 -59.21 -15.28 13.41
C LYS B 127 -58.52 -14.01 12.87
N LEU B 128 -57.43 -14.13 12.12
CA LEU B 128 -56.72 -12.99 11.53
C LEU B 128 -57.57 -12.22 10.53
N HIS B 129 -57.74 -12.78 9.32
CA HIS B 129 -58.68 -12.43 8.24
C HIS B 129 -58.37 -13.29 7.01
N THR B 130 -59.33 -13.29 6.09
CA THR B 130 -59.10 -13.55 4.65
C THR B 130 -59.93 -12.46 3.98
N LEU B 131 -59.26 -11.42 3.48
CA LEU B 131 -59.83 -10.07 3.49
C LEU B 131 -60.88 -9.85 2.39
N ILE B 132 -61.92 -9.08 2.75
CA ILE B 132 -62.97 -8.66 1.82
C ILE B 132 -62.36 -7.81 0.72
N ALA B 133 -62.74 -8.08 -0.53
CA ALA B 133 -62.25 -7.31 -1.66
C ALA B 133 -62.96 -5.96 -1.73
N SER B 134 -62.51 -5.14 -2.67
CA SER B 134 -62.71 -3.69 -2.66
C SER B 134 -64.00 -3.29 -3.38
N GLY B 135 -64.14 -1.99 -3.62
CA GLY B 135 -65.18 -1.42 -4.44
C GLY B 135 -64.77 -1.12 -5.86
N ASP B 136 -63.51 -1.38 -6.22
CA ASP B 136 -63.00 -1.45 -7.58
C ASP B 136 -63.08 -0.11 -8.31
N VAL B 137 -62.41 0.88 -7.72
CA VAL B 137 -61.73 1.87 -8.53
C VAL B 137 -60.66 1.09 -9.27
N TYR B 138 -60.56 1.28 -10.59
CA TYR B 138 -59.67 0.31 -11.21
C TYR B 138 -58.21 0.66 -10.99
N ILE B 139 -57.39 -0.28 -11.42
CA ILE B 139 -56.54 -0.93 -10.44
C ILE B 139 -55.20 -1.30 -11.07
N ARG B 140 -54.40 -2.08 -10.33
CA ARG B 140 -53.12 -2.69 -10.72
C ARG B 140 -52.08 -1.65 -11.10
N SER B 141 -52.05 -0.55 -10.34
CA SER B 141 -50.85 0.26 -10.26
C SER B 141 -49.88 -0.38 -9.26
N GLU B 142 -48.90 0.38 -8.78
CA GLU B 142 -47.75 -0.19 -8.09
C GLU B 142 -48.11 -0.73 -6.70
N LYS B 143 -47.07 -1.13 -5.97
CA LYS B 143 -47.19 -2.11 -4.89
C LYS B 143 -47.87 -1.51 -3.65
N PRO B 144 -48.69 -2.31 -2.92
CA PRO B 144 -49.12 -1.94 -1.55
C PRO B 144 -48.02 -2.09 -0.49
N LEU B 145 -48.46 -2.20 0.77
CA LEU B 145 -47.72 -2.00 2.02
C LEU B 145 -47.23 -0.55 2.14
N GLN B 146 -48.10 0.49 2.34
CA GLN B 146 -49.53 0.56 2.80
C GLN B 146 -49.79 -0.25 4.11
N SER B 147 -48.74 -0.40 4.92
CA SER B 147 -48.85 -1.15 6.18
C SER B 147 -47.75 -0.76 7.14
N ILE B 148 -48.12 -0.67 8.42
CA ILE B 148 -47.24 -0.95 9.53
C ILE B 148 -47.97 -1.99 10.40
N PRO B 149 -47.26 -2.97 10.99
CA PRO B 149 -47.95 -4.10 11.62
C PRO B 149 -48.67 -3.77 12.94
N GLU B 150 -48.73 -2.50 13.32
CA GLU B 150 -49.46 -2.06 14.51
C GLU B 150 -50.61 -1.14 14.15
N ALA B 151 -51.00 -1.09 12.88
CA ALA B 151 -52.11 -0.27 12.47
C ALA B 151 -53.37 -1.10 12.45
N ASP B 152 -54.46 -0.50 12.91
CA ASP B 152 -55.76 -1.05 12.60
C ASP B 152 -55.89 -0.93 11.10
N VAL B 153 -55.99 0.31 10.63
CA VAL B 153 -56.44 0.65 9.29
C VAL B 153 -55.37 1.51 8.65
N VAL B 154 -54.99 1.19 7.42
CA VAL B 154 -54.18 2.09 6.61
C VAL B 154 -54.97 2.46 5.37
N CYS B 155 -55.18 3.75 5.17
CA CYS B 155 -55.94 4.23 4.03
C CYS B 155 -55.01 4.51 2.85
N TYR B 156 -55.62 4.78 1.71
CA TYR B 156 -54.90 5.04 0.47
C TYR B 156 -54.99 6.52 0.16
N GLY B 157 -53.92 7.07 -0.37
CA GLY B 157 -53.90 8.45 -0.81
C GLY B 157 -53.67 8.50 -2.31
N LEU B 158 -54.23 9.52 -2.93
CA LEU B 158 -54.01 9.70 -4.35
C LEU B 158 -54.06 11.19 -4.66
N TRP B 159 -53.07 11.67 -5.39
CA TRP B 159 -53.02 13.05 -5.82
C TRP B 159 -53.08 13.06 -7.34
N VAL B 160 -54.23 13.47 -7.87
CA VAL B 160 -54.39 13.65 -9.31
C VAL B 160 -54.97 15.03 -9.55
N ASP B 161 -55.31 15.31 -10.80
CA ASP B 161 -56.13 16.48 -11.11
C ASP B 161 -57.49 16.38 -10.41
N PRO B 162 -58.08 17.51 -10.01
CA PRO B 162 -59.34 17.44 -9.25
C PRO B 162 -60.56 17.05 -10.08
N SER B 163 -60.39 16.61 -11.33
CA SER B 163 -61.47 15.97 -12.05
C SER B 163 -61.94 14.72 -11.32
N LEU B 164 -60.98 13.87 -10.91
CA LEU B 164 -61.32 12.71 -10.12
C LEU B 164 -61.65 13.05 -8.68
N ALA B 165 -61.35 14.27 -8.24
CA ALA B 165 -61.98 14.76 -7.02
C ALA B 165 -63.46 14.98 -7.26
N THR B 166 -63.83 15.61 -8.39
CA THR B 166 -65.23 15.80 -8.73
C THR B 166 -65.94 14.49 -9.03
N HIS B 167 -65.21 13.45 -9.43
CA HIS B 167 -65.81 12.13 -9.61
C HIS B 167 -66.14 11.47 -8.28
N HIS B 168 -65.16 11.37 -7.38
CA HIS B 168 -65.34 10.62 -6.14
C HIS B 168 -64.57 11.25 -4.98
N GLY B 169 -64.89 10.75 -3.79
CA GLY B 169 -64.63 11.50 -2.58
C GLY B 169 -63.19 11.49 -2.16
N VAL B 170 -62.75 12.65 -1.67
CA VAL B 170 -61.38 12.89 -1.27
C VAL B 170 -61.38 13.19 0.21
N PHE B 171 -60.45 12.60 0.93
CA PHE B 171 -60.30 12.89 2.35
C PHE B 171 -59.21 13.94 2.48
N ALA B 172 -59.33 14.79 3.50
CA ALA B 172 -58.33 15.82 3.71
C ALA B 172 -58.28 16.16 5.19
N SER B 173 -57.09 16.50 5.67
CA SER B 173 -56.99 16.79 7.10
C SER B 173 -55.91 17.83 7.30
N ASP B 174 -55.42 17.90 8.54
CA ASP B 174 -54.33 18.78 8.95
C ASP B 174 -53.04 18.43 8.22
N ARG B 175 -52.03 19.26 8.40
CA ARG B 175 -50.72 18.88 7.92
C ARG B 175 -49.90 18.38 9.10
N LYS B 176 -49.37 17.16 9.01
CA LYS B 176 -49.45 16.30 7.82
C LYS B 176 -50.65 15.37 7.81
N HIS B 177 -51.20 15.20 6.61
CA HIS B 177 -52.44 14.44 6.47
C HIS B 177 -52.32 12.94 6.70
N PRO B 178 -51.22 12.15 6.16
CA PRO B 178 -51.33 10.69 6.19
C PRO B 178 -51.06 10.04 7.54
N GLU B 179 -51.62 10.61 8.60
CA GLU B 179 -51.50 10.04 9.93
C GLU B 179 -52.85 9.72 10.56
N GLN B 180 -53.74 10.70 10.68
CA GLN B 180 -54.98 10.53 11.41
C GLN B 180 -55.97 11.58 10.90
N LEU B 181 -57.01 11.12 10.25
CA LEU B 181 -57.84 11.98 9.43
C LEU B 181 -58.76 12.85 10.28
N ASP B 182 -59.00 14.06 9.80
CA ASP B 182 -59.78 15.04 10.53
C ASP B 182 -61.04 15.46 9.79
N PHE B 183 -61.03 15.53 8.46
CA PHE B 183 -62.25 15.83 7.72
C PHE B 183 -62.15 15.19 6.35
N MET B 184 -62.97 15.66 5.42
CA MET B 184 -62.96 15.18 4.04
C MET B 184 -63.76 16.16 3.20
N LEU B 185 -63.95 15.81 1.93
CA LEU B 185 -65.06 16.33 1.14
C LEU B 185 -65.34 15.34 0.04
N GLN B 186 -66.53 14.74 0.06
CA GLN B 186 -66.91 13.87 -1.04
C GLN B 186 -67.34 14.71 -2.22
N LYS B 187 -66.72 14.45 -3.36
CA LYS B 187 -66.83 15.18 -4.62
C LYS B 187 -66.65 16.68 -4.43
N PRO B 188 -65.43 17.17 -4.17
CA PRO B 188 -65.24 18.60 -3.98
C PRO B 188 -65.27 19.39 -5.28
N SER B 189 -65.78 20.61 -5.15
CA SER B 189 -65.74 21.66 -6.15
C SER B 189 -65.05 22.80 -5.44
N LEU B 190 -65.12 24.02 -5.96
CA LEU B 190 -64.09 25.08 -6.00
C LEU B 190 -63.52 25.46 -4.64
N ALA B 191 -63.49 26.74 -4.28
CA ALA B 191 -63.05 27.20 -2.96
C ALA B 191 -63.46 26.36 -1.74
N GLU B 192 -64.56 25.58 -1.84
CA GLU B 192 -64.75 24.41 -1.00
C GLU B 192 -63.54 23.47 -1.02
N LEU B 193 -63.10 23.02 -2.20
CA LEU B 193 -61.90 22.18 -2.32
C LEU B 193 -60.67 22.92 -1.85
N GLU B 194 -60.63 24.23 -2.05
CA GLU B 194 -59.51 25.01 -1.52
C GLU B 194 -59.54 25.06 0.00
N SER B 195 -60.73 24.96 0.60
CA SER B 195 -60.92 24.90 2.04
C SER B 195 -60.79 23.50 2.60
N LEU B 196 -60.01 22.66 1.94
CA LEU B 196 -59.62 21.35 2.46
C LEU B 196 -58.26 21.44 3.13
N SER B 197 -58.11 22.50 3.95
CA SER B 197 -56.84 23.00 4.47
C SER B 197 -55.98 21.92 5.13
N LYS B 198 -54.72 21.81 4.71
CA LYS B 198 -54.08 22.63 3.66
C LYS B 198 -54.44 22.10 2.27
N THR B 199 -54.59 23.05 1.34
CA THR B 199 -55.19 22.91 0.00
C THR B 199 -54.75 21.66 -0.76
N HIS B 200 -53.47 21.29 -0.61
CA HIS B 200 -52.89 20.17 -1.35
C HIS B 200 -52.54 18.99 -0.44
N LEU B 201 -53.44 18.63 0.47
CA LEU B 201 -53.28 17.47 1.33
C LEU B 201 -54.30 16.39 0.98
N PHE B 202 -54.47 16.14 -0.32
CA PHE B 202 -55.49 15.24 -0.82
C PHE B 202 -55.22 13.78 -0.43
N LEU B 203 -56.29 12.99 -0.41
CA LEU B 203 -56.21 11.58 -0.04
C LEU B 203 -57.43 10.90 -0.61
N MET B 204 -57.24 10.02 -1.60
CA MET B 204 -58.31 9.23 -2.18
C MET B 204 -58.05 7.77 -1.93
N ASP B 205 -58.94 7.16 -1.17
CA ASP B 205 -58.84 5.77 -0.80
C ASP B 205 -59.35 4.93 -1.96
N ILE B 206 -58.96 3.64 -1.99
CA ILE B 206 -59.56 2.74 -2.95
C ILE B 206 -60.21 1.52 -2.32
N GLY B 207 -60.03 1.30 -1.01
CA GLY B 207 -60.95 0.42 -0.32
C GLY B 207 -60.54 -0.99 0.03
N ILE B 208 -59.31 -1.19 0.49
CA ILE B 208 -58.89 -2.43 1.16
C ILE B 208 -58.02 -2.02 2.36
N TRP B 209 -58.54 -2.24 3.56
CA TRP B 209 -57.90 -1.82 4.79
C TRP B 209 -57.63 -3.06 5.63
N LEU B 210 -56.65 -2.98 6.52
CA LEU B 210 -56.57 -3.97 7.58
C LEU B 210 -57.50 -3.63 8.73
N LEU B 211 -57.42 -4.44 9.78
CA LEU B 211 -58.12 -4.15 11.01
C LEU B 211 -57.42 -4.93 12.12
N SER B 212 -57.66 -4.51 13.36
CA SER B 212 -57.13 -5.22 14.51
C SER B 212 -57.93 -6.51 14.75
N ASP B 213 -57.60 -7.20 15.84
CA ASP B 213 -58.37 -8.39 16.20
C ASP B 213 -59.67 -7.99 16.93
N ARG B 214 -59.81 -6.70 17.23
CA ARG B 214 -60.94 -6.19 17.99
C ARG B 214 -62.01 -5.52 17.13
N ALA B 215 -61.63 -4.61 16.23
CA ALA B 215 -62.53 -3.55 15.79
C ALA B 215 -63.59 -3.99 14.80
N VAL B 216 -63.68 -5.30 14.53
CA VAL B 216 -64.77 -5.85 13.73
C VAL B 216 -66.11 -5.58 14.41
N GLU B 217 -66.12 -5.66 15.73
CA GLU B 217 -67.37 -5.62 16.49
C GLU B 217 -67.91 -4.20 16.64
N ILE B 218 -67.12 -3.19 16.28
CA ILE B 218 -67.57 -1.80 16.26
C ILE B 218 -67.75 -1.30 14.84
N LEU B 219 -66.71 -1.42 14.01
CA LEU B 219 -66.63 -0.57 12.83
C LEU B 219 -67.56 -1.03 11.72
N MET B 220 -67.34 -2.23 11.16
CA MET B 220 -68.25 -2.75 10.14
C MET B 220 -69.60 -3.11 10.74
N LYS B 221 -69.60 -4.14 11.57
CA LYS B 221 -70.80 -4.87 11.97
C LYS B 221 -70.94 -4.60 13.46
N ARG B 222 -71.55 -3.46 13.77
CA ARG B 222 -71.50 -2.91 15.10
C ARG B 222 -72.39 -3.71 16.05
N SER B 223 -71.85 -4.07 17.21
CA SER B 223 -72.62 -4.92 18.11
C SER B 223 -73.68 -4.08 18.80
N HIS B 224 -74.93 -4.47 18.62
CA HIS B 224 -76.05 -3.84 19.29
C HIS B 224 -76.69 -4.86 20.22
N LYS B 225 -77.73 -4.43 20.93
CA LYS B 225 -78.45 -5.33 21.82
C LYS B 225 -79.24 -6.36 21.03
N GLU B 226 -79.69 -6.00 19.83
CA GLU B 226 -80.39 -6.94 18.97
C GLU B 226 -79.44 -8.00 18.46
N SER B 227 -78.45 -7.58 17.70
CA SER B 227 -77.37 -8.44 17.22
C SER B 227 -76.20 -7.53 16.85
N SER B 228 -75.17 -8.12 16.27
CA SER B 228 -74.04 -7.34 15.80
C SER B 228 -74.36 -6.82 14.40
N GLU B 229 -75.20 -5.80 14.35
CA GLU B 229 -75.71 -5.33 13.07
C GLU B 229 -74.68 -4.47 12.37
N GLU B 230 -74.74 -4.51 11.05
CA GLU B 230 -73.88 -3.64 10.27
C GLU B 230 -74.29 -2.19 10.50
N LEU B 231 -73.36 -1.29 10.22
CA LEU B 231 -73.77 0.07 9.96
C LEU B 231 -74.63 0.03 8.71
N LYS B 232 -75.68 0.85 8.69
CA LYS B 232 -76.74 0.73 7.70
C LYS B 232 -76.30 1.15 6.31
N TYR B 233 -75.11 1.72 6.23
CA TYR B 233 -74.36 1.79 4.99
C TYR B 233 -74.06 0.39 4.48
N TYR B 234 -74.59 0.09 3.29
CA TYR B 234 -74.41 -1.24 2.73
C TYR B 234 -72.96 -1.48 2.33
N ASP B 235 -72.34 -0.51 1.66
CA ASP B 235 -70.88 -0.51 1.55
C ASP B 235 -70.31 -0.16 2.92
N LEU B 236 -69.59 -1.11 3.51
CA LEU B 236 -68.95 -0.86 4.80
C LEU B 236 -67.79 0.11 4.64
N TYR B 237 -66.90 -0.16 3.67
CA TYR B 237 -65.64 0.57 3.51
C TYR B 237 -65.87 2.03 3.13
N SER B 238 -66.48 2.24 1.95
CA SER B 238 -66.54 3.57 1.37
C SER B 238 -67.45 4.48 2.16
N ASP B 239 -68.60 3.97 2.59
CA ASP B 239 -69.55 4.82 3.29
C ASP B 239 -69.23 4.90 4.77
N PHE B 240 -68.39 4.01 5.28
CA PHE B 240 -67.81 4.23 6.60
C PHE B 240 -66.72 5.30 6.56
N GLY B 241 -65.91 5.32 5.50
CA GLY B 241 -64.91 6.37 5.37
C GLY B 241 -65.52 7.71 5.03
N LEU B 242 -66.64 7.70 4.31
CA LEU B 242 -67.48 8.88 4.21
C LEU B 242 -68.06 9.24 5.57
N ALA B 243 -68.53 8.24 6.31
CA ALA B 243 -69.17 8.48 7.59
C ALA B 243 -68.17 8.87 8.67
N LEU B 244 -67.19 8.01 8.93
CA LEU B 244 -66.34 8.20 10.08
C LEU B 244 -65.12 9.05 9.76
N GLY B 245 -64.88 9.37 8.49
CA GLY B 245 -63.67 10.09 8.10
C GLY B 245 -63.62 11.55 8.52
N THR B 246 -64.68 12.10 9.08
CA THR B 246 -64.65 13.50 9.49
C THR B 246 -64.10 13.55 10.92
N HIS B 247 -64.15 14.70 11.57
CA HIS B 247 -63.85 14.93 12.98
C HIS B 247 -64.54 13.99 13.99
N PRO B 248 -65.67 13.33 13.66
CA PRO B 248 -66.04 12.15 14.44
C PRO B 248 -65.01 11.00 14.47
N ARG B 249 -63.97 11.00 13.62
CA ARG B 249 -62.87 10.06 13.85
C ARG B 249 -62.08 10.45 15.09
N ILE B 250 -61.88 11.75 15.30
CA ILE B 250 -61.16 12.24 16.46
C ILE B 250 -61.96 12.06 17.74
N GLU B 251 -63.26 11.80 17.63
CA GLU B 251 -64.05 11.35 18.76
C GLU B 251 -64.10 9.84 18.89
N ASP B 252 -64.09 9.11 17.78
CA ASP B 252 -64.52 7.72 17.76
C ASP B 252 -63.39 6.70 17.72
N GLU B 253 -62.34 6.94 16.93
CA GLU B 253 -61.33 5.92 16.71
C GLU B 253 -60.35 5.81 17.88
N GLU B 254 -60.59 6.56 18.95
CA GLU B 254 -59.82 6.52 20.18
C GLU B 254 -60.25 5.41 21.11
N VAL B 255 -61.24 4.62 20.72
CA VAL B 255 -61.72 3.54 21.56
C VAL B 255 -61.03 2.22 21.18
N ASN B 256 -60.61 2.11 19.93
CA ASN B 256 -60.16 0.86 19.31
C ASN B 256 -58.73 0.92 18.80
N THR B 257 -57.77 1.26 19.67
CA THR B 257 -56.32 1.31 19.43
C THR B 257 -55.92 2.31 18.36
N LEU B 258 -56.05 3.59 18.70
CA LEU B 258 -55.96 4.80 17.86
C LEU B 258 -54.80 4.85 16.86
N SER B 259 -53.74 4.07 17.11
CA SER B 259 -52.57 4.01 16.23
C SER B 259 -52.94 3.63 14.80
N VAL B 260 -52.83 4.61 13.91
CA VAL B 260 -53.19 4.50 12.50
C VAL B 260 -52.14 5.29 11.72
N ALA B 261 -51.63 4.70 10.65
CA ALA B 261 -50.82 5.43 9.67
C ALA B 261 -51.42 5.24 8.30
N ILE B 262 -51.08 6.14 7.38
CA ILE B 262 -51.59 6.11 6.01
C ILE B 262 -50.41 6.22 5.06
N LEU B 263 -50.41 5.39 4.01
CA LEU B 263 -49.47 5.59 2.92
C LEU B 263 -50.30 6.00 1.72
N PRO B 264 -49.89 7.04 1.00
CA PRO B 264 -50.50 7.31 -0.30
C PRO B 264 -49.98 6.39 -1.40
N LEU B 265 -50.39 6.66 -2.63
CA LEU B 265 -50.12 5.79 -3.76
C LEU B 265 -49.56 6.56 -4.93
N PRO B 266 -48.93 5.86 -5.88
CA PRO B 266 -48.69 6.45 -7.20
C PRO B 266 -49.95 6.53 -8.05
N GLY B 267 -49.82 6.89 -9.33
CA GLY B 267 -50.97 7.23 -10.15
C GLY B 267 -51.13 6.58 -11.52
N GLY B 268 -50.87 5.29 -11.65
CA GLY B 268 -50.89 4.66 -12.96
C GLY B 268 -52.24 4.49 -13.63
N GLU B 269 -53.02 3.52 -13.16
CA GLU B 269 -54.25 3.06 -13.81
C GLU B 269 -55.42 3.17 -12.87
N PHE B 270 -55.65 4.38 -12.36
CA PHE B 270 -56.69 4.61 -11.36
C PHE B 270 -57.82 5.44 -11.96
N TYR B 271 -58.86 4.77 -12.45
CA TYR B 271 -60.15 5.41 -12.69
C TYR B 271 -61.21 4.40 -12.27
N HIS B 272 -62.46 4.62 -12.68
CA HIS B 272 -63.58 3.90 -12.12
C HIS B 272 -64.24 3.01 -13.17
N TYR B 273 -65.36 2.39 -12.79
CA TYR B 273 -66.08 1.44 -13.61
C TYR B 273 -67.48 1.89 -13.99
N GLY B 274 -67.66 3.18 -14.33
CA GLY B 274 -68.97 3.75 -14.56
C GLY B 274 -69.78 3.07 -15.63
N THR B 275 -69.30 3.12 -16.86
CA THR B 275 -69.92 2.38 -17.94
C THR B 275 -68.87 1.48 -18.58
N SER B 276 -69.25 0.88 -19.69
CA SER B 276 -68.37 -0.05 -20.38
C SER B 276 -67.14 0.65 -20.96
N LYS B 277 -67.29 1.92 -21.34
CA LYS B 277 -66.17 2.64 -21.92
C LYS B 277 -65.05 2.87 -20.92
N GLU B 278 -65.35 2.79 -19.62
CA GLU B 278 -64.32 2.87 -18.60
C GLU B 278 -63.35 1.70 -18.70
N LEU B 279 -63.89 0.49 -18.70
CA LEU B 279 -63.04 -0.69 -18.84
C LEU B 279 -62.47 -0.80 -20.24
N ILE B 280 -63.16 -0.25 -21.24
CA ILE B 280 -62.60 -0.22 -22.59
C ILE B 280 -61.36 0.65 -22.64
N SER B 281 -61.45 1.86 -22.08
CA SER B 281 -60.33 2.78 -21.98
C SER B 281 -59.21 2.22 -21.12
N SER B 282 -59.56 1.46 -20.09
CA SER B 282 -58.58 0.79 -19.26
C SER B 282 -57.79 -0.20 -20.08
N THR B 283 -58.51 -0.98 -20.87
CA THR B 283 -57.91 -2.02 -21.67
C THR B 283 -57.53 -1.54 -23.06
N LEU B 284 -57.90 -0.29 -23.41
CA LEU B 284 -57.50 0.45 -24.61
C LEU B 284 -58.11 -0.07 -25.91
N SER B 285 -58.72 -1.26 -25.89
CA SER B 285 -59.13 -1.95 -27.10
C SER B 285 -59.96 -3.17 -26.71
N VAL B 286 -60.69 -3.71 -27.68
CA VAL B 286 -61.72 -4.73 -27.44
C VAL B 286 -61.73 -5.82 -28.51
N GLN B 287 -62.78 -6.66 -28.47
CA GLN B 287 -63.15 -7.63 -29.51
C GLN B 287 -62.17 -8.81 -29.64
N ASN B 288 -62.25 -9.75 -28.69
CA ASN B 288 -61.62 -11.06 -28.94
C ASN B 288 -62.52 -12.24 -28.55
N LYS B 289 -63.17 -12.84 -29.56
CA LYS B 289 -63.20 -14.30 -29.61
C LYS B 289 -62.60 -14.92 -30.88
N VAL B 290 -62.98 -14.60 -32.13
CA VAL B 290 -64.00 -13.65 -32.63
C VAL B 290 -65.07 -14.35 -33.49
N TYR B 291 -66.26 -14.55 -32.95
CA TYR B 291 -67.33 -15.15 -33.73
C TYR B 291 -67.92 -14.12 -34.68
N ASP B 292 -67.76 -14.38 -35.97
CA ASP B 292 -68.29 -13.50 -37.01
C ASP B 292 -69.26 -14.32 -37.82
N GLN B 293 -70.54 -14.26 -37.46
CA GLN B 293 -71.56 -14.87 -38.30
C GLN B 293 -71.96 -13.82 -39.33
N ARG B 294 -73.12 -13.99 -39.95
CA ARG B 294 -73.47 -13.14 -41.07
C ARG B 294 -74.67 -12.29 -40.71
N ARG B 295 -74.96 -11.33 -41.59
CA ARG B 295 -75.90 -10.21 -41.37
C ARG B 295 -75.52 -9.43 -40.12
N ILE B 296 -74.23 -9.26 -39.93
CA ILE B 296 -73.67 -8.59 -38.77
C ILE B 296 -73.08 -7.27 -39.24
N MET B 297 -72.49 -6.51 -38.32
CA MET B 297 -71.87 -5.25 -38.67
C MET B 297 -70.45 -5.16 -38.14
N HIS B 298 -69.50 -4.88 -39.04
CA HIS B 298 -68.10 -4.72 -38.68
C HIS B 298 -67.89 -3.43 -37.91
N ARG B 299 -67.36 -3.57 -36.70
CA ARG B 299 -66.92 -2.45 -35.88
C ARG B 299 -65.60 -2.83 -35.24
N LYS B 300 -65.05 -1.91 -34.46
CA LYS B 300 -63.95 -2.23 -33.56
C LYS B 300 -64.26 -1.92 -32.11
N VAL B 301 -64.80 -0.71 -31.84
CA VAL B 301 -64.85 -0.12 -30.51
C VAL B 301 -65.75 -0.88 -29.55
N LYS B 302 -66.67 -1.65 -30.10
CA LYS B 302 -67.65 -2.45 -29.37
C LYS B 302 -66.98 -3.52 -28.52
N PRO B 303 -67.38 -3.72 -27.28
CA PRO B 303 -66.70 -4.72 -26.43
C PRO B 303 -67.23 -6.14 -26.51
N ASN B 304 -66.84 -6.94 -27.47
CA ASN B 304 -67.24 -8.33 -27.40
C ASN B 304 -66.12 -9.16 -26.80
N PRO B 305 -66.35 -9.80 -25.68
CA PRO B 305 -65.38 -10.77 -25.16
C PRO B 305 -65.42 -12.10 -25.87
N ALA B 306 -64.84 -13.10 -25.22
CA ALA B 306 -64.83 -14.45 -25.75
C ALA B 306 -66.21 -15.09 -25.76
N MET B 307 -66.40 -15.95 -26.75
CA MET B 307 -67.40 -17.02 -26.79
C MET B 307 -68.83 -16.51 -26.80
N PHE B 308 -69.09 -15.68 -27.80
CA PHE B 308 -70.42 -15.14 -28.07
C PHE B 308 -70.68 -15.25 -29.57
N VAL B 309 -71.52 -16.21 -29.97
CA VAL B 309 -71.84 -16.39 -31.40
C VAL B 309 -72.73 -15.24 -31.86
N GLN B 310 -72.21 -14.41 -32.75
CA GLN B 310 -72.82 -13.12 -33.05
C GLN B 310 -73.42 -13.17 -34.44
N ASN B 311 -74.74 -13.32 -34.52
CA ASN B 311 -75.42 -13.61 -35.76
C ASN B 311 -76.52 -12.58 -36.03
N ALA B 312 -76.58 -12.09 -37.26
CA ALA B 312 -77.79 -11.56 -37.88
C ALA B 312 -78.28 -10.25 -37.26
N VAL B 313 -77.49 -9.57 -36.43
CA VAL B 313 -77.94 -8.36 -35.77
C VAL B 313 -77.03 -7.22 -36.18
N VAL B 314 -77.60 -6.03 -36.38
CA VAL B 314 -76.88 -4.82 -36.80
C VAL B 314 -76.75 -3.88 -35.61
N ARG B 315 -75.54 -3.41 -35.34
CA ARG B 315 -75.37 -2.51 -34.20
C ARG B 315 -74.41 -1.36 -34.43
N ILE B 316 -74.40 -0.48 -33.44
CA ILE B 316 -73.39 0.54 -33.22
C ILE B 316 -72.57 0.03 -32.04
N PRO B 317 -71.31 0.51 -31.85
CA PRO B 317 -70.53 0.01 -30.70
C PRO B 317 -71.07 0.36 -29.31
N LEU B 318 -70.25 0.02 -28.31
CA LEU B 318 -70.37 0.15 -26.84
C LEU B 318 -71.17 -0.97 -26.18
N CYS B 319 -71.51 -2.04 -26.88
CA CYS B 319 -72.33 -3.11 -26.32
C CYS B 319 -71.53 -4.40 -26.13
N ALA B 320 -71.80 -5.10 -25.02
CA ALA B 320 -70.99 -6.21 -24.54
C ALA B 320 -71.80 -7.47 -24.30
N GLU B 321 -71.29 -8.60 -24.77
CA GLU B 321 -72.07 -9.83 -24.93
C GLU B 321 -71.20 -11.04 -24.60
N ASN B 322 -71.62 -11.85 -23.62
CA ASN B 322 -70.70 -12.86 -23.07
C ASN B 322 -70.82 -14.26 -23.66
N ALA B 323 -71.93 -14.95 -23.37
CA ALA B 323 -72.07 -16.40 -23.52
C ALA B 323 -73.46 -16.80 -23.05
N ASP B 324 -73.90 -18.00 -23.47
CA ASP B 324 -75.30 -18.47 -23.38
C ASP B 324 -76.22 -17.47 -24.07
N LEU B 325 -75.73 -16.91 -25.17
CA LEU B 325 -76.35 -15.81 -25.89
C LEU B 325 -76.06 -16.05 -27.37
N TRP B 326 -77.04 -16.57 -28.12
CA TRP B 326 -76.90 -16.70 -29.57
C TRP B 326 -77.97 -15.82 -30.22
N ILE B 327 -77.65 -14.56 -30.35
CA ILE B 327 -78.62 -13.56 -30.78
C ILE B 327 -78.71 -13.63 -32.29
N GLU B 328 -79.92 -13.51 -32.81
CA GLU B 328 -80.22 -13.49 -34.23
C GLU B 328 -81.33 -12.49 -34.49
N ASN B 329 -81.09 -11.59 -35.45
CA ASN B 329 -82.11 -10.74 -36.07
C ASN B 329 -82.77 -9.79 -35.06
N SER B 330 -81.96 -8.83 -34.62
CA SER B 330 -82.46 -7.76 -33.79
C SER B 330 -81.93 -6.45 -34.35
N HIS B 331 -82.33 -5.33 -33.74
CA HIS B 331 -81.95 -4.00 -34.23
C HIS B 331 -81.53 -3.16 -33.05
N ILE B 332 -80.25 -3.24 -32.69
CA ILE B 332 -79.78 -2.79 -31.39
C ILE B 332 -78.78 -1.65 -31.59
N GLY B 333 -78.65 -0.78 -30.58
CA GLY B 333 -77.74 0.34 -30.60
C GLY B 333 -76.61 0.25 -29.58
N PRO B 334 -76.35 1.33 -28.86
CA PRO B 334 -75.20 1.35 -27.95
C PRO B 334 -75.52 0.88 -26.54
N LYS B 335 -74.46 0.41 -25.86
CA LYS B 335 -74.42 0.21 -24.42
C LYS B 335 -75.43 -0.85 -23.95
N TRP B 336 -75.14 -2.10 -24.29
CA TRP B 336 -76.08 -3.19 -23.99
C TRP B 336 -75.51 -4.20 -23.03
N LYS B 337 -76.04 -4.19 -21.81
CA LYS B 337 -76.20 -5.42 -21.05
C LYS B 337 -77.02 -6.39 -21.88
N ILE B 338 -76.62 -7.66 -21.87
CA ILE B 338 -77.36 -8.74 -22.53
C ILE B 338 -77.39 -9.90 -21.53
N ALA B 339 -78.59 -10.26 -21.08
CA ALA B 339 -78.73 -11.16 -19.94
C ALA B 339 -78.76 -12.63 -20.35
N SER B 340 -78.06 -13.46 -19.58
CA SER B 340 -77.88 -14.89 -19.77
C SER B 340 -78.89 -15.71 -18.93
N ARG B 341 -78.50 -16.96 -18.62
CA ARG B 341 -79.16 -17.92 -17.71
C ARG B 341 -80.35 -18.60 -18.34
N HIS B 342 -80.42 -18.62 -19.65
CA HIS B 342 -81.66 -19.05 -20.28
C HIS B 342 -81.36 -19.51 -21.70
N ILE B 343 -82.23 -20.36 -22.22
CA ILE B 343 -82.16 -20.74 -23.62
C ILE B 343 -82.70 -19.57 -24.42
N ILE B 344 -81.80 -18.69 -24.84
CA ILE B 344 -82.18 -17.48 -25.55
C ILE B 344 -81.68 -17.59 -26.98
N THR B 345 -82.63 -17.74 -27.90
CA THR B 345 -82.39 -17.62 -29.32
C THR B 345 -83.48 -16.67 -29.80
N GLY B 346 -83.66 -16.54 -31.11
CA GLY B 346 -84.98 -16.11 -31.52
C GLY B 346 -86.01 -17.22 -31.46
N VAL B 347 -85.56 -18.42 -31.11
CA VAL B 347 -86.38 -19.55 -30.71
C VAL B 347 -86.66 -19.28 -29.23
N PRO B 348 -87.38 -20.14 -28.48
CA PRO B 348 -88.72 -19.76 -27.97
C PRO B 348 -89.00 -18.34 -27.45
N GLU B 349 -87.99 -17.49 -27.24
CA GLU B 349 -88.23 -16.13 -26.74
C GLU B 349 -89.00 -15.24 -27.71
N ASN B 350 -88.99 -15.57 -29.01
CA ASN B 350 -89.84 -14.95 -30.03
C ASN B 350 -89.56 -13.46 -30.17
N ASP B 351 -88.29 -13.08 -30.05
CA ASP B 351 -87.92 -11.68 -30.06
C ASP B 351 -87.24 -11.41 -31.40
N TRP B 352 -88.03 -11.03 -32.39
CA TRP B 352 -87.53 -10.80 -33.74
C TRP B 352 -87.71 -9.37 -34.21
N SER B 353 -88.96 -8.89 -34.30
CA SER B 353 -89.26 -7.55 -34.81
C SER B 353 -88.97 -6.55 -33.71
N LEU B 354 -87.69 -6.26 -33.49
CA LEU B 354 -87.25 -5.67 -32.25
C LEU B 354 -86.78 -4.26 -32.54
N ALA B 355 -87.66 -3.29 -32.33
CA ALA B 355 -87.33 -1.89 -32.51
C ALA B 355 -86.66 -1.36 -31.25
N VAL B 356 -85.49 -1.94 -30.98
CA VAL B 356 -84.83 -1.82 -29.68
C VAL B 356 -84.28 -0.40 -29.51
N PRO B 357 -84.57 0.28 -28.39
CA PRO B 357 -84.07 1.65 -28.16
C PRO B 357 -82.57 1.72 -27.90
N ALA B 358 -82.10 2.89 -27.47
CA ALA B 358 -80.69 3.12 -27.22
C ALA B 358 -80.44 3.39 -25.74
N GLY B 359 -79.31 2.89 -25.24
CA GLY B 359 -78.88 3.23 -23.90
C GLY B 359 -79.63 2.54 -22.79
N VAL B 360 -80.14 1.33 -23.05
CA VAL B 360 -80.95 0.60 -22.09
C VAL B 360 -80.22 -0.76 -21.91
N CYS B 361 -80.80 -1.68 -21.15
CA CYS B 361 -80.16 -2.94 -20.79
C CYS B 361 -81.11 -4.10 -21.03
N VAL B 362 -80.81 -4.91 -22.05
CA VAL B 362 -81.35 -6.27 -22.18
C VAL B 362 -80.91 -7.06 -20.96
N ASP B 363 -81.85 -7.75 -20.31
CA ASP B 363 -83.13 -8.22 -20.85
C ASP B 363 -84.38 -7.35 -20.79
N VAL B 364 -85.49 -8.05 -21.00
CA VAL B 364 -86.44 -7.79 -22.06
C VAL B 364 -86.84 -6.33 -22.28
N VAL B 365 -86.59 -5.85 -23.50
CA VAL B 365 -86.98 -4.57 -24.10
C VAL B 365 -87.04 -4.67 -25.63
N PRO B 366 -88.15 -5.19 -26.21
CA PRO B 366 -88.25 -5.29 -27.68
C PRO B 366 -88.28 -3.94 -28.39
N MET B 367 -89.02 -3.00 -27.82
CA MET B 367 -89.08 -1.62 -28.30
C MET B 367 -89.43 -0.74 -27.11
N GLY B 368 -89.82 0.49 -27.38
CA GLY B 368 -90.21 1.40 -26.32
C GLY B 368 -89.14 2.42 -25.98
N ASP B 369 -89.35 3.12 -24.87
CA ASP B 369 -88.46 4.20 -24.45
C ASP B 369 -88.14 4.05 -22.98
N LYS B 370 -86.91 3.62 -22.68
CA LYS B 370 -86.22 3.84 -21.41
C LYS B 370 -86.97 3.22 -20.22
N GLY B 371 -87.08 1.89 -20.27
CA GLY B 371 -87.62 1.12 -19.18
C GLY B 371 -86.54 0.59 -18.24
N PHE B 372 -86.94 -0.37 -17.40
CA PHE B 372 -86.04 -1.03 -16.45
C PHE B 372 -86.60 -2.44 -16.19
N VAL B 373 -86.11 -3.41 -16.96
CA VAL B 373 -86.50 -4.82 -16.81
C VAL B 373 -85.26 -5.64 -16.50
N ALA B 374 -85.25 -6.26 -15.33
CA ALA B 374 -84.18 -7.14 -14.89
C ALA B 374 -84.45 -8.55 -15.40
N ARG B 375 -83.82 -9.55 -14.75
CA ARG B 375 -83.62 -10.97 -15.04
C ARG B 375 -84.87 -11.66 -15.62
N PRO B 376 -84.73 -12.75 -16.48
CA PRO B 376 -85.52 -12.83 -17.72
C PRO B 376 -87.03 -12.98 -17.60
N TYR B 377 -87.70 -11.82 -17.50
CA TYR B 377 -89.13 -11.74 -17.74
C TYR B 377 -89.51 -12.37 -19.09
N GLY B 378 -90.68 -13.02 -19.15
CA GLY B 378 -91.06 -13.82 -20.30
C GLY B 378 -92.14 -13.22 -21.19
N LEU B 379 -92.05 -13.52 -22.49
CA LEU B 379 -92.94 -12.94 -23.49
C LEU B 379 -93.47 -14.02 -24.42
N ASP B 380 -94.26 -13.60 -25.39
CA ASP B 380 -94.10 -14.06 -26.77
C ASP B 380 -93.82 -12.91 -27.72
N ASP B 381 -94.80 -12.06 -27.97
CA ASP B 381 -94.68 -10.86 -28.79
C ASP B 381 -95.43 -9.70 -28.20
N VAL B 382 -96.36 -9.95 -27.28
CA VAL B 382 -97.42 -9.03 -26.91
C VAL B 382 -96.86 -7.81 -26.20
N PHE B 383 -95.69 -7.97 -25.59
CA PHE B 383 -95.08 -7.01 -24.69
C PHE B 383 -94.63 -5.73 -25.39
N LYS B 384 -94.55 -5.70 -26.73
CA LYS B 384 -94.00 -4.62 -27.55
C LYS B 384 -94.81 -3.24 -27.44
N GLY B 385 -95.78 -3.02 -26.55
CA GLY B 385 -96.59 -1.81 -26.60
C GLY B 385 -96.42 -0.73 -25.55
N ASP B 386 -96.52 -1.07 -24.26
CA ASP B 386 -96.55 -0.06 -23.19
C ASP B 386 -95.15 0.28 -22.71
N LEU B 387 -94.17 0.23 -23.60
CA LEU B 387 -92.77 0.36 -23.22
C LEU B 387 -92.21 1.73 -23.49
N ARG B 388 -92.99 2.62 -24.09
CA ARG B 388 -92.59 4.01 -24.15
C ARG B 388 -92.96 4.75 -22.87
N ASP B 389 -93.58 4.04 -21.94
CA ASP B 389 -93.76 4.47 -20.55
C ASP B 389 -92.37 4.53 -19.92
N SER B 390 -91.75 5.71 -19.98
CA SER B 390 -90.37 5.88 -19.58
C SER B 390 -90.24 6.10 -18.07
N LYS B 391 -89.05 5.79 -17.56
CA LYS B 391 -88.63 5.97 -16.17
C LYS B 391 -89.56 5.23 -15.20
N THR B 392 -89.76 3.96 -15.50
CA THR B 392 -90.47 3.04 -14.65
C THR B 392 -89.51 1.93 -14.23
N THR B 393 -89.80 1.31 -13.08
CA THR B 393 -88.93 0.28 -12.51
C THR B 393 -89.69 -1.04 -12.42
N LEU B 394 -89.19 -2.06 -13.13
CA LEU B 394 -89.81 -3.38 -13.12
C LEU B 394 -88.68 -4.41 -13.06
N THR B 395 -88.20 -4.71 -11.85
CA THR B 395 -87.17 -5.72 -11.68
C THR B 395 -87.76 -7.06 -12.08
N GLY B 396 -87.35 -7.56 -13.24
CA GLY B 396 -88.03 -8.65 -13.93
C GLY B 396 -87.92 -10.00 -13.26
N ILE B 397 -87.14 -10.11 -12.21
CA ILE B 397 -87.05 -11.32 -11.38
C ILE B 397 -87.71 -10.97 -10.05
N PRO B 398 -88.25 -11.96 -9.33
CA PRO B 398 -88.52 -11.73 -7.91
C PRO B 398 -87.25 -11.81 -7.05
N SER B 467 -76.61 -21.54 -12.97
CA SER B 467 -76.60 -22.87 -13.59
C SER B 467 -76.37 -22.75 -15.08
N ALA B 468 -77.36 -22.15 -15.77
CA ALA B 468 -77.16 -21.84 -17.18
C ALA B 468 -76.17 -20.70 -17.33
N GLY B 469 -75.95 -19.92 -16.27
CA GLY B 469 -74.80 -19.03 -16.22
C GLY B 469 -73.50 -19.80 -16.02
N ALA B 470 -73.52 -20.81 -15.15
CA ALA B 470 -72.37 -21.69 -15.06
C ALA B 470 -72.21 -22.49 -16.34
N ASN B 471 -73.32 -22.79 -17.02
CA ASN B 471 -73.22 -23.39 -18.34
C ASN B 471 -72.65 -22.41 -19.36
N LEU B 472 -72.93 -21.11 -19.19
CA LEU B 472 -72.31 -20.11 -20.04
C LEU B 472 -70.81 -20.08 -19.84
N LYS B 473 -70.39 -20.17 -18.58
CA LYS B 473 -68.97 -20.24 -18.28
C LYS B 473 -68.35 -21.52 -18.82
N ARG B 474 -69.07 -22.64 -18.74
CA ARG B 474 -68.54 -23.91 -19.22
C ARG B 474 -68.44 -23.92 -20.73
N LEU B 475 -69.45 -23.39 -21.41
CA LEU B 475 -69.41 -23.24 -22.85
C LEU B 475 -68.33 -22.27 -23.27
N TYR B 476 -68.11 -21.22 -22.46
CA TYR B 476 -67.11 -20.22 -22.79
C TYR B 476 -65.70 -20.79 -22.64
N ALA B 477 -65.49 -21.63 -21.65
CA ALA B 477 -64.21 -22.29 -21.45
C ALA B 477 -64.04 -23.53 -22.32
N GLN B 478 -65.08 -23.96 -23.04
CA GLN B 478 -64.94 -25.09 -23.93
C GLN B 478 -63.99 -24.79 -25.09
N ARG B 479 -64.35 -23.84 -25.94
CA ARG B 479 -63.56 -23.57 -27.13
C ARG B 479 -62.46 -22.58 -26.89
N GLU B 480 -62.15 -22.30 -25.63
CA GLU B 480 -61.10 -21.34 -25.32
C GLU B 480 -59.75 -21.85 -25.78
N GLU B 481 -59.41 -23.09 -25.45
CA GLU B 481 -58.17 -23.67 -25.94
C GLU B 481 -58.21 -23.93 -27.45
N PHE B 482 -59.42 -24.13 -28.00
CA PHE B 482 -59.56 -24.25 -29.44
C PHE B 482 -59.16 -22.96 -30.13
N ARG B 483 -59.72 -21.85 -29.70
CA ARG B 483 -59.33 -20.58 -30.27
C ARG B 483 -57.95 -20.15 -29.80
N LYS B 484 -57.44 -20.72 -28.72
CA LYS B 484 -56.05 -20.52 -28.38
C LYS B 484 -55.14 -21.21 -29.38
N GLY B 485 -55.54 -22.39 -29.84
CA GLY B 485 -54.85 -23.03 -30.94
C GLY B 485 -54.99 -22.22 -32.22
N ASN B 486 -56.15 -21.57 -32.38
CA ASN B 486 -56.34 -20.67 -33.51
C ASN B 486 -55.41 -19.47 -33.42
N TRP B 487 -55.17 -18.97 -32.20
CA TRP B 487 -54.26 -17.86 -32.02
C TRP B 487 -52.81 -18.31 -32.12
N LYS B 488 -52.55 -19.55 -31.74
CA LYS B 488 -51.30 -20.25 -31.96
C LYS B 488 -51.10 -20.61 -33.41
N ALA B 489 -52.14 -20.43 -34.22
CA ALA B 489 -51.98 -20.30 -35.65
C ALA B 489 -51.93 -18.84 -36.10
N LEU B 490 -52.56 -17.92 -35.37
CA LEU B 490 -52.87 -16.62 -35.93
C LEU B 490 -51.65 -15.71 -35.93
N ALA B 491 -51.18 -15.34 -34.75
CA ALA B 491 -49.86 -14.76 -34.65
C ALA B 491 -48.90 -15.77 -34.08
N VAL B 492 -49.38 -16.99 -33.81
CA VAL B 492 -48.61 -18.19 -33.53
C VAL B 492 -47.86 -18.18 -32.21
N ASN B 493 -47.87 -17.07 -31.52
CA ASN B 493 -47.47 -16.95 -30.12
C ASN B 493 -48.42 -16.09 -29.33
N HIS B 494 -49.39 -15.48 -30.00
CA HIS B 494 -50.38 -14.60 -29.39
C HIS B 494 -51.15 -15.29 -28.29
N GLU B 495 -51.33 -16.61 -28.39
CA GLU B 495 -51.73 -17.41 -27.26
C GLU B 495 -50.53 -18.05 -26.58
N LYS B 496 -49.52 -18.43 -27.35
CA LYS B 496 -48.45 -19.23 -26.79
C LYS B 496 -47.51 -18.37 -25.97
N SER B 497 -46.68 -17.58 -26.64
CA SER B 497 -45.64 -16.86 -25.91
C SER B 497 -46.14 -15.48 -25.51
N VAL B 498 -47.32 -15.46 -24.95
CA VAL B 498 -47.84 -14.25 -24.35
C VAL B 498 -47.97 -14.43 -22.85
N PHE B 499 -48.60 -15.48 -22.42
CA PHE B 499 -48.33 -15.96 -21.08
C PHE B 499 -48.03 -17.44 -21.03
N TYR B 500 -48.75 -18.22 -21.85
CA TYR B 500 -48.88 -19.67 -21.73
C TYR B 500 -49.24 -20.10 -20.31
N GLN B 501 -49.97 -19.26 -19.58
CA GLN B 501 -49.99 -19.27 -18.12
C GLN B 501 -50.64 -20.53 -17.55
N LEU B 502 -51.55 -21.15 -18.30
CA LEU B 502 -52.33 -22.27 -17.79
C LEU B 502 -51.75 -23.60 -18.21
N ASP B 503 -50.41 -23.69 -18.29
CA ASP B 503 -49.60 -24.72 -18.91
C ASP B 503 -50.11 -26.15 -18.77
N LEU B 504 -50.25 -26.59 -17.54
CA LEU B 504 -50.78 -27.92 -17.29
C LEU B 504 -52.25 -28.04 -17.62
N ALA B 505 -53.07 -27.09 -17.18
CA ALA B 505 -54.48 -27.13 -17.52
C ALA B 505 -54.70 -26.83 -18.99
N ASP B 506 -53.81 -26.06 -19.62
CA ASP B 506 -53.87 -25.90 -21.06
C ASP B 506 -53.55 -27.19 -21.78
N ALA B 507 -52.55 -27.92 -21.31
CA ALA B 507 -52.12 -29.16 -21.95
C ALA B 507 -53.17 -30.23 -21.79
N ALA B 508 -53.55 -30.50 -20.54
CA ALA B 508 -54.49 -31.57 -20.26
C ALA B 508 -55.89 -31.17 -20.67
N GLU B 509 -56.43 -30.15 -20.03
CA GLU B 509 -57.77 -29.76 -20.39
C GLU B 509 -57.75 -28.95 -21.70
N ASP B 510 -58.65 -29.30 -22.61
CA ASP B 510 -59.49 -30.48 -22.50
C ASP B 510 -59.00 -31.49 -23.50
N PHE B 511 -58.83 -31.02 -24.74
CA PHE B 511 -58.29 -31.86 -25.80
C PHE B 511 -57.27 -31.08 -26.62
N VAL B 512 -56.53 -30.20 -25.97
CA VAL B 512 -55.53 -29.43 -26.68
C VAL B 512 -54.38 -30.33 -27.11
N ARG B 513 -54.30 -30.58 -28.41
CA ARG B 513 -53.25 -31.43 -28.97
C ARG B 513 -52.04 -30.57 -29.31
N LEU B 514 -50.99 -30.66 -28.50
CA LEU B 514 -49.83 -29.81 -28.67
C LEU B 514 -48.84 -30.34 -29.69
N GLY B 515 -49.21 -31.34 -30.46
CA GLY B 515 -48.45 -31.60 -31.67
C GLY B 515 -48.58 -30.47 -32.66
N LEU B 516 -49.71 -29.75 -32.62
CA LEU B 516 -49.81 -28.49 -33.32
C LEU B 516 -48.79 -27.49 -32.79
N ASP B 517 -48.54 -27.53 -31.50
CA ASP B 517 -47.47 -26.71 -30.96
C ASP B 517 -46.11 -27.19 -31.42
N MET B 518 -45.91 -28.48 -31.62
CA MET B 518 -44.69 -28.94 -32.28
C MET B 518 -44.61 -28.48 -33.73
N PRO B 519 -45.74 -28.43 -34.40
CA PRO B 519 -45.75 -28.05 -35.81
C PRO B 519 -45.45 -26.57 -35.97
N GLU B 520 -46.17 -25.72 -35.25
CA GLU B 520 -45.93 -24.28 -35.26
C GLU B 520 -44.63 -23.92 -34.58
N LEU B 521 -44.11 -24.79 -33.73
CA LEU B 521 -42.73 -24.68 -33.29
C LEU B 521 -41.79 -24.81 -34.48
N LEU B 522 -42.09 -25.76 -35.35
CA LEU B 522 -41.26 -25.92 -36.54
C LEU B 522 -41.91 -25.21 -37.71
N PRO B 523 -42.49 -24.02 -37.47
CA PRO B 523 -43.31 -23.33 -38.45
C PRO B 523 -42.51 -23.05 -39.70
N GLU B 524 -41.55 -22.15 -39.62
CA GLU B 524 -40.34 -22.32 -40.40
C GLU B 524 -39.20 -22.23 -39.42
N ASP B 525 -39.21 -21.09 -38.76
CA ASP B 525 -38.27 -20.62 -37.76
C ASP B 525 -38.94 -19.33 -37.34
N ALA B 526 -38.81 -18.96 -36.09
CA ALA B 526 -39.71 -17.96 -35.55
C ALA B 526 -38.89 -17.11 -34.61
N LEU B 527 -39.55 -16.45 -33.69
CA LEU B 527 -38.90 -16.33 -32.41
C LEU B 527 -38.65 -17.76 -32.02
N GLN B 528 -37.40 -18.12 -31.99
CA GLN B 528 -37.06 -19.42 -31.47
C GLN B 528 -37.32 -19.49 -30.05
N MET B 529 -37.33 -18.33 -29.42
CA MET B 529 -38.15 -18.12 -28.24
C MET B 529 -39.53 -18.73 -28.42
N SER B 530 -40.33 -18.22 -29.35
CA SER B 530 -41.70 -18.69 -29.48
C SER B 530 -41.72 -20.08 -30.09
N ARG B 531 -40.77 -20.35 -30.99
CA ARG B 531 -40.71 -21.67 -31.60
C ARG B 531 -40.41 -22.72 -30.54
N ILE B 532 -39.35 -22.53 -29.80
CA ILE B 532 -39.01 -23.43 -28.71
C ILE B 532 -40.03 -23.37 -27.61
N HIS B 533 -40.75 -22.25 -27.50
CA HIS B 533 -41.81 -22.15 -26.53
C HIS B 533 -42.94 -23.07 -26.91
N ASN B 534 -43.26 -23.11 -28.18
CA ASN B 534 -44.29 -24.01 -28.65
C ASN B 534 -43.81 -25.45 -28.58
N ARG B 535 -42.54 -25.68 -28.88
CA ARG B 535 -41.98 -27.01 -28.76
C ARG B 535 -41.96 -27.46 -27.32
N MET B 536 -41.77 -26.52 -26.42
CA MET B 536 -41.79 -26.86 -25.02
C MET B 536 -43.21 -26.95 -24.51
N LEU B 537 -44.15 -26.32 -25.18
CA LEU B 537 -45.55 -26.53 -24.86
C LEU B 537 -45.93 -27.94 -25.23
N ARG B 538 -45.44 -28.38 -26.39
CA ARG B 538 -45.56 -29.78 -26.77
C ARG B 538 -44.88 -30.68 -25.76
N ALA B 539 -43.73 -30.25 -25.28
CA ALA B 539 -43.02 -31.01 -24.27
C ALA B 539 -43.80 -31.03 -22.97
N ARG B 540 -44.42 -29.91 -22.65
CA ARG B 540 -45.16 -29.78 -21.42
C ARG B 540 -46.39 -30.64 -21.48
N ILE B 541 -46.97 -30.79 -22.65
CA ILE B 541 -48.10 -31.68 -22.81
C ILE B 541 -47.66 -33.13 -22.68
N LEU B 542 -46.66 -33.50 -23.48
CA LEU B 542 -46.24 -34.89 -23.57
C LEU B 542 -45.64 -35.39 -22.28
N LYS B 543 -45.00 -34.51 -21.54
CA LYS B 543 -44.61 -34.85 -20.19
C LYS B 543 -45.80 -34.80 -19.27
N LEU B 544 -46.65 -33.80 -19.45
CA LEU B 544 -47.67 -33.54 -18.46
C LEU B 544 -48.85 -34.45 -18.59
N ASP B 545 -49.22 -34.81 -19.83
CA ASP B 545 -50.33 -35.73 -19.98
C ASP B 545 -49.95 -37.09 -19.42
N GLY B 546 -49.18 -37.83 -20.17
CA GLY B 546 -48.43 -38.92 -19.59
C GLY B 546 -47.08 -39.14 -20.27
N LYS B 547 -47.05 -38.98 -21.58
CA LYS B 547 -46.54 -40.06 -22.43
C LYS B 547 -45.02 -40.13 -22.51
N ASP B 548 -44.37 -39.13 -23.06
CA ASP B 548 -42.97 -39.30 -23.47
C ASP B 548 -42.15 -38.17 -22.92
N TYR B 549 -42.29 -37.94 -21.62
CA TYR B 549 -41.62 -36.90 -20.84
C TYR B 549 -40.14 -36.81 -21.14
N ARG B 550 -39.48 -37.96 -21.15
CA ARG B 550 -38.09 -38.05 -21.53
C ARG B 550 -37.86 -37.63 -22.97
N PRO B 551 -38.71 -38.05 -23.89
CA PRO B 551 -38.62 -37.50 -25.23
C PRO B 551 -39.12 -36.08 -25.27
N GLU B 552 -40.08 -35.75 -24.42
CA GLU B 552 -40.53 -34.36 -24.32
C GLU B 552 -39.40 -33.50 -23.79
N GLU B 553 -38.71 -33.99 -22.77
CA GLU B 553 -37.50 -33.32 -22.30
C GLU B 553 -36.41 -33.31 -23.34
N GLN B 554 -36.31 -34.35 -24.16
CA GLN B 554 -35.31 -34.38 -25.20
C GLN B 554 -35.60 -33.36 -26.26
N ALA B 555 -36.87 -33.26 -26.66
CA ALA B 555 -37.30 -32.29 -27.64
C ALA B 555 -37.10 -30.89 -27.13
N ALA B 556 -37.43 -30.67 -25.87
CA ALA B 556 -37.21 -29.37 -25.26
C ALA B 556 -35.72 -29.09 -25.12
N PHE B 557 -34.93 -30.13 -24.88
CA PHE B 557 -33.51 -29.95 -24.70
C PHE B 557 -32.84 -29.59 -26.00
N ASP B 558 -33.19 -30.31 -27.05
CA ASP B 558 -32.64 -30.03 -28.37
C ASP B 558 -33.11 -28.69 -28.88
N LEU B 559 -34.37 -28.34 -28.61
CA LEU B 559 -34.87 -27.04 -29.00
C LEU B 559 -34.21 -25.96 -28.16
N LEU B 560 -33.88 -26.29 -26.92
CA LEU B 560 -33.21 -25.35 -26.06
C LEU B 560 -31.81 -25.09 -26.56
N ARG B 561 -31.16 -26.14 -27.03
CA ARG B 561 -29.85 -26.00 -27.61
C ARG B 561 -29.94 -25.20 -28.89
N ASP B 562 -30.89 -25.56 -29.74
CA ASP B 562 -31.06 -24.93 -31.03
C ASP B 562 -31.40 -23.47 -30.88
N GLY B 563 -32.15 -23.17 -29.83
CA GLY B 563 -32.39 -21.82 -29.40
C GLY B 563 -31.11 -21.11 -29.05
N LEU B 564 -30.21 -21.75 -28.36
CA LEU B 564 -28.97 -21.12 -28.05
C LEU B 564 -27.93 -21.35 -29.12
N LEU B 565 -28.20 -22.25 -30.06
CA LEU B 565 -27.28 -22.52 -31.16
C LEU B 565 -27.05 -21.28 -31.99
N ASP B 566 -28.10 -20.51 -32.19
CA ASP B 566 -27.94 -19.14 -32.59
C ASP B 566 -27.20 -18.40 -31.49
N GLY B 567 -26.01 -17.90 -31.82
CA GLY B 567 -25.42 -17.97 -33.16
C GLY B 567 -24.43 -16.86 -33.18
N ILE B 568 -23.23 -17.08 -33.72
CA ILE B 568 -22.13 -16.17 -33.45
C ILE B 568 -21.14 -16.20 -34.61
N SER B 569 -20.43 -15.09 -34.78
CA SER B 569 -19.19 -15.07 -35.53
C SER B 569 -18.18 -15.95 -34.80
N ASN B 570 -17.66 -16.98 -35.45
CA ASN B 570 -17.88 -17.17 -36.87
C ASN B 570 -18.69 -18.47 -37.22
N ARG B 571 -18.35 -19.73 -36.87
CA ARG B 571 -17.17 -20.25 -36.16
C ARG B 571 -15.99 -20.35 -37.11
N LYS B 572 -14.87 -19.88 -36.61
CA LYS B 572 -13.77 -19.48 -37.45
C LYS B 572 -12.90 -20.61 -37.95
N SER B 573 -11.68 -20.21 -38.31
CA SER B 573 -10.69 -21.13 -38.85
C SER B 573 -9.25 -20.88 -38.39
N THR B 574 -9.02 -20.14 -37.31
CA THR B 574 -7.78 -19.36 -37.18
C THR B 574 -6.55 -20.18 -36.83
N PRO B 575 -5.46 -20.03 -37.55
CA PRO B 575 -4.17 -20.61 -37.14
C PRO B 575 -3.44 -19.76 -36.11
N LYS B 576 -3.67 -20.11 -34.88
CA LYS B 576 -3.02 -19.50 -33.74
C LYS B 576 -1.50 -19.71 -33.87
N LEU B 577 -0.67 -18.82 -33.35
CA LEU B 577 0.77 -18.99 -33.54
C LEU B 577 1.61 -18.75 -32.29
N ASP B 578 1.20 -17.74 -31.54
CA ASP B 578 2.04 -16.81 -30.76
C ASP B 578 3.28 -17.32 -30.05
N VAL B 579 3.16 -18.44 -29.36
CA VAL B 579 3.34 -18.53 -27.90
C VAL B 579 4.47 -17.65 -27.30
N TYR B 580 5.74 -17.65 -27.75
CA TYR B 580 6.50 -18.65 -28.47
C TYR B 580 7.07 -19.62 -27.44
N SER B 581 7.92 -20.54 -27.90
CA SER B 581 8.20 -21.85 -27.32
C SER B 581 8.42 -21.95 -25.83
N ASP B 582 9.51 -21.34 -25.43
CA ASP B 582 10.03 -21.22 -24.08
C ASP B 582 9.04 -20.67 -23.06
N GLN B 583 7.99 -20.02 -23.51
CA GLN B 583 7.14 -19.28 -22.61
C GLN B 583 6.26 -20.19 -21.80
N ILE B 584 5.70 -19.59 -20.78
CA ILE B 584 4.59 -20.20 -20.09
C ILE B 584 3.53 -19.15 -19.93
N VAL B 585 2.37 -19.51 -20.27
CA VAL B 585 1.26 -18.63 -20.16
C VAL B 585 0.46 -19.05 -18.96
N TRP B 586 0.30 -18.11 -18.06
CA TRP B 586 -0.41 -18.39 -16.84
C TRP B 586 -1.51 -17.39 -16.68
N GLY B 587 -2.73 -17.88 -16.59
CA GLY B 587 -3.90 -17.06 -16.34
C GLY B 587 -4.42 -17.26 -14.93
N ARG B 588 -5.43 -16.49 -14.56
CA ARG B 588 -5.84 -16.37 -13.16
C ARG B 588 -7.09 -15.51 -13.10
N SER B 589 -7.88 -15.70 -12.07
CA SER B 589 -9.16 -15.00 -12.04
C SER B 589 -9.80 -14.91 -10.66
N PRO B 590 -10.34 -13.80 -10.33
CA PRO B 590 -11.09 -13.70 -9.09
C PRO B 590 -12.44 -14.35 -9.20
N VAL B 591 -13.22 -14.35 -8.12
CA VAL B 591 -14.47 -15.09 -8.09
C VAL B 591 -15.59 -14.17 -7.67
N ARG B 592 -16.63 -14.12 -8.50
CA ARG B 592 -17.82 -13.34 -8.22
C ARG B 592 -18.49 -13.84 -6.96
N ILE B 593 -19.29 -12.97 -6.38
CA ILE B 593 -20.53 -13.38 -5.76
C ILE B 593 -21.54 -12.42 -6.30
N ASP B 594 -22.80 -12.71 -6.07
CA ASP B 594 -23.88 -11.87 -6.52
C ASP B 594 -24.59 -11.34 -5.29
N MET B 595 -24.49 -10.04 -5.08
CA MET B 595 -25.16 -9.46 -3.92
C MET B 595 -26.65 -9.56 -4.12
N ALA B 596 -27.12 -9.00 -5.17
CA ALA B 596 -28.51 -9.12 -5.52
C ALA B 596 -28.54 -9.63 -6.93
N GLY B 597 -29.69 -9.46 -7.58
CA GLY B 597 -29.84 -9.62 -9.01
C GLY B 597 -29.62 -11.06 -9.36
N GLY B 598 -30.49 -11.90 -8.86
CA GLY B 598 -30.23 -13.31 -8.68
C GLY B 598 -30.47 -13.99 -9.99
N TRP B 599 -31.49 -14.80 -10.08
CA TRP B 599 -31.59 -15.60 -11.28
C TRP B 599 -32.27 -14.89 -12.41
N THR B 600 -32.24 -13.55 -12.43
CA THR B 600 -32.50 -12.71 -13.60
C THR B 600 -31.53 -12.96 -14.72
N ASP B 601 -30.48 -13.70 -14.46
CA ASP B 601 -29.61 -14.35 -15.41
C ASP B 601 -30.37 -15.54 -16.00
N THR B 602 -29.66 -16.47 -16.62
CA THR B 602 -30.09 -17.85 -16.84
C THR B 602 -31.29 -17.97 -17.75
N PRO B 603 -31.07 -17.94 -19.07
CA PRO B 603 -32.14 -18.26 -20.02
C PRO B 603 -32.86 -19.54 -19.64
N PRO B 604 -34.17 -19.48 -19.45
CA PRO B 604 -35.08 -18.38 -19.67
C PRO B 604 -35.01 -17.29 -18.63
N TYR B 605 -34.75 -16.10 -19.13
CA TYR B 605 -34.64 -14.88 -18.35
C TYR B 605 -36.02 -14.45 -17.96
N SER B 606 -36.27 -13.15 -17.92
CA SER B 606 -37.61 -12.73 -18.28
C SER B 606 -38.09 -13.55 -19.47
N LEU B 607 -37.46 -13.39 -20.64
CA LEU B 607 -37.18 -14.54 -21.47
C LEU B 607 -35.72 -14.62 -21.88
N TYR B 608 -35.03 -13.54 -22.35
CA TYR B 608 -35.42 -12.40 -23.21
C TYR B 608 -36.52 -11.41 -22.75
N SER B 609 -36.25 -10.42 -21.91
CA SER B 609 -35.05 -9.59 -21.80
C SER B 609 -35.16 -8.91 -20.47
N GLY B 610 -34.07 -8.54 -19.81
CA GLY B 610 -32.76 -9.07 -20.03
C GLY B 610 -32.66 -9.69 -18.68
N GLY B 611 -31.94 -9.02 -17.82
CA GLY B 611 -31.97 -9.30 -16.40
C GLY B 611 -31.50 -8.04 -15.76
N ASN B 612 -30.82 -8.16 -14.64
CA ASN B 612 -29.54 -7.54 -14.31
C ASN B 612 -29.19 -7.95 -12.90
N VAL B 613 -27.90 -8.00 -12.62
CA VAL B 613 -27.40 -8.86 -11.59
C VAL B 613 -26.72 -8.11 -10.49
N VAL B 614 -26.32 -6.89 -10.74
CA VAL B 614 -25.01 -6.35 -10.42
C VAL B 614 -24.31 -7.06 -9.30
N ASN B 615 -23.13 -7.61 -9.55
CA ASN B 615 -22.75 -8.60 -8.58
C ASN B 615 -21.55 -8.23 -7.71
N LEU B 616 -20.30 -8.44 -8.17
CA LEU B 616 -18.98 -7.95 -7.78
C LEU B 616 -18.01 -8.88 -8.46
N ALA B 617 -16.70 -8.74 -8.19
CA ALA B 617 -15.77 -9.73 -8.69
C ALA B 617 -14.56 -9.81 -7.76
N ILE B 618 -14.57 -10.73 -6.79
CA ILE B 618 -13.58 -10.63 -5.72
C ILE B 618 -12.80 -11.90 -5.49
N GLU B 619 -11.97 -11.86 -4.47
CA GLU B 619 -10.73 -12.60 -4.48
C GLU B 619 -10.62 -13.34 -3.16
N LEU B 620 -10.19 -14.58 -3.21
CA LEU B 620 -9.87 -15.23 -1.96
C LEU B 620 -8.40 -15.20 -1.70
N ASN B 621 -8.08 -15.05 -0.45
CA ASN B 621 -6.98 -14.26 0.09
C ASN B 621 -5.81 -14.00 -0.86
N GLY B 622 -5.40 -15.03 -1.55
CA GLY B 622 -4.41 -15.01 -2.59
C GLY B 622 -4.29 -16.50 -2.64
N GLN B 623 -4.21 -17.12 -3.79
CA GLN B 623 -4.16 -16.56 -5.13
C GLN B 623 -5.62 -16.30 -5.66
N PRO B 624 -5.87 -15.81 -6.90
CA PRO B 624 -7.16 -15.17 -7.18
C PRO B 624 -8.37 -16.05 -7.02
N PRO B 625 -8.29 -17.37 -7.06
CA PRO B 625 -7.57 -18.55 -7.53
C PRO B 625 -7.98 -18.75 -8.92
N LEU B 626 -8.22 -20.01 -9.30
CA LEU B 626 -8.74 -20.37 -10.59
C LEU B 626 -7.71 -20.03 -11.62
N GLN B 627 -6.64 -20.76 -11.62
CA GLN B 627 -5.53 -20.29 -12.41
C GLN B 627 -5.00 -21.39 -13.28
N VAL B 628 -4.61 -20.97 -14.47
CA VAL B 628 -4.48 -21.88 -15.57
C VAL B 628 -3.12 -21.69 -16.19
N TYR B 629 -2.47 -22.77 -16.48
CA TYR B 629 -1.16 -22.79 -17.07
C TYR B 629 -1.30 -23.56 -18.34
N VAL B 630 -0.52 -23.21 -19.33
CA VAL B 630 -0.73 -23.86 -20.60
C VAL B 630 0.56 -23.78 -21.38
N LYS B 631 0.94 -24.89 -21.99
CA LYS B 631 2.26 -24.83 -22.54
C LYS B 631 2.41 -25.67 -23.79
N PRO B 632 3.31 -25.26 -24.63
CA PRO B 632 3.78 -26.15 -25.69
C PRO B 632 4.67 -27.25 -25.18
N CYS B 633 4.85 -28.27 -26.01
CA CYS B 633 5.55 -29.48 -25.69
C CYS B 633 6.05 -30.10 -26.99
N LYS B 634 6.24 -31.39 -26.97
CA LYS B 634 7.03 -32.04 -28.00
C LYS B 634 6.31 -33.18 -28.71
N ASP B 635 5.03 -33.37 -28.46
CA ASP B 635 4.52 -34.72 -28.45
C ASP B 635 3.02 -34.71 -28.72
N PHE B 636 2.64 -34.99 -29.95
CA PHE B 636 1.54 -34.25 -30.58
C PHE B 636 0.19 -34.71 -30.05
N HIS B 637 0.04 -34.64 -28.74
CA HIS B 637 -1.13 -35.18 -28.09
C HIS B 637 -1.55 -34.22 -27.02
N ILE B 638 -2.69 -33.60 -27.20
CA ILE B 638 -3.04 -32.48 -26.35
C ILE B 638 -3.41 -32.98 -24.97
N VAL B 639 -2.55 -32.70 -24.03
CA VAL B 639 -2.73 -33.23 -22.70
C VAL B 639 -3.50 -32.21 -21.91
N LEU B 640 -4.61 -32.64 -21.38
CA LEU B 640 -5.24 -31.82 -20.39
C LEU B 640 -4.80 -32.32 -19.04
N ARG B 641 -4.43 -31.40 -18.20
CA ARG B 641 -3.84 -31.80 -16.96
C ARG B 641 -4.50 -31.02 -15.84
N SER B 642 -5.03 -31.72 -14.87
CA SER B 642 -5.69 -31.01 -13.80
C SER B 642 -5.04 -31.32 -12.49
N ILE B 643 -5.47 -30.57 -11.51
CA ILE B 643 -4.98 -30.66 -10.15
C ILE B 643 -6.19 -30.49 -9.27
N ASP B 644 -6.17 -31.24 -8.18
CA ASP B 644 -7.12 -31.68 -7.16
C ASP B 644 -7.88 -32.89 -7.68
N MET B 645 -7.72 -33.19 -8.95
CA MET B 645 -8.28 -34.43 -9.46
C MET B 645 -7.37 -35.09 -10.48
N GLY B 646 -6.60 -34.28 -11.20
CA GLY B 646 -6.23 -34.61 -12.54
C GLY B 646 -5.05 -35.55 -12.54
N ALA B 647 -5.25 -36.70 -13.16
CA ALA B 647 -4.07 -37.41 -13.61
C ALA B 647 -3.62 -36.73 -14.89
N MET B 648 -4.40 -36.86 -15.94
CA MET B 648 -4.09 -36.35 -17.26
C MET B 648 -5.34 -36.54 -18.08
N GLU B 649 -5.39 -35.84 -19.20
CA GLU B 649 -6.19 -36.29 -20.32
C GLU B 649 -5.36 -36.19 -21.57
N ILE B 650 -4.90 -37.34 -22.01
CA ILE B 650 -4.20 -37.46 -23.27
C ILE B 650 -5.25 -37.36 -24.35
N VAL B 651 -5.11 -36.41 -25.25
CA VAL B 651 -6.11 -36.21 -26.28
C VAL B 651 -5.41 -35.90 -27.58
N SER B 652 -5.67 -36.71 -28.60
CA SER B 652 -5.75 -36.22 -29.97
C SER B 652 -6.63 -37.20 -30.75
N THR B 653 -7.92 -36.93 -30.81
CA THR B 653 -8.75 -37.85 -31.57
C THR B 653 -9.86 -37.32 -32.51
N PHE B 654 -10.32 -36.07 -32.50
CA PHE B 654 -10.57 -35.18 -31.39
C PHE B 654 -11.24 -35.80 -30.14
N ASP B 655 -12.40 -36.45 -30.18
CA ASP B 655 -13.05 -37.08 -31.34
C ASP B 655 -14.05 -36.24 -32.10
N GLU B 656 -14.55 -35.12 -31.57
CA GLU B 656 -15.68 -34.62 -32.35
C GLU B 656 -15.65 -33.20 -32.93
N LEU B 657 -15.28 -32.09 -32.26
CA LEU B 657 -14.51 -31.96 -31.05
C LEU B 657 -15.30 -31.48 -29.84
N GLN B 658 -15.09 -32.13 -28.70
CA GLN B 658 -14.74 -31.38 -27.51
C GLN B 658 -15.55 -30.14 -27.10
N ASP B 659 -16.77 -30.19 -26.54
CA ASP B 659 -17.79 -31.22 -26.47
C ASP B 659 -17.50 -32.57 -25.86
N TYR B 660 -17.41 -32.61 -24.57
CA TYR B 660 -17.81 -33.82 -23.90
C TYR B 660 -18.59 -33.45 -22.66
N LYS B 661 -19.86 -33.74 -22.69
CA LYS B 661 -20.57 -34.06 -21.48
C LYS B 661 -20.25 -35.49 -21.09
N LYS B 662 -19.64 -36.25 -22.00
CA LYS B 662 -18.93 -37.49 -21.72
C LYS B 662 -17.85 -37.19 -20.69
N ILE B 663 -17.33 -38.25 -20.07
CA ILE B 663 -17.17 -38.40 -18.63
C ILE B 663 -16.84 -37.08 -17.96
N GLY B 664 -17.62 -36.75 -16.95
CA GLY B 664 -17.58 -35.44 -16.32
C GLY B 664 -16.36 -35.16 -15.48
N SER B 665 -15.24 -35.82 -15.78
CA SER B 665 -13.91 -35.32 -15.52
C SER B 665 -13.93 -33.91 -16.07
N PRO B 666 -13.73 -32.91 -15.21
CA PRO B 666 -13.93 -31.52 -15.60
C PRO B 666 -12.95 -31.01 -16.62
N PHE B 667 -12.01 -31.86 -16.98
CA PHE B 667 -11.43 -31.95 -18.31
C PHE B 667 -12.41 -31.73 -19.45
N SER B 668 -13.66 -32.12 -19.26
CA SER B 668 -14.81 -31.64 -19.99
C SER B 668 -14.76 -30.15 -20.31
N ILE B 669 -14.37 -29.33 -19.35
CA ILE B 669 -14.36 -27.89 -19.61
C ILE B 669 -13.24 -27.53 -20.60
N PRO B 670 -12.00 -28.03 -20.47
CA PRO B 670 -11.04 -27.76 -21.51
C PRO B 670 -11.34 -28.32 -22.87
N LYS B 671 -12.21 -29.32 -22.95
CA LYS B 671 -12.65 -29.79 -24.25
C LYS B 671 -13.25 -28.65 -25.02
N ALA B 672 -14.26 -28.05 -24.42
CA ALA B 672 -14.88 -26.85 -24.93
C ALA B 672 -13.90 -25.71 -25.07
N ALA B 673 -12.85 -25.71 -24.27
CA ALA B 673 -11.85 -24.70 -24.52
C ALA B 673 -11.11 -24.95 -25.81
N LEU B 674 -11.08 -26.19 -26.28
CA LEU B 674 -10.56 -26.30 -27.62
C LEU B 674 -11.60 -25.92 -28.65
N SER B 675 -12.86 -25.79 -28.27
CA SER B 675 -13.82 -25.26 -29.22
C SER B 675 -13.61 -23.76 -29.39
N LEU B 676 -12.57 -23.45 -30.13
CA LEU B 676 -12.22 -22.09 -30.48
C LEU B 676 -13.20 -21.65 -31.53
N ALA B 677 -13.15 -22.38 -32.62
CA ALA B 677 -14.27 -22.76 -33.48
C ALA B 677 -14.80 -24.17 -33.20
N GLY B 678 -13.99 -25.24 -33.03
CA GLY B 678 -12.54 -25.41 -33.13
C GLY B 678 -12.12 -26.02 -34.44
N PHE B 679 -12.88 -25.75 -35.50
CA PHE B 679 -12.54 -26.22 -36.83
C PHE B 679 -12.05 -25.08 -37.69
N ALA B 680 -11.83 -25.42 -38.93
CA ALA B 680 -11.01 -24.74 -39.90
C ALA B 680 -10.91 -25.59 -41.15
N PRO B 681 -10.50 -24.99 -42.25
CA PRO B 681 -9.71 -25.68 -43.26
C PRO B 681 -8.30 -25.98 -42.77
N ALA B 682 -7.68 -26.99 -43.35
CA ALA B 682 -8.31 -27.99 -44.20
C ALA B 682 -7.84 -29.25 -43.55
N PHE B 683 -7.74 -29.13 -42.23
CA PHE B 683 -7.08 -30.13 -41.43
C PHE B 683 -7.95 -31.35 -41.30
N SER B 684 -7.46 -32.35 -40.59
CA SER B 684 -8.21 -33.57 -40.36
C SER B 684 -7.83 -34.16 -39.01
N ALA B 685 -8.33 -35.37 -38.80
CA ALA B 685 -8.26 -36.04 -37.51
C ALA B 685 -6.83 -36.41 -37.17
N VAL B 686 -6.14 -37.04 -38.11
CA VAL B 686 -4.73 -37.24 -37.91
C VAL B 686 -4.00 -35.92 -37.91
N SER B 687 -4.50 -34.98 -38.70
CA SER B 687 -3.76 -33.77 -38.98
C SER B 687 -4.16 -32.73 -37.95
N TYR B 688 -4.35 -33.18 -36.73
CA TYR B 688 -4.08 -32.29 -35.63
C TYR B 688 -2.59 -32.04 -35.62
N ALA B 689 -1.84 -33.03 -36.08
CA ALA B 689 -0.52 -32.84 -36.67
C ALA B 689 -0.45 -31.57 -37.49
N SER B 690 -1.37 -31.38 -38.43
CA SER B 690 -1.38 -30.13 -39.16
C SER B 690 -1.85 -29.00 -38.29
N LEU B 691 -2.85 -29.26 -37.44
CA LEU B 691 -3.43 -28.21 -36.62
C LEU B 691 -2.37 -27.54 -35.77
N GLU B 692 -1.80 -28.31 -34.86
CA GLU B 692 -0.64 -27.91 -34.08
C GLU B 692 0.50 -27.53 -35.01
N GLU B 693 0.96 -28.47 -35.73
CA GLU B 693 2.17 -28.32 -36.45
C GLU B 693 2.02 -27.70 -37.75
N GLN B 694 1.09 -26.77 -37.89
CA GLN B 694 1.33 -25.49 -38.53
C GLN B 694 0.91 -24.34 -37.66
N LEU B 695 -0.04 -24.59 -36.77
CA LEU B 695 -0.51 -23.56 -35.86
C LEU B 695 0.59 -23.11 -34.94
N LYS B 696 0.95 -23.93 -33.98
CA LYS B 696 1.73 -23.41 -32.87
C LYS B 696 3.18 -23.00 -33.18
N ASP B 697 3.91 -23.63 -34.11
CA ASP B 697 3.83 -24.90 -34.86
C ASP B 697 4.44 -25.91 -33.91
N PHE B 698 5.59 -25.55 -33.34
CA PHE B 698 5.96 -25.74 -31.93
C PHE B 698 5.45 -27.02 -31.29
N GLY B 699 6.02 -28.15 -31.69
CA GLY B 699 5.29 -29.38 -31.90
C GLY B 699 4.63 -29.99 -30.70
N ALA B 700 3.68 -29.25 -30.14
CA ALA B 700 3.22 -29.59 -28.81
C ALA B 700 2.31 -30.78 -28.76
N GLY B 701 1.15 -30.67 -29.37
CA GLY B 701 0.06 -31.44 -28.81
C GLY B 701 -0.13 -30.90 -27.42
N ILE B 702 -0.66 -29.68 -27.37
CA ILE B 702 -0.48 -28.70 -26.31
C ILE B 702 -0.82 -29.25 -24.93
N GLU B 703 -0.11 -28.86 -23.92
CA GLU B 703 -0.47 -29.43 -22.65
C GLU B 703 -0.82 -28.33 -21.69
N VAL B 704 -2.05 -28.40 -21.21
CA VAL B 704 -2.76 -27.29 -20.64
C VAL B 704 -3.11 -27.67 -19.24
N THR B 705 -2.82 -26.82 -18.29
CA THR B 705 -2.85 -27.29 -16.94
C THR B 705 -3.49 -26.24 -16.06
N LEU B 706 -4.69 -26.53 -15.65
CA LEU B 706 -5.51 -25.61 -14.92
C LEU B 706 -5.19 -25.72 -13.45
N LEU B 707 -5.95 -25.00 -12.66
CA LEU B 707 -6.06 -25.22 -11.23
C LEU B 707 -7.28 -24.48 -10.69
N ALA B 708 -8.20 -25.22 -10.09
CA ALA B 708 -9.19 -24.59 -9.23
C ALA B 708 -8.84 -24.87 -7.79
N ALA B 709 -9.16 -23.92 -6.93
CA ALA B 709 -8.96 -24.10 -5.50
C ALA B 709 -10.23 -24.64 -4.85
N ILE B 710 -11.39 -24.30 -5.39
CA ILE B 710 -12.63 -24.60 -4.69
C ILE B 710 -13.38 -25.61 -5.53
N PRO B 711 -14.07 -26.57 -4.92
CA PRO B 711 -14.95 -27.44 -5.68
C PRO B 711 -16.09 -26.67 -6.34
N ALA B 712 -16.67 -27.29 -7.36
CA ALA B 712 -17.81 -26.73 -8.08
C ALA B 712 -19.06 -26.62 -7.23
N GLY B 713 -19.07 -27.25 -6.06
CA GLY B 713 -20.09 -27.04 -5.06
C GLY B 713 -19.86 -25.75 -4.28
N SER B 714 -19.65 -24.67 -5.01
CA SER B 714 -19.39 -23.39 -4.39
C SER B 714 -20.63 -22.55 -4.41
N GLY B 715 -21.37 -22.61 -5.50
CA GLY B 715 -22.35 -21.59 -5.78
C GLY B 715 -21.62 -20.31 -6.06
N LEU B 716 -20.50 -20.44 -6.75
CA LEU B 716 -19.71 -19.29 -7.14
C LEU B 716 -19.41 -19.31 -8.62
N GLY B 717 -20.09 -20.16 -9.38
CA GLY B 717 -19.95 -20.20 -10.82
C GLY B 717 -18.60 -20.62 -11.31
N THR B 718 -17.86 -21.36 -10.49
CA THR B 718 -16.43 -21.50 -10.66
C THR B 718 -16.08 -22.24 -11.94
N SER B 719 -16.95 -23.15 -12.33
CA SER B 719 -16.82 -23.84 -13.59
C SER B 719 -16.81 -22.86 -14.74
N SER B 720 -17.80 -21.98 -14.75
CA SER B 720 -18.00 -21.07 -15.87
C SER B 720 -16.84 -20.12 -15.96
N ILE B 721 -16.46 -19.58 -14.81
CA ILE B 721 -15.37 -18.63 -14.73
C ILE B 721 -14.10 -19.29 -15.19
N LEU B 722 -13.93 -20.54 -14.81
CA LEU B 722 -12.73 -21.27 -15.11
C LEU B 722 -12.57 -21.44 -16.59
N ALA B 723 -13.65 -21.89 -17.23
CA ALA B 723 -13.68 -22.06 -18.67
C ALA B 723 -13.33 -20.78 -19.37
N SER B 724 -13.94 -19.68 -18.93
CA SER B 724 -13.71 -18.39 -19.53
C SER B 724 -12.27 -17.99 -19.40
N THR B 725 -11.67 -18.33 -18.28
CA THR B 725 -10.31 -17.91 -18.05
C THR B 725 -9.39 -18.67 -18.96
N VAL B 726 -9.75 -19.92 -19.22
CA VAL B 726 -8.96 -20.71 -20.14
C VAL B 726 -9.03 -20.09 -21.51
N LEU B 727 -10.20 -19.62 -21.85
CA LEU B 727 -10.35 -19.05 -23.17
C LEU B 727 -9.57 -17.77 -23.30
N GLY B 728 -9.49 -17.00 -22.22
CA GLY B 728 -8.61 -15.86 -22.21
C GLY B 728 -7.17 -16.26 -22.36
N ALA B 729 -6.81 -17.39 -21.79
CA ALA B 729 -5.46 -17.87 -21.97
C ALA B 729 -5.22 -18.32 -23.39
N ILE B 730 -6.25 -18.79 -24.08
CA ILE B 730 -6.04 -19.22 -25.44
C ILE B 730 -5.87 -18.03 -26.31
N ASN B 731 -6.73 -17.07 -26.10
CA ASN B 731 -6.69 -15.77 -26.72
C ASN B 731 -5.34 -15.12 -26.57
N ASP B 732 -4.71 -15.31 -25.44
CA ASP B 732 -3.33 -14.90 -25.40
C ASP B 732 -2.51 -15.90 -26.18
N PHE B 733 -2.89 -17.16 -26.05
CA PHE B 733 -1.89 -18.19 -25.93
C PHE B 733 -1.19 -18.38 -27.23
N CYS B 734 -1.92 -18.85 -28.19
CA CYS B 734 -1.30 -19.03 -29.45
C CYS B 734 -1.86 -18.04 -30.43
N GLY B 735 -2.98 -17.42 -30.12
CA GLY B 735 -3.33 -16.28 -30.94
C GLY B 735 -4.77 -15.85 -30.85
N LEU B 736 -5.31 -15.45 -32.00
CA LEU B 736 -6.70 -15.12 -32.33
C LEU B 736 -7.24 -13.83 -31.72
N ALA B 737 -6.53 -13.18 -30.81
CA ALA B 737 -6.72 -11.76 -30.48
C ALA B 737 -8.13 -11.28 -30.12
N TRP B 738 -8.66 -11.67 -28.98
CA TRP B 738 -10.05 -11.32 -28.67
C TRP B 738 -10.23 -10.31 -27.56
N ASP B 739 -11.49 -10.10 -27.23
CA ASP B 739 -11.94 -9.17 -26.21
C ASP B 739 -12.62 -9.93 -25.09
N LYS B 740 -12.33 -9.45 -23.87
CA LYS B 740 -13.01 -9.74 -22.61
C LYS B 740 -14.46 -10.06 -22.78
N ASN B 741 -15.13 -9.14 -23.44
CA ASN B 741 -16.53 -9.30 -23.71
C ASN B 741 -16.76 -10.43 -24.69
N GLU B 742 -16.07 -10.40 -25.82
CA GLU B 742 -16.35 -11.48 -26.75
C GLU B 742 -15.75 -12.77 -26.30
N ILE B 743 -14.73 -12.71 -25.45
CA ILE B 743 -14.34 -13.89 -24.69
C ILE B 743 -15.54 -14.45 -23.98
N CYS B 744 -16.25 -13.62 -23.23
CA CYS B 744 -17.38 -14.11 -22.48
C CYS B 744 -18.53 -14.51 -23.38
N GLN B 745 -18.60 -13.87 -24.55
CA GLN B 745 -19.63 -14.20 -25.51
C GLN B 745 -19.45 -15.62 -25.97
N ARG B 746 -18.27 -15.90 -26.52
CA ARG B 746 -17.95 -17.22 -27.01
C ARG B 746 -17.96 -18.24 -25.89
N THR B 747 -17.72 -17.77 -24.68
CA THR B 747 -17.80 -18.64 -23.53
C THR B 747 -19.20 -19.10 -23.30
N LEU B 748 -20.12 -18.15 -23.33
CA LEU B 748 -21.50 -18.48 -23.16
C LEU B 748 -21.99 -19.35 -24.28
N VAL B 749 -21.46 -19.07 -25.47
CA VAL B 749 -21.77 -19.85 -26.65
C VAL B 749 -21.41 -21.31 -26.42
N LEU B 750 -20.24 -21.56 -25.90
CA LEU B 750 -19.94 -22.94 -25.66
C LEU B 750 -20.59 -23.44 -24.40
N GLU B 751 -20.98 -22.54 -23.51
CA GLU B 751 -21.67 -22.96 -22.31
C GLU B 751 -23.02 -23.57 -22.63
N GLN B 752 -23.62 -23.12 -23.72
CA GLN B 752 -24.70 -23.87 -24.36
C GLN B 752 -24.37 -25.33 -24.48
N LEU B 753 -23.33 -25.67 -25.21
CA LEU B 753 -23.05 -27.08 -25.47
C LEU B 753 -22.42 -27.74 -24.27
N LEU B 754 -22.02 -26.96 -23.30
CA LEU B 754 -21.66 -27.51 -22.03
C LEU B 754 -22.86 -28.04 -21.30
N THR B 755 -24.05 -27.59 -21.68
CA THR B 755 -25.34 -28.11 -21.27
C THR B 755 -25.66 -27.87 -19.81
N THR B 756 -24.80 -27.19 -19.07
CA THR B 756 -25.27 -26.64 -17.81
C THR B 756 -26.15 -25.45 -18.12
N GLY B 757 -27.16 -25.23 -17.28
CA GLY B 757 -27.93 -24.00 -17.33
C GLY B 757 -27.02 -22.80 -17.20
N GLY B 758 -27.15 -21.83 -18.08
CA GLY B 758 -26.09 -20.84 -18.15
C GLY B 758 -26.26 -19.81 -17.06
N GLY B 759 -25.68 -20.13 -15.92
CA GLY B 759 -25.44 -19.17 -14.89
C GLY B 759 -24.35 -18.32 -15.49
N TRP B 760 -24.70 -17.11 -15.85
CA TRP B 760 -23.97 -16.37 -16.85
C TRP B 760 -23.47 -15.02 -16.36
N GLN B 761 -24.22 -14.37 -15.48
CA GLN B 761 -23.80 -13.34 -14.55
C GLN B 761 -22.37 -13.44 -14.05
N ASP B 762 -21.98 -14.64 -13.67
CA ASP B 762 -20.68 -14.88 -13.10
C ASP B 762 -19.59 -14.65 -14.12
N GLN B 763 -19.80 -15.11 -15.35
CA GLN B 763 -18.69 -15.11 -16.28
C GLN B 763 -18.37 -13.72 -16.74
N TYR B 764 -19.30 -12.80 -16.59
CA TYR B 764 -18.88 -11.43 -16.66
C TYR B 764 -18.41 -10.94 -15.33
N GLY B 765 -18.88 -11.56 -14.27
CA GLY B 765 -18.67 -10.99 -12.98
C GLY B 765 -17.24 -11.17 -12.62
N GLY B 766 -16.90 -12.41 -12.27
CA GLY B 766 -15.62 -12.72 -11.68
C GLY B 766 -14.43 -12.52 -12.58
N VAL B 767 -14.62 -12.04 -13.79
CA VAL B 767 -13.47 -11.77 -14.60
C VAL B 767 -13.08 -10.32 -14.59
N LEU B 768 -13.93 -9.44 -14.09
CA LEU B 768 -13.82 -8.09 -14.60
C LEU B 768 -13.44 -7.06 -13.55
N GLN B 769 -14.34 -6.72 -12.61
CA GLN B 769 -14.20 -6.03 -11.32
C GLN B 769 -15.59 -5.82 -10.72
N GLY B 770 -15.68 -5.06 -9.63
CA GLY B 770 -16.83 -5.07 -8.73
C GLY B 770 -18.18 -4.47 -9.09
N VAL B 771 -18.79 -4.96 -10.16
CA VAL B 771 -20.08 -4.52 -10.68
C VAL B 771 -20.46 -5.57 -11.71
N LYS B 772 -21.68 -5.54 -12.30
CA LYS B 772 -21.62 -6.09 -13.65
C LYS B 772 -22.05 -5.24 -14.88
N LEU B 773 -23.07 -4.37 -14.93
CA LEU B 773 -24.39 -4.38 -14.37
C LEU B 773 -25.22 -4.51 -15.69
N LEU B 774 -26.54 -4.36 -15.68
CA LEU B 774 -27.42 -4.34 -16.87
C LEU B 774 -27.59 -5.46 -17.88
N GLN B 775 -28.07 -6.64 -17.50
CA GLN B 775 -28.43 -7.64 -18.50
C GLN B 775 -29.68 -7.19 -19.22
N THR B 776 -29.65 -7.15 -20.53
CA THR B 776 -30.58 -6.19 -21.10
C THR B 776 -31.47 -6.74 -22.19
N GLU B 777 -30.91 -7.60 -23.02
CA GLU B 777 -31.41 -7.86 -24.35
C GLU B 777 -31.86 -9.30 -24.47
N ALA B 778 -30.95 -10.22 -24.14
CA ALA B 778 -31.22 -11.60 -23.73
C ALA B 778 -31.95 -12.41 -24.80
N GLY B 779 -31.83 -11.97 -26.03
CA GLY B 779 -32.35 -12.63 -27.20
C GLY B 779 -31.53 -12.07 -28.33
N PHE B 780 -30.96 -12.91 -29.18
CA PHE B 780 -31.07 -14.37 -29.04
C PHE B 780 -29.73 -15.13 -29.01
N ALA B 781 -28.98 -15.06 -27.91
CA ALA B 781 -29.23 -14.19 -26.77
C ALA B 781 -28.26 -13.03 -26.85
N GLN B 782 -28.77 -11.81 -26.91
CA GLN B 782 -27.82 -10.74 -27.01
C GLN B 782 -27.31 -10.36 -25.62
N SER B 783 -26.05 -9.98 -25.56
CA SER B 783 -25.36 -9.85 -24.29
C SER B 783 -24.27 -8.79 -24.20
N PRO B 784 -24.59 -7.52 -24.36
CA PRO B 784 -24.12 -6.49 -23.42
C PRO B 784 -25.02 -6.52 -22.20
N LEU B 785 -25.01 -5.54 -21.31
CA LEU B 785 -24.50 -5.72 -19.95
C LEU B 785 -23.06 -5.27 -19.93
N VAL B 786 -22.94 -3.97 -19.67
CA VAL B 786 -21.84 -3.46 -18.87
C VAL B 786 -22.26 -2.09 -18.36
N ARG B 787 -21.93 -1.81 -17.10
CA ARG B 787 -21.32 -0.58 -16.58
C ARG B 787 -21.10 -0.73 -15.10
N TRP B 788 -20.63 0.33 -14.43
CA TRP B 788 -19.80 0.15 -13.26
C TRP B 788 -20.34 0.89 -12.05
N LEU B 789 -19.54 0.92 -11.01
CA LEU B 789 -20.00 1.29 -9.69
C LEU B 789 -18.83 1.34 -8.72
N PRO B 790 -18.89 2.13 -7.66
CA PRO B 790 -17.76 2.22 -6.73
C PRO B 790 -17.84 1.30 -5.53
N ASP B 791 -16.70 0.72 -5.17
CA ASP B 791 -16.58 -0.15 -4.00
C ASP B 791 -15.17 -0.02 -3.42
N HIS B 792 -14.88 0.86 -2.46
CA HIS B 792 -15.63 1.98 -1.90
C HIS B 792 -16.89 1.63 -1.16
N LEU B 793 -16.69 1.26 0.09
CA LEU B 793 -17.52 0.67 1.13
C LEU B 793 -17.42 -0.81 0.95
N PHE B 794 -16.73 -1.28 -0.06
CA PHE B 794 -16.11 -2.55 0.17
C PHE B 794 -14.66 -2.34 0.45
N THR B 795 -14.20 -1.15 0.14
CA THR B 795 -12.86 -0.69 0.41
C THR B 795 -12.98 0.75 0.83
N HIS B 796 -11.84 1.42 0.92
CA HIS B 796 -11.52 2.53 1.80
C HIS B 796 -12.07 2.20 3.19
N PRO B 797 -11.89 0.96 3.65
CA PRO B 797 -13.00 0.12 4.10
C PRO B 797 -13.84 0.70 5.21
N GLU B 798 -14.98 0.08 5.46
CA GLU B 798 -16.18 0.86 5.77
C GLU B 798 -16.11 1.82 6.97
N TYR B 799 -15.56 1.43 8.13
CA TYR B 799 -15.08 0.12 8.63
C TYR B 799 -16.16 -0.51 9.43
N LYS B 800 -17.33 0.14 9.40
CA LYS B 800 -18.53 -0.49 9.95
C LYS B 800 -18.76 -1.75 9.16
N ASP B 801 -18.38 -2.89 9.75
CA ASP B 801 -17.65 -3.99 9.10
C ASP B 801 -17.92 -4.20 7.62
N CYS B 802 -16.99 -3.98 6.65
CA CYS B 802 -15.53 -4.20 6.56
C CYS B 802 -15.44 -5.69 6.78
N HIS B 803 -15.87 -6.33 5.69
CA HIS B 803 -17.01 -7.17 5.40
C HIS B 803 -16.96 -8.64 5.82
N LEU B 804 -17.66 -9.44 5.00
CA LEU B 804 -18.70 -10.42 5.32
C LEU B 804 -18.51 -11.94 5.47
N LEU B 805 -17.94 -12.66 4.49
CA LEU B 805 -17.12 -13.84 4.77
C LEU B 805 -17.62 -15.23 5.26
N TYR B 806 -18.13 -16.10 4.38
CA TYR B 806 -17.91 -17.56 4.56
C TYR B 806 -18.45 -18.40 5.69
N TYR B 807 -19.45 -19.21 5.48
CA TYR B 807 -19.40 -20.48 6.21
C TYR B 807 -19.80 -21.65 5.31
N THR B 808 -18.85 -22.49 4.94
CA THR B 808 -19.31 -23.83 4.68
C THR B 808 -19.24 -24.56 5.99
N GLY B 809 -20.20 -25.41 6.18
CA GLY B 809 -20.08 -26.56 7.02
C GLY B 809 -20.87 -27.58 6.24
N ILE B 810 -21.31 -27.12 5.07
CA ILE B 810 -22.38 -27.76 4.33
C ILE B 810 -21.88 -27.97 2.91
N THR B 811 -21.98 -29.20 2.44
CA THR B 811 -21.75 -29.44 1.04
C THR B 811 -23.00 -29.15 0.24
N ARG B 812 -22.82 -29.10 -1.07
CA ARG B 812 -24.00 -28.94 -1.89
C ARG B 812 -24.69 -30.26 -2.14
N THR B 813 -25.93 -30.15 -2.58
CA THR B 813 -26.72 -31.32 -2.96
C THR B 813 -26.26 -32.03 -4.24
N ALA B 814 -26.09 -31.37 -5.41
CA ALA B 814 -25.61 -30.00 -5.68
C ALA B 814 -26.63 -29.05 -6.28
N LYS B 815 -27.20 -29.41 -7.42
CA LYS B 815 -28.00 -28.45 -8.16
C LYS B 815 -29.04 -29.06 -9.07
N GLY B 816 -29.26 -30.36 -9.01
CA GLY B 816 -29.94 -31.06 -10.08
C GLY B 816 -31.40 -30.75 -10.26
N ILE B 817 -31.98 -30.04 -9.29
CA ILE B 817 -33.36 -29.59 -9.39
C ILE B 817 -33.46 -28.12 -9.68
N LEU B 818 -32.40 -27.36 -9.47
CA LEU B 818 -32.50 -25.91 -9.42
C LEU B 818 -32.66 -25.34 -10.81
N ALA B 819 -31.71 -25.67 -11.68
CA ALA B 819 -31.75 -25.23 -13.07
C ALA B 819 -32.93 -25.84 -13.82
N GLU B 820 -33.49 -26.93 -13.31
CA GLU B 820 -34.77 -27.39 -13.82
C GLU B 820 -35.84 -26.34 -13.56
N ILE B 821 -36.03 -25.95 -12.29
CA ILE B 821 -37.03 -24.96 -11.90
C ILE B 821 -36.78 -23.64 -12.60
N VAL B 822 -35.52 -23.36 -12.93
CA VAL B 822 -35.21 -22.26 -13.84
C VAL B 822 -35.85 -22.50 -15.19
N SER B 823 -35.43 -23.56 -15.85
CA SER B 823 -35.87 -23.75 -17.20
C SER B 823 -37.20 -24.45 -17.26
N SER B 824 -37.76 -24.77 -16.10
CA SER B 824 -39.19 -25.02 -15.96
C SER B 824 -39.76 -23.87 -15.12
N MET B 825 -40.07 -22.74 -15.76
CA MET B 825 -40.10 -22.69 -17.21
C MET B 825 -39.65 -21.35 -17.70
N PHE B 826 -39.92 -21.17 -18.98
CA PHE B 826 -39.90 -19.90 -19.69
C PHE B 826 -41.17 -19.16 -19.36
N LEU B 827 -41.52 -18.17 -20.18
CA LEU B 827 -42.80 -17.48 -20.05
C LEU B 827 -43.93 -18.45 -20.39
N ASN B 828 -44.09 -19.37 -19.46
CA ASN B 828 -45.08 -20.41 -19.43
C ASN B 828 -45.80 -20.31 -18.10
N SER B 829 -45.01 -20.06 -17.06
CA SER B 829 -45.35 -20.23 -15.67
C SER B 829 -44.14 -19.74 -14.93
N SER B 830 -44.30 -18.97 -13.86
CA SER B 830 -45.54 -18.75 -13.14
C SER B 830 -45.37 -17.39 -12.58
N LEU B 831 -45.95 -17.16 -11.42
CA LEU B 831 -45.48 -16.12 -10.50
C LEU B 831 -43.97 -16.09 -10.25
N HIS B 832 -43.27 -17.16 -10.56
CA HIS B 832 -41.86 -17.10 -10.91
C HIS B 832 -41.53 -15.89 -11.76
N LEU B 833 -42.23 -15.73 -12.88
CA LEU B 833 -41.94 -14.68 -13.84
C LEU B 833 -42.15 -13.34 -13.19
N ASN B 834 -43.22 -13.28 -12.42
CA ASN B 834 -43.46 -12.16 -11.53
C ASN B 834 -42.25 -11.90 -10.65
N LEU B 835 -41.83 -12.90 -9.86
CA LEU B 835 -40.88 -12.62 -8.81
C LEU B 835 -39.53 -12.29 -9.41
N LEU B 836 -39.20 -12.97 -10.48
CA LEU B 836 -38.12 -12.66 -11.38
C LEU B 836 -38.08 -11.21 -11.77
N SER B 837 -39.23 -10.66 -12.11
CA SER B 837 -39.23 -9.28 -12.53
C SER B 837 -38.83 -8.35 -11.39
N GLU B 838 -39.32 -8.60 -10.18
CA GLU B 838 -38.85 -7.64 -9.19
C GLU B 838 -37.51 -8.02 -8.62
N MET B 839 -36.97 -9.17 -8.97
CA MET B 839 -35.56 -9.37 -8.71
C MET B 839 -34.76 -8.37 -9.49
N LYS B 840 -35.15 -8.19 -10.74
CA LYS B 840 -34.54 -7.17 -11.57
C LYS B 840 -34.74 -5.80 -10.99
N ALA B 841 -35.95 -5.54 -10.53
CA ALA B 841 -36.22 -4.27 -9.89
C ALA B 841 -35.36 -4.08 -8.65
N HIS B 842 -35.20 -5.15 -7.90
CA HIS B 842 -34.44 -5.09 -6.68
C HIS B 842 -32.96 -4.96 -6.99
N ALA B 843 -32.56 -5.38 -8.16
CA ALA B 843 -31.20 -5.13 -8.56
C ALA B 843 -30.97 -3.67 -8.83
N LEU B 844 -31.93 -3.03 -9.46
CA LEU B 844 -31.73 -1.59 -9.66
C LEU B 844 -31.81 -0.86 -8.36
N ASP B 845 -32.66 -1.36 -7.48
CA ASP B 845 -32.64 -0.93 -6.10
C ASP B 845 -31.26 -1.04 -5.49
N MET B 846 -30.60 -2.16 -5.71
CA MET B 846 -29.28 -2.41 -5.14
C MET B 846 -28.31 -1.37 -5.60
N ASN B 847 -28.27 -1.17 -6.91
CA ASN B 847 -27.14 -0.42 -7.42
C ASN B 847 -27.33 1.03 -7.12
N GLU B 848 -28.57 1.47 -7.10
CA GLU B 848 -28.79 2.83 -6.68
C GLU B 848 -28.43 3.00 -5.23
N ALA B 849 -28.74 1.99 -4.41
CA ALA B 849 -28.50 2.10 -2.99
C ALA B 849 -27.04 2.32 -2.70
N ILE B 850 -26.21 1.44 -3.22
CA ILE B 850 -24.80 1.55 -2.88
C ILE B 850 -24.12 2.52 -3.79
N GLN B 851 -24.79 2.93 -4.83
CA GLN B 851 -24.36 4.04 -5.62
C GLN B 851 -24.54 5.31 -4.85
N ARG B 852 -25.36 5.28 -3.84
CA ARG B 852 -25.32 6.39 -2.93
C ARG B 852 -24.49 6.09 -1.70
N GLY B 853 -24.29 4.82 -1.38
CA GLY B 853 -23.48 4.50 -0.23
C GLY B 853 -24.25 4.12 1.00
N SER B 854 -25.55 3.85 0.88
CA SER B 854 -26.37 3.46 2.02
C SER B 854 -26.03 2.04 2.39
N PHE B 855 -24.91 1.93 3.10
CA PHE B 855 -24.36 0.65 3.51
C PHE B 855 -25.32 -0.11 4.39
N VAL B 856 -25.96 0.61 5.30
CA VAL B 856 -26.97 0.00 6.13
C VAL B 856 -28.10 -0.53 5.29
N GLU B 857 -28.40 0.16 4.21
CA GLU B 857 -29.48 -0.28 3.38
C GLU B 857 -29.03 -1.25 2.34
N PHE B 858 -27.77 -1.16 1.93
CA PHE B 858 -27.12 -2.26 1.26
C PHE B 858 -27.35 -3.57 2.00
N GLY B 859 -27.14 -3.55 3.31
CA GLY B 859 -27.36 -4.76 4.09
C GLY B 859 -28.81 -5.21 4.10
N ARG B 860 -29.73 -4.25 4.10
CA ARG B 860 -31.13 -4.58 4.01
C ARG B 860 -31.43 -5.28 2.72
N LEU B 861 -30.86 -4.77 1.64
CA LEU B 861 -31.23 -5.32 0.36
C LEU B 861 -30.59 -6.67 0.14
N VAL B 862 -29.45 -6.89 0.78
CA VAL B 862 -28.85 -8.21 0.79
C VAL B 862 -29.80 -9.21 1.46
N GLY B 863 -30.23 -8.89 2.67
CA GLY B 863 -31.15 -9.78 3.36
C GLY B 863 -32.45 -9.94 2.63
N LYS B 864 -32.85 -8.91 1.90
CA LYS B 864 -34.02 -9.01 1.08
C LYS B 864 -33.82 -10.00 -0.02
N THR B 865 -32.68 -9.96 -0.70
CA THR B 865 -32.40 -10.91 -1.76
C THR B 865 -32.38 -12.32 -1.23
N TRP B 866 -31.89 -12.48 -0.02
CA TRP B 866 -31.94 -13.77 0.64
C TRP B 866 -33.35 -14.24 0.80
N GLU B 867 -34.18 -13.37 1.32
CA GLU B 867 -35.59 -13.66 1.45
C GLU B 867 -36.20 -13.95 0.10
N GLN B 868 -35.83 -13.15 -0.88
CA GLN B 868 -36.26 -13.16 -2.24
C GLN B 868 -35.82 -14.38 -2.99
N ASN B 869 -35.01 -15.21 -2.38
CA ASN B 869 -34.75 -16.48 -3.02
C ASN B 869 -35.00 -17.65 -2.11
N LYS B 870 -34.78 -17.46 -0.83
CA LYS B 870 -34.92 -18.56 0.10
C LYS B 870 -36.37 -18.93 0.19
N ALA B 871 -37.17 -17.99 0.67
CA ALA B 871 -38.61 -18.17 0.68
C ALA B 871 -39.16 -18.27 -0.71
N LEU B 872 -38.47 -17.69 -1.68
CA LEU B 872 -38.94 -17.77 -3.03
C LEU B 872 -38.32 -18.98 -3.68
N ASP B 873 -38.39 -19.03 -4.99
CA ASP B 873 -37.49 -19.86 -5.74
C ASP B 873 -36.06 -19.50 -5.39
N SER B 874 -35.32 -20.45 -4.83
CA SER B 874 -35.79 -21.82 -4.61
C SER B 874 -35.72 -22.18 -3.15
N GLY B 875 -36.80 -22.78 -2.66
CA GLY B 875 -36.88 -23.19 -1.27
C GLY B 875 -36.15 -24.48 -1.01
N THR B 876 -34.84 -24.47 -1.17
CA THR B 876 -34.04 -25.66 -1.03
C THR B 876 -32.97 -25.53 0.02
N ASN B 877 -33.03 -24.55 0.84
CA ASN B 877 -31.86 -24.28 1.62
C ASN B 877 -31.98 -25.11 2.87
N PRO B 878 -31.03 -26.00 3.07
CA PRO B 878 -31.27 -27.14 3.89
C PRO B 878 -31.00 -26.84 5.34
N PRO B 879 -31.87 -27.30 6.23
CA PRO B 879 -32.08 -26.66 7.54
C PRO B 879 -30.86 -26.55 8.42
N ALA B 880 -29.80 -27.27 8.09
CA ALA B 880 -28.52 -27.04 8.72
C ALA B 880 -28.02 -25.64 8.40
N VAL B 881 -28.19 -25.22 7.15
CA VAL B 881 -27.96 -23.83 6.77
C VAL B 881 -28.75 -22.91 7.66
N GLU B 882 -30.00 -23.26 7.91
CA GLU B 882 -30.85 -22.46 8.73
C GLU B 882 -30.47 -22.52 10.19
N ALA B 883 -29.73 -23.54 10.60
CA ALA B 883 -29.17 -23.54 11.94
C ALA B 883 -28.00 -22.59 12.03
N ILE B 884 -27.26 -22.45 10.93
CA ILE B 884 -26.19 -21.48 10.89
C ILE B 884 -26.77 -20.08 10.74
N ILE B 885 -27.97 -20.00 10.23
CA ILE B 885 -28.67 -18.75 10.22
C ILE B 885 -29.20 -18.44 11.59
N ASP B 886 -29.55 -19.50 12.31
CA ASP B 886 -30.49 -19.46 13.42
C ASP B 886 -29.98 -18.59 14.54
N LEU B 887 -29.05 -19.12 15.31
CA LEU B 887 -27.88 -18.32 15.57
C LEU B 887 -27.26 -18.30 14.19
N ILE B 888 -27.06 -17.12 13.63
CA ILE B 888 -27.09 -15.91 14.42
C ILE B 888 -28.34 -15.14 14.23
N LYS B 889 -28.54 -14.68 13.00
CA LYS B 889 -29.57 -13.72 12.61
C LYS B 889 -29.50 -12.40 13.31
N ASP B 890 -28.49 -12.17 14.12
CA ASP B 890 -28.68 -11.31 15.25
C ASP B 890 -27.72 -10.16 15.20
N TYR B 891 -26.57 -10.39 14.65
CA TYR B 891 -25.57 -9.63 15.33
C TYR B 891 -24.56 -8.97 14.38
N THR B 892 -24.97 -7.91 13.66
CA THR B 892 -26.35 -7.42 13.54
C THR B 892 -27.14 -8.00 12.39
N LEU B 893 -26.73 -7.71 11.18
CA LEU B 893 -27.71 -7.73 10.11
C LEU B 893 -27.49 -8.90 9.18
N GLY B 894 -28.17 -8.82 8.03
CA GLY B 894 -28.44 -9.93 7.15
C GLY B 894 -27.31 -10.55 6.38
N TYR B 895 -27.65 -11.19 5.25
CA TYR B 895 -26.80 -12.18 4.62
C TYR B 895 -27.39 -12.62 3.31
N LYS B 896 -26.71 -13.59 2.68
CA LYS B 896 -27.29 -14.52 1.72
C LYS B 896 -26.31 -15.64 1.44
N LEU B 897 -26.85 -16.69 0.85
CA LEU B 897 -26.08 -17.57 0.01
C LEU B 897 -25.92 -16.99 -1.37
N PRO B 898 -24.74 -16.87 -1.82
CA PRO B 898 -24.51 -16.46 -3.18
C PRO B 898 -24.84 -17.59 -4.11
N GLY B 899 -25.27 -17.22 -5.29
CA GLY B 899 -25.32 -18.14 -6.41
C GLY B 899 -26.33 -19.24 -6.27
N ALA B 900 -25.82 -20.44 -6.00
CA ALA B 900 -26.68 -21.61 -5.98
C ALA B 900 -27.56 -21.61 -4.75
N GLY B 901 -26.99 -21.85 -3.59
CA GLY B 901 -27.78 -22.19 -2.43
C GLY B 901 -28.05 -23.67 -2.34
N GLY B 902 -28.25 -24.13 -1.11
CA GLY B 902 -28.31 -25.57 -0.90
C GLY B 902 -26.90 -26.13 -0.82
N GLY B 903 -26.11 -25.62 0.11
CA GLY B 903 -24.71 -25.93 0.26
C GLY B 903 -23.82 -24.73 -0.03
N GLY B 904 -22.53 -25.01 -0.15
CA GLY B 904 -21.59 -23.93 -0.40
C GLY B 904 -21.45 -23.05 0.82
N TYR B 905 -21.33 -21.74 0.63
CA TYR B 905 -21.14 -20.92 1.81
C TYR B 905 -21.69 -19.53 1.67
N LEU B 906 -22.12 -18.99 2.80
CA LEU B 906 -22.68 -17.65 2.85
C LEU B 906 -21.63 -16.59 2.96
N TYR B 907 -22.14 -15.44 3.33
CA TYR B 907 -21.41 -14.32 3.90
C TYR B 907 -22.47 -13.47 4.55
N MET B 908 -22.04 -12.61 5.45
CA MET B 908 -23.04 -11.81 6.09
C MET B 908 -22.43 -10.59 6.70
N VAL B 909 -23.24 -9.57 6.81
CA VAL B 909 -22.73 -8.29 7.27
C VAL B 909 -23.32 -8.03 8.65
N ALA B 910 -22.59 -7.30 9.48
CA ALA B 910 -23.02 -7.01 10.83
C ALA B 910 -22.95 -5.50 10.97
N LYS B 911 -22.94 -5.02 12.20
CA LYS B 911 -22.60 -3.63 12.43
C LYS B 911 -21.15 -3.42 12.07
N ASP B 912 -20.28 -3.94 12.89
CA ASP B 912 -18.90 -3.59 13.07
C ASP B 912 -18.65 -4.48 14.27
N PRO B 913 -17.53 -4.39 15.07
CA PRO B 913 -16.75 -5.57 15.51
C PRO B 913 -17.48 -6.71 16.16
N GLN B 914 -18.76 -6.50 16.41
CA GLN B 914 -19.73 -7.51 16.78
C GLN B 914 -19.69 -8.58 15.72
N ALA B 915 -19.47 -8.16 14.49
CA ALA B 915 -18.94 -8.98 13.42
C ALA B 915 -17.80 -9.89 13.84
N ALA B 916 -16.76 -9.34 14.47
CA ALA B 916 -15.68 -10.21 14.90
C ALA B 916 -16.16 -11.12 16.01
N VAL B 917 -17.13 -10.65 16.78
CA VAL B 917 -17.69 -11.52 17.77
C VAL B 917 -18.56 -12.58 17.12
N ARG B 918 -19.12 -12.31 15.95
CA ARG B 918 -19.76 -13.38 15.20
C ARG B 918 -18.73 -14.39 14.75
N ILE B 919 -17.54 -13.90 14.41
CA ILE B 919 -16.48 -14.84 14.07
C ILE B 919 -16.17 -15.69 15.28
N ARG B 920 -16.26 -15.07 16.45
CA ARG B 920 -16.16 -15.84 17.68
C ARG B 920 -17.34 -16.79 17.84
N LYS B 921 -18.49 -16.45 17.29
CA LYS B 921 -19.65 -17.31 17.45
C LYS B 921 -19.53 -18.56 16.63
N ILE B 922 -19.23 -18.40 15.34
CA ILE B 922 -18.98 -19.57 14.51
C ILE B 922 -17.69 -20.25 14.93
N LEU B 923 -16.78 -19.50 15.52
CA LEU B 923 -15.65 -20.11 16.18
C LEU B 923 -16.08 -20.99 17.32
N THR B 924 -17.16 -20.63 17.98
CA THR B 924 -17.54 -21.34 19.18
C THR B 924 -18.12 -22.69 18.81
N GLU B 925 -19.11 -22.70 17.93
CA GLU B 925 -19.84 -23.92 17.67
C GLU B 925 -20.00 -24.12 16.18
N ASN B 926 -20.86 -25.10 15.85
CA ASN B 926 -21.39 -25.32 14.51
C ASN B 926 -20.30 -25.64 13.53
N ALA B 927 -19.34 -26.41 14.00
CA ALA B 927 -18.09 -26.58 13.28
C ALA B 927 -17.94 -28.04 12.90
N PRO B 928 -18.55 -28.47 11.81
CA PRO B 928 -17.99 -29.60 11.10
C PRO B 928 -16.71 -29.21 10.40
N ASN B 929 -15.97 -30.21 10.09
CA ASN B 929 -14.78 -30.30 9.28
C ASN B 929 -14.81 -29.68 7.89
N PRO B 930 -15.94 -29.47 7.27
CA PRO B 930 -16.01 -28.34 6.36
C PRO B 930 -16.00 -27.09 7.19
N ARG B 931 -14.84 -26.47 7.20
CA ARG B 931 -14.52 -25.62 8.32
C ARG B 931 -14.82 -24.18 8.05
N ALA B 932 -15.99 -23.76 8.50
CA ALA B 932 -16.11 -22.83 9.62
C ALA B 932 -15.00 -21.79 9.68
N ARG B 933 -14.96 -20.91 8.70
CA ARG B 933 -13.86 -19.99 8.68
C ARG B 933 -14.31 -18.56 8.45
N PHE B 934 -13.36 -17.69 8.70
CA PHE B 934 -13.23 -16.43 7.99
C PHE B 934 -12.42 -16.79 6.77
N VAL B 935 -12.75 -16.24 5.60
CA VAL B 935 -12.09 -16.71 4.40
C VAL B 935 -11.59 -15.56 3.52
N GLU B 936 -11.94 -14.32 3.88
CA GLU B 936 -12.17 -13.18 3.01
C GLU B 936 -11.51 -13.07 1.62
N MET B 937 -12.21 -12.64 0.55
CA MET B 937 -13.27 -11.62 0.35
C MET B 937 -13.02 -10.27 1.07
N THR B 938 -11.99 -9.43 0.88
CA THR B 938 -10.94 -9.28 -0.14
C THR B 938 -11.48 -9.07 -1.54
N LEU B 939 -12.04 -7.89 -1.74
CA LEU B 939 -12.13 -7.38 -3.09
C LEU B 939 -10.74 -7.07 -3.55
N SER B 940 -10.36 -7.69 -4.65
CA SER B 940 -9.09 -7.39 -5.28
C SER B 940 -9.15 -7.94 -6.67
N ASP B 941 -8.88 -7.10 -7.64
CA ASP B 941 -9.41 -7.42 -8.94
C ASP B 941 -8.78 -6.59 -10.04
N LYS B 942 -8.14 -7.28 -10.97
CA LYS B 942 -8.48 -7.17 -12.38
C LYS B 942 -8.74 -8.54 -13.00
N GLY B 943 -7.75 -9.42 -13.02
CA GLY B 943 -7.91 -10.86 -13.17
C GLY B 943 -7.77 -11.41 -14.57
N PHE B 944 -6.54 -11.69 -14.97
CA PHE B 944 -6.42 -12.08 -16.36
C PHE B 944 -5.41 -13.16 -16.78
N GLN B 945 -4.09 -12.87 -16.82
CA GLN B 945 -3.07 -13.75 -17.39
C GLN B 945 -1.66 -13.17 -17.31
N VAL B 946 -0.61 -13.94 -17.67
CA VAL B 946 0.69 -13.30 -17.83
C VAL B 946 1.45 -13.52 -19.14
N SER B 947 1.57 -14.76 -19.66
CA SER B 947 2.49 -15.15 -20.73
C SER B 947 3.94 -14.77 -20.42
N ARG B 948 4.29 -14.91 -19.16
CA ARG B 948 5.61 -14.47 -18.77
C ARG B 948 6.63 -15.57 -18.98
N SER B 949 7.81 -15.22 -19.50
CA SER B 949 8.20 -13.81 -19.73
C SER B 949 8.15 -13.37 -21.17
N LEU C 71 -32.04 37.69 -47.88
CA LEU C 71 -33.13 36.88 -48.40
C LEU C 71 -32.91 35.41 -48.10
N LEU C 72 -33.99 34.73 -47.72
CA LEU C 72 -33.97 33.31 -47.39
C LEU C 72 -35.24 32.68 -47.96
N HIS C 73 -35.61 31.54 -47.37
CA HIS C 73 -36.69 30.66 -47.83
C HIS C 73 -38.02 31.39 -47.96
N ALA C 74 -38.43 31.66 -49.20
CA ALA C 74 -39.65 32.43 -49.45
C ALA C 74 -40.90 31.57 -49.28
N GLY C 75 -40.86 30.35 -49.78
CA GLY C 75 -41.91 29.38 -49.50
C GLY C 75 -42.41 28.72 -50.77
N GLY C 76 -43.40 27.85 -50.57
CA GLY C 76 -44.13 27.26 -51.68
C GLY C 76 -45.55 27.79 -51.77
N GLN C 77 -46.32 27.19 -52.67
CA GLN C 77 -47.71 27.59 -52.89
C GLN C 77 -48.54 27.31 -51.64
N SER C 78 -48.66 26.02 -51.30
CA SER C 78 -49.18 25.53 -50.02
C SER C 78 -50.59 26.03 -49.76
N ARG C 79 -51.49 25.66 -50.66
CA ARG C 79 -52.82 26.25 -50.67
C ARG C 79 -53.82 25.45 -49.85
N ARG C 80 -53.41 24.98 -48.66
CA ARG C 80 -54.27 24.24 -47.75
C ARG C 80 -54.51 24.97 -46.43
N LEU C 81 -53.45 25.42 -45.79
CA LEU C 81 -53.55 25.96 -44.44
C LEU C 81 -54.15 27.36 -44.47
N PRO C 82 -55.17 27.64 -43.65
CA PRO C 82 -55.71 28.99 -43.54
C PRO C 82 -54.82 29.98 -42.80
N GLY C 83 -53.66 29.57 -42.27
CA GLY C 83 -52.77 30.49 -41.59
C GLY C 83 -51.82 31.20 -42.53
N TYR C 84 -52.28 31.45 -43.75
CA TYR C 84 -51.48 31.96 -44.85
C TYR C 84 -52.00 33.29 -45.35
N ALA C 85 -52.20 34.22 -44.42
CA ALA C 85 -52.29 35.64 -44.74
C ALA C 85 -51.12 36.05 -45.62
N PRO C 86 -51.32 37.00 -46.58
CA PRO C 86 -50.33 37.21 -47.65
C PRO C 86 -49.00 37.77 -47.18
N SER C 87 -48.28 36.91 -46.47
CA SER C 87 -46.97 37.18 -45.94
C SER C 87 -46.10 36.00 -46.30
N GLY C 88 -44.94 35.94 -45.65
CA GLY C 88 -44.11 34.78 -45.82
C GLY C 88 -44.53 33.75 -44.79
N LYS C 89 -43.78 33.63 -43.71
CA LYS C 89 -43.92 32.51 -42.79
C LYS C 89 -43.63 32.93 -41.35
N ILE C 90 -43.78 34.22 -41.05
CA ILE C 90 -43.19 34.83 -39.86
C ILE C 90 -44.26 35.56 -39.05
N LEU C 91 -45.48 35.61 -39.57
CA LEU C 91 -46.53 36.45 -39.00
C LEU C 91 -47.81 35.66 -38.77
N THR C 92 -47.72 34.54 -38.06
CA THR C 92 -48.92 33.86 -37.53
C THR C 92 -48.60 33.50 -36.09
N PRO C 93 -48.69 34.48 -35.18
CA PRO C 93 -48.03 34.36 -33.87
C PRO C 93 -48.64 33.29 -32.97
N VAL C 94 -47.76 32.51 -32.36
CA VAL C 94 -48.19 31.34 -31.59
C VAL C 94 -47.45 31.33 -30.26
N PRO C 95 -48.16 30.97 -29.19
CA PRO C 95 -47.54 31.00 -27.86
C PRO C 95 -46.52 29.89 -27.62
N VAL C 96 -45.74 30.06 -26.55
CA VAL C 96 -44.68 29.11 -26.25
C VAL C 96 -45.21 28.04 -25.30
N PHE C 97 -44.46 26.94 -25.18
CA PHE C 97 -44.83 25.86 -24.28
C PHE C 97 -44.67 26.26 -22.82
N ARG C 98 -43.75 27.17 -22.53
CA ARG C 98 -43.58 27.75 -21.21
C ARG C 98 -44.41 29.01 -21.00
N TRP C 99 -45.62 29.07 -21.58
CA TRP C 99 -46.72 29.98 -21.20
C TRP C 99 -46.42 31.48 -21.45
N GLU C 100 -45.83 31.81 -22.60
CA GLU C 100 -45.76 33.17 -23.15
C GLU C 100 -46.21 33.16 -24.62
N ARG C 101 -46.82 34.27 -25.06
CA ARG C 101 -47.45 34.39 -26.38
C ARG C 101 -46.59 35.15 -27.39
N GLY C 102 -45.34 35.45 -27.06
CA GLY C 102 -44.45 36.22 -27.93
C GLY C 102 -43.53 35.44 -28.84
N GLN C 103 -44.09 34.82 -29.88
CA GLN C 103 -43.40 33.81 -30.66
C GLN C 103 -44.19 33.53 -31.94
N HIS C 104 -43.46 33.09 -32.97
CA HIS C 104 -43.98 32.34 -34.12
C HIS C 104 -42.76 31.68 -34.73
N LEU C 105 -42.96 30.87 -35.77
CA LEU C 105 -41.90 30.56 -36.70
C LEU C 105 -41.36 31.88 -37.21
N GLY C 106 -40.18 32.24 -36.74
CA GLY C 106 -39.60 33.56 -36.94
C GLY C 106 -38.91 33.86 -35.64
N GLN C 107 -39.58 33.49 -34.56
CA GLN C 107 -38.98 33.21 -33.26
C GLN C 107 -38.68 31.74 -33.13
N ASN C 108 -39.59 30.89 -33.62
CA ASN C 108 -39.31 29.46 -33.70
C ASN C 108 -38.31 29.15 -34.80
N LEU C 109 -38.39 29.89 -35.91
CA LEU C 109 -37.33 29.84 -36.90
C LEU C 109 -35.99 30.22 -36.31
N LEU C 110 -35.96 31.17 -35.39
CA LEU C 110 -34.73 31.45 -34.67
C LEU C 110 -34.34 30.27 -33.78
N SER C 111 -35.34 29.63 -33.16
CA SER C 111 -35.08 28.49 -32.29
C SER C 111 -34.51 27.31 -33.04
N LEU C 112 -34.80 27.19 -34.33
CA LEU C 112 -34.24 26.17 -35.18
C LEU C 112 -32.99 26.66 -35.92
N GLN C 113 -32.90 27.98 -36.10
CA GLN C 113 -31.75 28.63 -36.68
C GLN C 113 -30.53 28.48 -35.82
N LEU C 114 -30.74 28.42 -34.51
CA LEU C 114 -29.62 28.24 -33.61
C LEU C 114 -28.94 26.88 -33.74
N PRO C 115 -29.65 25.74 -33.87
CA PRO C 115 -28.96 24.54 -34.36
C PRO C 115 -28.54 24.63 -35.81
N LEU C 116 -29.23 25.45 -36.60
CA LEU C 116 -28.87 25.59 -38.01
C LEU C 116 -27.63 26.46 -38.18
N TYR C 117 -27.47 27.52 -37.39
CA TYR C 117 -26.18 28.21 -37.43
C TYR C 117 -25.12 27.45 -36.65
N GLU C 118 -25.54 26.51 -35.79
CA GLU C 118 -24.61 25.54 -35.22
C GLU C 118 -24.10 24.54 -36.27
N LYS C 119 -24.89 24.31 -37.30
CA LYS C 119 -24.60 23.27 -38.28
C LYS C 119 -23.32 23.53 -39.09
N ILE C 120 -22.90 24.78 -39.24
CA ILE C 120 -21.78 25.12 -40.13
C ILE C 120 -20.46 24.62 -39.56
N MET C 121 -19.75 23.81 -40.34
CA MET C 121 -18.39 23.37 -40.03
C MET C 121 -17.68 22.90 -41.29
N SER C 122 -16.64 23.66 -41.67
CA SER C 122 -15.62 23.29 -42.66
C SER C 122 -16.22 22.92 -44.02
N LEU C 123 -16.82 23.92 -44.64
CA LEU C 123 -17.38 23.71 -45.97
C LEU C 123 -16.65 24.53 -47.01
N ALA C 124 -16.53 25.85 -46.81
CA ALA C 124 -16.04 26.75 -47.83
C ALA C 124 -15.65 28.09 -47.21
N PRO C 125 -15.06 29.04 -47.98
CA PRO C 125 -15.13 30.45 -47.59
C PRO C 125 -16.50 31.05 -47.84
N ASP C 126 -16.59 32.38 -47.82
CA ASP C 126 -17.80 33.21 -47.89
C ASP C 126 -18.92 32.73 -48.82
N LYS C 127 -18.57 32.01 -49.88
CA LYS C 127 -19.52 31.24 -50.66
C LYS C 127 -19.93 29.91 -50.00
N LEU C 128 -19.82 29.79 -48.67
CA LEU C 128 -20.21 28.58 -47.94
C LEU C 128 -21.70 28.29 -48.04
N HIS C 129 -22.53 29.05 -47.30
CA HIS C 129 -24.00 29.18 -47.36
C HIS C 129 -24.46 30.07 -46.21
N THR C 130 -25.71 30.53 -46.32
CA THR C 130 -26.56 30.91 -45.19
C THR C 130 -27.90 30.26 -45.53
N LEU C 131 -28.21 29.15 -44.88
CA LEU C 131 -28.97 28.07 -45.51
C LEU C 131 -30.47 28.35 -45.61
N ILE C 132 -31.05 27.91 -46.73
CA ILE C 132 -32.49 28.00 -46.97
C ILE C 132 -33.24 27.18 -45.94
N ALA C 133 -34.29 27.75 -45.38
CA ALA C 133 -35.10 27.04 -44.40
C ALA C 133 -36.00 26.00 -45.08
N SER C 134 -36.71 25.23 -44.26
CA SER C 134 -37.28 23.95 -44.64
C SER C 134 -38.69 24.10 -45.20
N GLY C 135 -39.37 22.96 -45.34
CA GLY C 135 -40.78 22.88 -45.69
C GLY C 135 -41.70 22.68 -44.50
N ASP C 136 -41.14 22.59 -43.29
CA ASP C 136 -41.84 22.69 -42.01
C ASP C 136 -42.86 21.57 -41.79
N VAL C 137 -42.35 20.35 -41.84
CA VAL C 137 -42.87 19.32 -40.95
C VAL C 137 -42.56 19.82 -39.55
N TYR C 138 -43.55 19.81 -38.64
CA TYR C 138 -43.18 20.53 -37.44
C TYR C 138 -42.28 19.70 -36.54
N ILE C 139 -41.82 20.38 -35.51
CA ILE C 139 -40.39 20.57 -35.41
C ILE C 139 -39.95 20.58 -33.95
N ARG C 140 -38.69 20.95 -33.70
CA ARG C 140 -38.05 21.16 -32.40
C ARG C 140 -38.05 19.91 -31.55
N SER C 141 -37.82 18.77 -32.17
CA SER C 141 -37.32 17.61 -31.45
C SER C 141 -35.81 17.75 -31.27
N GLU C 142 -35.12 16.66 -30.96
CA GLU C 142 -33.75 16.71 -30.47
C GLU C 142 -32.75 17.12 -31.56
N LYS C 143 -31.47 17.06 -31.19
CA LYS C 143 -30.41 17.84 -31.83
C LYS C 143 -30.08 17.31 -33.23
N PRO C 144 -29.75 18.21 -34.21
CA PRO C 144 -29.10 17.80 -35.46
C PRO C 144 -27.62 17.44 -35.30
N LEU C 145 -26.89 17.49 -36.43
CA LEU C 145 -25.59 16.86 -36.72
C LEU C 145 -25.69 15.34 -36.64
N GLN C 146 -26.36 14.62 -37.58
CA GLN C 146 -26.89 14.93 -38.96
C GLN C 146 -25.80 15.58 -39.88
N SER C 147 -24.53 15.27 -39.59
CA SER C 147 -23.42 15.81 -40.37
C SER C 147 -22.18 14.94 -40.24
N ILE C 148 -21.47 14.78 -41.35
CA ILE C 148 -20.04 14.59 -41.37
C ILE C 148 -19.47 15.68 -42.32
N PRO C 149 -18.31 16.27 -42.02
CA PRO C 149 -17.88 17.46 -42.79
C PRO C 149 -17.42 17.18 -44.21
N GLU C 150 -17.57 15.95 -44.70
CA GLU C 150 -17.25 15.60 -46.08
C GLU C 150 -18.49 15.15 -46.85
N ALA C 151 -19.67 15.42 -46.32
CA ALA C 151 -20.90 15.07 -47.02
C ALA C 151 -21.37 16.26 -47.82
N ASP C 152 -21.86 15.97 -49.02
CA ASP C 152 -22.67 16.94 -49.71
C ASP C 152 -23.91 17.10 -48.86
N VAL C 153 -24.71 16.05 -48.83
CA VAL C 153 -26.08 16.09 -48.34
C VAL C 153 -26.21 15.02 -47.26
N VAL C 154 -26.80 15.39 -46.13
CA VAL C 154 -27.24 14.42 -45.13
C VAL C 154 -28.74 14.51 -44.98
N CYS C 155 -29.42 13.40 -45.20
CA CYS C 155 -30.87 13.37 -45.10
C CYS C 155 -31.30 12.99 -43.69
N TYR C 156 -32.60 13.10 -43.44
CA TYR C 156 -33.19 12.82 -42.14
C TYR C 156 -33.94 11.50 -42.23
N GLY C 157 -33.88 10.72 -41.17
CA GLY C 157 -34.65 9.50 -41.08
C GLY C 157 -35.65 9.60 -39.95
N LEU C 158 -36.78 8.92 -40.12
CA LEU C 158 -37.76 8.89 -39.06
C LEU C 158 -38.49 7.57 -39.13
N TRP C 159 -38.62 6.91 -37.98
CA TRP C 159 -39.36 5.67 -37.88
C TRP C 159 -40.53 5.91 -36.94
N VAL C 160 -41.73 5.97 -37.51
CA VAL C 160 -42.95 6.07 -36.73
C VAL C 160 -43.91 5.02 -37.23
N ASP C 161 -45.14 5.04 -36.71
CA ASP C 161 -46.21 4.26 -37.30
C ASP C 161 -46.46 4.69 -38.74
N PRO C 162 -46.85 3.76 -39.62
CA PRO C 162 -47.01 4.11 -41.04
C PRO C 162 -48.20 4.98 -41.36
N SER C 163 -48.90 5.52 -40.36
CA SER C 163 -49.87 6.58 -40.61
C SER C 163 -49.18 7.78 -41.23
N LEU C 164 -48.06 8.21 -40.66
CA LEU C 164 -47.28 9.30 -41.26
C LEU C 164 -46.52 8.86 -42.49
N ALA C 165 -46.40 7.55 -42.72
CA ALA C 165 -46.02 7.11 -44.05
C ALA C 165 -47.13 7.42 -45.05
N THR C 166 -48.38 7.12 -44.67
CA THR C 166 -49.51 7.44 -45.54
C THR C 166 -49.74 8.94 -45.68
N HIS C 167 -49.28 9.75 -44.72
CA HIS C 167 -49.34 11.19 -44.85
C HIS C 167 -48.33 11.71 -45.86
N HIS C 168 -47.05 11.36 -45.69
CA HIS C 168 -45.99 11.94 -46.50
C HIS C 168 -44.88 10.92 -46.79
N GLY C 169 -44.02 11.31 -47.71
CA GLY C 169 -43.20 10.35 -48.42
C GLY C 169 -42.04 9.82 -47.61
N VAL C 170 -41.79 8.53 -47.78
CA VAL C 170 -40.77 7.80 -47.04
C VAL C 170 -39.76 7.30 -48.05
N PHE C 171 -38.49 7.45 -47.74
CA PHE C 171 -37.44 6.91 -48.57
C PHE C 171 -37.04 5.56 -48.01
N ALA C 172 -36.62 4.65 -48.89
CA ALA C 172 -36.21 3.33 -48.43
C ALA C 172 -35.18 2.78 -49.40
N SER C 173 -34.23 2.01 -48.87
CA SER C 173 -33.21 1.49 -49.77
C SER C 173 -32.75 0.13 -49.24
N ASP C 174 -31.56 -0.28 -49.69
CA ASP C 174 -30.91 -1.50 -49.28
C ASP C 174 -30.60 -1.48 -47.79
N ARG C 175 -30.13 -2.60 -47.27
CA ARG C 175 -29.61 -2.60 -45.91
C ARG C 175 -28.09 -2.56 -46.00
N LYS C 176 -27.46 -1.58 -45.36
CA LYS C 176 -28.12 -0.57 -44.52
C LYS C 176 -28.52 0.68 -45.27
N HIS C 177 -29.69 1.20 -44.87
CA HIS C 177 -30.27 2.33 -45.60
C HIS C 177 -29.55 3.66 -45.43
N PRO C 178 -29.07 4.13 -44.14
CA PRO C 178 -28.65 5.53 -44.02
C PRO C 178 -27.26 5.84 -44.59
N GLU C 179 -26.98 5.33 -45.78
CA GLU C 179 -25.74 5.61 -46.48
C GLU C 179 -25.94 6.26 -47.84
N GLN C 180 -26.69 5.60 -48.73
CA GLN C 180 -26.81 6.04 -50.11
C GLN C 180 -28.09 5.45 -50.68
N LEU C 181 -29.05 6.33 -50.96
CA LEU C 181 -30.43 5.91 -51.19
C LEU C 181 -30.59 5.27 -52.54
N ASP C 182 -31.48 4.27 -52.61
CA ASP C 182 -31.71 3.50 -53.81
C ASP C 182 -33.12 3.63 -54.33
N PHE C 183 -34.14 3.76 -53.48
CA PHE C 183 -35.50 3.98 -53.96
C PHE C 183 -36.26 4.75 -52.89
N MET C 184 -37.58 4.70 -52.98
CA MET C 184 -38.45 5.37 -52.01
C MET C 184 -39.85 4.83 -52.21
N LEU C 185 -40.80 5.41 -51.48
CA LEU C 185 -42.21 5.39 -51.86
C LEU C 185 -42.88 6.58 -51.22
N GLN C 186 -43.37 7.52 -52.04
CA GLN C 186 -44.13 8.62 -51.48
C GLN C 186 -45.52 8.15 -51.16
N LYS C 187 -45.93 8.38 -49.91
CA LYS C 187 -47.17 7.91 -49.30
C LYS C 187 -47.41 6.42 -49.52
N PRO C 188 -46.66 5.54 -48.84
CA PRO C 188 -46.87 4.10 -49.04
C PRO C 188 -48.11 3.58 -48.35
N SER C 189 -48.70 2.58 -48.99
CA SER C 189 -49.76 1.74 -48.47
C SER C 189 -49.19 0.34 -48.58
N LEU C 190 -50.01 -0.71 -48.49
CA LEU C 190 -49.78 -2.02 -47.85
C LEU C 190 -48.55 -2.76 -48.36
N ALA C 191 -48.68 -4.02 -48.77
CA ALA C 191 -47.58 -4.79 -49.37
C ALA C 191 -46.65 -4.06 -50.34
N GLU C 192 -47.11 -2.97 -50.96
CA GLU C 192 -46.21 -1.92 -51.47
C GLU C 192 -45.22 -1.44 -50.42
N LEU C 193 -45.70 -0.98 -49.26
CA LEU C 193 -44.82 -0.56 -48.16
C LEU C 193 -43.99 -1.72 -47.65
N GLU C 194 -44.54 -2.93 -47.69
CA GLU C 194 -43.74 -4.09 -47.32
C GLU C 194 -42.64 -4.36 -48.32
N SER C 195 -42.85 -3.97 -49.59
CA SER C 195 -41.87 -4.08 -50.66
C SER C 195 -40.93 -2.90 -50.71
N LEU C 196 -40.70 -2.26 -49.58
CA LEU C 196 -39.67 -1.23 -49.42
C LEU C 196 -38.39 -1.85 -48.86
N SER C 197 -38.04 -3.02 -49.41
CA SER C 197 -37.07 -3.97 -48.89
C SER C 197 -35.73 -3.34 -48.52
N LYS C 198 -35.27 -3.58 -47.28
CA LYS C 198 -35.94 -4.38 -46.25
C LYS C 198 -37.03 -3.56 -45.54
N THR C 199 -38.13 -4.26 -45.18
CA THR C 199 -39.43 -3.73 -44.76
C THR C 199 -39.33 -2.59 -43.74
N HIS C 200 -38.36 -2.68 -42.83
CA HIS C 200 -38.22 -1.70 -41.75
C HIS C 200 -36.96 -0.85 -41.88
N LEU C 201 -36.68 -0.37 -43.10
CA LEU C 201 -35.57 0.54 -43.35
C LEU C 201 -36.08 1.93 -43.73
N PHE C 202 -37.07 2.41 -42.98
CA PHE C 202 -37.76 3.66 -43.29
C PHE C 202 -36.83 4.87 -43.12
N LEU C 203 -37.19 5.95 -43.81
CA LEU C 203 -36.42 7.19 -43.78
C LEU C 203 -37.33 8.32 -44.22
N MET C 204 -37.69 9.21 -43.30
CA MET C 204 -38.50 10.38 -43.61
C MET C 204 -37.69 11.63 -43.36
N ASP C 205 -37.44 12.36 -44.42
CA ASP C 205 -36.67 13.58 -44.38
C ASP C 205 -37.54 14.71 -43.87
N ILE C 206 -36.94 15.79 -43.38
CA ILE C 206 -37.73 16.97 -43.07
C ILE C 206 -37.24 18.23 -43.77
N GLY C 207 -36.09 18.18 -44.45
CA GLY C 207 -35.82 19.19 -45.45
C GLY C 207 -34.87 20.33 -45.15
N ILE C 208 -33.74 20.05 -44.52
CA ILE C 208 -32.60 20.97 -44.45
C ILE C 208 -31.34 20.14 -44.63
N TRP C 209 -30.67 20.32 -45.76
CA TRP C 209 -29.50 19.53 -46.14
C TRP C 209 -28.32 20.48 -46.30
N LEU C 210 -27.11 19.96 -46.16
CA LEU C 210 -25.96 20.71 -46.62
C LEU C 210 -25.75 20.50 -48.12
N LEU C 211 -24.66 21.07 -48.61
CA LEU C 211 -24.24 20.85 -49.99
C LEU C 211 -22.76 21.18 -50.05
N SER C 212 -22.09 20.69 -51.10
CA SER C 212 -20.69 21.00 -51.33
C SER C 212 -20.57 22.42 -51.90
N ASP C 213 -19.35 22.81 -52.26
CA ASP C 213 -19.15 24.11 -52.89
C ASP C 213 -19.49 24.05 -54.38
N ARG C 214 -19.76 22.84 -54.89
CA ARG C 214 -20.02 22.59 -56.30
C ARG C 214 -21.49 22.44 -56.65
N ALA C 215 -22.23 21.60 -55.91
CA ALA C 215 -23.43 20.97 -56.46
C ALA C 215 -24.64 21.87 -56.55
N VAL C 216 -24.48 23.17 -56.24
CA VAL C 216 -25.53 24.15 -56.45
C VAL C 216 -25.89 24.23 -57.93
N GLU C 217 -24.89 24.10 -58.79
CA GLU C 217 -25.06 24.35 -60.21
C GLU C 217 -25.72 23.17 -60.92
N ILE C 218 -25.85 22.03 -60.26
CA ILE C 218 -26.57 20.88 -60.80
C ILE C 218 -27.90 20.68 -60.09
N LEU C 219 -27.87 20.59 -58.76
CA LEU C 219 -28.97 19.94 -58.06
C LEU C 219 -30.21 20.84 -57.96
N MET C 220 -30.11 21.97 -57.26
CA MET C 220 -31.23 22.90 -57.20
C MET C 220 -31.46 23.59 -58.54
N LYS C 221 -30.50 24.42 -58.92
CA LYS C 221 -30.67 25.43 -59.96
C LYS C 221 -29.73 24.99 -61.08
N ARG C 222 -30.22 24.07 -61.90
CA ARG C 222 -29.36 23.33 -62.83
C ARG C 222 -28.92 24.23 -63.97
N SER C 223 -27.63 24.22 -64.26
CA SER C 223 -27.13 25.11 -65.30
C SER C 223 -27.50 24.58 -66.66
N HIS C 224 -28.24 25.36 -67.42
CA HIS C 224 -28.59 25.03 -68.78
C HIS C 224 -27.94 26.05 -69.71
N LYS C 225 -28.15 25.87 -71.02
CA LYS C 225 -27.62 26.81 -71.99
C LYS C 225 -28.34 28.15 -71.92
N GLU C 226 -29.61 28.13 -71.54
CA GLU C 226 -30.36 29.37 -71.36
C GLU C 226 -29.85 30.13 -70.16
N SER C 227 -29.97 29.54 -68.98
CA SER C 227 -29.44 30.07 -67.74
C SER C 227 -29.32 28.90 -66.77
N SER C 228 -28.97 29.21 -65.52
CA SER C 228 -28.91 28.19 -64.49
C SER C 228 -30.31 28.03 -63.91
N GLU C 229 -31.16 27.35 -64.66
CA GLU C 229 -32.55 27.27 -64.29
C GLU C 229 -32.76 26.23 -63.20
N GLU C 230 -33.78 26.49 -62.37
CA GLU C 230 -34.13 25.51 -61.36
C GLU C 230 -34.67 24.26 -62.03
N LEU C 231 -34.61 23.15 -61.29
CA LEU C 231 -35.49 22.06 -61.63
C LEU C 231 -36.91 22.56 -61.47
N LYS C 232 -37.79 22.13 -62.37
CA LYS C 232 -39.11 22.74 -62.50
C LYS C 232 -40.03 22.41 -61.34
N TYR C 233 -39.57 21.51 -60.47
CA TYR C 233 -40.08 21.39 -59.12
C TYR C 233 -39.86 22.67 -58.36
N TYR C 234 -40.95 23.31 -57.93
CA TYR C 234 -40.85 24.59 -57.23
C TYR C 234 -40.21 24.41 -55.87
N ASP C 235 -40.68 23.40 -55.10
CA ASP C 235 -39.91 22.95 -53.95
C ASP C 235 -38.66 22.24 -54.46
N LEU C 236 -37.49 22.80 -54.17
CA LEU C 236 -36.24 22.17 -54.55
C LEU C 236 -35.99 20.91 -53.73
N TYR C 237 -36.12 21.03 -52.40
CA TYR C 237 -35.73 19.97 -51.47
C TYR C 237 -36.63 18.74 -51.61
N SER C 238 -37.92 18.90 -51.33
CA SER C 238 -38.82 17.77 -51.20
C SER C 238 -39.05 17.09 -52.54
N ASP C 239 -39.24 17.87 -53.59
CA ASP C 239 -39.54 17.27 -54.88
C ASP C 239 -38.26 16.87 -55.61
N PHE C 240 -37.11 17.36 -55.17
CA PHE C 240 -35.86 16.77 -55.63
C PHE C 240 -35.60 15.43 -54.97
N GLY C 241 -35.91 15.31 -53.66
CA GLY C 241 -35.78 14.02 -53.00
C GLY C 241 -36.81 13.02 -53.44
N LEU C 242 -38.00 13.49 -53.80
CA LEU C 242 -38.95 12.68 -54.55
C LEU C 242 -38.39 12.32 -55.91
N ALA C 243 -37.78 13.29 -56.59
CA ALA C 243 -37.28 13.08 -57.94
C ALA C 243 -36.01 12.24 -57.94
N LEU C 244 -34.97 12.69 -57.25
CA LEU C 244 -33.67 12.06 -57.39
C LEU C 244 -33.46 10.92 -56.39
N GLY C 245 -34.38 10.73 -55.44
CA GLY C 245 -34.21 9.74 -54.40
C GLY C 245 -34.33 8.29 -54.85
N THR C 246 -34.71 8.03 -56.09
CA THR C 246 -34.83 6.66 -56.53
C THR C 246 -33.45 6.22 -57.06
N HIS C 247 -33.37 5.05 -57.68
CA HIS C 247 -32.20 4.53 -58.41
C HIS C 247 -31.56 5.48 -59.44
N PRO C 248 -32.24 6.50 -59.97
CA PRO C 248 -31.49 7.61 -60.58
C PRO C 248 -30.51 8.35 -59.65
N ARG C 249 -30.54 8.15 -58.33
CA ARG C 249 -29.42 8.64 -57.52
C ARG C 249 -28.16 7.84 -57.77
N ILE C 250 -28.30 6.53 -57.96
CA ILE C 250 -27.18 5.65 -58.25
C ILE C 250 -26.63 5.89 -59.65
N GLU C 251 -27.38 6.57 -60.51
CA GLU C 251 -26.85 7.06 -61.76
C GLU C 251 -26.30 8.48 -61.65
N ASP C 252 -26.89 9.32 -60.82
CA ASP C 252 -26.72 10.77 -60.92
C ASP C 252 -25.77 11.36 -59.90
N GLU C 253 -25.82 10.93 -58.64
CA GLU C 253 -25.07 11.59 -57.58
C GLU C 253 -23.59 11.20 -57.60
N GLU C 254 -23.17 10.41 -58.58
CA GLU C 254 -21.79 10.03 -58.78
C GLU C 254 -20.99 11.06 -59.55
N VAL C 255 -21.61 12.17 -59.91
CA VAL C 255 -20.91 13.21 -60.64
C VAL C 255 -20.37 14.27 -59.69
N ASN C 256 -21.03 14.44 -58.55
CA ASN C 256 -20.83 15.56 -57.63
C ASN C 256 -20.39 15.13 -56.23
N THR C 257 -19.29 14.36 -56.14
CA THR C 257 -18.65 13.90 -54.90
C THR C 257 -19.53 12.99 -54.06
N LEU C 258 -19.77 11.78 -54.58
CA LEU C 258 -20.72 10.75 -54.14
C LEU C 258 -20.81 10.48 -52.64
N SER C 259 -19.76 10.83 -51.88
CA SER C 259 -19.72 10.65 -50.43
C SER C 259 -20.87 11.33 -49.73
N VAL C 260 -21.80 10.51 -49.22
CA VAL C 260 -23.01 10.96 -48.56
C VAL C 260 -23.25 10.00 -47.39
N ALA C 261 -23.57 10.55 -46.22
CA ALA C 261 -24.05 9.75 -45.10
C ALA C 261 -25.37 10.33 -44.64
N ILE C 262 -26.14 9.52 -43.92
CA ILE C 262 -27.45 9.91 -43.42
C ILE C 262 -27.51 9.59 -41.93
N LEU C 263 -28.04 10.52 -41.13
CA LEU C 263 -28.36 10.19 -39.75
C LEU C 263 -29.88 10.26 -39.65
N PRO C 264 -30.51 9.26 -39.05
CA PRO C 264 -31.92 9.40 -38.69
C PRO C 264 -32.15 10.26 -37.46
N LEU C 265 -33.40 10.33 -37.01
CA LEU C 265 -33.80 11.23 -35.96
C LEU C 265 -34.60 10.51 -34.88
N PRO C 266 -34.72 11.10 -33.69
CA PRO C 266 -35.75 10.66 -32.74
C PRO C 266 -37.15 11.11 -33.16
N GLY C 267 -38.14 10.94 -32.28
CA GLY C 267 -39.54 11.12 -32.67
C GLY C 267 -40.46 11.97 -31.81
N GLY C 268 -39.98 13.13 -31.33
CA GLY C 268 -40.77 13.91 -30.41
C GLY C 268 -42.00 14.61 -30.96
N GLU C 269 -41.79 15.70 -31.69
CA GLU C 269 -42.85 16.61 -32.12
C GLU C 269 -42.86 16.74 -33.62
N PHE C 270 -43.00 15.62 -34.31
CA PHE C 270 -42.93 15.58 -35.76
C PHE C 270 -44.30 15.26 -36.34
N TYR C 271 -45.06 16.29 -36.71
CA TYR C 271 -46.19 16.13 -37.61
C TYR C 271 -46.18 17.35 -38.53
N HIS C 272 -47.28 17.61 -39.22
CA HIS C 272 -47.28 18.56 -40.32
C HIS C 272 -48.17 19.76 -40.00
N TYR C 273 -48.33 20.63 -40.98
CA TYR C 273 -49.08 21.88 -40.85
C TYR C 273 -50.32 21.96 -41.72
N GLY C 274 -51.08 20.87 -41.83
CA GLY C 274 -52.20 20.79 -42.74
C GLY C 274 -53.25 21.84 -42.55
N THR C 275 -53.91 21.83 -41.41
CA THR C 275 -54.83 22.89 -41.07
C THR C 275 -54.42 23.49 -39.73
N SER C 276 -55.29 24.34 -39.20
CA SER C 276 -54.98 25.03 -37.95
C SER C 276 -54.93 24.08 -36.77
N LYS C 277 -55.70 23.00 -36.83
CA LYS C 277 -55.72 22.04 -35.72
C LYS C 277 -54.40 21.33 -35.57
N GLU C 278 -53.57 21.30 -36.61
CA GLU C 278 -52.23 20.74 -36.52
C GLU C 278 -51.38 21.54 -35.56
N LEU C 279 -51.29 22.85 -35.78
CA LEU C 279 -50.53 23.69 -34.87
C LEU C 279 -51.21 23.83 -33.53
N ILE C 280 -52.53 23.69 -33.48
CA ILE C 280 -53.23 23.68 -32.19
C ILE C 280 -52.82 22.47 -31.36
N SER C 281 -52.85 21.29 -31.98
CA SER C 281 -52.40 20.05 -31.34
C SER C 281 -50.93 20.08 -30.97
N SER C 282 -50.12 20.76 -31.79
CA SER C 282 -48.71 20.94 -31.49
C SER C 282 -48.55 21.75 -30.23
N THR C 283 -49.31 22.83 -30.12
CA THR C 283 -49.24 23.74 -29.00
C THR C 283 -50.21 23.37 -27.89
N LEU C 284 -51.07 22.37 -28.13
CA LEU C 284 -51.98 21.73 -27.18
C LEU C 284 -53.14 22.62 -26.71
N SER C 285 -53.10 23.91 -27.00
CA SER C 285 -54.03 24.88 -26.42
C SER C 285 -53.83 26.22 -27.11
N VAL C 286 -54.80 27.11 -26.94
CA VAL C 286 -54.90 28.35 -27.71
C VAL C 286 -55.35 29.53 -26.86
N GLN C 287 -55.66 30.64 -27.54
CA GLN C 287 -56.35 31.83 -27.00
C GLN C 287 -55.50 32.64 -26.01
N ASN C 288 -54.54 33.41 -26.54
CA ASN C 288 -53.93 34.47 -25.72
C ASN C 288 -53.79 35.80 -26.46
N LYS C 289 -54.73 36.72 -26.21
CA LYS C 289 -54.32 38.11 -25.98
C LYS C 289 -54.72 38.69 -24.61
N VAL C 290 -55.98 38.69 -24.14
CA VAL C 290 -57.25 38.21 -24.72
C VAL C 290 -58.29 39.34 -24.86
N TYR C 291 -58.52 39.82 -26.06
CA TYR C 291 -59.53 40.84 -26.27
C TYR C 291 -60.92 40.22 -26.25
N ASP C 292 -61.70 40.59 -25.25
CA ASP C 292 -63.07 40.09 -25.12
C ASP C 292 -63.98 41.30 -25.20
N GLN C 293 -64.47 41.61 -26.39
CA GLN C 293 -65.49 42.62 -26.52
C GLN C 293 -66.83 41.92 -26.32
N ARG C 294 -67.92 42.55 -26.74
CA ARG C 294 -69.23 42.03 -26.42
C ARG C 294 -69.94 41.56 -27.68
N ARG C 295 -71.08 40.90 -27.47
CA ARG C 295 -71.81 40.11 -28.47
C ARG C 295 -70.90 39.08 -29.13
N ILE C 296 -70.06 38.48 -28.31
CA ILE C 296 -69.09 37.50 -28.75
C ILE C 296 -69.52 36.15 -28.19
N MET C 297 -68.73 35.11 -28.46
CA MET C 297 -69.04 33.79 -27.96
C MET C 297 -67.84 33.17 -27.26
N HIS C 298 -68.05 32.74 -26.01
CA HIS C 298 -67.01 32.09 -25.22
C HIS C 298 -66.72 30.70 -25.76
N ARG C 299 -65.48 30.47 -26.12
CA ARG C 299 -64.96 29.15 -26.48
C ARG C 299 -63.59 29.00 -25.86
N LYS C 300 -62.97 27.84 -26.09
CA LYS C 300 -61.56 27.65 -25.81
C LYS C 300 -60.77 27.24 -27.02
N VAL C 301 -61.27 26.24 -27.77
CA VAL C 301 -60.49 25.50 -28.76
C VAL C 301 -60.05 26.36 -29.94
N LYS C 302 -60.74 27.46 -30.17
CA LYS C 302 -60.53 28.41 -31.24
C LYS C 302 -59.15 29.07 -31.13
N PRO C 303 -58.38 29.19 -32.20
CA PRO C 303 -57.05 29.78 -32.09
C PRO C 303 -56.96 31.29 -32.23
N ASN C 304 -57.20 32.06 -31.18
CA ASN C 304 -56.93 33.48 -31.32
C ASN C 304 -55.56 33.81 -30.75
N PRO C 305 -54.65 34.31 -31.55
CA PRO C 305 -53.39 34.83 -31.02
C PRO C 305 -53.52 36.20 -30.39
N ALA C 306 -52.37 36.84 -30.23
CA ALA C 306 -52.33 38.19 -29.67
C ALA C 306 -52.95 39.22 -30.59
N MET C 307 -53.52 40.24 -29.97
CA MET C 307 -53.79 41.57 -30.52
C MET C 307 -54.79 41.55 -31.67
N PHE C 308 -55.96 41.00 -31.34
CA PHE C 308 -57.10 40.97 -32.24
C PHE C 308 -58.33 41.38 -31.45
N VAL C 309 -58.83 42.60 -31.67
CA VAL C 309 -60.01 43.08 -30.97
C VAL C 309 -61.24 42.37 -31.50
N GLN C 310 -61.87 41.57 -30.66
CA GLN C 310 -62.86 40.60 -31.12
C GLN C 310 -64.24 41.04 -30.66
N ASN C 311 -65.02 41.62 -31.57
CA ASN C 311 -66.26 42.30 -31.24
C ASN C 311 -67.42 41.72 -32.04
N ALA C 312 -68.53 41.48 -31.36
CA ALA C 312 -69.87 41.45 -31.95
C ALA C 312 -70.11 40.29 -32.90
N VAL C 313 -69.26 39.28 -32.95
CA VAL C 313 -69.41 38.19 -33.91
C VAL C 313 -69.55 36.89 -33.13
N VAL C 314 -70.41 35.99 -33.60
CA VAL C 314 -70.68 34.70 -32.98
C VAL C 314 -70.03 33.60 -33.80
N ARG C 315 -69.26 32.72 -33.13
CA ARG C 315 -68.61 31.67 -33.88
C ARG C 315 -68.57 30.32 -33.19
N ILE C 316 -68.13 29.34 -33.96
CA ILE C 316 -67.70 28.03 -33.49
C ILE C 316 -66.18 28.07 -33.56
N PRO C 317 -65.44 27.19 -32.82
CA PRO C 317 -63.98 27.23 -32.92
C PRO C 317 -63.37 26.86 -34.26
N LEU C 318 -62.03 26.77 -34.25
CA LEU C 318 -61.05 26.46 -35.31
C LEU C 318 -60.65 27.67 -36.16
N CYS C 319 -61.03 28.88 -35.79
CA CYS C 319 -60.75 30.05 -36.62
C CYS C 319 -59.74 30.99 -35.95
N ALA C 320 -58.84 31.56 -36.76
CA ALA C 320 -57.65 32.25 -36.29
C ALA C 320 -57.54 33.66 -36.87
N GLU C 321 -57.23 34.63 -36.01
CA GLU C 321 -57.41 36.05 -36.31
C GLU C 321 -56.28 36.86 -35.69
N ASN C 322 -55.53 37.59 -36.51
CA ASN C 322 -54.26 38.17 -36.03
C ASN C 322 -54.31 39.61 -35.53
N ALA C 323 -54.52 40.56 -36.44
CA ALA C 323 -54.26 41.98 -36.22
C ALA C 323 -54.59 42.73 -37.51
N ASP C 324 -54.77 44.06 -37.39
CA ASP C 324 -55.37 44.94 -38.42
C ASP C 324 -56.74 44.39 -38.82
N LEU C 325 -57.46 43.89 -37.82
CA LEU C 325 -58.71 43.16 -37.98
C LEU C 325 -59.57 43.51 -36.77
N TRP C 326 -60.53 44.43 -36.93
CA TRP C 326 -61.50 44.73 -35.88
C TRP C 326 -62.88 44.35 -36.40
N ILE C 327 -63.20 43.07 -36.26
CA ILE C 327 -64.40 42.52 -36.86
C ILE C 327 -65.56 42.83 -35.94
N GLU C 328 -66.70 43.20 -36.53
CA GLU C 328 -67.94 43.48 -35.83
C GLU C 328 -69.10 42.94 -36.65
N ASN C 329 -69.96 42.18 -35.98
CA ASN C 329 -71.29 41.80 -36.47
C ASN C 329 -71.22 40.97 -37.75
N SER C 330 -70.73 39.75 -37.58
CA SER C 330 -70.75 38.77 -38.66
C SER C 330 -71.27 37.46 -38.08
N HIS C 331 -71.40 36.45 -38.96
CA HIS C 331 -71.97 35.17 -38.55
C HIS C 331 -71.13 34.05 -39.13
N ILE C 332 -70.08 33.69 -38.40
CA ILE C 332 -68.98 32.91 -38.96
C ILE C 332 -68.90 31.56 -38.25
N GLY C 333 -68.35 30.55 -38.93
CA GLY C 333 -68.20 29.20 -38.41
C GLY C 333 -66.75 28.78 -38.20
N PRO C 334 -66.40 27.58 -38.65
CA PRO C 334 -65.07 27.05 -38.37
C PRO C 334 -64.05 27.39 -39.46
N LYS C 335 -62.78 27.37 -39.04
CA LYS C 335 -61.60 27.34 -39.91
C LYS C 335 -61.52 28.58 -40.81
N TRP C 336 -61.20 29.71 -40.19
CA TRP C 336 -61.17 30.97 -40.92
C TRP C 336 -59.79 31.60 -40.96
N LYS C 337 -59.20 31.56 -42.15
CA LYS C 337 -58.33 32.65 -42.57
C LYS C 337 -59.11 33.95 -42.51
N ILE C 338 -58.48 35.01 -42.01
CA ILE C 338 -59.04 36.36 -41.98
C ILE C 338 -57.95 37.31 -42.47
N ALA C 339 -58.19 37.96 -43.60
CA ALA C 339 -57.13 38.67 -44.30
C ALA C 339 -56.99 40.12 -43.84
N SER C 340 -55.74 40.56 -43.70
CA SER C 340 -55.31 41.87 -43.23
C SER C 340 -55.02 42.82 -44.40
N ARG C 341 -54.15 43.83 -44.12
CA ARG C 341 -53.55 44.79 -45.05
C ARG C 341 -54.50 45.91 -45.44
N HIS C 342 -55.52 46.15 -44.62
CA HIS C 342 -56.57 47.03 -45.08
C HIS C 342 -57.31 47.58 -43.88
N ILE C 343 -57.93 48.74 -44.06
CA ILE C 343 -58.82 49.29 -43.05
C ILE C 343 -60.10 48.48 -43.11
N ILE C 344 -60.18 47.44 -42.29
CA ILE C 344 -61.31 46.53 -42.31
C ILE C 344 -62.06 46.70 -40.99
N THR C 345 -63.25 47.28 -41.08
CA THR C 345 -64.21 47.31 -40.00
C THR C 345 -65.51 46.83 -40.66
N GLY C 346 -66.63 46.96 -39.96
CA GLY C 346 -67.84 47.05 -40.76
C GLY C 346 -68.05 48.40 -41.38
N VAL C 347 -67.14 49.34 -41.10
CA VAL C 347 -66.95 50.60 -41.80
C VAL C 347 -66.10 50.21 -43.00
N PRO C 348 -65.68 51.12 -43.90
CA PRO C 348 -66.21 51.12 -45.29
C PRO C 348 -66.43 49.81 -46.04
N GLU C 349 -65.96 48.65 -45.56
CA GLU C 349 -66.16 47.39 -46.27
C GLU C 349 -67.62 46.95 -46.35
N ASN C 350 -68.48 47.45 -45.46
CA ASN C 350 -69.93 47.29 -45.52
C ASN C 350 -70.35 45.83 -45.44
N ASP C 351 -69.64 45.06 -44.63
CA ASP C 351 -69.88 43.63 -44.55
C ASP C 351 -70.57 43.36 -43.22
N TRP C 352 -71.90 43.40 -43.24
CA TRP C 352 -72.68 43.24 -42.02
C TRP C 352 -73.61 42.02 -42.07
N SER C 353 -74.55 41.98 -43.02
CA SER C 353 -75.54 40.90 -43.10
C SER C 353 -74.87 39.71 -43.77
N LEU C 354 -74.05 39.01 -42.99
CA LEU C 354 -73.05 38.12 -43.55
C LEU C 354 -73.45 36.70 -43.23
N ALA C 355 -74.10 36.04 -44.17
CA ALA C 355 -74.50 34.65 -44.01
C ALA C 355 -73.34 33.74 -44.40
N VAL C 356 -72.27 33.88 -43.62
CA VAL C 356 -70.95 33.35 -43.98
C VAL C 356 -70.97 31.83 -43.90
N PRO C 357 -70.51 31.12 -44.94
CA PRO C 357 -70.48 29.65 -44.91
C PRO C 357 -69.44 29.06 -43.99
N ALA C 358 -69.21 27.75 -44.08
CA ALA C 358 -68.28 27.04 -43.21
C ALA C 358 -67.12 26.49 -44.03
N GLY C 359 -65.93 26.51 -43.44
CA GLY C 359 -64.78 25.86 -44.03
C GLY C 359 -64.18 26.58 -45.21
N VAL C 360 -64.28 27.91 -45.23
CA VAL C 360 -63.78 28.71 -46.35
C VAL C 360 -62.81 29.71 -45.73
N CYS C 361 -62.27 30.64 -46.51
CA CYS C 361 -61.24 31.57 -46.06
C CYS C 361 -61.60 33.00 -46.46
N VAL C 362 -61.92 33.82 -45.45
CA VAL C 362 -61.90 35.27 -45.57
C VAL C 362 -60.47 35.69 -45.90
N ASP C 363 -60.31 36.54 -46.92
CA ASP C 363 -61.31 37.46 -47.45
C ASP C 363 -62.27 37.04 -48.56
N VAL C 364 -62.85 38.08 -49.15
CA VAL C 364 -64.29 38.30 -49.21
C VAL C 364 -65.14 37.10 -49.59
N VAL C 365 -66.07 36.76 -48.69
CA VAL C 365 -67.16 35.76 -48.78
C VAL C 365 -68.30 36.12 -47.83
N PRO C 366 -69.21 37.04 -48.20
CA PRO C 366 -70.34 37.39 -47.31
C PRO C 366 -71.32 36.24 -47.07
N MET C 367 -71.62 35.52 -48.14
CA MET C 367 -72.46 34.33 -48.08
C MET C 367 -72.05 33.42 -49.24
N GLY C 368 -72.88 32.44 -49.55
CA GLY C 368 -72.60 31.55 -50.66
C GLY C 368 -72.05 30.21 -50.23
N ASP C 369 -71.56 29.46 -51.22
CA ASP C 369 -71.08 28.11 -50.98
C ASP C 369 -69.75 27.91 -51.68
N LYS C 370 -68.67 27.87 -50.88
CA LYS C 370 -67.38 27.26 -51.23
C LYS C 370 -66.74 27.89 -52.47
N GLY C 371 -66.42 29.18 -52.31
CA GLY C 371 -65.66 29.91 -53.31
C GLY C 371 -64.17 29.92 -53.03
N PHE C 372 -63.46 30.82 -53.72
CA PHE C 372 -62.01 31.01 -53.57
C PHE C 372 -61.70 32.46 -53.94
N VAL C 373 -61.68 33.34 -52.93
CA VAL C 373 -61.35 34.75 -53.11
C VAL C 373 -60.13 35.07 -52.25
N ALA C 374 -59.05 35.47 -52.91
CA ALA C 374 -57.81 35.88 -52.26
C ALA C 374 -57.90 37.37 -51.92
N ARG C 375 -56.74 38.01 -51.72
CA ARG C 375 -56.38 39.31 -51.16
C ARG C 375 -57.32 40.44 -51.61
N PRO C 376 -57.52 41.55 -50.80
CA PRO C 376 -58.89 42.08 -50.57
C PRO C 376 -59.63 42.67 -51.76
N TYR C 377 -60.33 41.80 -52.49
CA TYR C 377 -61.36 42.20 -53.43
C TYR C 377 -62.39 43.12 -52.74
N GLY C 378 -62.92 44.11 -53.47
CA GLY C 378 -63.73 45.16 -52.89
C GLY C 378 -65.21 45.08 -53.22
N LEU C 379 -66.04 45.53 -52.27
CA LEU C 379 -67.50 45.42 -52.37
C LEU C 379 -68.15 46.73 -51.99
N ASP C 380 -69.47 46.73 -52.03
CA ASP C 380 -70.25 47.33 -50.95
C ASP C 380 -71.18 46.31 -50.30
N ASP C 381 -72.21 45.87 -51.00
CA ASP C 381 -73.13 44.83 -50.56
C ASP C 381 -73.49 43.89 -51.67
N VAL C 382 -73.27 44.29 -52.93
CA VAL C 382 -73.91 43.71 -54.10
C VAL C 382 -73.43 42.28 -54.32
N PHE C 383 -72.25 41.96 -53.81
CA PHE C 383 -71.54 40.73 -54.09
C PHE C 383 -72.20 39.49 -53.50
N LYS C 384 -73.16 39.65 -52.58
CA LYS C 384 -73.81 38.58 -51.80
C LYS C 384 -74.64 37.54 -52.68
N GLY C 385 -74.60 37.51 -54.01
CA GLY C 385 -75.50 36.64 -54.76
C GLY C 385 -74.96 35.42 -55.48
N ASP C 386 -73.96 35.57 -56.34
CA ASP C 386 -73.49 34.48 -57.20
C ASP C 386 -72.42 33.64 -56.53
N LEU C 387 -72.49 33.51 -55.20
CA LEU C 387 -71.43 32.88 -54.43
C LEU C 387 -71.76 31.46 -54.05
N ARG C 388 -72.94 30.97 -54.36
CA ARG C 388 -73.20 29.55 -54.24
C ARG C 388 -72.70 28.79 -55.44
N ASP C 389 -72.12 29.50 -56.42
CA ASP C 389 -71.34 28.95 -57.51
C ASP C 389 -70.07 28.36 -56.90
N SER C 390 -70.14 27.06 -56.56
CA SER C 390 -69.09 26.40 -55.82
C SER C 390 -67.95 25.93 -56.73
N LYS C 391 -66.79 25.75 -56.12
CA LYS C 391 -65.56 25.24 -56.74
C LYS C 391 -65.14 26.08 -57.94
N THR C 392 -65.08 27.39 -57.70
CA THR C 392 -64.55 28.34 -58.66
C THR C 392 -63.33 29.01 -58.04
N THR C 393 -62.44 29.51 -58.90
CA THR C 393 -61.17 30.10 -58.48
C THR C 393 -61.14 31.56 -58.90
N LEU C 394 -61.04 32.47 -57.92
CA LEU C 394 -60.97 33.91 -58.19
C LEU C 394 -59.95 34.51 -57.23
N THR C 395 -58.67 34.44 -57.61
CA THR C 395 -57.61 35.04 -56.79
C THR C 395 -57.83 36.55 -56.77
N GLY C 396 -58.29 37.06 -55.63
CA GLY C 396 -58.86 38.38 -55.52
C GLY C 396 -57.87 39.52 -55.67
N ILE C 397 -56.58 39.21 -55.76
CA ILE C 397 -55.53 40.18 -56.05
C ILE C 397 -55.03 39.87 -57.45
N PRO C 398 -54.49 40.85 -58.18
CA PRO C 398 -53.66 40.51 -59.33
C PRO C 398 -52.24 40.06 -58.92
N SER C 467 -47.37 46.65 -45.66
CA SER C 467 -47.40 47.98 -45.06
C SER C 467 -48.42 48.02 -43.94
N ALA C 468 -49.70 47.89 -44.32
CA ALA C 468 -50.73 47.74 -43.31
C ALA C 468 -50.64 46.38 -42.64
N GLY C 469 -49.97 45.42 -43.28
CA GLY C 469 -49.54 44.21 -42.59
C GLY C 469 -48.39 44.49 -41.64
N ALA C 470 -47.43 45.31 -42.06
CA ALA C 470 -46.41 45.75 -41.13
C ALA C 470 -47.02 46.64 -40.05
N ASN C 471 -48.08 47.37 -40.40
CA ASN C 471 -48.82 48.10 -39.39
C ASN C 471 -49.56 47.16 -38.45
N LEU C 472 -50.02 46.01 -38.96
CA LEU C 472 -50.62 45.00 -38.09
C LEU C 472 -49.59 44.47 -37.11
N LYS C 473 -48.38 44.23 -37.59
CA LYS C 473 -47.30 43.80 -36.72
C LYS C 473 -46.95 44.87 -35.71
N ARG C 474 -46.94 46.14 -36.14
CA ARG C 474 -46.58 47.23 -35.24
C ARG C 474 -47.65 47.44 -34.18
N LEU C 475 -48.92 47.37 -34.58
CA LEU C 475 -50.02 47.43 -33.64
C LEU C 475 -50.01 46.24 -32.71
N TYR C 476 -49.62 45.07 -33.22
CA TYR C 476 -49.59 43.86 -32.41
C TYR C 476 -48.49 43.93 -31.37
N ALA C 477 -47.35 44.50 -31.72
CA ALA C 477 -46.25 44.67 -30.80
C ALA C 477 -46.40 45.91 -29.92
N GLN C 478 -47.41 46.74 -30.17
CA GLN C 478 -47.63 47.90 -29.32
C GLN C 478 -48.05 47.48 -27.90
N ARG C 479 -49.19 46.84 -27.77
CA ARG C 479 -49.71 46.51 -26.45
C ARG C 479 -49.20 45.20 -25.93
N GLU C 480 -48.17 44.64 -26.55
CA GLU C 480 -47.64 43.37 -26.12
C GLU C 480 -47.03 43.48 -24.73
N GLU C 481 -46.19 44.49 -24.50
CA GLU C 481 -45.65 44.70 -23.17
C GLU C 481 -46.72 45.19 -22.20
N PHE C 482 -47.77 45.84 -22.70
CA PHE C 482 -48.89 46.23 -21.86
C PHE C 482 -49.59 45.00 -21.31
N ARG C 483 -49.94 44.07 -22.17
CA ARG C 483 -50.54 42.84 -21.70
C ARG C 483 -49.53 41.92 -21.05
N LYS C 484 -48.25 42.14 -21.28
CA LYS C 484 -47.24 41.45 -20.49
C LYS C 484 -47.25 41.96 -19.06
N GLY C 485 -47.45 43.27 -18.88
CA GLY C 485 -47.67 43.81 -17.55
C GLY C 485 -48.96 43.28 -16.96
N ASN C 486 -49.95 43.07 -17.81
CA ASN C 486 -51.20 42.46 -17.36
C ASN C 486 -50.98 41.02 -16.91
N TRP C 487 -50.09 40.31 -17.59
CA TRP C 487 -49.78 38.93 -17.19
C TRP C 487 -48.86 38.91 -15.98
N LYS C 488 -48.03 39.94 -15.85
CA LYS C 488 -47.24 40.23 -14.66
C LYS C 488 -48.10 40.71 -13.51
N ALA C 489 -49.36 40.99 -13.79
CA ALA C 489 -50.38 41.05 -12.77
C ALA C 489 -51.15 39.73 -12.65
N LEU C 490 -51.27 38.97 -13.74
CA LEU C 490 -52.29 37.92 -13.82
C LEU C 490 -51.87 36.69 -13.04
N ALA C 491 -50.84 36.01 -13.50
CA ALA C 491 -50.17 35.03 -12.67
C ALA C 491 -48.87 35.58 -12.18
N VAL C 492 -48.55 36.83 -12.53
CA VAL C 492 -47.51 37.68 -11.94
C VAL C 492 -46.09 37.23 -12.24
N ASN C 493 -45.93 36.08 -12.86
CA ASN C 493 -44.70 35.64 -13.48
C ASN C 493 -44.93 35.02 -14.83
N HIS C 494 -46.19 34.86 -15.22
CA HIS C 494 -46.59 34.26 -16.48
C HIS C 494 -46.00 34.98 -17.67
N GLU C 495 -45.76 36.27 -17.53
CA GLU C 495 -44.89 37.00 -18.45
C GLU C 495 -43.48 37.11 -17.89
N LYS C 496 -43.35 37.25 -16.57
CA LYS C 496 -42.04 37.58 -16.03
C LYS C 496 -41.16 36.35 -15.98
N SER C 497 -41.43 35.45 -15.05
CA SER C 497 -40.51 34.33 -14.86
C SER C 497 -40.94 33.14 -15.69
N VAL C 498 -41.22 33.42 -16.94
CA VAL C 498 -41.45 32.35 -17.89
C VAL C 498 -40.36 32.34 -18.93
N PHE C 499 -40.06 33.46 -19.53
CA PHE C 499 -38.75 33.62 -20.13
C PHE C 499 -38.07 34.90 -19.71
N TYR C 500 -38.85 35.99 -19.59
CA TYR C 500 -38.37 37.37 -19.55
C TYR C 500 -37.38 37.67 -20.68
N GLN C 501 -37.54 37.00 -21.82
CA GLN C 501 -36.45 36.80 -22.78
C GLN C 501 -36.00 38.09 -23.45
N LEU C 502 -36.89 39.07 -23.55
CA LEU C 502 -36.61 40.29 -24.28
C LEU C 502 -36.15 41.42 -23.39
N ASP C 503 -35.41 41.08 -22.32
CA ASP C 503 -35.07 41.89 -21.15
C ASP C 503 -34.81 43.37 -21.40
N LEU C 504 -33.83 43.64 -22.25
CA LEU C 504 -33.52 45.01 -22.60
C LEU C 504 -34.59 45.64 -23.48
N ALA C 505 -35.03 44.95 -24.51
CA ALA C 505 -36.09 45.49 -25.34
C ALA C 505 -37.42 45.50 -24.59
N ASP C 506 -37.62 44.59 -23.64
CA ASP C 506 -38.79 44.68 -22.78
C ASP C 506 -38.73 45.90 -21.88
N ALA C 507 -37.56 46.19 -21.33
CA ALA C 507 -37.39 47.29 -20.40
C ALA C 507 -37.54 48.62 -21.13
N ALA C 508 -36.74 48.80 -22.17
CA ALA C 508 -36.73 50.06 -22.90
C ALA C 508 -37.98 50.20 -23.75
N GLU C 509 -38.15 49.32 -24.72
CA GLU C 509 -39.32 49.43 -25.55
C GLU C 509 -40.54 48.88 -24.80
N ASP C 510 -41.63 49.63 -24.83
CA ASP C 510 -41.67 50.98 -25.36
C ASP C 510 -41.81 51.91 -24.19
N PHE C 511 -42.78 51.62 -23.33
CA PHE C 511 -42.99 52.38 -22.12
C PHE C 511 -43.27 51.46 -20.95
N VAL C 512 -42.63 50.29 -20.94
CA VAL C 512 -42.82 49.36 -19.86
C VAL C 512 -42.19 49.90 -18.58
N ARG C 513 -43.03 50.30 -17.64
CA ARG C 513 -42.57 50.85 -16.36
C ARG C 513 -42.40 49.72 -15.37
N LEU C 514 -41.15 49.34 -15.10
CA LEU C 514 -40.87 48.19 -14.25
C LEU C 514 -40.89 48.53 -12.77
N GLY C 515 -41.37 49.70 -12.40
CA GLY C 515 -41.74 49.88 -11.00
C GLY C 515 -42.92 49.01 -10.64
N LEU C 516 -43.77 48.70 -11.61
CA LEU C 516 -44.76 47.65 -11.42
C LEU C 516 -44.10 46.33 -11.15
N ASP C 517 -42.97 46.08 -11.80
CA ASP C 517 -42.19 44.89 -11.47
C ASP C 517 -41.60 44.97 -10.08
N MET C 518 -41.22 46.15 -9.60
CA MET C 518 -40.86 46.29 -8.20
C MET C 518 -42.04 46.05 -7.27
N PRO C 519 -43.22 46.47 -7.69
CA PRO C 519 -44.39 46.32 -6.84
C PRO C 519 -44.82 44.87 -6.73
N GLU C 520 -44.96 44.20 -7.87
CA GLU C 520 -45.30 42.78 -7.90
C GLU C 520 -44.14 41.92 -7.42
N LEU C 521 -42.92 42.44 -7.45
CA LEU C 521 -41.83 41.83 -6.72
C LEU C 521 -42.13 41.82 -5.24
N LEU C 522 -42.65 42.95 -4.74
CA LEU C 522 -43.01 43.01 -3.33
C LEU C 522 -44.49 42.73 -3.17
N PRO C 523 -45.02 41.77 -3.94
CA PRO C 523 -46.46 41.54 -4.03
C PRO C 523 -47.01 41.20 -2.65
N GLU C 524 -46.69 40.04 -2.13
CA GLU C 524 -46.51 39.93 -0.69
C GLU C 524 -45.14 39.34 -0.49
N ASP C 525 -45.02 38.17 -1.09
CA ASP C 525 -43.88 37.28 -1.11
C ASP C 525 -44.36 36.22 -2.07
N ALA C 526 -43.48 35.64 -2.83
CA ALA C 526 -43.91 34.92 -4.02
C ALA C 526 -43.01 33.71 -4.13
N LEU C 527 -42.91 33.17 -5.33
CA LEU C 527 -41.62 32.66 -5.69
C LEU C 527 -40.72 33.86 -5.53
N GLN C 528 -39.85 33.79 -4.57
CA GLN C 528 -38.86 34.81 -4.45
C GLN C 528 -37.92 34.75 -5.55
N MET C 529 -37.83 33.58 -6.15
CA MET C 529 -37.50 33.46 -7.56
C MET C 529 -38.23 34.50 -8.38
N SER C 530 -39.56 34.42 -8.44
CA SER C 530 -40.30 35.32 -9.32
C SER C 530 -40.33 36.71 -8.73
N ARG C 531 -40.35 36.81 -7.40
CA ARG C 531 -40.35 38.11 -6.76
C ARG C 531 -39.06 38.84 -7.07
N ILE C 532 -37.94 38.20 -6.78
CA ILE C 532 -36.64 38.77 -7.09
C ILE C 532 -36.43 38.88 -8.57
N HIS C 533 -37.12 38.05 -9.35
CA HIS C 533 -37.05 38.14 -10.79
C HIS C 533 -37.70 39.41 -11.26
N ASN C 534 -38.83 39.75 -10.67
CA ASN C 534 -39.49 41.00 -10.99
C ASN C 534 -38.70 42.18 -10.46
N ARG C 535 -38.10 42.03 -9.29
CA ARG C 535 -37.26 43.08 -8.73
C ARG C 535 -36.04 43.28 -9.59
N MET C 536 -35.55 42.20 -10.17
CA MET C 536 -34.40 42.32 -11.04
C MET C 536 -34.82 42.77 -12.41
N LEU C 537 -36.07 42.58 -12.77
CA LEU C 537 -36.57 43.19 -14.00
C LEU C 537 -36.62 44.68 -13.83
N ARG C 538 -37.06 45.11 -12.65
CA ARG C 538 -36.97 46.51 -12.28
C ARG C 538 -35.54 46.99 -12.30
N ALA C 539 -34.64 46.14 -11.81
CA ALA C 539 -33.23 46.48 -11.82
C ALA C 539 -32.71 46.54 -13.23
N ARG C 540 -33.19 45.65 -14.07
CA ARG C 540 -32.73 45.58 -15.44
C ARG C 540 -33.22 46.78 -16.20
N ILE C 541 -34.39 47.28 -15.84
CA ILE C 541 -34.89 48.51 -16.46
C ILE C 541 -34.08 49.69 -15.99
N LEU C 542 -33.97 49.86 -14.68
CA LEU C 542 -33.35 51.03 -14.09
C LEU C 542 -31.88 51.11 -14.41
N LYS C 543 -31.23 49.97 -14.53
CA LYS C 543 -29.88 49.96 -15.06
C LYS C 543 -29.91 50.15 -16.55
N LEU C 544 -30.85 49.51 -17.22
CA LEU C 544 -30.79 49.45 -18.67
C LEU C 544 -31.28 50.70 -19.32
N ASP C 545 -32.31 51.34 -18.75
CA ASP C 545 -32.77 52.58 -19.35
C ASP C 545 -31.69 53.64 -19.21
N GLY C 546 -31.58 54.21 -18.05
CA GLY C 546 -30.35 54.90 -17.69
C GLY C 546 -30.01 54.77 -16.22
N LYS C 547 -31.01 54.81 -15.37
CA LYS C 547 -31.02 55.79 -14.27
C LYS C 547 -30.17 55.39 -13.08
N ASP C 548 -30.51 54.32 -12.38
CA ASP C 548 -29.96 54.10 -11.05
C ASP C 548 -29.43 52.70 -10.96
N TYR C 549 -28.61 52.32 -11.95
CA TYR C 549 -27.98 51.02 -12.10
C TYR C 549 -27.37 50.51 -10.81
N ARG C 550 -26.62 51.38 -10.14
CA ARG C 550 -26.07 51.07 -8.84
C ARG C 550 -27.14 50.82 -7.80
N PRO C 551 -28.19 51.62 -7.78
CA PRO C 551 -29.32 51.29 -6.92
C PRO C 551 -30.09 50.12 -7.49
N GLU C 552 -30.12 49.99 -8.81
CA GLU C 552 -30.74 48.82 -9.41
C GLU C 552 -29.97 47.58 -9.05
N GLU C 553 -28.65 47.66 -9.12
CA GLU C 553 -27.81 46.58 -8.62
C GLU C 553 -27.96 46.38 -7.13
N GLN C 554 -28.19 47.44 -6.37
CA GLN C 554 -28.36 47.30 -4.95
C GLN C 554 -29.65 46.60 -4.63
N ALA C 555 -30.72 46.97 -5.33
CA ALA C 555 -32.02 46.36 -5.17
C ALA C 555 -31.96 44.90 -5.56
N ALA C 556 -31.28 44.61 -6.65
CA ALA C 556 -31.11 43.24 -7.08
C ALA C 556 -30.24 42.47 -6.10
N PHE C 557 -29.27 43.16 -5.51
CA PHE C 557 -28.35 42.51 -4.59
C PHE C 557 -29.06 42.15 -3.30
N ASP C 558 -29.81 43.10 -2.76
CA ASP C 558 -30.57 42.86 -1.56
C ASP C 558 -31.65 41.83 -1.78
N LEU C 559 -32.29 41.88 -2.95
CA LEU C 559 -33.29 40.87 -3.26
C LEU C 559 -32.63 39.53 -3.49
N LEU C 560 -31.41 39.54 -3.98
CA LEU C 560 -30.66 38.31 -4.18
C LEU C 560 -30.33 37.70 -2.85
N ARG C 561 -29.95 38.55 -1.90
CA ARG C 561 -29.66 38.09 -0.56
C ARG C 561 -30.94 37.55 0.07
N ASP C 562 -32.01 38.34 -0.04
CA ASP C 562 -33.28 38.00 0.58
C ASP C 562 -33.82 36.71 0.00
N GLY C 563 -33.58 36.51 -1.28
CA GLY C 563 -33.83 35.27 -1.94
C GLY C 563 -33.05 34.12 -1.32
N LEU C 564 -31.80 34.35 -1.00
CA LEU C 564 -31.04 33.30 -0.36
C LEU C 564 -31.16 33.35 1.14
N LEU C 565 -31.75 34.43 1.68
CA LEU C 565 -31.93 34.54 3.13
C LEU C 565 -32.82 33.45 3.64
N ASP C 566 -33.83 33.08 2.87
CA ASP C 566 -34.48 31.81 3.04
C ASP C 566 -33.46 30.71 2.78
N GLY C 567 -33.17 29.92 3.81
CA GLY C 567 -33.80 29.99 5.11
C GLY C 567 -33.59 28.64 5.71
N ILE C 568 -33.22 28.55 6.99
CA ILE C 568 -32.69 27.30 7.50
C ILE C 568 -32.96 27.20 8.99
N SER C 569 -33.03 25.96 9.47
CA SER C 569 -32.87 25.65 10.88
C SER C 569 -31.46 26.04 11.28
N ASN C 570 -31.32 26.95 12.25
CA ASN C 570 -32.45 27.40 13.04
C ASN C 570 -32.77 28.92 12.86
N ARG C 571 -31.90 29.94 13.07
CA ARG C 571 -30.52 29.95 13.58
C ARG C 571 -30.52 29.81 15.09
N LYS C 572 -29.63 28.93 15.53
CA LYS C 572 -29.75 28.33 16.84
C LYS C 572 -29.25 29.18 17.97
N SER C 573 -28.93 28.48 19.06
CA SER C 573 -28.48 29.10 20.29
C SER C 573 -27.38 28.33 21.03
N THR C 574 -26.67 27.41 20.40
CA THR C 574 -26.11 26.26 21.12
C THR C 574 -24.86 26.59 21.93
N PRO C 575 -24.81 26.21 23.20
CA PRO C 575 -23.57 26.27 23.98
C PRO C 575 -22.64 25.10 23.73
N LYS C 576 -21.75 25.30 22.81
CA LYS C 576 -20.70 24.35 22.47
C LYS C 576 -19.85 24.08 23.72
N LEU C 577 -19.27 22.90 23.88
CA LEU C 577 -18.53 22.64 25.11
C LEU C 577 -17.16 21.96 24.88
N ASP C 578 -17.17 21.02 23.94
CA ASP C 578 -16.40 19.76 23.92
C ASP C 578 -14.98 19.75 24.47
N VAL C 579 -14.18 20.73 24.10
CA VAL C 579 -12.95 20.53 23.30
C VAL C 579 -12.13 19.25 23.63
N TYR C 580 -11.72 18.92 24.87
CA TYR C 580 -11.49 19.73 26.05
C TYR C 580 -10.08 20.30 25.96
N SER C 581 -9.64 20.94 27.03
CA SER C 581 -8.62 22.00 27.07
C SER C 581 -7.35 21.79 26.29
N ASP C 582 -6.62 20.81 26.75
CA ASP C 582 -5.34 20.33 26.25
C ASP C 582 -5.33 19.98 24.77
N GLN C 583 -6.49 19.78 24.17
CA GLN C 583 -6.56 19.22 22.84
C GLN C 583 -6.16 20.23 21.80
N ILE C 584 -5.92 19.70 20.62
CA ILE C 584 -5.85 20.52 19.45
C ILE C 584 -6.69 19.84 18.38
N VAL C 585 -7.50 20.60 17.79
CA VAL C 585 -8.36 20.11 16.75
C VAL C 585 -7.78 20.58 15.45
N TRP C 586 -7.50 19.62 14.60
CA TRP C 586 -6.91 19.92 13.33
C TRP C 586 -7.75 19.31 12.25
N GLY C 587 -8.24 20.15 11.35
CA GLY C 587 -8.99 19.73 10.20
C GLY C 587 -8.18 19.87 8.92
N ARG C 588 -8.74 19.41 7.81
CA ARG C 588 -7.97 19.23 6.58
C ARG C 588 -8.93 18.80 5.48
N SER C 589 -8.55 19.08 4.25
CA SER C 589 -9.49 18.82 3.18
C SER C 589 -8.87 18.74 1.79
N PRO C 590 -9.29 17.82 1.01
CA PRO C 590 -8.83 17.79 -0.37
C PRO C 590 -9.50 18.84 -1.23
N VAL C 591 -9.15 18.92 -2.50
CA VAL C 591 -9.61 20.01 -3.34
C VAL C 591 -10.24 19.45 -4.60
N ARG C 592 -11.48 19.85 -4.83
CA ARG C 592 -12.22 19.47 -6.03
C ARG C 592 -11.51 19.95 -7.27
N ILE C 593 -11.81 19.32 -8.38
CA ILE C 593 -11.95 20.00 -9.64
C ILE C 593 -13.25 19.50 -10.18
N ASP C 594 -13.72 20.15 -11.23
CA ASP C 594 -14.95 19.77 -11.88
C ASP C 594 -14.60 19.31 -13.28
N MET C 595 -14.81 18.03 -13.55
CA MET C 595 -14.52 17.53 -14.87
C MET C 595 -15.50 18.13 -15.84
N ALA C 596 -16.74 17.91 -15.61
CA ALA C 596 -17.77 18.53 -16.41
C ALA C 596 -18.68 19.22 -15.43
N GLY C 597 -19.89 19.54 -15.89
CA GLY C 597 -20.99 19.95 -15.07
C GLY C 597 -20.68 21.28 -14.46
N GLY C 598 -20.53 22.27 -15.31
CA GLY C 598 -19.80 23.47 -15.01
C GLY C 598 -20.69 24.38 -14.24
N TRP C 599 -21.10 25.48 -14.82
CA TRP C 599 -21.80 26.45 -13.99
C TRP C 599 -23.27 26.17 -13.88
N THR C 600 -23.69 24.92 -14.05
CA THR C 600 -24.98 24.39 -13.62
C THR C 600 -25.19 24.47 -12.13
N ASP C 601 -24.14 24.79 -11.40
CA ASP C 601 -24.14 25.26 -10.04
C ASP C 601 -24.64 26.70 -10.04
N THR C 602 -24.39 27.45 -8.97
CA THR C 602 -24.36 28.91 -8.94
C THR C 602 -25.70 29.54 -9.23
N PRO C 603 -26.57 29.66 -8.23
CA PRO C 603 -27.80 30.44 -8.35
C PRO C 603 -27.52 31.80 -8.95
N PRO C 604 -28.16 32.15 -10.06
CA PRO C 604 -29.22 31.42 -10.77
C PRO C 604 -28.74 30.23 -11.55
N TYR C 605 -29.35 29.10 -11.21
CA TYR C 605 -29.09 27.81 -11.81
C TYR C 605 -29.74 27.79 -13.17
N SER C 606 -30.26 26.65 -13.57
CA SER C 606 -31.44 26.74 -14.41
C SER C 606 -32.36 27.84 -13.87
N LEU C 607 -32.92 27.67 -12.68
CA LEU C 607 -33.01 28.78 -11.75
C LEU C 607 -32.44 28.45 -10.37
N TYR C 608 -32.72 27.29 -9.73
CA TYR C 608 -33.96 26.48 -9.64
C TYR C 608 -34.59 25.83 -10.90
N SER C 609 -34.11 24.70 -11.39
CA SER C 609 -33.60 23.52 -10.69
C SER C 609 -32.88 22.71 -11.73
N GLY C 610 -31.88 21.92 -11.40
CA GLY C 610 -31.11 22.03 -10.21
C GLY C 610 -29.84 22.39 -10.91
N GLY C 611 -29.00 21.39 -11.03
CA GLY C 611 -27.87 21.45 -11.92
C GLY C 611 -27.52 20.01 -12.17
N ASN C 612 -26.24 19.74 -12.38
CA ASN C 612 -25.44 18.71 -11.73
C ASN C 612 -24.07 18.76 -12.31
N VAL C 613 -23.09 18.36 -11.52
CA VAL C 613 -21.75 18.85 -11.68
C VAL C 613 -20.77 17.77 -12.01
N VAL C 614 -21.11 16.54 -11.71
CA VAL C 614 -20.29 15.56 -11.03
C VAL C 614 -18.80 15.83 -11.13
N ASN C 615 -18.15 16.01 -10.00
CA ASN C 615 -16.87 16.65 -10.19
C ASN C 615 -15.64 15.80 -9.91
N LEU C 616 -15.20 15.67 -8.65
CA LEU C 616 -14.29 14.73 -7.99
C LEU C 616 -13.93 15.39 -6.68
N ALA C 617 -13.02 14.80 -5.90
CA ALA C 617 -12.52 15.50 -4.73
C ALA C 617 -11.11 15.05 -4.42
N ILE C 618 -10.10 15.77 -4.91
CA ILE C 618 -8.75 15.20 -4.89
C ILE C 618 -7.72 16.10 -4.25
N GLU C 619 -6.48 15.64 -4.30
CA GLU C 619 -5.54 15.95 -3.25
C GLU C 619 -4.25 16.40 -3.92
N LEU C 620 -3.64 17.43 -3.39
CA LEU C 620 -2.30 17.75 -3.84
C LEU C 620 -1.27 17.21 -2.92
N ASN C 621 -0.19 16.77 -3.51
CA ASN C 621 0.60 15.61 -3.15
C ASN C 621 0.49 15.13 -1.72
N GLY C 622 0.54 16.06 -0.80
CA GLY C 622 0.33 15.89 0.61
C GLY C 622 0.83 17.25 0.96
N GLN C 623 0.22 17.98 1.86
CA GLN C 623 -0.92 17.64 2.68
C GLN C 623 -2.25 17.94 1.89
N PRO C 624 -3.47 17.75 2.42
CA PRO C 624 -4.64 17.61 1.56
C PRO C 624 -4.96 18.80 0.68
N PRO C 625 -4.51 20.02 0.97
CA PRO C 625 -4.06 20.96 1.97
C PRO C 625 -5.28 21.49 2.60
N LEU C 626 -5.30 22.80 2.85
CA LEU C 626 -6.46 23.49 3.36
C LEU C 626 -6.74 23.00 4.74
N GLN C 627 -5.88 23.34 5.66
CA GLN C 627 -5.98 22.68 6.91
C GLN C 627 -5.97 23.66 8.05
N VAL C 628 -6.76 23.32 9.04
CA VAL C 628 -7.22 24.30 10.00
C VAL C 628 -6.95 23.77 11.38
N TYR C 629 -6.44 24.64 12.22
CA TYR C 629 -6.11 24.30 13.58
C TYR C 629 -6.89 25.28 14.41
N VAL C 630 -7.29 24.85 15.58
CA VAL C 630 -8.17 25.71 16.35
C VAL C 630 -8.02 25.35 17.81
N LYS C 631 -7.90 26.36 18.64
CA LYS C 631 -7.57 25.95 19.99
C LYS C 631 -8.14 26.87 21.03
N PRO C 632 -8.38 26.34 22.19
CA PRO C 632 -8.61 27.19 23.35
C PRO C 632 -7.35 27.85 23.86
N CYS C 633 -7.55 28.87 24.69
CA CYS C 633 -6.50 29.74 25.18
C CYS C 633 -6.99 30.35 26.49
N LYS C 634 -6.46 31.50 26.82
CA LYS C 634 -6.57 32.01 28.17
C LYS C 634 -7.14 33.41 28.25
N ASP C 635 -7.64 33.95 27.17
CA ASP C 635 -7.49 35.38 26.99
C ASP C 635 -8.57 35.88 26.05
N PHE C 636 -9.63 36.46 26.59
CA PHE C 636 -10.97 36.22 26.06
C PHE C 636 -11.22 37.01 24.79
N HIS C 637 -10.35 36.79 23.81
CA HIS C 637 -10.38 37.57 22.60
C HIS C 637 -10.11 36.63 21.45
N ILE C 638 -11.11 36.44 20.62
CA ILE C 638 -11.05 35.39 19.64
C ILE C 638 -10.07 35.76 18.54
N VAL C 639 -8.95 35.08 18.53
CA VAL C 639 -7.88 35.43 17.62
C VAL C 639 -8.09 34.62 16.39
N LEU C 640 -8.19 35.29 15.28
CA LEU C 640 -8.08 34.57 14.03
C LEU C 640 -6.66 34.70 13.58
N ARG C 641 -6.11 33.58 13.16
CA ARG C 641 -4.70 33.58 12.86
C ARG C 641 -4.50 32.89 11.54
N SER C 642 -3.86 33.58 10.62
CA SER C 642 -3.69 32.97 9.33
C SER C 642 -2.22 32.85 9.00
N ILE C 643 -1.98 32.13 7.93
CA ILE C 643 -0.65 31.85 7.44
C ILE C 643 -0.74 31.94 5.94
N ASP C 644 0.33 32.48 5.36
CA ASP C 644 0.66 33.05 4.05
C ASP C 644 0.22 34.49 4.00
N MET C 645 -0.54 34.93 4.99
CA MET C 645 -0.84 36.33 5.10
C MET C 645 -0.87 36.80 6.54
N GLY C 646 -1.21 35.91 7.44
CA GLY C 646 -1.90 36.31 8.66
C GLY C 646 -0.92 36.80 9.67
N ALA C 647 -1.12 38.04 10.09
CA ALA C 647 -0.55 38.40 11.37
C ALA C 647 -1.46 37.81 12.44
N MET C 648 -2.65 38.35 12.56
CA MET C 648 -3.63 37.96 13.55
C MET C 648 -4.90 38.67 13.20
N GLU C 649 -5.99 38.19 13.77
CA GLU C 649 -7.15 39.03 13.96
C GLU C 649 -7.64 38.87 15.37
N ILE C 650 -7.33 39.87 16.17
CA ILE C 650 -7.82 39.95 17.52
C ILE C 650 -9.28 40.37 17.43
N VAL C 651 -10.17 39.56 17.97
CA VAL C 651 -11.59 39.84 17.86
C VAL C 651 -12.24 39.52 19.18
N SER C 652 -12.91 40.52 19.77
CA SER C 652 -14.14 40.29 20.52
C SER C 652 -14.92 41.61 20.52
N THR C 653 -15.80 41.78 19.55
CA THR C 653 -16.56 43.02 19.55
C THR C 653 -18.06 43.03 19.26
N PHE C 654 -18.73 41.99 18.73
CA PHE C 654 -18.33 41.08 17.67
C PHE C 654 -17.59 41.68 16.46
N ASP C 655 -18.09 42.67 15.71
CA ASP C 655 -19.13 43.64 16.08
C ASP C 655 -20.55 43.29 15.70
N GLU C 656 -20.80 42.32 14.81
CA GLU C 656 -22.20 42.33 14.40
C GLU C 656 -23.07 41.08 14.59
N LEU C 657 -22.71 39.83 14.25
CA LEU C 657 -21.41 39.28 14.03
C LEU C 657 -21.12 38.90 12.58
N GLN C 658 -19.93 39.27 12.09
CA GLN C 658 -19.08 38.27 11.47
C GLN C 658 -19.63 37.31 10.43
N ASP C 659 -19.91 37.66 9.16
CA ASP C 659 -20.13 38.94 8.50
C ASP C 659 -19.07 40.01 8.52
N TYR C 660 -18.03 39.83 7.76
CA TYR C 660 -17.38 40.99 7.21
C TYR C 660 -17.03 40.71 5.78
N LYS C 661 -17.70 41.39 4.88
CA LYS C 661 -17.10 41.73 3.63
C LYS C 661 -16.17 42.91 3.82
N LYS C 662 -16.26 43.57 4.98
CA LYS C 662 -15.24 44.44 5.51
C LYS C 662 -13.93 43.68 5.61
N ILE C 663 -12.82 44.40 5.76
CA ILE C 663 -11.60 44.27 4.97
C ILE C 663 -11.33 42.84 4.59
N GLY C 664 -11.14 42.62 3.30
CA GLY C 664 -11.07 41.29 2.72
C GLY C 664 -9.81 40.50 3.05
N SER C 665 -9.18 40.81 4.18
CA SER C 665 -8.38 39.88 4.93
C SER C 665 -9.24 38.65 5.07
N PRO C 666 -8.81 37.52 4.51
CA PRO C 666 -9.66 36.34 4.40
C PRO C 666 -10.01 35.71 5.72
N PHE C 667 -9.46 36.25 6.79
CA PHE C 667 -10.08 36.35 8.09
C PHE C 667 -11.58 36.63 8.06
N SER C 668 -12.03 37.37 7.06
CA SER C 668 -13.41 37.41 6.60
C SER C 668 -14.09 36.04 6.62
N ILE C 669 -13.42 35.00 6.17
CA ILE C 669 -14.06 33.69 6.13
C ILE C 669 -14.27 33.15 7.54
N PRO C 670 -13.29 33.20 8.46
CA PRO C 670 -13.59 32.79 9.83
C PRO C 670 -14.61 33.62 10.54
N LYS C 671 -14.85 34.85 10.10
CA LYS C 671 -15.93 35.62 10.70
C LYS C 671 -17.23 34.86 10.57
N ALA C 672 -17.56 34.54 9.34
CA ALA C 672 -18.68 33.69 9.03
C ALA C 672 -18.57 32.34 9.67
N ALA C 673 -17.37 31.87 9.94
CA ALA C 673 -17.29 30.65 10.70
C ALA C 673 -17.74 30.85 12.13
N LEU C 674 -17.68 32.06 12.63
CA LEU C 674 -18.35 32.20 13.91
C LEU C 674 -19.84 32.33 13.74
N SER C 675 -20.33 32.56 12.54
CA SER C 675 -21.77 32.51 12.35
C SER C 675 -22.26 31.07 12.39
N LEU C 676 -22.30 30.56 13.60
CA LEU C 676 -22.80 29.23 13.88
C LEU C 676 -24.29 29.28 13.76
N ALA C 677 -24.85 30.12 14.61
CA ALA C 677 -26.02 30.96 14.39
C ALA C 677 -25.68 32.40 14.03
N GLY C 678 -24.73 33.13 14.68
CA GLY C 678 -23.90 32.83 15.86
C GLY C 678 -24.45 33.47 17.10
N PHE C 679 -25.77 33.62 17.18
CA PHE C 679 -26.41 34.16 18.37
C PHE C 679 -27.13 33.06 19.12
N ALA C 680 -27.81 33.50 20.14
CA ALA C 680 -28.29 32.74 21.27
C ALA C 680 -28.90 33.69 22.29
N PRO C 681 -29.67 33.17 23.21
CA PRO C 681 -29.74 33.72 24.57
C PRO C 681 -28.46 33.47 25.35
N ALA C 682 -28.20 34.32 26.34
CA ALA C 682 -28.89 35.57 26.56
C ALA C 682 -27.73 36.49 26.68
N PHE C 683 -26.73 36.16 25.89
CA PHE C 683 -25.42 36.75 26.01
C PHE C 683 -25.44 38.16 25.47
N SER C 684 -24.31 38.83 25.52
CA SER C 684 -24.17 40.17 25.00
C SER C 684 -22.76 40.40 24.49
N ALA C 685 -22.51 41.68 24.18
CA ALA C 685 -21.29 42.07 23.50
C ALA C 685 -20.09 41.91 24.40
N VAL C 686 -20.18 42.42 25.62
CA VAL C 686 -19.15 42.14 26.58
C VAL C 686 -19.15 40.66 26.92
N SER C 687 -20.33 40.05 26.91
CA SER C 687 -20.50 38.73 27.46
C SER C 687 -20.29 37.73 26.34
N TYR C 688 -19.34 38.03 25.48
CA TYR C 688 -18.64 36.95 24.83
C TYR C 688 -17.86 36.24 25.90
N ALA C 689 -17.43 36.99 26.92
CA ALA C 689 -17.18 36.47 28.24
C ALA C 689 -18.16 35.38 28.65
N SER C 690 -19.46 35.65 28.53
CA SER C 690 -20.41 34.60 28.81
C SER C 690 -20.40 33.56 27.72
N LEU C 691 -20.26 33.99 26.47
CA LEU C 691 -20.31 33.07 25.35
C LEU C 691 -19.28 31.98 25.48
N GLU C 692 -18.02 32.38 25.44
CA GLU C 692 -16.90 31.50 25.75
C GLU C 692 -17.04 30.94 27.14
N GLU C 693 -17.01 31.77 28.10
CA GLU C 693 -16.90 31.35 29.43
C GLU C 693 -18.16 31.01 30.07
N GLN C 694 -19.09 30.46 29.33
CA GLN C 694 -19.85 29.30 29.74
C GLN C 694 -19.80 28.22 28.68
N LEU C 695 -19.61 28.62 27.42
CA LEU C 695 -19.54 27.68 26.34
C LEU C 695 -18.36 26.75 26.49
N LYS C 696 -17.16 27.26 26.27
CA LYS C 696 -16.05 26.36 26.06
C LYS C 696 -15.57 25.57 27.28
N ASP C 697 -15.64 26.06 28.53
CA ASP C 697 -15.83 27.38 29.12
C ASP C 697 -14.46 27.99 29.13
N PHE C 698 -13.46 27.21 29.57
CA PHE C 698 -12.13 27.05 28.96
C PHE C 698 -11.55 28.31 28.35
N GLY C 699 -11.15 29.24 29.21
CA GLY C 699 -11.34 30.67 28.99
C GLY C 699 -10.64 31.26 27.80
N ALA C 700 -11.00 30.79 26.62
CA ALA C 700 -10.18 31.05 25.48
C ALA C 700 -10.29 32.45 24.95
N GLY C 701 -11.45 32.81 24.44
CA GLY C 701 -11.42 33.79 23.40
C GLY C 701 -10.67 33.14 22.27
N ILE C 702 -11.32 32.15 21.66
CA ILE C 702 -10.73 31.02 20.96
C ILE C 702 -9.73 31.44 19.89
N GLU C 703 -8.67 30.69 19.71
CA GLU C 703 -7.76 31.15 18.69
C GLU C 703 -7.60 30.08 17.66
N VAL C 704 -7.92 30.48 16.44
CA VAL C 704 -8.27 29.57 15.38
C VAL C 704 -7.31 29.84 14.26
N THR C 705 -6.71 28.80 13.74
CA THR C 705 -5.57 29.05 12.91
C THR C 705 -5.61 28.14 11.71
N LEU C 706 -5.91 28.74 10.59
CA LEU C 706 -6.13 28.02 9.36
C LEU C 706 -4.82 27.80 8.68
N LEU C 707 -4.90 27.25 7.47
CA LEU C 707 -3.82 27.28 6.50
C LEU C 707 -4.36 26.90 5.13
N ALA C 708 -4.22 27.78 4.17
CA ALA C 708 -4.36 27.39 2.78
C ALA C 708 -2.98 27.32 2.15
N ALA C 709 -2.82 26.41 1.21
CA ALA C 709 -1.58 26.29 0.47
C ALA C 709 -1.67 27.10 -0.82
N ILE C 710 -2.85 27.24 -1.40
CA ILE C 710 -2.96 27.80 -2.73
C ILE C 710 -3.71 29.12 -2.59
N PRO C 711 -3.34 30.14 -3.36
CA PRO C 711 -4.14 31.36 -3.40
C PRO C 711 -5.54 31.09 -3.93
N ALA C 712 -6.44 32.02 -3.62
CA ALA C 712 -7.83 31.96 -4.09
C ALA C 712 -7.95 32.13 -5.59
N GLY C 713 -6.88 32.55 -6.26
CA GLY C 713 -6.80 32.52 -7.70
C GLY C 713 -6.49 31.14 -8.23
N SER C 714 -7.26 30.16 -7.76
CA SER C 714 -7.06 28.79 -8.16
C SER C 714 -8.06 28.40 -9.20
N GLY C 715 -9.29 28.86 -9.04
CA GLY C 715 -10.39 28.27 -9.74
C GLY C 715 -10.57 26.88 -9.22
N LEU C 716 -10.41 26.74 -7.91
CA LEU C 716 -10.61 25.47 -7.24
C LEU C 716 -11.53 25.62 -6.06
N GLY C 717 -12.23 26.74 -5.94
CA GLY C 717 -13.20 26.96 -4.90
C GLY C 717 -12.65 26.99 -3.51
N THR C 718 -11.38 27.32 -3.38
CA THR C 718 -10.62 27.03 -2.17
C THR C 718 -11.14 27.79 -0.98
N SER C 719 -11.64 28.99 -1.24
CA SER C 719 -12.29 29.78 -0.21
C SER C 719 -13.46 29.03 0.39
N SER C 720 -14.33 28.53 -0.49
CA SER C 720 -15.56 27.91 -0.05
C SER C 720 -15.27 26.66 0.75
N ILE C 721 -14.36 25.86 0.20
CA ILE C 721 -13.96 24.62 0.81
C ILE C 721 -13.36 24.89 2.17
N LEU C 722 -12.57 25.95 2.23
CA LEU C 722 -11.88 26.30 3.43
C LEU C 722 -12.84 26.63 4.54
N ALA C 723 -13.79 27.49 4.21
CA ALA C 723 -14.83 27.89 5.14
C ALA C 723 -15.56 26.67 5.67
N SER C 724 -15.93 25.78 4.75
CA SER C 724 -16.66 24.59 5.12
C SER C 724 -15.86 23.73 6.06
N THR C 725 -14.57 23.69 5.82
CA THR C 725 -13.73 22.83 6.63
C THR C 725 -13.64 23.38 8.01
N VAL C 726 -13.64 24.70 8.12
CA VAL C 726 -13.62 25.33 9.42
C VAL C 726 -14.87 24.98 10.15
N LEU C 727 -15.97 24.96 9.44
CA LEU C 727 -17.23 24.68 10.10
C LEU C 727 -17.27 23.25 10.57
N GLY C 728 -16.66 22.35 9.81
CA GLY C 728 -16.51 20.99 10.29
C GLY C 728 -15.66 20.93 11.52
N ALA C 729 -14.66 21.78 11.59
CA ALA C 729 -13.86 21.83 12.80
C ALA C 729 -14.64 22.40 13.96
N ILE C 730 -15.59 23.26 13.70
CA ILE C 730 -16.35 23.80 14.81
C ILE C 730 -17.29 22.77 15.33
N ASN C 731 -17.93 22.11 14.38
CA ASN C 731 -18.79 20.98 14.63
C ASN C 731 -18.10 19.92 15.44
N ASP C 732 -16.82 19.71 15.20
CA ASP C 732 -16.13 18.89 16.16
C ASP C 732 -15.91 19.68 17.42
N PHE C 733 -15.64 20.95 17.25
CA PHE C 733 -14.64 21.59 18.08
C PHE C 733 -15.14 21.74 19.46
N CYS C 734 -16.14 22.55 19.60
CA CYS C 734 -16.64 22.72 20.91
C CYS C 734 -18.03 22.12 20.99
N GLY C 735 -18.65 21.85 19.86
CA GLY C 735 -19.83 21.02 19.95
C GLY C 735 -20.75 21.06 18.75
N LEU C 736 -22.04 21.03 19.03
CA LEU C 736 -23.19 21.22 18.15
C LEU C 736 -23.47 20.10 17.17
N ALA C 737 -22.59 19.11 17.01
CA ALA C 737 -22.91 17.80 16.44
C ALA C 737 -23.60 17.76 15.08
N TRP C 738 -22.95 18.11 13.98
CA TRP C 738 -23.63 18.19 12.71
C TRP C 738 -23.23 17.12 11.71
N ASP C 739 -23.78 17.28 10.51
CA ASP C 739 -23.58 16.41 9.38
C ASP C 739 -22.90 17.16 8.26
N LYS C 740 -21.96 16.43 7.61
CA LYS C 740 -21.33 16.73 6.33
C LYS C 740 -22.20 17.53 5.41
N ASN C 741 -23.37 16.98 5.19
CA ASN C 741 -24.34 17.62 4.34
C ASN C 741 -24.84 18.89 4.97
N GLU C 742 -25.30 18.82 6.22
CA GLU C 742 -25.81 20.05 6.78
C GLU C 742 -24.72 21.00 7.14
N ILE C 743 -23.51 20.50 7.34
CA ILE C 743 -22.33 21.35 7.31
C ILE C 743 -22.32 22.16 6.04
N CYS C 744 -22.44 21.49 4.91
CA CYS C 744 -22.37 22.20 3.64
C CYS C 744 -23.59 23.08 3.44
N GLN C 745 -24.70 22.67 4.02
CA GLN C 745 -25.92 23.47 3.94
C GLN C 745 -25.71 24.80 4.58
N ARG C 746 -25.34 24.77 5.86
CA ARG C 746 -25.10 25.98 6.62
C ARG C 746 -23.94 26.76 6.03
N THR C 747 -23.04 26.07 5.36
CA THR C 747 -21.95 26.73 4.69
C THR C 747 -22.45 27.58 3.57
N LEU C 748 -23.31 26.99 2.76
CA LEU C 748 -23.88 27.71 1.65
C LEU C 748 -24.73 28.84 2.15
N VAL C 749 -25.40 28.60 3.27
CA VAL C 749 -26.21 29.61 3.92
C VAL C 749 -25.37 30.81 4.26
N LEU C 750 -24.22 30.59 4.84
CA LEU C 750 -23.42 31.77 5.11
C LEU C 750 -22.69 32.25 3.89
N GLU C 751 -22.54 31.40 2.89
CA GLU C 751 -21.92 31.83 1.66
C GLU C 751 -22.74 32.88 0.96
N GLN C 752 -24.06 32.81 1.15
CA GLN C 752 -24.93 33.95 0.85
C GLN C 752 -24.34 35.24 1.41
N LEU C 753 -24.18 35.33 2.72
CA LEU C 753 -23.76 36.59 3.30
C LEU C 753 -22.29 36.84 3.09
N LEU C 754 -21.57 35.83 2.65
CA LEU C 754 -20.24 36.04 2.17
C LEU C 754 -20.22 36.79 0.89
N THR C 755 -21.34 36.82 0.17
CA THR C 755 -21.64 37.66 -0.97
C THR C 755 -20.81 37.31 -2.19
N THR C 756 -19.97 36.29 -2.15
CA THR C 756 -19.46 35.74 -3.38
C THR C 756 -20.60 34.96 -4.02
N GLY C 757 -20.63 34.94 -5.35
CA GLY C 757 -21.50 34.05 -6.08
C GLY C 757 -21.25 32.62 -5.67
N GLY C 758 -22.31 31.87 -5.34
CA GLY C 758 -22.05 30.63 -4.66
C GLY C 758 -21.67 29.56 -5.64
N GLY C 759 -20.38 29.50 -5.90
CA GLY C 759 -19.77 28.35 -6.53
C GLY C 759 -19.86 27.32 -5.45
N TRP C 760 -20.72 26.34 -5.67
CA TRP C 760 -21.28 25.56 -4.59
C TRP C 760 -21.06 24.07 -4.74
N GLN C 761 -21.04 23.57 -5.96
CA GLN C 761 -20.44 22.33 -6.40
C GLN C 761 -19.20 21.90 -5.64
N ASP C 762 -18.30 22.84 -5.41
CA ASP C 762 -17.04 22.56 -4.77
C ASP C 762 -17.24 22.15 -3.33
N GLN C 763 -18.14 22.83 -2.63
CA GLN C 763 -18.18 22.62 -1.20
C GLN C 763 -18.79 21.28 -0.86
N TYR C 764 -19.51 20.69 -1.80
CA TYR C 764 -19.75 19.29 -1.65
C TYR C 764 -18.65 18.49 -2.24
N GLY C 765 -17.93 19.06 -3.18
CA GLY C 765 -17.02 18.25 -3.93
C GLY C 765 -15.85 17.92 -3.07
N GLY C 766 -15.00 18.90 -2.87
CA GLY C 766 -13.71 18.71 -2.24
C GLY C 766 -13.75 18.27 -0.80
N VAL C 767 -14.93 18.08 -0.23
CA VAL C 767 -14.95 17.57 1.11
C VAL C 767 -15.18 16.09 1.18
N LEU C 768 -15.58 15.46 0.09
CA LEU C 768 -16.33 14.24 0.30
C LEU C 768 -15.66 13.00 -0.25
N GLN C 769 -15.59 12.82 -1.58
CA GLN C 769 -14.77 11.94 -2.42
C GLN C 769 -15.20 12.09 -3.88
N GLY C 770 -14.67 11.25 -4.76
CA GLY C 770 -14.67 11.49 -6.20
C GLY C 770 -15.92 11.42 -7.07
N VAL C 771 -16.91 12.23 -6.76
CA VAL C 771 -18.19 12.31 -7.45
C VAL C 771 -18.86 13.57 -6.92
N LYS C 772 -20.01 14.02 -7.45
CA LYS C 772 -20.82 14.72 -6.45
C LYS C 772 -22.26 14.25 -6.10
N LEU C 773 -23.16 13.77 -6.96
CA LEU C 773 -23.51 14.11 -8.32
C LEU C 773 -24.94 14.69 -8.07
N LEU C 774 -25.74 14.99 -9.09
CA LEU C 774 -27.15 15.41 -8.97
C LEU C 774 -27.65 16.68 -8.27
N GLN C 775 -27.26 17.88 -8.70
CA GLN C 775 -27.90 19.09 -8.16
C GLN C 775 -29.31 19.18 -8.71
N THR C 776 -30.29 19.32 -7.84
CA THR C 776 -31.56 18.81 -8.32
C THR C 776 -32.72 19.78 -8.19
N GLU C 777 -32.72 20.51 -7.11
CA GLU C 777 -33.94 21.12 -6.59
C GLU C 777 -33.83 22.63 -6.62
N ALA C 778 -32.76 23.16 -6.01
CA ALA C 778 -32.17 24.46 -6.28
C ALA C 778 -33.13 25.62 -6.01
N GLY C 779 -34.12 25.35 -5.19
CA GLY C 779 -35.10 26.31 -4.72
C GLY C 779 -35.63 25.69 -3.46
N PHE C 780 -35.67 26.43 -2.36
CA PHE C 780 -35.17 27.81 -2.31
C PHE C 780 -34.13 28.09 -1.21
N ALA C 781 -32.88 27.63 -1.37
CA ALA C 781 -32.46 26.71 -2.43
C ALA C 781 -32.32 25.32 -1.83
N GLN C 782 -33.06 24.36 -2.34
CA GLN C 782 -32.92 23.07 -1.75
C GLN C 782 -31.70 22.35 -2.32
N SER C 783 -31.05 21.57 -1.46
CA SER C 783 -29.74 21.04 -1.80
C SER C 783 -29.38 19.69 -1.20
N PRO C 784 -30.09 18.63 -1.52
CA PRO C 784 -29.43 17.37 -1.94
C PRO C 784 -29.04 17.50 -3.40
N LEU C 785 -28.67 16.44 -4.12
CA LEU C 785 -27.31 16.26 -4.58
C LEU C 785 -26.61 15.36 -3.59
N VAL C 786 -26.75 14.07 -3.85
CA VAL C 786 -25.68 13.11 -3.64
C VAL C 786 -25.98 11.88 -4.48
N ARG C 787 -24.93 11.34 -5.10
CA ARG C 787 -24.59 9.92 -5.16
C ARG C 787 -23.30 9.76 -5.93
N TRP C 788 -22.87 8.52 -6.17
CA TRP C 788 -21.45 8.23 -6.29
C TRP C 788 -21.11 7.54 -7.58
N LEU C 789 -19.87 7.09 -7.66
CA LEU C 789 -19.26 6.70 -8.91
C LEU C 789 -17.87 6.13 -8.67
N PRO C 790 -17.37 5.25 -9.52
CA PRO C 790 -16.04 4.67 -9.29
C PRO C 790 -14.90 5.37 -9.99
N ASP C 791 -13.78 5.48 -9.28
CA ASP C 791 -12.56 6.09 -9.82
C ASP C 791 -11.35 5.43 -9.16
N HIS C 792 -10.74 4.37 -9.69
CA HIS C 792 -11.11 3.48 -10.78
C HIS C 792 -11.19 4.09 -12.15
N LEU C 793 -10.02 4.19 -12.75
CA LEU C 793 -9.54 4.85 -13.96
C LEU C 793 -9.14 6.24 -13.55
N PHE C 794 -9.34 6.60 -12.31
CA PHE C 794 -8.40 7.56 -11.80
C PHE C 794 -7.41 6.86 -10.94
N THR C 795 -7.76 5.64 -10.56
CA THR C 795 -6.93 4.74 -9.80
C THR C 795 -7.14 3.37 -10.38
N HIS C 796 -6.63 2.37 -9.70
CA HIS C 796 -6.13 1.09 -10.19
C HIS C 796 -5.31 1.36 -11.45
N PRO C 797 -4.47 2.39 -11.42
CA PRO C 797 -4.51 3.47 -12.41
C PRO C 797 -4.35 3.03 -13.85
N GLU C 798 -4.64 3.94 -14.78
CA GLU C 798 -5.35 3.55 -15.99
C GLU C 798 -4.71 2.44 -16.86
N TYR C 799 -3.40 2.45 -17.14
CA TYR C 799 -2.33 3.44 -16.90
C TYR C 799 -2.16 4.26 -18.14
N LYS C 800 -3.07 4.04 -19.09
CA LYS C 800 -3.16 4.93 -20.24
C LYS C 800 -3.48 6.30 -19.71
N ASP C 801 -2.46 7.16 -19.65
CA ASP C 801 -2.16 8.05 -18.51
C ASP C 801 -3.36 8.55 -17.72
N CYS C 802 -3.61 8.18 -16.44
CA CYS C 802 -2.76 7.95 -15.25
C CYS C 802 -2.07 9.28 -15.10
N HIS C 803 -2.92 10.17 -14.62
CA HIS C 803 -3.54 11.38 -15.17
C HIS C 803 -2.72 12.67 -15.17
N LEU C 804 -3.49 13.76 -15.04
CA LEU C 804 -3.54 14.97 -15.88
C LEU C 804 -2.83 16.30 -15.60
N LEU C 805 -3.01 16.95 -14.44
CA LEU C 805 -1.93 17.75 -13.83
C LEU C 805 -1.43 19.13 -14.31
N TYR C 806 -2.10 20.24 -14.00
CA TYR C 806 -1.36 21.50 -13.72
C TYR C 806 -0.56 22.29 -14.73
N TYR C 807 -1.05 23.41 -15.21
CA TYR C 807 -0.07 24.45 -15.47
C TYR C 807 -0.59 25.81 -15.00
N THR C 808 -0.05 26.36 -13.93
CA THR C 808 -0.08 27.81 -13.91
C THR C 808 1.17 28.27 -14.59
N GLY C 809 1.02 29.34 -15.30
CA GLY C 809 2.08 30.25 -15.57
C GLY C 809 1.36 31.56 -15.51
N ILE C 810 0.09 31.47 -15.15
CA ILE C 810 -0.88 32.51 -15.37
C ILE C 810 -1.57 32.77 -14.05
N THR C 811 -1.60 34.02 -13.64
CA THR C 811 -2.44 34.39 -12.52
C THR C 811 -3.86 34.62 -12.98
N ARG C 812 -4.74 34.73 -12.01
CA ARG C 812 -6.09 35.07 -12.39
C ARG C 812 -6.25 36.56 -12.55
N THR C 813 -7.35 36.93 -13.19
CA THR C 813 -7.71 38.33 -13.37
C THR C 813 -8.18 39.05 -12.08
N ALA C 814 -9.16 38.54 -11.31
CA ALA C 814 -9.53 37.16 -10.98
C ALA C 814 -10.87 36.68 -11.49
N LYS C 815 -11.94 37.37 -11.13
CA LYS C 815 -13.26 36.84 -11.40
C LYS C 815 -14.36 37.88 -11.49
N GLY C 816 -14.03 39.16 -11.50
CA GLY C 816 -15.00 40.20 -11.20
C GLY C 816 -16.09 40.40 -12.23
N ILE C 817 -15.92 39.78 -13.40
CA ILE C 817 -16.94 39.82 -14.43
C ILE C 817 -17.69 38.51 -14.54
N LEU C 818 -17.16 37.43 -13.99
CA LEU C 818 -17.64 36.10 -14.33
C LEU C 818 -18.96 35.82 -13.63
N ALA C 819 -18.95 35.95 -12.30
CA ALA C 819 -20.15 35.77 -11.51
C ALA C 819 -21.20 36.83 -11.81
N GLU C 820 -20.79 37.96 -12.39
CA GLU C 820 -21.77 38.87 -12.96
C GLU C 820 -22.54 38.19 -14.07
N ILE C 821 -21.83 37.70 -15.10
CA ILE C 821 -22.43 37.03 -16.25
C ILE C 821 -23.24 35.82 -15.80
N VAL C 822 -22.84 35.20 -14.70
CA VAL C 822 -23.69 34.23 -14.05
C VAL C 822 -24.99 34.85 -13.62
N SER C 823 -24.91 35.81 -12.70
CA SER C 823 -26.12 36.34 -12.13
C SER C 823 -26.70 37.42 -12.99
N SER C 824 -26.06 37.73 -14.11
CA SER C 824 -26.71 38.38 -15.22
C SER C 824 -26.78 37.37 -16.38
N MET C 825 -27.80 36.51 -16.37
CA MET C 825 -28.91 36.69 -15.46
C MET C 825 -29.45 35.37 -15.00
N PHE C 826 -30.62 35.48 -14.41
CA PHE C 826 -31.55 34.40 -14.13
C PHE C 826 -32.27 34.06 -15.40
N LEU C 827 -33.41 33.37 -15.28
CA LEU C 827 -34.29 33.11 -16.42
C LEU C 827 -34.88 34.43 -16.91
N ASN C 828 -33.99 35.21 -17.49
CA ASN C 828 -34.21 36.49 -18.09
C ASN C 828 -33.66 36.42 -19.50
N SER C 829 -32.50 35.79 -19.62
CA SER C 829 -31.61 35.83 -20.75
C SER C 829 -30.51 34.88 -20.40
N SER C 830 -30.05 34.05 -21.33
CA SER C 830 -30.30 34.13 -22.75
C SER C 830 -30.22 32.72 -23.19
N LEU C 831 -29.77 32.51 -24.40
CA LEU C 831 -29.14 31.25 -24.81
C LEU C 831 -28.07 30.70 -23.84
N HIS C 832 -27.55 31.53 -22.95
CA HIS C 832 -27.03 31.07 -21.69
C HIS C 832 -27.86 29.97 -21.07
N LEU C 833 -29.15 30.22 -20.90
CA LEU C 833 -30.04 29.28 -20.22
C LEU C 833 -30.10 27.99 -20.99
N ASN C 834 -30.16 28.16 -22.32
CA ASN C 834 -29.99 27.05 -23.23
C ASN C 834 -28.72 26.29 -22.93
N LEU C 835 -27.57 26.97 -22.98
CA LEU C 835 -26.31 26.25 -22.98
C LEU C 835 -26.08 25.60 -21.65
N LEU C 836 -26.47 26.30 -20.60
CA LEU C 836 -26.62 25.80 -19.26
C LEU C 836 -27.34 24.49 -19.20
N SER C 837 -28.45 24.39 -19.93
CA SER C 837 -29.20 23.16 -19.85
C SER C 837 -28.42 21.99 -20.44
N GLU C 838 -27.72 22.20 -21.54
CA GLU C 838 -27.01 21.00 -21.98
C GLU C 838 -25.67 20.84 -21.30
N MET C 839 -25.26 21.80 -20.50
CA MET C 839 -24.18 21.50 -19.58
C MET C 839 -24.62 20.43 -18.62
N LYS C 840 -25.84 20.56 -18.12
CA LYS C 840 -26.44 19.54 -17.29
C LYS C 840 -26.54 18.24 -18.02
N ALA C 841 -26.99 18.31 -19.26
CA ALA C 841 -27.08 17.11 -20.07
C ALA C 841 -25.72 16.49 -20.26
N HIS C 842 -24.71 17.32 -20.47
CA HIS C 842 -23.38 16.82 -20.69
C HIS C 842 -22.80 16.27 -19.41
N ALA C 843 -23.31 16.72 -18.29
CA ALA C 843 -22.88 16.11 -17.05
C ALA C 843 -23.42 14.72 -16.93
N LEU C 844 -24.67 14.51 -17.33
CA LEU C 844 -25.15 13.14 -17.26
C LEU C 844 -24.46 12.28 -18.28
N ASP C 845 -24.13 12.89 -19.40
CA ASP C 845 -23.23 12.28 -20.36
C ASP C 845 -21.94 11.84 -19.69
N MET C 846 -21.35 12.71 -18.89
CA MET C 846 -20.08 12.44 -18.25
C MET C 846 -20.19 11.23 -17.37
N ASN C 847 -21.21 11.22 -16.52
CA ASN C 847 -21.18 10.23 -15.46
C ASN C 847 -21.53 8.90 -16.02
N GLU C 848 -22.38 8.88 -17.03
CA GLU C 848 -22.62 7.61 -17.66
C GLU C 848 -21.38 7.13 -18.36
N ALA C 849 -20.63 8.04 -18.96
CA ALA C 849 -19.46 7.64 -19.73
C ALA C 849 -18.47 6.93 -18.85
N ILE C 850 -18.09 7.57 -17.75
CA ILE C 850 -17.05 6.96 -16.96
C ILE C 850 -17.65 5.97 -16.00
N GLN C 851 -18.94 5.96 -15.88
CA GLN C 851 -19.64 4.90 -15.23
C GLN C 851 -19.58 3.67 -16.04
N ARG C 852 -19.29 3.79 -17.31
CA ARG C 852 -18.94 2.60 -18.03
C ARG C 852 -17.44 2.44 -18.16
N GLY C 853 -16.68 3.50 -18.03
CA GLY C 853 -15.25 3.39 -18.12
C GLY C 853 -14.65 3.79 -19.44
N SER C 854 -15.42 4.49 -20.29
CA SER C 854 -14.92 4.94 -21.57
C SER C 854 -13.98 6.10 -21.34
N PHE C 855 -12.77 5.74 -20.95
CA PHE C 855 -11.73 6.70 -20.61
C PHE C 855 -11.38 7.58 -21.78
N VAL C 856 -11.31 6.97 -22.96
CA VAL C 856 -11.08 7.73 -24.16
C VAL C 856 -12.20 8.72 -24.38
N GLU C 857 -13.40 8.34 -24.02
CA GLU C 857 -14.51 9.22 -24.22
C GLU C 857 -14.71 10.15 -23.06
N PHE C 858 -14.32 9.72 -21.87
CA PHE C 858 -14.08 10.64 -20.78
C PHE C 858 -13.25 11.83 -21.23
N GLY C 859 -12.15 11.55 -21.93
CA GLY C 859 -11.32 12.63 -22.42
C GLY C 859 -12.01 13.51 -23.44
N ARG C 860 -12.86 12.91 -24.27
CA ARG C 860 -13.63 13.68 -25.21
C ARG C 860 -14.54 14.63 -24.49
N LEU C 861 -15.19 14.14 -23.45
CA LEU C 861 -16.18 14.95 -22.81
C LEU C 861 -15.54 16.04 -21.99
N VAL C 862 -14.33 15.78 -21.52
CA VAL C 862 -13.55 16.84 -20.88
C VAL C 862 -13.27 17.97 -21.86
N GLY C 863 -12.72 17.62 -23.03
CA GLY C 863 -12.45 18.65 -24.02
C GLY C 863 -13.71 19.32 -24.49
N LYS C 864 -14.81 18.59 -24.47
CA LYS C 864 -16.08 19.18 -24.80
C LYS C 864 -16.47 20.22 -23.79
N THR C 865 -16.33 19.92 -22.50
CA THR C 865 -16.65 20.87 -21.46
C THR C 865 -15.80 22.11 -21.60
N TRP C 866 -14.55 21.91 -21.97
CA TRP C 866 -13.67 23.04 -22.24
C TRP C 866 -14.23 23.91 -23.34
N GLU C 867 -14.61 23.28 -24.43
CA GLU C 867 -15.24 23.98 -25.52
C GLU C 867 -16.51 24.65 -25.05
N GLN C 868 -17.27 23.93 -24.26
CA GLN C 868 -18.54 24.30 -23.70
C GLN C 868 -18.45 25.40 -22.71
N ASN C 869 -17.26 25.83 -22.38
CA ASN C 869 -17.19 27.03 -21.57
C ASN C 869 -16.28 28.07 -22.17
N LYS C 870 -15.25 27.63 -22.87
CA LYS C 870 -14.29 28.56 -23.41
C LYS C 870 -14.94 29.36 -24.49
N ALA C 871 -15.34 28.65 -25.54
CA ALA C 871 -16.11 29.27 -26.59
C ALA C 871 -17.45 29.76 -26.08
N LEU C 872 -17.95 29.14 -25.04
CA LEU C 872 -19.22 29.59 -24.51
C LEU C 872 -18.95 30.61 -23.43
N ASP C 873 -19.96 30.88 -22.64
CA ASP C 873 -19.73 31.48 -21.35
C ASP C 873 -18.76 30.63 -20.56
N SER C 874 -17.60 31.20 -20.23
CA SER C 874 -17.27 32.59 -20.51
C SER C 874 -16.02 32.69 -21.36
N GLY C 875 -16.09 33.51 -22.39
CA GLY C 875 -14.97 33.71 -23.28
C GLY C 875 -13.93 34.66 -22.71
N THR C 876 -13.30 34.25 -21.63
CA THR C 876 -12.34 35.08 -20.94
C THR C 876 -10.98 34.47 -20.84
N ASN C 877 -10.71 33.44 -21.56
CA ASN C 877 -9.53 32.70 -21.24
C ASN C 877 -8.41 33.33 -22.01
N PRO C 878 -7.42 33.82 -21.29
CA PRO C 878 -6.58 34.85 -21.83
C PRO C 878 -5.43 34.25 -22.61
N PRO C 879 -5.13 34.84 -23.77
CA PRO C 879 -4.47 34.10 -24.87
C PRO C 879 -3.15 33.47 -24.54
N ALA C 880 -2.54 33.86 -23.44
CA ALA C 880 -1.41 33.13 -22.91
C ALA C 880 -1.80 31.72 -22.53
N VAL C 881 -2.97 31.57 -21.92
CA VAL C 881 -3.56 30.25 -21.71
C VAL C 881 -3.65 29.52 -23.02
N GLU C 882 -4.07 30.20 -24.05
CA GLU C 882 -4.22 29.61 -25.35
C GLU C 882 -2.88 29.31 -26.01
N ALA C 883 -1.81 29.97 -25.55
CA ALA C 883 -0.49 29.59 -26.01
C ALA C 883 -0.05 28.31 -25.34
N ILE C 884 -0.48 28.11 -24.10
CA ILE C 884 -0.20 26.85 -23.42
C ILE C 884 -1.09 25.76 -23.95
N ILE C 885 -2.20 26.16 -24.54
CA ILE C 885 -3.02 25.21 -25.24
C ILE C 885 -2.40 24.88 -26.58
N ASP C 886 -1.72 25.87 -27.15
CA ASP C 886 -1.46 25.97 -28.56
C ASP C 886 -0.60 24.82 -29.04
N LEU C 887 0.69 24.90 -28.76
CA LEU C 887 1.31 23.75 -28.18
C LEU C 887 0.63 23.73 -26.83
N ILE C 888 -0.06 22.65 -26.50
CA ILE C 888 0.14 21.41 -27.21
C ILE C 888 -0.98 21.12 -28.13
N LYS C 889 -2.17 20.93 -27.56
CA LYS C 889 -3.37 20.43 -28.22
C LYS C 889 -3.22 19.06 -28.83
N ASP C 890 -2.11 18.41 -28.62
CA ASP C 890 -1.64 17.48 -29.63
C ASP C 890 -1.49 16.11 -29.06
N TYR C 891 -1.15 16.05 -27.80
CA TYR C 891 -0.31 14.90 -27.61
C TYR C 891 -0.65 14.11 -26.34
N THR C 892 -1.77 13.37 -26.34
CA THR C 892 -2.81 13.36 -27.37
C THR C 892 -3.94 14.32 -27.13
N LEU C 893 -4.70 14.11 -26.09
CA LEU C 893 -6.06 14.59 -26.12
C LEU C 893 -6.27 15.77 -25.18
N GLY C 894 -7.54 16.09 -24.95
CA GLY C 894 -7.99 17.36 -24.42
C GLY C 894 -7.72 17.68 -22.98
N TYR C 895 -8.55 18.56 -22.41
CA TYR C 895 -8.21 19.31 -21.21
C TYR C 895 -9.41 20.12 -20.74
N LYS C 896 -9.17 20.90 -19.68
CA LYS C 896 -9.93 22.08 -19.36
C LYS C 896 -9.20 22.87 -18.28
N LEU C 897 -9.63 24.11 -18.14
CA LEU C 897 -9.51 24.81 -16.89
C LEU C 897 -10.65 24.43 -15.96
N PRO C 898 -10.32 24.01 -14.81
CA PRO C 898 -11.35 23.76 -13.81
C PRO C 898 -11.87 25.07 -13.30
N GLY C 899 -13.13 25.04 -12.90
CA GLY C 899 -13.70 26.08 -12.08
C GLY C 899 -13.83 27.42 -12.76
N ALA C 900 -12.95 28.34 -12.37
CA ALA C 900 -13.06 29.69 -12.85
C ALA C 900 -12.65 29.79 -14.31
N GLY C 901 -11.37 29.66 -14.59
CA GLY C 901 -10.86 30.04 -15.88
C GLY C 901 -10.47 31.52 -15.92
N GLY C 902 -9.52 31.82 -16.79
CA GLY C 902 -8.94 33.14 -16.75
C GLY C 902 -7.89 33.22 -15.66
N GLY C 903 -6.90 32.33 -15.76
CA GLY C 903 -5.87 32.16 -14.75
C GLY C 903 -5.95 30.80 -14.09
N GLY C 904 -5.20 30.65 -13.00
CA GLY C 904 -5.17 29.39 -12.30
C GLY C 904 -4.48 28.34 -13.12
N TYR C 905 -4.95 27.11 -13.10
CA TYR C 905 -4.24 26.11 -13.85
C TYR C 905 -5.10 25.00 -14.37
N LEU C 906 -4.68 24.45 -15.51
CA LEU C 906 -5.39 23.38 -16.17
C LEU C 906 -5.04 22.04 -15.61
N TYR C 907 -5.43 21.05 -16.41
CA TYR C 907 -4.94 19.70 -16.40
C TYR C 907 -5.33 19.14 -17.74
N MET C 908 -4.69 18.07 -18.14
CA MET C 908 -5.06 17.54 -19.42
C MET C 908 -4.63 16.11 -19.54
N VAL C 909 -5.35 15.39 -20.37
CA VAL C 909 -5.11 13.97 -20.48
C VAL C 909 -4.51 13.70 -21.85
N ALA C 910 -3.69 12.67 -21.94
CA ALA C 910 -3.03 12.32 -23.19
C ALA C 910 -3.37 10.87 -23.45
N LYS C 911 -2.59 10.24 -24.31
CA LYS C 911 -2.68 8.78 -24.42
C LYS C 911 -2.15 8.18 -23.13
N ASP C 912 -0.88 8.27 -22.94
CA ASP C 912 -0.05 7.46 -22.08
C ASP C 912 1.28 8.04 -22.53
N PRO C 913 2.50 7.47 -22.23
CA PRO C 913 3.65 8.27 -21.75
C PRO C 913 4.09 9.47 -22.54
N GLN C 914 3.46 9.65 -23.69
CA GLN C 914 3.49 10.84 -24.50
C GLN C 914 3.07 11.99 -23.63
N ALA C 915 2.14 11.71 -22.73
CA ALA C 915 1.92 12.47 -21.52
C ALA C 915 3.18 12.90 -20.80
N ALA C 916 4.08 11.96 -20.51
CA ALA C 916 5.31 12.36 -19.85
C ALA C 916 6.16 13.19 -20.79
N VAL C 917 6.01 12.95 -22.08
CA VAL C 917 6.71 13.79 -23.01
C VAL C 917 6.05 15.16 -23.08
N ARG C 918 4.76 15.27 -22.78
CA ARG C 918 4.18 16.58 -22.62
C ARG C 918 4.75 17.26 -21.40
N ILE C 919 5.05 16.48 -20.37
CA ILE C 919 5.70 17.07 -19.21
C ILE C 919 7.05 17.58 -19.64
N ARG C 920 7.69 16.86 -20.55
CA ARG C 920 8.90 17.36 -21.16
C ARG C 920 8.64 18.60 -22.00
N LYS C 921 7.45 18.73 -22.56
CA LYS C 921 7.17 19.88 -23.40
C LYS C 921 7.04 21.14 -22.58
N ILE C 922 6.20 21.09 -21.55
CA ILE C 922 6.09 22.22 -20.66
C ILE C 922 7.38 22.39 -19.86
N LEU C 923 8.10 21.30 -19.67
CA LEU C 923 9.45 21.41 -19.15
C LEU C 923 10.34 22.20 -20.08
N THR C 924 10.09 22.11 -21.37
CA THR C 924 10.98 22.72 -22.33
C THR C 924 10.80 24.22 -22.33
N GLU C 925 9.57 24.68 -22.48
CA GLU C 925 9.35 26.10 -22.68
C GLU C 925 8.20 26.56 -21.81
N ASN C 926 7.77 27.79 -22.09
CA ASN C 926 6.52 28.37 -21.59
C ASN C 926 6.54 28.48 -20.09
N ALA C 927 7.69 28.81 -19.56
CA ALA C 927 7.93 28.69 -18.14
C ALA C 927 8.20 30.06 -17.56
N PRO C 928 7.17 30.82 -17.24
CA PRO C 928 7.33 31.81 -16.20
C PRO C 928 7.42 31.14 -14.84
N ASN C 929 7.94 31.88 -13.94
CA ASN C 929 8.06 31.71 -12.51
C ASN C 929 6.81 31.35 -11.72
N PRO C 930 5.62 31.61 -12.21
CA PRO C 930 4.53 30.71 -11.84
C PRO C 930 4.76 29.41 -12.55
N ARG C 931 5.24 28.46 -11.79
CA ARG C 931 5.99 27.40 -12.40
C ARG C 931 5.15 26.19 -12.67
N ALA C 932 4.68 26.09 -13.90
CA ALA C 932 5.15 25.09 -14.85
C ALA C 932 5.51 23.76 -14.21
N ARG C 933 4.52 23.08 -13.69
CA ARG C 933 4.84 21.85 -12.99
C ARG C 933 3.96 20.71 -13.39
N PHE C 934 4.41 19.55 -12.97
CA PHE C 934 3.56 18.44 -12.61
C PHE C 934 3.24 18.70 -11.16
N VAL C 935 2.00 18.46 -10.74
CA VAL C 935 1.63 18.88 -9.39
C VAL C 935 0.89 17.78 -8.63
N GLU C 936 0.57 16.67 -9.31
CA GLU C 936 -0.59 15.81 -9.09
C GLU C 936 -1.27 15.70 -7.71
N MET C 937 -2.62 15.68 -7.60
CA MET C 937 -3.72 15.10 -8.43
C MET C 937 -3.46 13.65 -8.91
N THR C 938 -3.28 12.57 -8.14
CA THR C 938 -3.47 12.25 -6.72
C THR C 938 -4.90 12.43 -6.25
N LEU C 939 -5.75 11.54 -6.72
CA LEU C 939 -6.98 11.30 -5.99
C LEU C 939 -6.62 10.64 -4.70
N SER C 940 -7.02 11.25 -3.61
CA SER C 940 -6.85 10.67 -2.30
C SER C 940 -7.74 11.41 -1.37
N ASP C 941 -8.57 10.68 -0.66
CA ASP C 941 -9.75 11.34 -0.16
C ASP C 941 -10.47 10.54 0.88
N LYS C 942 -10.57 11.12 2.08
CA LYS C 942 -11.86 11.34 2.71
C LYS C 942 -12.05 12.80 3.13
N GLY C 943 -11.20 13.32 4.02
CA GLY C 943 -10.94 14.73 4.21
C GLY C 943 -11.73 15.41 5.29
N PHE C 944 -11.23 15.33 6.52
CA PHE C 944 -12.07 15.87 7.57
C PHE C 944 -11.44 16.62 8.75
N GLN C 945 -10.81 15.94 9.73
CA GLN C 945 -10.35 16.52 10.99
C GLN C 945 -9.66 15.52 11.91
N VAL C 946 -9.08 15.96 13.04
CA VAL C 946 -8.64 14.96 14.02
C VAL C 946 -9.11 15.12 15.47
N SER C 947 -9.03 16.32 16.07
CA SER C 947 -9.17 16.56 17.52
C SER C 947 -8.21 15.68 18.34
N ARG C 948 -7.03 15.51 17.82
CA ARG C 948 -6.10 14.62 18.49
C ARG C 948 -5.31 15.37 19.54
N SER C 949 -5.13 14.73 20.72
CA SER C 949 -5.53 13.33 20.95
C SER C 949 -6.77 13.15 21.77
N LEU D 71 66.68 -10.57 -13.69
CA LEU D 71 67.44 -10.03 -12.57
C LEU D 71 66.61 -9.04 -11.78
N LEU D 72 66.73 -9.10 -10.47
CA LEU D 72 66.01 -8.24 -9.54
C LEU D 72 66.96 -7.86 -8.41
N HIS D 73 66.37 -7.47 -7.27
CA HIS D 73 67.04 -6.90 -6.11
C HIS D 73 68.15 -7.80 -5.59
N ALA D 74 69.40 -7.42 -5.84
CA ALA D 74 70.55 -8.24 -5.47
C ALA D 74 70.87 -8.11 -3.98
N GLY D 75 70.83 -6.90 -3.46
CA GLY D 75 70.90 -6.69 -2.02
C GLY D 75 71.93 -5.63 -1.68
N GLY D 76 72.08 -5.41 -0.38
CA GLY D 76 73.12 -4.57 0.16
C GLY D 76 74.20 -5.38 0.87
N GLN D 77 75.12 -4.66 1.51
CA GLN D 77 76.22 -5.29 2.23
C GLN D 77 75.69 -6.07 3.42
N SER D 78 75.08 -5.36 4.37
CA SER D 78 74.26 -5.90 5.46
C SER D 78 75.07 -6.90 6.31
N ARG D 79 76.14 -6.39 6.90
CA ARG D 79 77.11 -7.26 7.54
C ARG D 79 76.81 -7.47 9.01
N ARG D 80 75.53 -7.68 9.37
CA ARG D 80 75.11 -7.94 10.74
C ARG D 80 74.52 -9.33 10.92
N LEU D 81 73.57 -9.70 10.08
CA LEU D 81 72.80 -10.92 10.28
C LEU D 81 73.63 -12.14 9.89
N PRO D 82 73.70 -13.16 10.76
CA PRO D 82 74.38 -14.40 10.40
C PRO D 82 73.63 -15.28 9.40
N GLY D 83 72.43 -14.90 8.95
CA GLY D 83 71.70 -15.68 7.98
C GLY D 83 72.08 -15.36 6.55
N TYR D 84 73.35 -14.98 6.35
CA TYR D 84 73.86 -14.46 5.10
C TYR D 84 74.97 -15.33 4.54
N ALA D 85 74.70 -16.62 4.46
CA ALA D 85 75.46 -17.52 3.60
C ALA D 85 75.57 -16.93 2.19
N PRO D 86 76.71 -17.14 1.47
CA PRO D 86 77.00 -16.35 0.27
C PRO D 86 76.06 -16.60 -0.89
N SER D 87 74.84 -16.15 -0.69
CA SER D 87 73.76 -16.22 -1.66
C SER D 87 73.13 -14.85 -1.73
N GLY D 88 71.97 -14.80 -2.34
CA GLY D 88 71.22 -13.57 -2.35
C GLY D 88 70.36 -13.54 -1.10
N LYS D 89 69.07 -13.84 -1.24
CA LYS D 89 68.11 -13.59 -0.18
C LYS D 89 67.00 -14.64 -0.17
N ILE D 90 67.29 -15.82 -0.71
CA ILE D 90 66.26 -16.79 -1.11
C ILE D 90 66.52 -18.14 -0.48
N LEU D 91 67.64 -18.27 0.22
CA LEU D 91 68.10 -19.58 0.70
C LEU D 91 68.41 -19.56 2.19
N THR D 92 67.47 -19.10 3.01
CA THR D 92 67.55 -19.30 4.46
C THR D 92 66.18 -19.77 4.91
N PRO D 93 65.87 -21.06 4.70
CA PRO D 93 64.47 -21.51 4.71
C PRO D 93 63.80 -21.45 6.07
N VAL D 94 62.58 -20.92 6.08
CA VAL D 94 61.87 -20.65 7.32
C VAL D 94 60.45 -21.17 7.22
N PRO D 95 59.95 -21.76 8.29
CA PRO D 95 58.61 -22.37 8.25
C PRO D 95 57.48 -21.34 8.22
N VAL D 96 56.28 -21.84 7.88
CA VAL D 96 55.13 -20.96 7.75
C VAL D 96 54.39 -20.89 9.08
N PHE D 97 53.50 -19.90 9.20
CA PHE D 97 52.69 -19.74 10.40
C PHE D 97 51.64 -20.84 10.52
N ARG D 98 51.18 -21.37 9.40
CA ARG D 98 50.29 -22.52 9.37
C ARG D 98 51.03 -23.86 9.32
N TRP D 99 52.18 -23.96 9.98
CA TRP D 99 52.84 -25.22 10.40
C TRP D 99 53.34 -26.09 9.23
N GLU D 100 53.96 -25.47 8.21
CA GLU D 100 54.77 -26.13 7.19
C GLU D 100 56.13 -25.43 7.07
N ARG D 101 57.18 -26.20 6.71
CA ARG D 101 58.57 -25.72 6.69
C ARG D 101 59.07 -25.41 5.27
N GLY D 102 58.18 -25.41 4.28
CA GLY D 102 58.57 -25.19 2.88
C GLY D 102 58.46 -23.77 2.36
N GLN D 103 59.36 -22.89 2.80
CA GLN D 103 59.20 -21.46 2.62
C GLN D 103 60.51 -20.76 2.95
N HIS D 104 60.72 -19.59 2.34
CA HIS D 104 61.64 -18.55 2.78
C HIS D 104 61.16 -17.30 2.06
N LEU D 105 61.79 -16.15 2.35
CA LEU D 105 61.76 -15.03 1.44
C LEU D 105 62.26 -15.53 0.10
N GLY D 106 61.34 -15.69 -0.84
CA GLY D 106 61.59 -16.35 -2.10
C GLY D 106 60.31 -17.13 -2.37
N GLN D 107 59.78 -17.70 -1.30
CA GLN D 107 58.37 -18.05 -1.16
C GLN D 107 57.61 -16.93 -0.48
N ASN D 108 58.24 -16.31 0.53
CA ASN D 108 57.66 -15.11 1.13
C ASN D 108 57.80 -13.92 0.22
N LEU D 109 58.91 -13.85 -0.52
CA LEU D 109 59.01 -12.87 -1.61
C LEU D 109 57.93 -13.06 -2.63
N LEU D 110 57.53 -14.30 -2.91
CA LEU D 110 56.36 -14.53 -3.75
C LEU D 110 55.09 -14.04 -3.07
N SER D 111 55.00 -14.25 -1.75
CA SER D 111 53.83 -13.83 -0.99
C SER D 111 53.67 -12.32 -0.97
N LEU D 112 54.76 -11.58 -1.10
CA LEU D 112 54.73 -10.14 -1.21
C LEU D 112 54.72 -9.67 -2.65
N GLN D 113 55.23 -10.51 -3.55
CA GLN D 113 55.22 -10.28 -4.98
C GLN D 113 53.81 -10.27 -5.52
N LEU D 114 52.94 -11.05 -4.90
CA LEU D 114 51.55 -11.08 -5.34
C LEU D 114 50.82 -9.77 -5.09
N PRO D 115 50.94 -9.08 -3.94
CA PRO D 115 50.51 -7.68 -3.91
C PRO D 115 51.39 -6.76 -4.74
N LEU D 116 52.65 -7.13 -4.98
CA LEU D 116 53.52 -6.30 -5.78
C LEU D 116 53.21 -6.43 -7.27
N TYR D 117 52.88 -7.63 -7.74
CA TYR D 117 52.40 -7.70 -9.11
C TYR D 117 50.95 -7.24 -9.21
N GLU D 118 50.23 -7.19 -8.07
CA GLU D 118 48.96 -6.49 -8.00
C GLU D 118 49.11 -4.97 -8.15
N LYS D 119 50.26 -4.44 -7.76
CA LYS D 119 50.49 -3.01 -7.69
C LYS D 119 50.43 -2.32 -9.05
N ILE D 120 50.70 -3.02 -10.15
CA ILE D 120 50.83 -2.38 -11.47
C ILE D 120 49.46 -1.91 -11.97
N MET D 121 49.37 -0.62 -12.28
CA MET D 121 48.20 -0.04 -12.93
C MET D 121 48.58 1.29 -13.60
N SER D 122 48.50 1.29 -14.94
CA SER D 122 48.51 2.47 -15.82
C SER D 122 49.76 3.34 -15.58
N LEU D 123 50.91 2.77 -15.93
CA LEU D 123 52.15 3.50 -15.81
C LEU D 123 52.77 3.75 -17.18
N ALA D 124 52.98 2.69 -17.97
CA ALA D 124 53.75 2.78 -19.20
C ALA D 124 53.50 1.55 -20.07
N PRO D 125 54.04 1.49 -21.30
CA PRO D 125 54.25 0.19 -21.96
C PRO D 125 55.43 -0.56 -21.36
N ASP D 126 55.91 -1.59 -22.08
CA ASP D 126 56.93 -2.56 -21.68
C ASP D 126 58.11 -2.03 -20.86
N LYS D 127 58.47 -0.75 -21.06
CA LYS D 127 59.36 -0.04 -20.15
C LYS D 127 58.66 0.41 -18.85
N LEU D 128 57.56 -0.23 -18.42
CA LEU D 128 56.85 0.11 -17.20
C LEU D 128 57.70 -0.11 -15.95
N HIS D 129 57.88 -1.37 -15.53
CA HIS D 129 58.82 -1.91 -14.54
C HIS D 129 58.52 -3.40 -14.34
N THR D 130 59.48 -4.08 -13.71
CA THR D 130 59.26 -5.31 -12.94
C THR D 130 60.09 -5.06 -11.68
N LEU D 131 59.41 -4.72 -10.58
CA LEU D 131 59.97 -3.80 -9.59
C LEU D 131 61.02 -4.45 -8.68
N ILE D 132 62.05 -3.66 -8.35
CA ILE D 132 63.10 -4.04 -7.41
C ILE D 132 62.50 -4.28 -6.04
N ALA D 133 62.88 -5.38 -5.40
CA ALA D 133 62.39 -5.69 -4.06
C ALA D 133 63.08 -4.81 -3.01
N SER D 134 62.62 -4.96 -1.77
CA SER D 134 62.82 -3.97 -0.72
C SER D 134 64.11 -4.21 0.07
N GLY D 135 64.24 -3.51 1.19
CA GLY D 135 65.28 -3.72 2.16
C GLY D 135 64.87 -4.56 3.35
N ASP D 136 63.62 -5.01 3.38
CA ASP D 136 63.10 -6.07 4.26
C ASP D 136 63.17 -5.69 5.75
N VAL D 137 62.50 -4.59 6.07
CA VAL D 137 61.81 -4.52 7.34
C VAL D 137 60.75 -5.60 7.28
N TYR D 138 60.66 -6.45 8.30
CA TYR D 138 59.77 -7.57 8.01
C TYR D 138 58.31 -7.18 8.12
N ILE D 139 57.50 -8.13 7.72
CA ILE D 139 56.66 -7.86 6.57
C ILE D 139 55.32 -8.57 6.72
N ARG D 140 54.52 -8.59 5.64
CA ARG D 140 53.25 -9.28 5.45
C ARG D 140 52.21 -8.86 6.47
N SER D 141 52.15 -7.57 6.76
CA SER D 141 50.95 -6.97 7.30
C SER D 141 49.99 -6.68 6.15
N GLU D 142 49.00 -5.82 6.38
CA GLU D 142 47.85 -5.70 5.49
C GLU D 142 48.21 -5.04 4.15
N LYS D 143 47.17 -4.79 3.35
CA LYS D 143 47.28 -4.65 1.90
C LYS D 143 47.97 -3.33 1.50
N PRO D 144 48.80 -3.33 0.42
CA PRO D 144 49.20 -2.08 -0.23
C PRO D 144 48.11 -1.41 -1.07
N LEU D 145 48.55 -0.54 -2.00
CA LEU D 145 47.79 0.51 -2.70
C LEU D 145 47.30 1.58 -1.72
N GLN D 146 48.15 2.43 -1.10
CA GLN D 146 49.59 2.82 -1.35
C GLN D 146 49.84 3.23 -2.83
N SER D 147 48.80 3.73 -3.49
CA SER D 147 48.90 4.14 -4.89
C SER D 147 47.80 5.11 -5.26
N ILE D 148 48.17 6.11 -6.07
CA ILE D 148 47.29 6.73 -7.03
C ILE D 148 48.02 6.66 -8.38
N PRO D 149 47.32 6.44 -9.50
CA PRO D 149 48.02 6.14 -10.76
C PRO D 149 48.72 7.32 -11.40
N GLU D 150 48.78 8.48 -10.74
CA GLU D 150 49.50 9.64 -11.21
C GLU D 150 50.64 10.02 -10.28
N ALA D 151 51.03 9.13 -9.40
CA ALA D 151 52.15 9.39 -8.51
C ALA D 151 53.41 8.82 -9.11
N ASP D 152 54.49 9.58 -8.96
CA ASP D 152 55.80 8.99 -9.15
C ASP D 152 55.93 7.97 -8.04
N VAL D 153 56.03 8.47 -6.82
CA VAL D 153 56.48 7.70 -5.66
C VAL D 153 55.40 7.82 -4.59
N VAL D 154 55.03 6.69 -4.00
CA VAL D 154 54.22 6.70 -2.79
C VAL D 154 55.01 6.04 -1.67
N CYS D 155 55.21 6.76 -0.59
CA CYS D 155 55.97 6.26 0.54
C CYS D 155 55.04 5.58 1.54
N TYR D 156 55.65 4.92 2.52
CA TYR D 156 54.94 4.19 3.55
C TYR D 156 55.00 4.97 4.85
N GLY D 157 53.92 4.95 5.61
CA GLY D 157 53.91 5.56 6.92
C GLY D 157 53.69 4.50 7.97
N LEU D 158 54.24 4.72 9.15
CA LEU D 158 54.02 3.80 10.25
C LEU D 158 54.06 4.59 11.54
N TRP D 159 53.07 4.37 12.38
CA TRP D 159 53.01 4.99 13.69
C TRP D 159 53.08 3.88 14.73
N VAL D 160 54.22 3.77 15.40
CA VAL D 160 54.38 2.84 16.51
C VAL D 160 54.97 3.60 17.68
N ASP D 161 55.31 2.88 18.74
CA ASP D 161 56.11 3.45 19.81
C ASP D 161 57.47 3.90 19.26
N PRO D 162 58.04 4.97 19.82
CA PRO D 162 59.30 5.49 19.27
C PRO D 162 60.53 4.62 19.54
N SER D 163 60.37 3.41 20.08
CA SER D 163 61.46 2.46 20.10
C SER D 163 61.93 2.15 18.67
N LEU D 164 60.98 1.86 17.78
CA LEU D 164 61.33 1.66 16.37
C LEU D 164 61.65 2.95 15.67
N ALA D 165 61.33 4.10 16.26
CA ALA D 165 61.96 5.33 15.79
C ALA D 165 63.44 5.32 16.13
N THR D 166 63.80 4.92 17.36
CA THR D 166 65.20 4.80 17.73
C THR D 166 65.93 3.70 16.97
N HIS D 167 65.21 2.70 16.47
CA HIS D 167 65.82 1.67 15.64
C HIS D 167 66.16 2.22 14.25
N HIS D 168 65.17 2.80 13.56
CA HIS D 168 65.34 3.19 12.17
C HIS D 168 64.57 4.46 11.84
N GLY D 169 64.89 5.01 10.67
CA GLY D 169 64.62 6.39 10.40
C GLY D 169 63.18 6.70 10.09
N VAL D 170 62.74 7.84 10.62
CA VAL D 170 61.35 8.28 10.52
C VAL D 170 61.35 9.58 9.74
N PHE D 171 60.42 9.70 8.81
CA PHE D 171 60.26 10.93 8.07
C PHE D 171 59.17 11.74 8.75
N ALA D 172 59.28 13.07 8.67
CA ALA D 172 58.27 13.92 9.29
C ALA D 172 58.21 15.23 8.54
N SER D 173 57.02 15.80 8.44
CA SER D 173 56.91 17.05 7.70
C SER D 173 55.82 17.90 8.31
N ASP D 174 55.33 18.85 7.52
CA ASP D 174 54.23 19.74 7.89
C ASP D 174 52.94 18.95 8.13
N ARG D 175 51.92 19.63 8.61
CA ARG D 175 50.62 19.01 8.66
C ARG D 175 49.81 19.54 7.48
N LYS D 176 49.28 18.63 6.64
CA LYS D 176 49.37 17.18 6.82
C LYS D 176 50.57 16.55 6.15
N HIS D 177 51.13 15.56 6.83
CA HIS D 177 52.38 14.96 6.38
C HIS D 177 52.28 14.10 5.11
N PRO D 178 51.18 13.16 4.90
CA PRO D 178 51.31 12.19 3.80
C PRO D 178 51.02 12.75 2.40
N GLU D 179 51.59 13.92 2.12
CA GLU D 179 51.47 14.52 0.79
C GLU D 179 52.81 14.75 0.14
N GLN D 180 53.69 15.53 0.78
CA GLN D 180 54.94 15.97 0.16
C GLN D 180 55.91 16.31 1.27
N LEU D 181 56.97 15.52 1.38
CA LEU D 181 57.79 15.50 2.58
C LEU D 181 58.70 16.72 2.64
N ASP D 182 58.93 17.20 3.85
CA ASP D 182 59.70 18.40 4.09
C ASP D 182 60.96 18.15 4.91
N PHE D 183 60.96 17.22 5.85
CA PHE D 183 62.18 16.90 6.58
C PHE D 183 62.08 15.45 7.04
N MET D 184 62.90 15.09 8.03
CA MET D 184 62.90 13.75 8.61
C MET D 184 63.70 13.80 9.90
N LEU D 185 63.88 12.64 10.50
CA LEU D 185 65.00 12.42 11.43
C LEU D 185 65.29 10.93 11.45
N GLN D 186 66.49 10.56 11.00
CA GLN D 186 66.88 9.17 11.09
C GLN D 186 67.30 8.87 12.53
N LYS D 187 66.69 7.84 13.10
CA LYS D 187 66.80 7.42 14.48
C LYS D 187 66.61 8.57 15.47
N PRO D 188 65.38 9.08 15.63
CA PRO D 188 65.18 10.19 16.56
C PRO D 188 65.21 9.77 18.03
N SER D 189 65.70 10.70 18.83
CA SER D 189 65.66 10.67 20.28
C SER D 189 64.95 11.98 20.64
N LEU D 190 65.01 12.42 21.90
CA LEU D 190 63.98 13.09 22.69
C LEU D 190 63.41 14.35 22.04
N ALA D 191 63.37 15.48 22.75
CA ALA D 191 62.92 16.77 22.19
C ALA D 191 63.34 17.10 20.75
N GLU D 192 64.43 16.50 20.25
CA GLU D 192 64.64 16.32 18.81
C GLU D 192 63.43 15.66 18.12
N LEU D 193 63.00 14.48 18.60
CA LEU D 193 61.81 13.82 18.05
C LEU D 193 60.56 14.65 18.27
N GLU D 194 60.52 15.40 19.38
CA GLU D 194 59.40 16.31 19.59
C GLU D 194 59.42 17.46 18.59
N SER D 195 60.60 17.83 18.12
CA SER D 195 60.79 18.87 17.10
C SER D 195 60.67 18.33 15.69
N LEU D 196 59.90 17.26 15.51
CA LEU D 196 59.51 16.75 14.20
C LEU D 196 58.16 17.29 13.79
N SER D 197 57.99 18.61 14.03
CA SER D 197 56.71 19.32 14.05
C SER D 197 55.87 19.08 12.80
N LYS D 198 54.60 18.68 13.00
CA LYS D 198 53.97 18.46 14.30
C LYS D 198 54.33 17.09 14.87
N THR D 199 54.48 17.03 16.19
CA THR D 199 55.09 15.96 17.00
C THR D 199 54.65 14.55 16.60
N HIS D 200 53.38 14.41 16.21
CA HIS D 200 52.82 13.10 15.89
C HIS D 200 52.46 12.96 14.41
N LEU D 201 53.36 13.40 13.54
CA LEU D 201 53.20 13.24 12.09
C LEU D 201 54.24 12.26 11.54
N PHE D 202 54.41 11.14 12.23
CA PHE D 202 55.45 10.16 11.92
C PHE D 202 55.17 9.47 10.59
N LEU D 203 56.25 8.95 9.99
CA LEU D 203 56.19 8.26 8.71
C LEU D 203 57.42 7.39 8.58
N MET D 204 57.23 6.07 8.62
CA MET D 204 58.32 5.11 8.44
C MET D 204 58.07 4.30 7.19
N ASP D 205 58.96 4.45 6.23
CA ASP D 205 58.88 3.79 4.95
C ASP D 205 59.38 2.36 5.12
N ILE D 206 59.01 1.47 4.21
CA ILE D 206 59.62 0.15 4.20
C ILE D 206 60.27 -0.21 2.87
N GLY D 207 60.09 0.60 1.83
CA GLY D 207 61.02 0.52 0.71
C GLY D 207 60.61 -0.19 -0.56
N ILE D 208 59.38 0.02 -1.04
CA ILE D 208 58.98 -0.33 -2.40
C ILE D 208 58.10 0.81 -2.91
N TRP D 209 58.61 1.55 -3.88
CA TRP D 209 57.96 2.74 -4.41
C TRP D 209 57.71 2.52 -5.89
N LEU D 210 56.72 3.21 -6.45
CA LEU D 210 56.64 3.31 -7.90
C LEU D 210 57.57 4.40 -8.41
N LEU D 211 57.49 4.63 -9.72
CA LEU D 211 58.19 5.73 -10.35
C LEU D 211 57.49 6.02 -11.67
N SER D 212 57.72 7.20 -12.21
CA SER D 212 57.19 7.57 -13.52
C SER D 212 58.00 6.88 -14.62
N ASP D 213 57.68 7.20 -15.87
CA ASP D 213 58.46 6.67 -16.99
C ASP D 213 59.74 7.47 -17.17
N ARG D 214 59.88 8.58 -16.44
CA ARG D 214 61.00 9.51 -16.57
C ARG D 214 62.07 9.34 -15.49
N ALA D 215 61.68 9.29 -14.21
CA ALA D 215 62.57 9.69 -13.12
C ALA D 215 63.65 8.67 -12.78
N VAL D 216 63.74 7.58 -13.55
CA VAL D 216 64.84 6.63 -13.42
C VAL D 216 66.17 7.31 -13.67
N GLU D 217 66.19 8.25 -14.63
CA GLU D 217 67.43 8.82 -15.10
C GLU D 217 67.95 9.90 -14.16
N ILE D 218 67.16 10.32 -13.18
CA ILE D 218 67.60 11.25 -12.15
C ILE D 218 67.78 10.56 -10.81
N LEU D 219 66.75 9.86 -10.35
CA LEU D 219 66.66 9.56 -8.92
C LEU D 219 67.60 8.43 -8.50
N MET D 220 67.39 7.21 -9.00
CA MET D 220 68.30 6.11 -8.69
C MET D 220 69.66 6.32 -9.36
N LYS D 221 69.66 6.24 -10.68
CA LYS D 221 70.86 6.05 -11.47
C LYS D 221 71.01 7.33 -12.28
N ARG D 222 71.60 8.33 -11.65
CA ARG D 222 71.54 9.69 -12.16
C ARG D 222 72.43 9.84 -13.38
N SER D 223 71.89 10.44 -14.44
CA SER D 223 72.66 10.54 -15.67
C SER D 223 73.73 11.62 -15.53
N HIS D 224 74.98 11.23 -15.68
CA HIS D 224 76.08 12.17 -15.67
C HIS D 224 76.73 12.16 -17.05
N LYS D 225 77.76 12.99 -17.21
CA LYS D 225 78.49 13.03 -18.46
C LYS D 225 79.30 11.76 -18.69
N GLU D 226 79.75 11.13 -17.61
CA GLU D 226 80.46 9.86 -17.72
C GLU D 226 79.51 8.76 -18.15
N SER D 227 78.52 8.47 -17.33
CA SER D 227 77.45 7.53 -17.64
C SER D 227 76.28 7.87 -16.73
N SER D 228 75.25 7.04 -16.76
CA SER D 228 74.11 7.20 -15.87
C SER D 228 74.44 6.52 -14.55
N GLU D 229 75.27 7.20 -13.76
CA GLU D 229 75.78 6.58 -12.56
C GLU D 229 74.75 6.64 -11.45
N GLU D 230 74.81 5.64 -10.58
CA GLU D 230 73.95 5.66 -9.41
C GLU D 230 74.35 6.80 -8.49
N LEU D 231 73.41 7.21 -7.66
CA LEU D 231 73.80 7.94 -6.47
C LEU D 231 74.67 7.00 -5.66
N LYS D 232 75.72 7.55 -5.04
CA LYS D 232 76.79 6.75 -4.46
C LYS D 232 76.35 6.01 -3.20
N TYR D 233 75.15 6.32 -2.74
CA TYR D 233 74.39 5.46 -1.85
C TYR D 233 74.11 4.14 -2.52
N TYR D 234 74.64 3.05 -1.93
CA TYR D 234 74.48 1.73 -2.53
C TYR D 234 73.02 1.28 -2.46
N ASP D 235 72.41 1.42 -1.28
CA ASP D 235 70.95 1.34 -1.21
C ASP D 235 70.38 2.59 -1.88
N LEU D 236 69.66 2.38 -2.99
CA LEU D 236 69.01 3.48 -3.68
C LEU D 236 67.84 4.02 -2.86
N TYR D 237 66.96 3.12 -2.41
CA TYR D 237 65.70 3.48 -1.76
C TYR D 237 65.91 4.18 -0.43
N SER D 238 66.53 3.47 0.52
CA SER D 238 66.58 3.94 1.90
C SER D 238 67.48 5.16 2.04
N ASP D 239 68.63 5.12 1.38
CA ASP D 239 69.57 6.22 1.53
C ASP D 239 69.24 7.37 0.59
N PHE D 240 68.40 7.12 -0.43
CA PHE D 240 67.83 8.24 -1.16
C PHE D 240 66.73 8.93 -0.36
N GLY D 241 65.92 8.16 0.37
CA GLY D 241 64.92 8.77 1.23
C GLY D 241 65.52 9.44 2.45
N LEU D 242 66.64 8.91 2.93
CA LEU D 242 67.48 9.64 3.87
C LEU D 242 68.05 10.89 3.22
N ALA D 243 68.52 10.77 1.98
CA ALA D 243 69.16 11.87 1.29
C ALA D 243 68.15 12.91 0.85
N LEU D 244 67.18 12.52 0.04
CA LEU D 244 66.31 13.48 -0.61
C LEU D 244 65.08 13.82 0.23
N GLY D 245 64.85 13.10 1.33
CA GLY D 245 63.64 13.29 2.11
C GLY D 245 63.57 14.58 2.91
N THR D 246 64.63 15.38 2.94
CA THR D 246 64.58 16.63 3.69
C THR D 246 64.03 17.70 2.74
N HIS D 247 64.07 18.97 3.16
CA HIS D 247 63.77 20.15 2.35
C HIS D 247 64.45 20.26 0.99
N PRO D 248 65.59 19.59 0.73
CA PRO D 248 65.97 19.36 -0.68
C PRO D 248 64.95 18.61 -1.53
N ARG D 249 63.92 17.96 -0.97
CA ARG D 249 62.82 17.50 -1.81
C ARG D 249 62.02 18.66 -2.37
N ILE D 250 61.81 19.69 -1.55
CA ILE D 250 61.08 20.88 -1.98
C ILE D 250 61.88 21.71 -2.98
N GLU D 251 63.18 21.45 -3.09
CA GLU D 251 63.97 21.99 -4.19
C GLU D 251 64.03 21.06 -5.39
N ASP D 252 64.03 19.74 -5.17
CA ASP D 252 64.47 18.79 -6.18
C ASP D 252 63.35 18.07 -6.90
N GLU D 253 62.30 17.64 -6.20
CA GLU D 253 61.30 16.77 -6.80
C GLU D 253 60.32 17.56 -7.68
N GLU D 254 60.55 18.84 -7.85
CA GLU D 254 59.77 19.71 -8.71
C GLU D 254 60.21 19.66 -10.17
N VAL D 255 61.21 18.84 -10.47
CA VAL D 255 61.69 18.72 -11.84
C VAL D 255 61.01 17.55 -12.55
N ASN D 256 60.59 16.55 -11.78
CA ASN D 256 60.17 15.24 -12.29
C ASN D 256 58.73 14.89 -11.90
N THR D 257 57.76 15.76 -12.24
CA THR D 257 56.32 15.60 -12.05
C THR D 257 55.91 15.49 -10.59
N LEU D 258 56.04 16.62 -9.87
CA LEU D 258 55.94 16.81 -8.43
C LEU D 258 54.79 16.11 -7.72
N SER D 259 53.72 15.75 -8.46
CA SER D 259 52.55 15.06 -7.89
C SER D 259 52.94 13.76 -7.21
N VAL D 260 52.82 13.77 -5.89
CA VAL D 260 53.17 12.66 -5.02
C VAL D 260 52.14 12.61 -3.91
N ALA D 261 51.63 11.42 -3.61
CA ALA D 261 50.81 11.20 -2.43
C ALA D 261 51.43 10.05 -1.63
N ILE D 262 51.08 9.98 -0.35
CA ILE D 262 51.60 8.97 0.57
C ILE D 262 50.41 8.33 1.28
N LEU D 263 50.43 7.00 1.38
CA LEU D 263 49.49 6.33 2.26
C LEU D 263 50.31 5.72 3.39
N PRO D 264 49.91 5.90 4.64
CA PRO D 264 50.51 5.12 5.72
C PRO D 264 50.01 3.69 5.79
N LEU D 265 50.42 2.98 6.83
CA LEU D 265 50.17 1.55 6.94
C LEU D 265 49.59 1.21 8.30
N PRO D 266 48.97 0.04 8.44
CA PRO D 266 48.72 -0.53 9.77
C PRO D 266 49.99 -1.09 10.41
N GLY D 267 49.86 -1.80 11.53
CA GLY D 267 51.02 -2.16 12.35
C GLY D 267 51.19 -3.60 12.81
N GLY D 268 50.95 -4.58 11.93
CA GLY D 268 50.97 -5.96 12.36
C GLY D 268 52.33 -6.56 12.69
N GLU D 269 53.11 -6.87 11.67
CA GLU D 269 54.34 -7.65 11.78
C GLU D 269 55.50 -6.87 11.23
N PHE D 270 55.73 -5.68 11.76
CA PHE D 270 56.76 -4.78 11.26
C PHE D 270 57.88 -4.65 12.28
N TYR D 271 58.93 -5.46 12.11
CA TYR D 271 60.22 -5.19 12.75
C TYR D 271 61.30 -5.56 11.73
N HIS D 272 62.53 -5.71 12.19
CA HIS D 272 63.65 -5.77 11.27
C HIS D 272 64.33 -7.13 11.34
N TYR D 273 65.44 -7.26 10.63
CA TYR D 273 66.18 -8.52 10.49
C TYR D 273 67.59 -8.48 11.09
N GLY D 274 67.76 -7.85 12.26
CA GLY D 274 69.06 -7.61 12.85
C GLY D 274 69.88 -8.86 13.07
N THR D 275 69.39 -9.74 13.93
CA THR D 275 70.04 -11.03 14.12
C THR D 275 68.99 -12.11 13.90
N SER D 276 69.38 -13.34 14.21
CA SER D 276 68.50 -14.48 13.99
C SER D 276 67.28 -14.45 14.90
N LYS D 277 67.41 -13.85 16.08
CA LYS D 277 66.30 -13.81 17.01
C LYS D 277 65.17 -12.93 16.49
N GLU D 278 65.47 -12.03 15.56
CA GLU D 278 64.44 -11.23 14.92
C GLU D 278 63.47 -12.10 14.13
N LEU D 279 64.02 -12.91 13.22
CA LEU D 279 63.18 -13.82 12.47
C LEU D 279 62.62 -14.94 13.32
N ILE D 280 63.30 -15.29 14.41
CA ILE D 280 62.75 -16.26 15.35
C ILE D 280 61.50 -15.71 16.02
N SER D 281 61.58 -14.48 16.54
CA SER D 281 60.45 -13.79 17.13
C SER D 281 59.33 -13.54 16.14
N SER D 282 59.69 -13.30 14.87
CA SER D 282 58.70 -13.15 13.82
C SER D 282 57.93 -14.44 13.63
N THR D 283 58.66 -15.55 13.61
CA THR D 283 58.07 -16.85 13.39
C THR D 283 57.69 -17.54 14.68
N LEU D 284 58.04 -16.95 15.83
CA LEU D 284 57.65 -17.33 17.20
C LEU D 284 58.27 -18.64 17.68
N SER D 285 58.89 -19.43 16.80
CA SER D 285 59.31 -20.78 17.12
C SER D 285 60.15 -21.31 15.96
N VAL D 286 60.89 -22.38 16.23
CA VAL D 286 61.92 -22.89 15.33
C VAL D 286 61.94 -24.42 15.25
N GLN D 287 62.99 -24.95 14.60
CA GLN D 287 63.38 -26.37 14.60
C GLN D 287 62.40 -27.27 13.82
N ASN D 288 62.49 -27.22 12.48
CA ASN D 288 61.87 -28.29 11.68
C ASN D 288 62.77 -28.79 10.56
N LYS D 289 63.43 -29.94 10.80
CA LYS D 289 63.48 -30.97 9.75
C LYS D 289 62.88 -32.33 10.17
N VAL D 290 63.27 -33.02 11.26
CA VAL D 290 64.28 -32.73 12.30
C VAL D 290 65.35 -33.84 12.36
N TYR D 291 66.56 -33.56 11.86
CA TYR D 291 67.63 -34.54 11.95
C TYR D 291 68.22 -34.54 13.34
N ASP D 292 68.06 -35.65 14.04
CA ASP D 292 68.58 -35.81 15.38
C ASP D 292 69.57 -36.96 15.33
N GLN D 293 70.84 -36.65 15.14
CA GLN D 293 71.86 -37.67 15.27
C GLN D 293 72.26 -37.71 16.74
N ARG D 294 73.42 -38.28 17.04
CA ARG D 294 73.78 -38.52 18.42
C ARG D 294 74.97 -37.67 18.82
N ARG D 295 75.26 -37.67 20.12
CA ARG D 295 76.18 -36.74 20.79
C ARG D 295 75.81 -35.29 20.50
N ILE D 296 74.50 -35.05 20.50
CA ILE D 296 73.93 -33.74 20.21
C ILE D 296 73.34 -33.20 21.50
N MET D 297 72.74 -32.02 21.43
CA MET D 297 72.12 -31.42 22.59
C MET D 297 70.68 -30.99 22.29
N HIS D 298 69.74 -31.47 23.10
CA HIS D 298 68.34 -31.10 22.96
C HIS D 298 68.12 -29.65 23.39
N ARG D 299 67.57 -28.87 22.47
CA ARG D 299 67.12 -27.51 22.74
C ARG D 299 65.80 -27.31 22.01
N LYS D 300 65.24 -26.12 22.16
CA LYS D 300 64.15 -25.68 21.31
C LYS D 300 64.46 -24.39 20.57
N VAL D 301 64.98 -23.38 21.27
CA VAL D 301 65.02 -21.99 20.81
C VAL D 301 65.92 -21.81 19.59
N LYS D 302 66.85 -22.72 19.39
CA LYS D 302 67.84 -22.72 18.33
C LYS D 302 67.17 -22.83 16.96
N PRO D 303 67.57 -22.03 15.97
CA PRO D 303 66.90 -22.11 14.66
C PRO D 303 67.44 -23.12 13.66
N ASN D 304 67.05 -24.38 13.73
CA ASN D 304 67.47 -25.27 12.67
C ASN D 304 66.35 -25.40 11.64
N PRO D 305 66.58 -25.00 10.41
CA PRO D 305 65.62 -25.28 9.35
C PRO D 305 65.68 -26.71 8.84
N ALA D 306 65.10 -26.91 7.67
CA ALA D 306 65.10 -28.21 7.04
C ALA D 306 66.49 -28.64 6.59
N MET D 307 66.69 -29.97 6.62
CA MET D 307 67.68 -30.71 5.86
C MET D 307 69.12 -30.35 6.25
N PHE D 308 69.37 -30.53 7.54
CA PHE D 308 70.69 -30.35 8.12
C PHE D 308 70.96 -31.53 9.06
N VAL D 309 71.81 -32.46 8.63
CA VAL D 309 72.14 -33.62 9.46
C VAL D 309 73.02 -33.17 10.62
N GLN D 310 72.49 -33.28 11.84
CA GLN D 310 73.10 -32.62 12.99
C GLN D 310 73.70 -33.67 13.90
N ASN D 311 75.02 -33.82 13.84
CA ASN D 311 75.72 -34.93 14.49
C ASN D 311 76.80 -34.41 15.43
N ALA D 312 76.86 -34.99 16.62
CA ALA D 312 78.06 -35.06 17.44
C ALA D 312 78.55 -33.73 17.98
N VAL D 313 77.75 -32.66 17.91
CA VAL D 313 78.19 -31.35 18.35
C VAL D 313 77.26 -30.88 19.47
N VAL D 314 77.84 -30.23 20.48
CA VAL D 314 77.11 -29.72 21.64
C VAL D 314 76.98 -28.20 21.53
N ARG D 315 75.75 -27.70 21.69
CA ARG D 315 75.57 -26.26 21.59
C ARG D 315 74.60 -25.65 22.57
N ILE D 316 74.59 -24.33 22.55
CA ILE D 316 73.57 -23.48 23.16
C ILE D 316 72.74 -22.97 21.98
N PRO D 317 71.48 -22.51 22.19
CA PRO D 317 70.70 -22.00 21.05
C PRO D 317 71.24 -20.74 20.36
N LEU D 318 70.42 -20.25 19.42
CA LEU D 318 70.53 -19.07 18.53
C LEU D 318 71.32 -19.35 17.26
N CYS D 319 71.68 -20.59 16.95
CA CYS D 319 72.51 -20.88 15.78
C CYS D 319 71.73 -21.64 14.71
N ALA D 320 72.00 -21.29 13.44
CA ALA D 320 71.18 -21.69 12.30
C ALA D 320 72.01 -22.36 11.20
N GLU D 321 71.50 -23.48 10.70
CA GLU D 321 72.30 -24.42 9.90
C GLU D 321 71.44 -25.02 8.79
N ASN D 322 71.86 -24.84 7.53
CA ASN D 322 70.95 -25.12 6.42
C ASN D 322 71.08 -26.50 5.79
N ALA D 323 72.18 -26.75 5.08
CA ALA D 323 72.34 -27.85 4.12
C ALA D 323 73.74 -27.77 3.52
N ASP D 324 74.18 -28.88 2.91
CA ASP D 324 75.59 -29.13 2.51
C ASP D 324 76.51 -28.93 3.72
N LEU D 325 76.01 -29.39 4.88
CA LEU D 325 76.63 -29.16 6.18
C LEU D 325 76.35 -30.40 7.00
N TRP D 326 77.32 -31.31 7.13
CA TRP D 326 77.20 -32.46 8.02
C TRP D 326 78.26 -32.33 9.11
N ILE D 327 77.94 -31.57 10.13
CA ILE D 327 78.90 -31.21 11.15
C ILE D 327 78.99 -32.36 12.14
N GLU D 328 80.21 -32.65 12.57
CA GLU D 328 80.50 -33.68 13.55
C GLU D 328 81.60 -33.18 14.47
N ASN D 329 81.37 -33.28 15.78
CA ASN D 329 82.37 -33.15 16.83
C ASN D 329 83.02 -31.76 16.83
N SER D 330 82.22 -30.80 17.24
CA SER D 330 82.69 -29.46 17.47
C SER D 330 82.15 -28.99 18.81
N HIS D 331 82.54 -27.78 19.22
CA HIS D 331 82.16 -27.24 20.53
C HIS D 331 81.73 -25.79 20.35
N ILE D 332 80.45 -25.60 20.03
CA ILE D 332 79.97 -24.34 19.49
C ILE D 332 78.96 -23.73 20.45
N GLY D 333 78.82 -22.39 20.40
CA GLY D 333 77.90 -21.65 21.24
C GLY D 333 76.77 -20.98 20.48
N PRO D 334 76.50 -19.71 20.79
CA PRO D 334 75.34 -19.03 20.18
C PRO D 334 75.66 -18.33 18.88
N LYS D 335 74.62 -18.14 18.08
CA LYS D 335 74.57 -17.23 16.93
C LYS D 335 75.59 -17.59 15.86
N TRP D 336 75.31 -18.69 15.15
CA TRP D 336 76.25 -19.20 14.17
C TRP D 336 75.68 -19.18 12.76
N LYS D 337 76.22 -18.28 11.95
CA LYS D 337 76.38 -18.55 10.54
C LYS D 337 77.21 -19.81 10.38
N ILE D 338 76.83 -20.67 9.44
CA ILE D 338 77.57 -21.88 9.09
C ILE D 338 77.61 -21.94 7.57
N ALA D 339 78.80 -21.84 6.99
CA ALA D 339 78.94 -21.62 5.56
C ALA D 339 79.00 -22.92 4.76
N SER D 340 78.30 -22.91 3.62
CA SER D 340 78.13 -24.02 2.69
C SER D 340 79.13 -23.95 1.54
N ARG D 341 78.75 -24.58 0.40
CA ARG D 341 79.42 -24.55 -0.92
C ARG D 341 80.62 -25.47 -0.98
N HIS D 342 80.70 -26.45 -0.11
CA HIS D 342 81.93 -27.18 0.01
C HIS D 342 81.65 -28.54 0.63
N ILE D 343 82.54 -29.50 0.36
CA ILE D 343 82.47 -30.79 1.03
C ILE D 343 83.00 -30.57 2.44
N ILE D 344 82.10 -30.30 3.37
CA ILE D 344 82.47 -30.00 4.74
C ILE D 344 81.98 -31.13 5.63
N THR D 345 82.92 -31.90 6.14
CA THR D 345 82.69 -32.86 7.20
C THR D 345 83.78 -32.56 8.22
N GLY D 346 83.96 -33.42 9.21
CA GLY D 346 85.28 -33.43 9.80
C GLY D 346 86.32 -34.14 8.95
N VAL D 347 85.88 -34.70 7.83
CA VAL D 347 86.69 -35.16 6.72
C VAL D 347 86.98 -33.88 5.93
N PRO D 348 87.71 -33.90 4.79
CA PRO D 348 89.03 -33.27 4.73
C PRO D 348 89.30 -31.92 5.42
N GLU D 349 88.29 -31.19 5.90
CA GLU D 349 88.51 -29.91 6.55
C GLU D 349 89.28 -30.02 7.87
N ASN D 350 89.27 -31.19 8.51
CA ASN D 350 90.12 -31.52 9.66
C ASN D 350 89.83 -30.60 10.85
N ASP D 351 88.56 -30.27 11.04
CA ASP D 351 88.18 -29.33 12.08
C ASP D 351 87.49 -30.14 13.18
N TRP D 352 88.29 -30.60 14.14
CA TRP D 352 87.79 -31.43 15.21
C TRP D 352 87.96 -30.81 16.59
N SER D 353 89.21 -30.55 17.01
CA SER D 353 89.50 -30.01 18.34
C SER D 353 89.20 -28.52 18.33
N LEU D 354 87.93 -28.18 18.38
CA LEU D 354 87.46 -26.87 17.97
C LEU D 354 86.99 -26.13 19.21
N ALA D 355 87.86 -25.31 19.77
CA ALA D 355 87.52 -24.50 20.94
C ALA D 355 86.84 -23.22 20.47
N VAL D 356 85.68 -23.41 19.85
CA VAL D 356 85.01 -22.38 19.06
C VAL D 356 84.46 -21.30 19.99
N PRO D 357 84.73 -20.02 19.72
CA PRO D 357 84.22 -18.93 20.57
C PRO D 357 82.72 -18.69 20.44
N ALA D 358 82.24 -17.59 21.01
CA ALA D 358 80.81 -17.27 21.00
C ALA D 358 80.57 -16.00 20.19
N GLY D 359 79.44 -15.97 19.49
CA GLY D 359 79.00 -14.76 18.82
C GLY D 359 79.76 -14.42 17.57
N VAL D 360 80.27 -15.42 16.86
CA VAL D 360 81.08 -15.20 15.67
C VAL D 360 80.37 -15.99 14.56
N CYS D 361 80.95 -16.05 13.36
CA CYS D 361 80.32 -16.65 12.19
C CYS D 361 81.28 -17.61 11.50
N VAL D 362 80.99 -18.91 11.59
CA VAL D 362 81.54 -19.91 10.69
C VAL D 362 81.11 -19.57 9.28
N ASP D 363 82.05 -19.55 8.32
CA ASP D 363 83.33 -20.25 8.35
C ASP D 363 84.57 -19.61 8.97
N VAL D 364 85.70 -20.23 8.59
CA VAL D 364 86.65 -20.82 9.51
C VAL D 364 87.03 -20.00 10.73
N VAL D 365 86.79 -20.57 11.91
CA VAL D 365 87.16 -20.14 13.26
C VAL D 365 87.23 -21.33 14.21
N PRO D 366 88.35 -22.10 14.24
CA PRO D 366 88.46 -23.23 15.17
C PRO D 366 88.47 -22.84 16.64
N MET D 367 89.20 -21.78 16.95
CA MET D 367 89.25 -21.21 18.27
C MET D 367 89.60 -19.73 18.12
N GLY D 368 89.98 -19.09 19.21
CA GLY D 368 90.34 -17.69 19.16
C GLY D 368 89.27 -16.77 19.68
N ASP D 369 89.48 -15.47 19.44
CA ASP D 369 88.57 -14.44 19.94
C ASP D 369 88.26 -13.46 18.84
N LYS D 370 87.03 -13.54 18.31
CA LYS D 370 86.33 -12.46 17.61
C LYS D 370 87.08 -12.01 16.36
N GLY D 371 87.20 -12.94 15.41
CA GLY D 371 87.75 -12.65 14.10
C GLY D 371 86.67 -12.33 13.08
N PHE D 372 87.07 -12.37 11.80
CA PHE D 372 86.17 -12.12 10.67
C PHE D 372 86.74 -12.87 9.46
N VAL D 373 86.27 -14.11 9.26
CA VAL D 373 86.66 -14.96 8.13
C VAL D 373 85.43 -15.29 7.32
N ALA D 374 85.42 -14.85 6.06
CA ALA D 374 84.35 -15.12 5.12
C ALA D 374 84.63 -16.46 4.42
N ARG D 375 84.01 -16.66 3.25
CA ARG D 375 83.82 -17.85 2.39
C ARG D 375 85.08 -18.74 2.29
N PRO D 376 84.95 -20.10 2.07
CA PRO D 376 85.75 -21.07 2.86
C PRO D 376 87.26 -21.05 2.67
N TYR D 377 87.92 -20.21 3.46
CA TYR D 377 89.35 -20.31 3.69
C TYR D 377 89.74 -21.72 4.14
N GLY D 378 90.92 -22.19 3.71
CA GLY D 378 91.30 -23.59 3.90
C GLY D 378 92.38 -23.83 4.94
N LEU D 379 92.30 -24.99 5.61
CA LEU D 379 93.19 -25.32 6.72
C LEU D 379 93.72 -26.73 6.55
N ASP D 380 94.52 -27.15 7.53
CA ASP D 380 94.36 -28.48 8.11
C ASP D 380 94.07 -28.40 9.61
N ASP D 381 95.06 -28.01 10.41
CA ASP D 381 94.93 -27.79 11.84
C ASP D 381 95.66 -26.56 12.30
N VAL D 382 96.59 -26.05 11.49
CA VAL D 382 97.65 -25.15 11.93
C VAL D 382 97.07 -23.80 12.33
N PHE D 383 95.90 -23.47 11.80
CA PHE D 383 95.29 -22.16 11.89
C PHE D 383 94.83 -21.81 13.31
N LYS D 384 94.75 -22.78 14.23
CA LYS D 384 94.20 -22.65 15.59
C LYS D 384 94.99 -21.63 16.53
N GLY D 385 95.95 -20.82 16.09
CA GLY D 385 96.76 -20.03 17.01
C GLY D 385 96.57 -18.53 17.09
N ASP D 386 96.68 -17.81 15.97
CA ASP D 386 96.69 -16.34 15.98
C ASP D 386 95.29 -15.76 15.90
N LEU D 387 94.31 -16.47 16.47
CA LEU D 387 92.92 -16.10 16.29
C LEU D 387 92.34 -15.37 17.49
N ARG D 388 93.12 -15.21 18.55
CA ARG D 388 92.71 -14.31 19.62
C ARG D 388 93.06 -12.87 19.29
N ASP D 389 93.68 -12.66 18.14
CA ASP D 389 93.86 -11.35 17.52
C ASP D 389 92.47 -10.85 17.13
N SER D 390 91.85 -10.11 18.03
CA SER D 390 90.45 -9.71 17.88
C SER D 390 90.32 -8.45 17.02
N LYS D 391 89.12 -8.29 16.45
CA LYS D 391 88.71 -7.14 15.63
C LYS D 391 89.64 -6.93 14.44
N THR D 392 89.85 -8.02 13.71
CA THR D 392 90.57 -8.01 12.45
C THR D 392 89.62 -8.45 11.35
N THR D 393 89.89 -8.03 10.12
CA THR D 393 89.04 -8.31 8.97
C THR D 393 89.81 -9.14 7.94
N LEU D 394 89.32 -10.35 7.66
CA LEU D 394 89.95 -11.24 6.68
C LEU D 394 88.83 -11.90 5.90
N THR D 395 88.35 -11.22 4.86
CA THR D 395 87.32 -11.79 3.99
C THR D 395 87.93 -12.98 3.27
N GLY D 396 87.51 -14.18 3.68
CA GLY D 396 88.21 -15.43 3.37
C GLY D 396 88.11 -15.85 1.92
N ILE D 397 87.32 -15.16 1.12
CA ILE D 397 87.25 -15.36 -0.33
C ILE D 397 87.90 -14.15 -0.97
N PRO D 398 88.45 -14.27 -2.18
CA PRO D 398 88.70 -13.07 -2.97
C PRO D 398 87.44 -12.51 -3.62
N SER D 467 76.89 -23.55 -6.80
CA SER D 467 76.88 -24.90 -7.36
C SER D 467 76.67 -25.92 -6.26
N ALA D 468 77.65 -26.02 -5.35
CA ALA D 468 77.46 -26.84 -4.17
C ALA D 468 76.45 -26.19 -3.22
N GLY D 469 76.23 -24.88 -3.37
CA GLY D 469 75.07 -24.25 -2.76
C GLY D 469 73.78 -24.63 -3.47
N ALA D 470 73.80 -24.68 -4.79
CA ALA D 470 72.65 -25.22 -5.51
C ALA D 470 72.50 -26.70 -5.23
N ASN D 471 73.62 -27.38 -4.98
CA ASN D 471 73.53 -28.77 -4.52
C ASN D 471 72.97 -28.86 -3.12
N LEU D 472 73.22 -27.85 -2.28
CA LEU D 472 72.60 -27.80 -0.96
C LEU D 472 71.10 -27.65 -1.09
N LYS D 473 70.68 -26.78 -2.01
CA LYS D 473 69.26 -26.61 -2.27
C LYS D 473 68.64 -27.90 -2.84
N ARG D 474 69.38 -28.58 -3.71
CA ARG D 474 68.86 -29.80 -4.33
C ARG D 474 68.77 -30.93 -3.31
N LEU D 475 69.78 -31.06 -2.46
CA LEU D 475 69.72 -32.02 -1.37
C LEU D 475 68.64 -31.66 -0.37
N TYR D 476 68.42 -30.38 -0.15
CA TYR D 476 67.40 -29.94 0.79
C TYR D 476 66.01 -30.24 0.28
N ALA D 477 65.80 -30.07 -1.02
CA ALA D 477 64.52 -30.39 -1.63
C ALA D 477 64.36 -31.86 -1.97
N GLN D 478 65.41 -32.67 -1.77
CA GLN D 478 65.28 -34.11 -2.01
C GLN D 478 64.33 -34.76 -1.01
N ARG D 479 64.69 -34.73 0.27
CA ARG D 479 63.89 -35.43 1.27
C ARG D 479 62.79 -34.59 1.83
N GLU D 480 62.48 -33.46 1.18
CA GLU D 480 61.42 -32.61 1.68
C GLU D 480 60.07 -33.30 1.61
N GLU D 481 59.74 -33.90 0.46
CA GLU D 481 58.50 -34.67 0.37
C GLU D 481 58.56 -35.94 1.20
N PHE D 482 59.76 -36.48 1.43
CA PHE D 482 59.91 -37.62 2.32
C PHE D 482 59.51 -37.26 3.74
N ARG D 483 60.06 -36.18 4.26
CA ARG D 483 59.66 -35.74 5.59
C ARG D 483 58.27 -35.10 5.58
N LYS D 484 57.77 -34.71 4.41
CA LYS D 484 56.36 -34.34 4.33
C LYS D 484 55.48 -35.54 4.50
N GLY D 485 55.89 -36.68 3.94
CA GLY D 485 55.20 -37.93 4.22
C GLY D 485 55.35 -38.31 5.69
N ASN D 486 56.49 -37.99 6.27
CA ASN D 486 56.68 -38.20 7.70
C ASN D 486 55.75 -37.33 8.52
N TRP D 487 55.49 -36.11 8.06
CA TRP D 487 54.57 -35.21 8.76
C TRP D 487 53.13 -35.61 8.49
N LYS D 488 52.88 -36.17 7.31
CA LYS D 488 51.63 -36.82 6.93
C LYS D 488 51.44 -38.13 7.66
N ALA D 489 52.47 -38.59 8.34
CA ALA D 489 52.33 -39.56 9.41
C ALA D 489 52.25 -38.91 10.79
N LEU D 490 52.88 -37.74 10.96
CA LEU D 490 53.18 -37.26 12.31
C LEU D 490 51.96 -36.66 12.97
N ALA D 491 51.49 -35.54 12.45
CA ALA D 491 50.16 -35.08 12.81
C ALA D 491 49.21 -35.35 11.66
N VAL D 492 49.70 -35.97 10.58
CA VAL D 492 48.94 -36.60 9.51
C VAL D 492 48.17 -35.63 8.62
N ASN D 493 48.19 -34.35 8.97
CA ASN D 493 47.77 -33.26 8.10
C ASN D 493 48.71 -32.09 8.20
N HIS D 494 49.69 -32.15 9.11
CA HIS D 494 50.66 -31.11 9.34
C HIS D 494 51.44 -30.76 8.10
N GLU D 495 51.62 -31.72 7.21
CA GLU D 495 52.02 -31.44 5.84
C GLU D 495 50.83 -31.38 4.91
N LYS D 496 49.82 -32.22 5.15
CA LYS D 496 48.75 -32.35 4.18
C LYS D 496 47.80 -31.17 4.25
N SER D 497 46.97 -31.14 5.28
CA SER D 497 45.94 -30.12 5.31
C SER D 497 46.42 -28.89 6.05
N VAL D 498 47.59 -28.45 5.68
CA VAL D 498 48.09 -27.18 6.18
C VAL D 498 48.22 -26.20 5.04
N PHE D 499 48.86 -26.60 3.96
CA PHE D 499 48.59 -25.94 2.70
C PHE D 499 48.31 -26.91 1.58
N TYR D 500 49.03 -28.04 1.56
CA TYR D 500 49.17 -28.92 0.42
C TYR D 500 49.53 -28.16 -0.86
N GLN D 501 50.26 -27.05 -0.73
CA GLN D 501 50.27 -26.00 -1.73
C GLN D 501 50.93 -26.42 -3.05
N LEU D 502 51.85 -27.38 -2.98
CA LEU D 502 52.63 -27.77 -4.14
C LEU D 502 52.06 -28.98 -4.85
N ASP D 503 50.72 -29.10 -4.86
CA ASP D 503 49.92 -30.28 -5.20
C ASP D 503 50.44 -31.14 -6.33
N LEU D 504 50.59 -30.53 -7.50
CA LEU D 504 51.12 -31.24 -8.65
C LEU D 504 52.60 -31.55 -8.51
N ALA D 505 53.40 -30.58 -8.10
CA ALA D 505 54.82 -30.84 -7.90
C ALA D 505 55.03 -31.73 -6.68
N ASP D 506 54.14 -31.67 -5.69
CA ASP D 506 54.21 -32.62 -4.60
C ASP D 506 53.91 -34.03 -5.05
N ALA D 507 52.91 -34.19 -5.92
CA ALA D 507 52.48 -35.49 -6.39
C ALA D 507 53.55 -36.10 -7.29
N ALA D 508 53.92 -35.36 -8.33
CA ALA D 508 54.87 -35.87 -9.31
C ALA D 508 56.27 -35.89 -8.73
N GLU D 509 56.80 -34.73 -8.41
CA GLU D 509 58.13 -34.71 -7.86
C GLU D 509 58.11 -35.13 -6.39
N ASP D 510 59.02 -36.03 -6.03
CA ASP D 510 59.88 -36.74 -6.97
C ASP D 510 59.39 -38.16 -7.03
N PHE D 511 59.22 -38.76 -5.85
CA PHE D 511 58.68 -40.11 -5.74
C PHE D 511 57.68 -40.19 -4.62
N VAL D 512 56.91 -39.12 -4.41
CA VAL D 512 55.91 -39.13 -3.37
C VAL D 512 54.78 -40.06 -3.75
N ARG D 513 54.69 -41.19 -3.04
CA ARG D 513 53.66 -42.19 -3.30
C ARG D 513 52.44 -41.87 -2.44
N LEU D 514 51.40 -41.33 -3.05
CA LEU D 514 50.23 -40.89 -2.32
C LEU D 514 49.24 -42.00 -2.03
N GLY D 515 49.63 -43.25 -2.22
CA GLY D 515 48.86 -44.32 -1.61
C GLY D 515 49.00 -44.27 -0.10
N LEU D 516 50.12 -43.76 0.41
CA LEU D 516 50.21 -43.42 1.81
C LEU D 516 49.19 -42.37 2.18
N ASP D 517 48.92 -41.43 1.26
CA ASP D 517 47.84 -40.49 1.50
C ASP D 517 46.49 -41.17 1.46
N MET D 518 46.30 -42.20 0.64
CA MET D 518 45.09 -43.00 0.75
C MET D 518 45.00 -43.76 2.07
N PRO D 519 46.14 -44.21 2.57
CA PRO D 519 46.15 -44.97 3.80
C PRO D 519 45.84 -44.09 5.00
N GLU D 520 46.56 -42.97 5.13
CA GLU D 520 46.30 -42.02 6.20
C GLU D 520 45.00 -41.28 6.00
N LEU D 521 44.48 -41.25 4.77
CA LEU D 521 43.10 -40.87 4.55
C LEU D 521 42.17 -41.83 5.26
N LEU D 522 42.47 -43.12 5.17
CA LEU D 522 41.65 -44.10 5.85
C LEU D 522 42.30 -44.47 7.17
N PRO D 523 42.87 -43.48 7.87
CA PRO D 523 43.68 -43.73 9.06
C PRO D 523 42.88 -44.47 10.10
N GLU D 524 41.92 -43.80 10.71
CA GLU D 524 40.72 -44.51 11.10
C GLU D 524 39.58 -43.73 10.50
N ASP D 525 39.56 -42.47 10.90
CA ASP D 525 38.61 -41.44 10.56
C ASP D 525 39.27 -40.25 11.22
N ALA D 526 39.14 -39.07 10.66
CA ALA D 526 40.03 -37.99 11.01
C ALA D 526 39.20 -36.73 11.01
N LEU D 527 39.86 -35.60 10.87
CA LEU D 527 39.21 -34.58 10.08
C LEU D 527 38.95 -35.28 8.77
N GLN D 528 37.71 -35.50 8.48
CA GLN D 528 37.38 -36.00 7.18
C GLN D 528 37.63 -35.01 6.16
N MET D 529 37.64 -33.75 6.58
CA MET D 529 38.46 -32.73 5.94
C MET D 529 39.84 -33.27 5.62
N SER D 530 40.64 -33.61 6.63
CA SER D 530 42.01 -34.02 6.36
C SER D 530 42.04 -35.40 5.77
N ARG D 531 41.10 -36.25 6.17
CA ARG D 531 41.05 -37.59 5.61
C ARG D 531 40.77 -37.53 4.13
N ILE D 532 39.69 -36.86 3.76
CA ILE D 532 39.35 -36.67 2.36
C ILE D 532 40.38 -35.82 1.67
N HIS D 533 41.08 -34.98 2.40
CA HIS D 533 42.14 -34.19 1.83
C HIS D 533 43.28 -35.07 1.41
N ASN D 534 43.61 -36.04 2.25
CA ASN D 534 44.64 -37.00 1.91
C ASN D 534 44.17 -37.91 0.80
N ARG D 535 42.90 -38.29 0.84
CA ARG D 535 42.36 -39.12 -0.22
C ARG D 535 42.34 -38.36 -1.53
N MET D 536 42.13 -37.06 -1.46
CA MET D 536 42.15 -36.27 -2.66
C MET D 536 43.56 -35.95 -3.06
N LEU D 537 44.50 -36.00 -2.13
CA LEU D 537 45.90 -35.91 -2.52
C LEU D 537 46.29 -37.12 -3.30
N ARG D 538 45.81 -38.29 -2.84
CA ARG D 538 45.94 -39.52 -3.59
C ARG D 538 45.28 -39.37 -4.95
N ALA D 539 44.11 -38.75 -4.97
CA ALA D 539 43.41 -38.52 -6.21
C ALA D 539 44.17 -37.58 -7.10
N ARG D 540 44.79 -36.58 -6.50
CA ARG D 540 45.52 -35.58 -7.24
C ARG D 540 46.76 -36.19 -7.82
N ILE D 541 47.34 -37.16 -7.12
CA ILE D 541 48.49 -37.86 -7.67
C ILE D 541 48.06 -38.76 -8.81
N LEU D 542 47.08 -39.62 -8.57
CA LEU D 542 46.66 -40.62 -9.51
C LEU D 542 46.07 -40.01 -10.77
N LYS D 543 45.40 -38.89 -10.62
CA LYS D 543 45.01 -38.12 -11.78
C LYS D 543 46.20 -37.41 -12.37
N LEU D 544 47.04 -36.85 -11.52
CA LEU D 544 48.05 -35.93 -11.98
C LEU D 544 49.25 -36.65 -12.56
N ASP D 545 49.63 -37.79 -11.99
CA ASP D 545 50.74 -38.51 -12.57
C ASP D 545 50.36 -39.04 -13.94
N GLY D 546 49.62 -40.09 -13.98
CA GLY D 546 48.86 -40.41 -15.18
C GLY D 546 47.53 -41.06 -14.88
N LYS D 547 47.49 -41.93 -13.88
CA LYS D 547 46.99 -43.28 -14.08
C LYS D 547 45.48 -43.40 -14.10
N ASP D 548 44.81 -43.14 -13.00
CA ASP D 548 43.43 -43.56 -12.84
C ASP D 548 42.59 -42.40 -12.38
N TYR D 549 42.72 -41.27 -13.10
CA TYR D 549 42.04 -40.01 -12.87
C TYR D 549 40.57 -40.18 -12.60
N ARG D 550 39.92 -40.97 -13.44
CA ARG D 550 38.53 -41.34 -13.25
C ARG D 550 38.30 -42.10 -11.97
N PRO D 551 39.16 -43.05 -11.65
CA PRO D 551 39.06 -43.67 -10.34
C PRO D 551 39.55 -42.73 -9.26
N GLU D 552 40.51 -41.87 -9.60
CA GLU D 552 40.94 -40.86 -8.65
C GLU D 552 39.81 -39.89 -8.38
N GLU D 553 39.12 -39.47 -9.43
CA GLU D 553 37.90 -38.69 -9.27
C GLU D 553 36.82 -39.46 -8.54
N GLN D 554 36.74 -40.76 -8.76
CA GLN D 554 35.72 -41.56 -8.09
C GLN D 554 36.02 -41.64 -6.61
N ALA D 555 37.28 -41.86 -6.27
CA ALA D 555 37.71 -41.91 -4.89
C ALA D 555 37.50 -40.59 -4.20
N ALA D 556 37.82 -39.51 -4.90
CA ALA D 556 37.58 -38.18 -4.36
C ALA D 556 36.10 -37.91 -4.25
N PHE D 557 35.32 -38.44 -5.17
CA PHE D 557 33.89 -38.19 -5.17
C PHE D 557 33.22 -38.91 -4.02
N ASP D 558 33.57 -40.18 -3.84
CA ASP D 558 33.04 -40.95 -2.75
C ASP D 558 33.50 -40.41 -1.42
N LEU D 559 34.75 -39.98 -1.33
CA LEU D 559 35.24 -39.37 -0.11
C LEU D 559 34.58 -38.02 0.11
N LEU D 560 34.24 -37.34 -0.97
CA LEU D 560 33.56 -36.07 -0.87
C LEU D 560 32.17 -36.29 -0.34
N ARG D 561 31.52 -37.34 -0.81
CA ARG D 561 30.21 -37.69 -0.31
C ARG D 561 30.29 -38.08 1.15
N ASP D 562 31.25 -38.95 1.46
CA ASP D 562 31.44 -39.47 2.80
C ASP D 562 31.76 -38.36 3.77
N GLY D 563 32.49 -37.38 3.29
CA GLY D 563 32.73 -36.15 3.98
C GLY D 563 31.45 -35.41 4.28
N LEU D 564 30.55 -35.36 3.32
CA LEU D 564 29.29 -34.70 3.58
C LEU D 564 28.26 -35.65 4.12
N LEU D 565 28.55 -36.96 4.11
CA LEU D 565 27.62 -37.95 4.65
C LEU D 565 27.40 -37.73 6.12
N ASP D 566 28.44 -37.34 6.83
CA ASP D 566 28.27 -36.70 8.11
C ASP D 566 27.51 -35.40 7.91
N GLY D 567 26.32 -35.31 8.49
CA GLY D 567 25.74 -36.34 9.34
C GLY D 567 24.73 -35.62 10.17
N ILE D 568 23.54 -36.18 10.36
CA ILE D 568 22.43 -35.37 10.86
C ILE D 568 21.45 -36.25 11.61
N SER D 569 20.73 -35.64 12.54
CA SER D 569 19.49 -36.17 13.06
C SER D 569 18.49 -36.24 11.91
N ASN D 570 17.98 -37.42 11.59
CA ASN D 570 18.21 -38.59 12.42
C ASN D 570 19.02 -39.73 11.71
N ARG D 571 18.69 -40.32 10.54
CA ARG D 571 17.51 -40.17 9.68
C ARG D 571 16.34 -40.94 10.24
N LYS D 572 15.21 -40.26 10.24
CA LYS D 572 14.11 -40.61 11.11
C LYS D 572 13.26 -41.75 10.61
N SER D 573 12.04 -41.76 11.14
CA SER D 573 11.05 -42.78 10.83
C SER D 573 9.61 -42.30 10.71
N THR D 574 9.36 -41.00 10.51
CA THR D 574 8.13 -40.38 10.99
C THR D 574 6.90 -40.69 10.14
N PRO D 575 5.81 -41.13 10.73
CA PRO D 575 4.53 -41.23 10.03
C PRO D 575 3.79 -39.91 9.95
N LYS D 576 4.01 -39.23 8.86
CA LYS D 576 3.35 -37.98 8.54
C LYS D 576 1.84 -38.23 8.46
N LEU D 577 0.99 -37.25 8.76
CA LEU D 577 -0.44 -37.52 8.76
C LEU D 577 -1.29 -36.45 8.08
N ASP D 578 -0.89 -35.20 8.33
CA ASP D 578 -1.73 -34.01 8.48
C ASP D 578 -2.98 -33.84 7.62
N VAL D 579 -2.85 -34.10 6.33
CA VAL D 579 -3.03 -33.09 5.27
C VAL D 579 -4.17 -32.05 5.50
N TYR D 580 -5.44 -32.40 5.80
CA TYR D 580 -6.19 -33.61 5.55
C TYR D 580 -6.75 -33.52 4.13
N SER D 581 -7.60 -34.48 3.77
CA SER D 581 -7.88 -34.96 2.41
C SER D 581 -8.10 -33.93 1.33
N ASP D 582 -9.20 -33.21 1.50
CA ASP D 582 -9.71 -32.15 0.67
C ASP D 582 -8.73 -31.03 0.39
N GLN D 583 -7.69 -30.90 1.18
CA GLN D 583 -6.84 -29.74 1.12
C GLN D 583 -5.96 -29.75 -0.10
N ILE D 584 -5.41 -28.59 -0.35
CA ILE D 584 -4.29 -28.50 -1.27
C ILE D 584 -3.23 -27.65 -0.60
N VAL D 585 -2.08 -28.13 -0.63
CA VAL D 585 -0.97 -27.44 -0.04
C VAL D 585 -0.17 -26.84 -1.16
N TRP D 586 -0.03 -25.54 -1.09
CA TRP D 586 0.68 -24.83 -2.12
C TRP D 586 1.78 -24.03 -1.48
N GLY D 587 2.99 -24.28 -1.91
CA GLY D 587 4.16 -23.54 -1.47
C GLY D 587 4.67 -22.64 -2.58
N ARG D 588 5.68 -21.83 -2.26
CA ARG D 588 6.09 -20.73 -3.11
C ARG D 588 7.32 -20.08 -2.52
N SER D 589 8.11 -19.45 -3.35
CA SER D 589 9.38 -18.94 -2.86
C SER D 589 10.02 -17.86 -3.71
N PRO D 590 10.55 -16.86 -3.13
CA PRO D 590 11.30 -15.88 -3.90
C PRO D 590 12.66 -16.39 -4.29
N VAL D 591 13.43 -15.59 -5.02
CA VAL D 591 14.69 -16.05 -5.57
C VAL D 591 15.80 -15.12 -5.19
N ARG D 592 16.83 -15.68 -4.58
CA ARG D 592 18.02 -14.94 -4.20
C ARG D 592 18.69 -14.35 -5.41
N ILE D 593 19.49 -13.33 -5.17
CA ILE D 593 20.73 -13.15 -5.89
C ILE D 593 21.73 -12.88 -4.80
N ASP D 594 22.98 -12.90 -5.18
CA ASP D 594 24.06 -12.65 -4.24
C ASP D 594 24.75 -11.39 -4.68
N MET D 595 24.66 -10.34 -3.87
CA MET D 595 25.31 -9.10 -4.24
C MET D 595 26.80 -9.29 -4.17
N ALA D 596 27.28 -9.68 -3.04
CA ALA D 596 28.67 -10.01 -2.89
C ALA D 596 28.71 -11.39 -2.31
N GLY D 597 29.86 -11.74 -1.74
CA GLY D 597 30.02 -12.90 -0.89
C GLY D 597 29.81 -14.15 -1.70
N GLY D 598 30.69 -14.34 -2.66
CA GLY D 598 30.43 -15.16 -3.82
C GLY D 598 30.68 -16.58 -3.43
N TRP D 599 31.70 -17.20 -3.96
CA TRP D 599 31.81 -18.62 -3.74
C TRP D 599 32.50 -18.97 -2.43
N THR D 600 32.46 -18.07 -1.45
CA THR D 600 32.72 -18.36 -0.04
C THR D 600 31.75 -19.35 0.55
N ASP D 601 30.71 -19.67 -0.18
CA ASP D 601 29.84 -20.82 -0.01
C ASP D 601 30.61 -22.05 -0.48
N THR D 602 29.91 -23.15 -0.76
CA THR D 602 30.36 -24.23 -1.62
C THR D 602 31.56 -24.98 -1.08
N PRO D 603 31.35 -25.94 -0.18
CA PRO D 603 32.41 -26.85 0.24
C PRO D 603 33.15 -27.42 -0.95
N PRO D 604 34.46 -27.24 -1.05
CA PRO D 604 35.36 -26.64 -0.06
C PRO D 604 35.28 -25.13 0.02
N TYR D 605 35.02 -24.70 1.24
CA TYR D 605 34.89 -23.31 1.60
C TYR D 605 36.27 -22.70 1.66
N SER D 606 36.49 -21.80 2.59
CA SER D 606 37.84 -21.76 3.14
C SER D 606 38.33 -23.19 3.35
N LEU D 607 37.70 -23.94 4.25
CA LEU D 607 37.43 -25.35 3.97
C LEU D 607 35.97 -25.71 4.20
N TYR D 608 35.28 -25.33 5.29
CA TYR D 608 35.67 -25.18 6.72
C TYR D 608 36.75 -24.16 7.15
N SER D 609 36.47 -22.87 7.29
CA SER D 609 35.26 -22.25 7.83
C SER D 609 35.36 -20.80 7.43
N GLY D 610 34.27 -20.08 7.26
CA GLY D 610 32.98 -20.60 7.00
C GLY D 610 32.87 -20.05 5.63
N GLY D 611 32.14 -18.96 5.54
CA GLY D 611 32.17 -18.11 4.38
C GLY D 611 31.67 -16.78 4.87
N ASN D 612 31.00 -16.04 4.01
CA ASN D 612 29.71 -15.39 4.24
C ASN D 612 29.37 -14.64 2.99
N VAL D 613 28.08 -14.49 2.76
CA VAL D 613 27.58 -14.31 1.41
C VAL D 613 26.89 -12.99 1.22
N VAL D 614 26.47 -12.35 2.28
CA VAL D 614 25.17 -11.76 2.46
C VAL D 614 24.47 -11.42 1.17
N ASN D 615 23.30 -11.99 0.95
CA ASN D 615 22.91 -11.95 -0.45
C ASN D 615 21.71 -11.07 -0.77
N LEU D 616 20.47 -11.57 -0.62
CA LEU D 616 19.15 -10.95 -0.53
C LEU D 616 18.17 -12.10 -0.76
N ALA D 617 16.87 -11.81 -0.83
CA ALA D 617 15.94 -12.85 -1.24
C ALA D 617 14.73 -12.23 -1.92
N ILE D 618 14.75 -12.15 -3.25
CA ILE D 618 13.76 -11.29 -3.91
C ILE D 618 12.99 -12.00 -5.00
N GLU D 619 12.14 -11.22 -5.66
CA GLU D 619 10.92 -11.75 -6.21
C GLU D 619 10.81 -11.28 -7.65
N LEU D 620 10.39 -12.16 -8.53
CA LEU D 620 10.06 -11.69 -9.86
C LEU D 620 8.60 -11.48 -10.01
N ASN D 621 8.27 -10.46 -10.76
CA ASN D 621 7.16 -9.54 -10.54
C ASN D 621 6.00 -10.07 -9.71
N GLY D 622 5.59 -11.27 -10.00
CA GLY D 622 4.61 -12.04 -9.29
C GLY D 622 4.51 -13.09 -10.34
N GLN D 623 4.44 -14.36 -10.02
CA GLN D 623 4.38 -14.96 -8.71
C GLN D 623 5.83 -15.15 -8.15
N PRO D 624 6.08 -15.73 -6.95
CA PRO D 624 7.36 -15.50 -6.29
C PRO D 624 8.59 -15.98 -7.02
N PRO D 625 8.51 -16.91 -7.98
CA PRO D 625 7.81 -18.04 -8.53
C PRO D 625 8.23 -19.20 -7.73
N LEU D 626 8.48 -20.33 -8.40
CA LEU D 626 9.01 -21.52 -7.78
C LEU D 626 7.98 -22.05 -6.84
N GLN D 627 6.90 -22.56 -7.38
CA GLN D 627 5.81 -22.83 -6.50
C GLN D 627 5.28 -24.22 -6.72
N VAL D 628 4.89 -24.81 -5.61
CA VAL D 628 4.77 -26.24 -5.53
C VAL D 628 3.41 -26.57 -4.96
N TYR D 629 2.77 -27.53 -5.58
CA TYR D 629 1.46 -27.97 -5.19
C TYR D 629 1.61 -29.43 -4.90
N VAL D 630 0.84 -29.94 -3.98
CA VAL D 630 1.06 -31.30 -3.58
C VAL D 630 -0.23 -31.84 -3.01
N LYS D 631 -0.61 -33.03 -3.41
CA LYS D 631 -1.92 -33.41 -2.99
C LYS D 631 -2.07 -34.89 -2.76
N PRO D 632 -2.96 -35.25 -1.90
CA PRO D 632 -3.42 -36.64 -1.84
C PRO D 632 -4.31 -37.02 -2.99
N CYS D 633 -4.47 -38.31 -3.18
CA CYS D 633 -5.17 -38.91 -4.30
C CYS D 633 -5.66 -40.28 -3.86
N LYS D 634 -5.84 -41.15 -4.83
CA LYS D 634 -6.62 -42.35 -4.61
C LYS D 634 -5.89 -43.63 -4.96
N ASP D 635 -4.60 -43.57 -5.27
CA ASP D 635 -4.09 -44.47 -6.27
C ASP D 635 -2.59 -44.65 -6.07
N PHE D 636 -2.20 -45.74 -5.43
CA PHE D 636 -1.11 -45.70 -4.47
C PHE D 636 0.25 -45.61 -5.16
N HIS D 637 0.39 -44.61 -5.99
CA HIS D 637 1.57 -44.48 -6.83
C HIS D 637 1.97 -43.03 -6.85
N ILE D 638 3.10 -42.74 -6.26
CA ILE D 638 3.45 -41.36 -6.02
C ILE D 638 3.82 -40.68 -7.31
N VAL D 639 2.95 -39.80 -7.76
CA VAL D 639 3.13 -39.18 -9.05
C VAL D 639 3.89 -37.91 -8.83
N LEU D 640 5.00 -37.81 -9.50
CA LEU D 640 5.62 -36.51 -9.56
C LEU D 640 5.19 -35.86 -10.85
N ARG D 641 4.80 -34.62 -10.74
CA ARG D 641 4.21 -33.98 -11.88
C ARG D 641 4.86 -32.63 -12.07
N SER D 642 5.39 -32.40 -13.24
CA SER D 642 6.05 -31.13 -13.44
C SER D 642 5.40 -30.37 -14.56
N ILE D 643 5.82 -29.13 -14.67
CA ILE D 643 5.32 -28.20 -15.66
C ILE D 643 6.53 -27.43 -16.12
N ASP D 644 6.51 -27.14 -17.42
CA ASP D 644 7.47 -26.69 -18.43
C ASP D 644 8.24 -27.87 -18.96
N MET D 645 8.08 -29.02 -18.32
CA MET D 645 8.64 -30.23 -18.89
C MET D 645 7.75 -31.43 -18.68
N GLY D 646 6.97 -31.41 -17.60
CA GLY D 646 6.60 -32.63 -16.94
C GLY D 646 5.44 -33.27 -17.63
N ALA D 647 5.65 -34.51 -18.05
CA ALA D 647 4.48 -35.33 -18.28
C ALA D 647 4.02 -35.81 -16.91
N MET D 648 4.81 -36.67 -16.29
CA MET D 648 4.50 -37.29 -15.02
C MET D 648 5.75 -38.02 -14.61
N GLU D 649 5.80 -38.36 -13.33
CA GLU D 649 6.60 -39.48 -12.89
C GLU D 649 5.78 -40.34 -11.97
N ILE D 650 5.33 -41.45 -12.53
CA ILE D 650 4.64 -42.46 -11.77
C ILE D 650 5.69 -43.18 -10.95
N VAL D 651 5.54 -43.20 -9.64
CA VAL D 651 6.55 -43.81 -8.79
C VAL D 651 5.85 -44.56 -7.69
N SER D 652 6.11 -45.85 -7.59
CA SER D 652 6.20 -46.53 -6.30
C SER D 652 7.08 -47.77 -6.48
N THR D 653 8.37 -47.61 -6.25
CA THR D 653 9.23 -48.79 -6.40
C THR D 653 10.32 -49.12 -5.38
N PHE D 654 10.77 -48.25 -4.46
CA PHE D 654 11.02 -46.83 -4.56
C PHE D 654 11.68 -46.34 -5.86
N ASP D 655 12.86 -46.79 -6.30
CA ASP D 655 13.51 -48.07 -5.98
C ASP D 655 14.50 -48.05 -4.83
N GLU D 656 15.00 -46.89 -4.38
CA GLU D 656 16.12 -47.12 -3.47
C GLU D 656 16.08 -46.58 -2.03
N LEU D 657 15.71 -45.35 -1.69
CA LEU D 657 14.93 -44.37 -2.41
C LEU D 657 15.71 -43.16 -2.87
N GLN D 658 15.50 -42.75 -4.12
CA GLN D 658 15.14 -41.38 -4.38
C GLN D 658 15.94 -40.22 -3.75
N ASP D 659 17.16 -39.84 -4.16
CA ASP D 659 18.19 -40.49 -4.96
C ASP D 659 17.91 -40.94 -6.36
N TYR D 660 17.81 -40.02 -7.27
CA TYR D 660 18.22 -40.36 -8.62
C TYR D 660 19.00 -39.18 -9.18
N LYS D 661 20.28 -39.40 -9.37
CA LYS D 661 20.97 -38.72 -10.42
C LYS D 661 20.66 -39.40 -11.75
N LYS D 662 20.06 -40.59 -11.68
CA LYS D 662 19.36 -41.23 -12.78
C LYS D 662 18.29 -40.28 -13.26
N ILE D 663 17.76 -40.54 -14.47
CA ILE D 663 17.60 -39.59 -15.56
C ILE D 663 17.25 -38.21 -15.05
N GLY D 664 18.03 -37.22 -15.49
CA GLY D 664 17.98 -35.89 -14.94
C GLY D 664 16.75 -35.08 -15.31
N SER D 665 15.64 -35.76 -15.60
CA SER D 665 14.31 -35.24 -15.40
C SER D 665 14.31 -34.69 -14.00
N PRO D 666 14.10 -33.39 -13.86
CA PRO D 666 14.29 -32.72 -12.56
C PRO D 666 13.31 -33.14 -11.50
N PHE D 667 12.37 -33.98 -11.87
CA PHE D 667 11.81 -35.02 -11.05
C PHE D 667 12.79 -35.70 -10.11
N SER D 668 14.04 -35.83 -10.53
CA SER D 668 15.19 -36.02 -9.68
C SER D 668 15.12 -35.24 -8.36
N ILE D 669 14.74 -33.98 -8.41
CA ILE D 669 14.70 -33.21 -7.18
C ILE D 669 13.59 -33.69 -6.24
N PRO D 670 12.35 -33.94 -6.70
CA PRO D 670 11.39 -34.54 -5.79
C PRO D 670 11.71 -35.91 -5.29
N LYS D 671 12.59 -36.64 -5.97
CA LYS D 671 13.03 -37.91 -5.43
C LYS D 671 13.62 -37.70 -4.06
N ALA D 672 14.64 -36.85 -4.03
CA ALA D 672 15.24 -36.41 -2.81
C ALA D 672 14.25 -35.74 -1.87
N ALA D 673 13.19 -35.16 -2.41
CA ALA D 673 12.19 -34.66 -1.52
C ALA D 673 11.45 -35.80 -0.83
N LEU D 674 11.44 -36.98 -1.42
CA LEU D 674 10.92 -38.05 -0.59
C LEU D 674 11.96 -38.53 0.39
N SER D 675 13.21 -38.16 0.24
CA SER D 675 14.18 -38.49 1.27
C SER D 675 13.96 -37.60 2.49
N LEU D 676 12.92 -37.94 3.22
CA LEU D 676 12.56 -37.28 4.45
C LEU D 676 13.54 -37.75 5.49
N ALA D 677 13.51 -39.05 5.69
CA ALA D 677 14.62 -39.92 6.00
C ALA D 677 15.16 -40.66 4.78
N GLY D 678 14.36 -41.27 3.87
CA GLY D 678 12.91 -41.47 3.82
C GLY D 678 12.51 -42.85 4.25
N PHE D 679 13.27 -43.45 5.16
CA PHE D 679 12.94 -44.74 5.72
C PHE D 679 12.44 -44.60 7.14
N ALA D 680 12.22 -45.75 7.72
CA ALA D 680 11.41 -46.00 8.89
C ALA D 680 11.32 -47.51 9.11
N PRO D 681 10.90 -47.90 10.30
CA PRO D 681 10.12 -49.12 10.47
C PRO D 681 8.71 -48.97 9.91
N ALA D 682 8.11 -50.10 9.56
CA ALA D 682 8.74 -51.39 9.40
C ALA D 682 8.28 -51.76 8.04
N PHE D 683 8.18 -50.72 7.23
CA PHE D 683 7.52 -50.81 5.95
C PHE D 683 8.41 -51.54 4.97
N SER D 684 7.91 -51.70 3.76
CA SER D 684 8.67 -52.35 2.70
C SER D 684 8.30 -51.76 1.35
N ALA D 685 8.80 -52.44 0.32
CA ALA D 685 8.73 -51.93 -1.05
C ALA D 685 7.30 -51.94 -1.55
N VAL D 686 6.61 -53.07 -1.39
CA VAL D 686 5.21 -53.08 -1.68
C VAL D 686 4.47 -52.18 -0.70
N SER D 687 4.97 -52.11 0.53
CA SER D 687 4.22 -51.51 1.61
C SER D 687 4.60 -50.04 1.67
N TYR D 688 4.80 -49.45 0.51
CA TYR D 688 4.52 -48.04 0.42
C TYR D 688 3.03 -47.87 0.60
N ALA D 689 2.28 -48.89 0.17
CA ALA D 689 0.97 -49.20 0.71
C ALA D 689 0.89 -48.94 2.20
N SER D 690 1.81 -49.51 2.98
CA SER D 690 1.81 -49.20 4.39
C SER D 690 2.28 -47.79 4.63
N LEU D 691 3.27 -47.33 3.87
CA LEU D 691 3.84 -46.01 4.08
C LEU D 691 2.78 -44.94 4.00
N GLU D 692 2.20 -44.79 2.81
CA GLU D 692 1.04 -43.96 2.59
C GLU D 692 -0.10 -44.40 3.48
N GLU D 693 -0.55 -45.56 3.28
CA GLU D 693 -1.76 -46.00 3.87
C GLU D 693 -1.61 -46.53 5.22
N GLN D 694 -0.69 -45.99 5.99
CA GLN D 694 -0.94 -45.61 7.36
C GLN D 694 -0.53 -44.17 7.62
N LEU D 695 0.43 -43.68 6.84
CA LEU D 695 0.89 -42.31 6.98
C LEU D 695 -0.22 -41.34 6.69
N LYS D 696 -0.58 -41.19 5.43
CA LYS D 696 -1.37 -40.03 5.06
C LYS D 696 -2.82 -40.00 5.56
N ASP D 697 -3.55 -41.11 5.73
CA ASP D 697 -3.45 -42.51 5.30
C ASP D 697 -4.06 -42.52 3.91
N PHE D 698 -5.21 -41.86 3.79
CA PHE D 698 -5.59 -40.95 2.69
C PHE D 698 -5.07 -41.35 1.32
N GLY D 699 -5.62 -42.41 0.76
CA GLY D 699 -4.89 -43.40 0.00
C GLY D 699 -4.22 -42.92 -1.26
N ALA D 700 -3.28 -41.99 -1.09
CA ALA D 700 -2.82 -41.25 -2.24
C ALA D 700 -1.91 -42.02 -3.15
N GLY D 701 -0.74 -42.38 -2.65
CA GLY D 701 0.34 -42.49 -3.60
C GLY D 701 0.54 -41.10 -4.13
N ILE D 702 1.04 -40.22 -3.28
CA ILE D 702 0.85 -38.78 -3.28
C ILE D 702 1.20 -38.14 -4.61
N GLU D 703 0.48 -37.14 -5.02
CA GLU D 703 0.85 -36.59 -6.30
C GLU D 703 1.18 -35.13 -6.13
N VAL D 704 2.41 -34.83 -6.51
CA VAL D 704 3.10 -33.64 -6.08
C VAL D 704 3.47 -32.87 -7.30
N THR D 705 3.16 -31.60 -7.32
CA THR D 705 3.19 -30.93 -8.58
C THR D 705 3.82 -29.56 -8.42
N LEU D 706 5.02 -29.46 -8.90
CA LEU D 706 5.84 -28.28 -8.72
C LEU D 706 5.50 -27.29 -9.78
N LEU D 707 6.26 -26.20 -9.79
CA LEU D 707 6.37 -25.30 -10.93
C LEU D 707 7.57 -24.40 -10.75
N ALA D 708 8.50 -24.44 -11.69
CA ALA D 708 9.48 -23.39 -11.81
C ALA D 708 9.13 -22.52 -12.99
N ALA D 709 9.44 -21.23 -12.88
CA ALA D 709 9.24 -20.31 -13.98
C ALA D 709 10.50 -20.18 -14.81
N ILE D 710 11.66 -20.35 -14.20
CA ILE D 710 12.92 -20.02 -14.88
C ILE D 710 13.68 -21.32 -15.05
N PRO D 711 14.36 -21.52 -16.16
CA PRO D 711 15.26 -22.66 -16.28
C PRO D 711 16.38 -22.61 -15.27
N ALA D 712 16.98 -23.78 -15.04
CA ALA D 712 18.11 -23.92 -14.13
C ALA D 712 19.36 -23.20 -14.63
N GLY D 713 19.37 -22.78 -15.89
CA GLY D 713 20.38 -21.89 -16.40
C GLY D 713 20.14 -20.45 -15.99
N SER D 714 19.92 -20.25 -14.69
CA SER D 714 19.65 -18.94 -14.17
C SER D 714 20.89 -18.36 -13.54
N GLY D 715 21.64 -19.21 -12.84
CA GLY D 715 22.61 -18.71 -11.90
C GLY D 715 21.87 -18.04 -10.77
N LEU D 716 20.75 -18.65 -10.40
CA LEU D 716 19.96 -18.17 -9.29
C LEU D 716 19.65 -19.27 -8.30
N GLY D 717 20.34 -20.40 -8.41
CA GLY D 717 20.22 -21.49 -7.47
C GLY D 717 18.86 -22.14 -7.45
N THR D 718 18.13 -22.05 -8.55
CA THR D 718 16.69 -22.29 -8.54
C THR D 718 16.37 -23.72 -8.21
N SER D 719 17.25 -24.62 -8.62
CA SER D 719 17.13 -26.02 -8.27
C SER D 719 17.11 -26.19 -6.77
N SER D 720 18.09 -25.60 -6.11
CA SER D 720 18.28 -25.81 -4.70
C SER D 720 17.12 -25.23 -3.93
N ILE D 721 16.73 -24.03 -4.32
CA ILE D 721 15.63 -23.33 -3.68
C ILE D 721 14.36 -24.13 -3.85
N LEU D 722 14.21 -24.69 -5.03
CA LEU D 722 13.01 -25.42 -5.36
C LEU D 722 12.86 -26.63 -4.49
N ALA D 723 13.94 -27.39 -4.38
CA ALA D 723 13.99 -28.57 -3.53
C ALA D 723 13.62 -28.22 -2.11
N SER D 724 14.23 -27.14 -1.62
CA SER D 724 13.99 -26.70 -0.25
C SER D 724 12.54 -26.35 -0.05
N THR D 725 11.95 -25.76 -1.06
CA THR D 725 10.59 -25.33 -0.92
C THR D 725 9.68 -26.51 -0.85
N VAL D 726 10.04 -27.54 -1.60
CA VAL D 726 9.26 -28.77 -1.56
C VAL D 726 9.32 -29.35 -0.18
N LEU D 727 10.50 -29.28 0.41
CA LEU D 727 10.65 -29.86 1.73
C LEU D 727 9.85 -29.09 2.75
N GLY D 728 9.78 -27.78 2.58
CA GLY D 728 8.88 -27.00 3.41
C GLY D 728 7.44 -27.39 3.21
N ALA D 729 7.08 -27.74 2.00
CA ALA D 729 5.74 -28.22 1.77
C ALA D 729 5.51 -29.57 2.39
N ILE D 730 6.55 -30.37 2.50
CA ILE D 730 6.34 -31.67 3.12
C ILE D 730 6.16 -31.51 4.59
N ASN D 731 7.03 -30.69 5.15
CA ASN D 731 6.97 -30.27 6.52
C ASN D 731 5.61 -29.73 6.89
N ASP D 732 4.98 -29.02 5.99
CA ASP D 732 3.60 -28.73 6.26
C ASP D 732 2.79 -29.99 6.05
N PHE D 733 3.17 -30.75 5.05
CA PHE D 733 2.19 -31.37 4.20
C PHE D 733 1.50 -32.46 4.94
N CYS D 734 2.24 -33.47 5.25
CA CYS D 734 1.61 -34.53 5.96
C CYS D 734 2.17 -34.58 7.36
N GLY D 735 3.28 -33.91 7.61
CA GLY D 735 3.63 -33.74 9.00
C GLY D 735 5.06 -33.38 9.28
N LEU D 736 5.61 -33.94 10.34
CA LEU D 736 6.99 -33.95 10.81
C LEU D 736 7.52 -32.63 11.34
N ALA D 737 6.80 -31.52 11.21
CA ALA D 737 6.98 -30.31 12.03
C ALA D 737 8.39 -29.72 12.14
N TRP D 738 8.93 -29.13 11.08
CA TRP D 738 10.30 -28.66 11.13
C TRP D 738 10.46 -27.15 11.13
N ASP D 739 11.72 -26.76 11.06
CA ASP D 739 12.18 -25.37 11.05
C ASP D 739 12.85 -25.06 9.74
N LYS D 740 12.55 -23.84 9.25
CA LYS D 740 13.23 -23.10 8.19
C LYS D 740 14.68 -23.45 8.07
N ASN D 741 15.35 -23.29 9.20
CA ASN D 741 16.75 -23.59 9.27
C ASN D 741 16.99 -25.07 9.11
N GLU D 742 16.30 -25.90 9.89
CA GLU D 742 16.60 -27.30 9.74
C GLU D 742 16.00 -27.86 8.48
N ILE D 743 14.99 -27.20 7.94
CA ILE D 743 14.60 -27.44 6.56
C ILE D 743 15.80 -27.30 5.66
N CYS D 744 16.50 -26.18 5.77
CA CYS D 744 17.63 -25.94 4.90
C CYS D 744 18.78 -26.87 5.23
N GLN D 745 18.87 -27.29 6.49
CA GLN D 745 19.89 -28.22 6.90
C GLN D 745 19.72 -29.53 6.17
N ARG D 746 18.56 -30.13 6.33
CA ARG D 746 18.24 -31.37 5.69
C ARG D 746 18.26 -31.24 4.19
N THR D 747 18.01 -30.04 3.71
CA THR D 747 18.09 -29.78 2.29
C THR D 747 19.50 -29.92 1.81
N LEU D 748 20.40 -29.29 2.53
CA LEU D 748 21.79 -29.37 2.17
C LEU D 748 22.29 -30.78 2.29
N VAL D 749 21.76 -31.47 3.30
CA VAL D 749 22.08 -32.87 3.53
C VAL D 749 21.74 -33.69 2.31
N LEU D 750 20.56 -33.49 1.78
CA LEU D 750 20.27 -34.26 0.58
C LEU D 750 20.93 -33.67 -0.64
N GLU D 751 21.30 -32.40 -0.58
CA GLU D 751 21.99 -31.79 -1.70
C GLU D 751 23.34 -32.44 -1.92
N GLN D 752 23.95 -32.93 -0.84
CA GLN D 752 25.04 -33.89 -0.96
C GLN D 752 24.71 -34.98 -1.97
N LEU D 753 23.67 -35.75 -1.71
CA LEU D 753 23.41 -36.89 -2.57
C LEU D 753 22.79 -36.47 -3.88
N LEU D 754 22.37 -35.23 -3.97
CA LEU D 754 22.02 -34.66 -5.23
C LEU D 754 23.21 -34.48 -6.11
N THR D 755 24.40 -34.45 -5.52
CA THR D 755 25.71 -34.49 -6.17
C THR D 755 26.01 -33.26 -6.98
N THR D 756 25.15 -32.25 -6.99
CA THR D 756 25.60 -30.95 -7.45
C THR D 756 26.48 -30.37 -6.35
N GLY D 757 27.48 -29.59 -6.76
CA GLY D 757 28.24 -28.79 -5.82
C GLY D 757 27.32 -27.88 -5.03
N GLY D 758 27.45 -27.87 -3.71
CA GLY D 758 26.38 -27.27 -2.95
C GLY D 758 26.55 -25.77 -2.93
N GLY D 759 25.96 -25.15 -3.94
CA GLY D 759 25.71 -23.73 -3.92
C GLY D 759 24.62 -23.61 -2.90
N TRP D 760 24.96 -23.04 -1.77
CA TRP D 760 24.22 -23.29 -0.55
C TRP D 760 23.71 -22.02 0.11
N GLN D 761 24.46 -20.92 -0.01
CA GLN D 761 24.02 -19.54 0.12
C GLN D 761 22.59 -19.27 -0.29
N ASP D 762 22.22 -19.80 -1.44
CA ASP D 762 20.92 -19.55 -2.01
C ASP D 762 19.82 -20.15 -1.15
N GLN D 763 20.03 -21.36 -0.65
CA GLN D 763 18.93 -22.06 -0.02
C GLN D 763 18.60 -21.45 1.31
N TYR D 764 19.52 -20.72 1.89
CA TYR D 764 19.09 -19.84 2.93
C TYR D 764 18.62 -18.53 2.40
N GLY D 765 19.09 -18.18 1.22
CA GLY D 765 18.86 -16.84 0.77
C GLY D 765 17.43 -16.70 0.37
N GLY D 766 17.11 -17.29 -0.76
CA GLY D 766 15.83 -17.08 -1.41
C GLY D 766 14.63 -17.61 -0.65
N VAL D 767 14.83 -18.18 0.52
CA VAL D 767 13.67 -18.59 1.26
C VAL D 767 13.28 -17.62 2.32
N LEU D 768 14.12 -16.64 2.63
CA LEU D 768 14.00 -16.10 3.98
C LEU D 768 13.61 -14.64 4.02
N GLN D 769 14.50 -13.70 3.64
CA GLN D 769 14.36 -12.29 3.27
C GLN D 769 15.75 -11.70 3.02
N GLY D 770 15.82 -10.38 2.83
CA GLY D 770 16.97 -9.72 2.22
C GLY D 770 18.32 -9.56 2.92
N VAL D 771 18.93 -10.69 3.28
CA VAL D 771 20.22 -10.75 3.96
C VAL D 771 20.62 -12.22 3.90
N LYS D 772 21.83 -12.62 4.33
CA LYS D 772 21.79 -13.98 4.83
C LYS D 772 22.21 -14.32 6.30
N LEU D 773 23.22 -13.74 6.97
CA LEU D 773 24.54 -13.33 6.59
C LEU D 773 25.38 -14.38 7.39
N LEU D 774 26.71 -14.27 7.49
CA LEU D 774 27.58 -15.12 8.33
C LEU D 774 27.77 -16.63 8.19
N GLN D 775 28.25 -17.14 7.05
CA GLN D 775 28.62 -18.56 7.00
C GLN D 775 29.88 -18.77 7.82
N THR D 776 29.85 -19.70 8.74
CA THR D 776 30.77 -19.46 9.83
C THR D 776 31.67 -20.63 10.18
N GLU D 777 31.11 -21.82 10.10
CA GLU D 777 31.62 -22.97 10.81
C GLU D 777 32.08 -24.03 9.84
N ALA D 778 31.17 -24.43 8.94
CA ALA D 778 31.46 -25.06 7.66
C ALA D 778 32.19 -26.39 7.77
N GLY D 779 32.08 -27.00 8.94
CA GLY D 779 32.60 -28.29 9.25
C GLY D 779 31.78 -28.74 10.42
N PHE D 780 31.22 -29.95 10.38
CA PHE D 780 31.34 -30.84 9.22
C PHE D 780 30.01 -31.34 8.64
N ALA D 781 29.26 -30.50 7.93
CA ALA D 781 29.49 -29.06 7.81
C ALA D 781 28.51 -28.34 8.71
N GLN D 782 29.03 -27.56 9.64
CA GLN D 782 28.06 -26.90 10.50
C GLN D 782 27.55 -25.64 9.82
N SER D 783 26.28 -25.35 10.06
CA SER D 783 25.59 -24.33 9.30
C SER D 783 24.48 -23.54 10.01
N PRO D 784 24.80 -22.80 11.06
CA PRO D 784 24.31 -21.42 11.17
C PRO D 784 25.21 -20.53 10.33
N LEU D 785 25.19 -19.21 10.44
CA LEU D 785 24.68 -18.35 9.38
C LEU D 785 23.24 -18.04 9.71
N VAL D 786 23.10 -16.97 10.48
CA VAL D 786 22.01 -16.03 10.30
C VAL D 786 22.41 -14.72 10.97
N ARG D 787 22.07 -13.61 10.31
CA ARG D 787 21.45 -12.40 10.87
C ARG D 787 21.23 -11.41 9.75
N TRP D 788 20.75 -10.22 10.07
CA TRP D 788 19.91 -9.48 9.15
C TRP D 788 20.45 -8.09 8.87
N LEU D 789 19.65 -7.31 8.19
CA LEU D 789 20.09 -6.08 7.56
C LEU D 789 18.92 -5.35 6.93
N PRO D 790 18.97 -4.04 6.79
CA PRO D 790 17.84 -3.29 6.23
C PRO D 790 17.91 -3.03 4.74
N ASP D 791 16.78 -3.17 4.06
CA ASP D 791 16.66 -2.90 2.63
C ASP D 791 15.25 -2.40 2.33
N HIS D 792 14.94 -1.10 2.33
CA HIS D 792 15.68 0.08 2.77
C HIS D 792 16.95 0.39 2.02
N LEU D 793 16.74 1.05 0.90
CA LEU D 793 17.58 1.42 -0.25
C LEU D 793 17.49 0.29 -1.21
N PHE D 794 16.80 -0.77 -0.87
CA PHE D 794 16.20 -1.48 -1.97
C PHE D 794 14.76 -1.13 -2.00
N THR D 795 14.28 -0.56 -0.92
CA THR D 795 12.93 -0.06 -0.77
C THR D 795 13.05 1.22 0.01
N HIS D 796 11.91 1.74 0.43
CA HIS D 796 11.56 3.14 0.65
C HIS D 796 12.11 3.94 -0.53
N PRO D 797 11.94 3.44 -1.75
CA PRO D 797 13.06 3.20 -2.67
C PRO D 797 13.88 4.42 -3.00
N GLU D 798 15.04 4.19 -3.63
CA GLU D 798 16.23 4.96 -3.25
C GLU D 798 16.14 6.48 -3.37
N TYR D 799 15.59 7.08 -4.44
CA TYR D 799 15.12 6.55 -5.73
C TYR D 799 16.21 6.71 -6.74
N LYS D 800 17.38 7.13 -6.25
CA LYS D 800 18.57 7.13 -7.06
C LYS D 800 18.82 5.69 -7.46
N ASP D 801 18.45 5.35 -8.71
CA ASP D 801 17.72 4.13 -9.07
C ASP D 801 18.00 2.90 -8.21
N CYS D 802 17.08 2.33 -7.40
CA CYS D 802 15.62 2.10 -7.51
C CYS D 802 15.53 1.25 -8.75
N HIS D 803 15.97 0.03 -8.48
CA HIS D 803 17.13 -0.75 -8.91
C HIS D 803 17.08 -1.44 -10.27
N LEU D 804 17.79 -2.58 -10.30
CA LEU D 804 18.83 -3.01 -11.23
C LEU D 804 18.66 -3.92 -12.45
N LEU D 805 18.10 -5.15 -12.32
CA LEU D 805 17.28 -5.73 -13.38
C LEU D 805 17.80 -6.31 -14.72
N TYR D 806 18.32 -7.56 -14.77
CA TYR D 806 18.10 -8.41 -15.97
C TYR D 806 18.64 -8.14 -17.35
N TYR D 807 19.66 -8.85 -17.79
CA TYR D 807 19.61 -9.16 -19.22
C TYR D 807 20.01 -10.61 -19.47
N THR D 808 19.08 -11.47 -19.84
CA THR D 808 19.55 -12.57 -20.66
C THR D 808 19.48 -12.09 -22.07
N GLY D 809 20.46 -12.52 -22.82
CA GLY D 809 20.34 -12.69 -24.24
C GLY D 809 21.13 -13.95 -24.46
N ILE D 810 21.56 -14.50 -23.33
CA ILE D 810 22.66 -15.46 -23.28
C ILE D 810 22.15 -16.65 -22.48
N THR D 811 22.27 -17.82 -23.07
CA THR D 811 22.05 -19.03 -22.30
C THR D 811 23.29 -19.41 -21.53
N ARG D 812 23.13 -20.35 -20.61
CA ARG D 812 24.30 -20.82 -19.93
C ARG D 812 25.01 -21.89 -20.73
N THR D 813 26.24 -22.13 -20.34
CA THR D 813 27.04 -23.19 -20.95
C THR D 813 26.59 -24.62 -20.61
N ALA D 814 26.42 -25.04 -19.32
CA ALA D 814 25.94 -24.32 -18.13
C ALA D 814 26.95 -24.10 -17.03
N LYS D 815 27.52 -25.18 -16.52
CA LYS D 815 28.32 -25.06 -15.30
C LYS D 815 29.37 -26.14 -15.13
N GLY D 816 29.60 -26.98 -16.12
CA GLY D 816 30.28 -28.24 -15.92
C GLY D 816 31.75 -28.15 -15.55
N ILE D 817 32.31 -26.95 -15.70
CA ILE D 817 33.69 -26.71 -15.30
C ILE D 817 33.78 -25.92 -14.00
N LEU D 818 32.71 -25.26 -13.60
CA LEU D 818 32.80 -24.24 -12.57
C LEU D 818 32.96 -24.87 -11.21
N ALA D 819 32.01 -25.74 -10.85
CA ALA D 819 32.06 -26.46 -9.59
C ALA D 819 33.24 -27.42 -9.52
N GLU D 820 33.81 -27.78 -10.68
CA GLU D 820 35.09 -28.44 -10.67
C GLU D 820 36.16 -27.55 -10.07
N ILE D 821 36.34 -26.34 -10.64
CA ILE D 821 37.33 -25.38 -10.17
C ILE D 821 37.07 -25.01 -8.72
N VAL D 822 35.82 -25.06 -8.30
CA VAL D 822 35.50 -24.99 -6.88
C VAL D 822 36.15 -26.14 -6.14
N SER D 823 35.73 -27.35 -6.46
CA SER D 823 36.18 -28.47 -5.68
C SER D 823 37.53 -28.96 -6.16
N SER D 824 38.08 -28.34 -7.19
CA SER D 824 39.51 -28.38 -7.45
C SER D 824 40.06 -26.98 -7.18
N MET D 825 40.36 -26.68 -5.91
CA MET D 825 40.40 -27.71 -4.90
C MET D 825 39.94 -27.17 -3.58
N PHE D 826 40.22 -27.98 -2.57
CA PHE D 826 40.20 -27.66 -1.17
C PHE D 826 41.45 -26.89 -0.83
N LEU D 827 41.81 -26.82 0.45
CA LEU D 827 43.08 -26.25 0.89
C LEU D 827 44.21 -27.15 0.39
N ASN D 828 44.38 -27.09 -0.92
CA ASN D 828 45.37 -27.76 -1.70
C ASN D 828 46.09 -26.72 -2.52
N SER D 829 45.30 -25.80 -3.05
CA SER D 829 45.62 -24.88 -4.11
C SER D 829 44.41 -24.00 -4.26
N SER D 830 44.57 -22.70 -4.42
CA SER D 830 45.80 -22.02 -4.74
C SER D 830 45.62 -20.69 -4.12
N LEU D 831 46.19 -19.66 -4.73
CA LEU D 831 45.71 -18.29 -4.60
C LEU D 831 44.19 -18.09 -4.75
N HIS D 832 43.50 -19.06 -5.33
CA HIS D 832 42.10 -19.29 -5.05
C HIS D 832 41.77 -19.10 -3.59
N LEU D 833 42.47 -19.81 -2.71
CA LEU D 833 42.17 -19.79 -1.29
C LEU D 833 42.37 -18.41 -0.73
N ASN D 834 43.44 -17.79 -1.21
CA ASN D 834 43.66 -16.37 -1.00
C ASN D 834 42.45 -15.57 -1.40
N LEU D 835 42.04 -15.66 -2.66
CA LEU D 835 41.07 -14.71 -3.19
C LEU D 835 39.73 -14.93 -2.54
N LEU D 836 39.41 -16.19 -2.32
CA LEU D 836 38.33 -16.66 -1.48
C LEU D 836 38.28 -15.96 -0.16
N SER D 837 39.43 -15.81 0.49
CA SER D 837 39.41 -15.19 1.79
C SER D 837 39.01 -13.72 1.70
N GLU D 838 39.49 -13.00 0.70
CA GLU D 838 39.02 -11.63 0.72
C GLU D 838 37.68 -11.47 0.05
N MET D 839 37.15 -12.51 -0.56
CA MET D 839 35.74 -12.46 -0.88
C MET D 839 34.93 -12.37 0.37
N LYS D 840 35.31 -13.16 1.36
CA LYS D 840 34.70 -13.10 2.68
C LYS D 840 34.88 -11.73 3.29
N ALA D 841 36.09 -11.20 3.17
CA ALA D 841 36.36 -9.87 3.67
C ALA D 841 35.49 -8.86 2.96
N HIS D 842 35.33 -9.02 1.66
CA HIS D 842 34.56 -8.09 0.89
C HIS D 842 33.10 -8.23 1.18
N ALA D 843 32.70 -9.38 1.67
CA ALA D 843 31.34 -9.52 2.11
C ALA D 843 31.10 -8.73 3.37
N LEU D 844 32.06 -8.75 4.29
CA LEU D 844 31.84 -7.93 5.46
C LEU D 844 31.92 -6.47 5.12
N ASP D 845 32.76 -6.16 4.16
CA ASP D 845 32.75 -4.85 3.54
C ASP D 845 31.35 -4.49 3.05
N MET D 846 30.70 -5.42 2.37
CA MET D 846 29.40 -5.17 1.79
C MET D 846 28.40 -4.82 2.86
N ASN D 847 28.36 -5.64 3.89
CA ASN D 847 27.24 -5.51 4.79
C ASN D 847 27.42 -4.31 5.65
N GLU D 848 28.66 -3.99 5.97
CA GLU D 848 28.85 -2.76 6.68
C GLU D 848 28.49 -1.58 5.81
N ALA D 849 28.81 -1.67 4.53
CA ALA D 849 28.57 -0.54 3.65
C ALA D 849 27.11 -0.19 3.61
N ILE D 850 26.27 -1.19 3.30
CA ILE D 850 24.87 -0.86 3.15
C ILE D 850 24.18 -0.88 4.48
N GLN D 851 24.85 -1.36 5.48
CA GLN D 851 24.42 -1.19 6.83
C GLN D 851 24.58 0.23 7.25
N ARG D 852 25.41 0.97 6.55
CA ARG D 852 25.36 2.39 6.75
C ARG D 852 24.52 3.07 5.69
N GLY D 853 24.33 2.45 4.54
CA GLY D 853 23.51 3.06 3.51
C GLY D 853 24.30 3.73 2.40
N SER D 854 25.58 3.45 2.29
CA SER D 854 26.42 4.04 1.24
C SER D 854 26.07 3.34 -0.06
N PHE D 855 24.95 3.78 -0.62
CA PHE D 855 24.42 3.21 -1.85
C PHE D 855 25.38 3.36 -3.00
N VAL D 856 26.01 4.52 -3.07
CA VAL D 856 27.02 4.73 -4.09
C VAL D 856 28.16 3.76 -3.90
N GLU D 857 28.46 3.44 -2.67
CA GLU D 857 29.55 2.53 -2.42
C GLU D 857 29.10 1.10 -2.43
N PHE D 858 27.85 0.86 -2.10
CA PHE D 858 27.21 -0.39 -2.45
C PHE D 858 27.43 -0.73 -3.91
N GLY D 859 27.24 0.23 -4.79
CA GLY D 859 27.46 -0.01 -6.21
C GLY D 859 28.91 -0.29 -6.54
N ARG D 860 29.82 0.37 -5.83
CA ARG D 860 31.23 0.09 -6.01
C ARG D 860 31.54 -1.33 -5.65
N LEU D 861 30.97 -1.79 -4.55
CA LEU D 861 31.35 -3.10 -4.07
C LEU D 861 30.71 -4.17 -4.91
N VAL D 862 29.57 -3.86 -5.52
CA VAL D 862 28.99 -4.75 -6.50
C VAL D 862 29.92 -4.94 -7.68
N GLY D 863 30.37 -3.82 -8.26
CA GLY D 863 31.28 -3.91 -9.39
C GLY D 863 32.60 -4.55 -9.00
N LYS D 864 32.98 -4.38 -7.75
CA LYS D 864 34.16 -5.04 -7.26
C LYS D 864 33.97 -6.54 -7.24
N THR D 865 32.83 -7.01 -6.76
CA THR D 865 32.55 -8.43 -6.74
C THR D 865 32.56 -9.00 -8.13
N TRP D 866 32.05 -8.22 -9.08
CA TRP D 866 32.11 -8.61 -10.47
C TRP D 866 33.53 -8.80 -10.92
N GLU D 867 34.35 -7.82 -10.62
CA GLU D 867 35.77 -7.92 -10.92
C GLU D 867 36.38 -9.10 -10.21
N GLN D 868 36.00 -9.27 -8.97
CA GLN D 868 36.44 -10.29 -8.06
C GLN D 868 36.01 -11.66 -8.45
N ASN D 869 35.21 -11.80 -9.47
CA ASN D 869 34.96 -13.13 -9.97
C ASN D 869 35.22 -13.25 -11.45
N LYS D 870 35.00 -12.17 -12.18
CA LYS D 870 35.14 -12.23 -13.61
C LYS D 870 36.59 -12.42 -13.95
N ALA D 871 37.37 -11.41 -13.57
CA ALA D 871 38.82 -11.51 -13.71
C ALA D 871 39.37 -12.60 -12.82
N LEU D 872 38.68 -12.93 -11.76
CA LEU D 872 39.17 -13.98 -10.90
C LEU D 872 38.54 -15.27 -11.35
N ASP D 873 38.63 -16.27 -10.49
CA ASP D 873 37.74 -17.39 -10.60
C ASP D 873 36.29 -16.90 -10.57
N SER D 874 35.56 -17.15 -11.66
CA SER D 874 36.05 -17.90 -12.81
C SER D 874 35.97 -17.07 -14.07
N GLY D 875 37.05 -17.10 -14.84
CA GLY D 875 37.14 -16.37 -16.08
C GLY D 875 36.42 -17.06 -17.21
N THR D 876 35.11 -17.18 -17.09
CA THR D 876 34.31 -17.88 -18.07
C THR D 876 33.24 -17.04 -18.69
N ASN D 877 33.29 -15.76 -18.53
CA ASN D 877 32.11 -15.01 -18.86
C ASN D 877 32.24 -14.67 -20.32
N PRO D 878 31.30 -15.12 -21.11
CA PRO D 878 31.53 -15.30 -22.51
C PRO D 878 31.26 -14.03 -23.27
N PRO D 879 32.14 -13.68 -24.20
CA PRO D 879 32.33 -12.28 -24.62
C PRO D 879 31.11 -11.57 -25.14
N ALA D 880 30.06 -12.31 -25.45
CA ALA D 880 28.77 -11.71 -25.70
C ALA D 880 28.26 -10.99 -24.47
N VAL D 881 28.43 -11.63 -23.31
CA VAL D 881 28.19 -10.97 -22.03
C VAL D 881 28.98 -9.68 -21.95
N GLU D 882 30.22 -9.73 -22.38
CA GLU D 882 31.07 -8.57 -22.35
C GLU D 882 30.68 -7.54 -23.38
N ALA D 883 29.95 -7.94 -24.41
CA ALA D 883 29.38 -6.97 -25.32
C ALA D 883 28.20 -6.26 -24.69
N ILE D 884 27.47 -6.98 -23.85
CA ILE D 884 26.39 -6.35 -23.11
C ILE D 884 26.96 -5.51 -21.97
N ILE D 885 28.16 -5.82 -21.57
CA ILE D 885 28.86 -4.97 -20.64
C ILE D 885 29.38 -3.75 -21.34
N ASP D 886 29.73 -3.94 -22.60
CA ASP D 886 30.67 -3.10 -23.33
C ASP D 886 30.14 -1.68 -23.45
N LEU D 887 29.22 -1.48 -24.36
CA LEU D 887 28.04 -0.76 -23.96
C LEU D 887 27.43 -1.76 -23.01
N ILE D 888 27.22 -1.38 -21.75
CA ILE D 888 27.24 0.03 -21.41
C ILE D 888 28.48 0.41 -20.71
N LYS D 889 28.68 -0.17 -19.53
CA LYS D 889 29.71 0.20 -18.56
C LYS D 889 29.62 1.61 -18.06
N ASP D 890 28.61 2.34 -18.45
CA ASP D 890 28.79 3.77 -18.58
C ASP D 890 27.82 4.51 -17.71
N TYR D 891 26.66 3.93 -17.51
CA TYR D 891 25.67 4.94 -17.41
C TYR D 891 24.66 4.69 -16.28
N THR D 892 25.06 4.87 -15.02
CA THR D 892 26.43 5.14 -14.58
C THR D 892 27.23 3.90 -14.21
N LEU D 893 26.83 3.21 -13.18
CA LEU D 893 27.81 2.42 -12.47
C LEU D 893 27.60 0.93 -12.70
N GLY D 894 28.28 0.15 -11.86
CA GLY D 894 28.56 -1.25 -12.08
C GLY D 894 27.43 -2.25 -12.01
N TYR D 895 27.79 -3.50 -11.72
CA TYR D 895 26.95 -4.66 -12.02
C TYR D 895 27.55 -5.92 -11.45
N LYS D 896 26.88 -7.04 -11.75
CA LYS D 896 27.47 -8.36 -11.76
C LYS D 896 26.50 -9.34 -12.41
N LEU D 897 27.05 -10.48 -12.77
CA LEU D 897 26.28 -11.70 -12.86
C LEU D 897 26.12 -12.31 -11.50
N PRO D 898 24.94 -12.57 -11.11
CA PRO D 898 24.72 -13.30 -9.88
C PRO D 898 25.06 -14.74 -10.08
N GLY D 899 25.50 -15.36 -9.00
CA GLY D 899 25.56 -16.81 -8.92
C GLY D 899 26.57 -17.46 -9.83
N ALA D 900 26.07 -18.06 -10.89
CA ALA D 900 26.94 -18.84 -11.75
C ALA D 900 27.82 -17.93 -12.59
N GLY D 901 27.24 -17.25 -13.56
CA GLY D 901 28.03 -16.61 -14.58
C GLY D 901 28.32 -17.54 -15.74
N GLY D 902 28.51 -16.96 -16.91
CA GLY D 902 28.58 -17.77 -18.10
C GLY D 902 27.18 -18.11 -18.58
N GLY D 903 26.38 -17.09 -18.82
CA GLY D 903 24.98 -17.19 -19.17
C GLY D 903 24.09 -16.59 -18.10
N GLY D 904 22.80 -16.89 -18.22
CA GLY D 904 21.84 -16.34 -17.28
C GLY D 904 21.71 -14.85 -17.44
N TYR D 905 21.55 -14.12 -16.36
CA TYR D 905 21.37 -12.69 -16.56
C TYR D 905 21.91 -11.84 -15.44
N LEU D 906 22.33 -10.64 -15.80
CA LEU D 906 22.88 -9.70 -14.86
C LEU D 906 21.82 -8.91 -14.14
N TYR D 907 22.32 -7.84 -13.55
CA TYR D 907 21.59 -6.67 -13.12
C TYR D 907 22.63 -5.61 -12.94
N MET D 908 22.19 -4.36 -12.92
CA MET D 908 23.19 -3.34 -12.76
C MET D 908 22.56 -2.08 -12.28
N VAL D 909 23.36 -1.29 -11.60
CA VAL D 909 22.84 -0.10 -10.98
C VAL D 909 23.42 1.10 -11.72
N ALA D 910 22.68 2.19 -11.75
CA ALA D 910 23.11 3.39 -12.44
C ALA D 910 23.03 4.51 -11.43
N LYS D 911 23.01 5.75 -11.91
CA LYS D 911 22.66 6.86 -11.04
C LYS D 911 21.20 6.73 -10.66
N ASP D 912 20.34 6.96 -11.60
CA ASP D 912 18.96 7.33 -11.46
C ASP D 912 18.71 7.60 -12.93
N PRO D 913 17.59 8.24 -13.41
CA PRO D 913 16.82 7.76 -14.58
C PRO D 913 17.56 7.47 -15.86
N GLN D 914 18.82 7.80 -15.88
CA GLN D 914 19.81 7.40 -16.85
C GLN D 914 19.78 5.90 -16.93
N ALA D 915 19.56 5.27 -15.78
CA ALA D 915 19.04 3.93 -15.67
C ALA D 915 17.90 3.61 -16.62
N ALA D 916 16.85 4.44 -16.65
CA ALA D 916 15.78 4.16 -17.58
C ALA D 916 16.27 4.36 -19.00
N VAL D 917 17.23 5.25 -19.17
CA VAL D 917 17.79 5.38 -20.48
C VAL D 917 18.67 4.20 -20.82
N ARG D 918 19.24 3.53 -19.82
CA ARG D 918 19.88 2.26 -20.11
C ARG D 918 18.87 1.24 -20.54
N ILE D 919 17.67 1.30 -19.95
CA ILE D 919 16.62 0.40 -20.42
C ILE D 919 16.32 0.73 -21.86
N ARG D 920 16.39 2.00 -22.21
CA ARG D 920 16.30 2.38 -23.60
C ARG D 920 17.48 1.86 -24.41
N LYS D 921 18.64 1.71 -23.78
CA LYS D 921 19.80 1.25 -24.52
C LYS D 921 19.69 -0.22 -24.88
N ILE D 922 19.39 -1.05 -23.89
CA ILE D 922 19.16 -2.45 -24.18
C ILE D 922 17.88 -2.61 -24.97
N LEU D 923 16.95 -1.67 -24.82
CA LEU D 923 15.82 -1.62 -25.72
C LEU D 923 16.26 -1.38 -27.15
N THR D 924 17.33 -0.63 -27.32
CA THR D 924 17.71 -0.23 -28.65
C THR D 924 18.31 -1.42 -29.39
N GLU D 925 19.30 -2.06 -28.80
CA GLU D 925 20.03 -3.07 -29.52
C GLU D 925 20.21 -4.30 -28.66
N ASN D 926 21.07 -5.20 -29.14
CA ASN D 926 21.61 -6.33 -28.40
C ASN D 926 20.52 -7.28 -27.98
N ALA D 927 19.56 -7.46 -28.86
CA ALA D 927 18.33 -8.12 -28.50
C ALA D 927 18.19 -9.38 -29.32
N PRO D 928 18.80 -10.47 -28.89
CA PRO D 928 18.26 -11.77 -29.24
C PRO D 928 16.98 -12.03 -28.48
N ASN D 929 16.25 -12.93 -29.01
CA ASN D 929 15.05 -13.60 -28.54
C ASN D 929 15.08 -14.21 -27.14
N PRO D 930 16.22 -14.51 -26.56
CA PRO D 930 16.29 -14.41 -25.11
C PRO D 930 16.26 -12.95 -24.75
N ARG D 931 15.10 -12.53 -24.31
CA ARG D 931 14.76 -11.15 -24.45
C ARG D 931 15.05 -10.37 -23.20
N ALA D 932 16.22 -9.73 -23.20
CA ALA D 932 16.32 -8.27 -23.27
C ALA D 932 15.20 -7.53 -22.55
N ARG D 933 15.16 -7.67 -21.25
CA ARG D 933 14.06 -7.06 -20.55
C ARG D 933 14.51 -6.26 -19.35
N PHE D 934 13.54 -5.49 -18.88
CA PHE D 934 13.41 -5.16 -17.48
C PHE D 934 12.60 -6.31 -16.90
N VAL D 935 12.92 -6.78 -15.72
CA VAL D 935 12.27 -8.00 -15.25
C VAL D 935 11.78 -7.86 -13.81
N GLU D 936 12.11 -6.76 -13.15
CA GLU D 936 12.33 -6.62 -11.71
C GLU D 936 11.67 -7.57 -10.69
N MET D 937 12.37 -8.06 -9.65
CA MET D 937 13.43 -7.50 -8.76
C MET D 937 13.17 -6.07 -8.26
N THR D 938 12.14 -5.65 -7.51
CA THR D 938 11.08 -6.30 -6.72
C THR D 938 11.63 -7.18 -5.61
N LEU D 939 12.18 -6.52 -4.60
CA LEU D 939 12.27 -7.17 -3.32
C LEU D 939 10.88 -7.32 -2.78
N SER D 940 10.51 -8.54 -2.49
CA SER D 940 9.24 -8.81 -1.85
C SER D 940 9.31 -10.20 -1.31
N ASP D 941 9.03 -10.35 -0.04
CA ASP D 941 9.57 -11.52 0.61
C ASP D 941 8.94 -11.76 1.97
N LYS D 942 8.30 -12.92 2.09
CA LYS D 942 8.64 -13.89 3.13
C LYS D 942 8.93 -15.27 2.55
N GLY D 943 7.95 -15.90 1.90
CA GLY D 943 8.11 -16.98 0.95
C GLY D 943 7.98 -18.37 1.49
N PHE D 944 6.76 -18.86 1.56
CA PHE D 944 6.64 -20.16 2.21
C PHE D 944 5.63 -21.20 1.70
N GLN D 945 4.33 -21.05 1.94
CA GLN D 945 3.30 -22.07 1.67
C GLN D 945 1.89 -21.63 2.03
N VAL D 946 0.85 -22.42 1.71
CA VAL D 946 -0.46 -22.12 2.29
C VAL D 946 -1.21 -23.24 3.01
N SER D 947 -1.31 -24.46 2.46
CA SER D 947 -2.24 -25.52 2.89
C SER D 947 -3.69 -25.04 2.95
N ARG D 948 -4.04 -24.21 2.00
CA ARG D 948 -5.37 -23.63 2.05
C ARG D 948 -6.38 -24.54 1.38
N SER D 949 -7.56 -24.70 1.99
CA SER D 949 -7.96 -23.93 3.18
C SER D 949 -7.91 -24.67 4.48
#